data_7XY3
#
_entry.id   7XY3
#
_cell.length_a   1.00
_cell.length_b   1.00
_cell.length_c   1.00
_cell.angle_alpha   90.00
_cell.angle_beta   90.00
_cell.angle_gamma   90.00
#
_symmetry.space_group_name_H-M   'P 1'
#
loop_
_entity.id
_entity.type
_entity.pdbx_description
1 polymer 'Spike glycoprotein'
2 polymer VHH14
3 non-polymer 2-acetamido-2-deoxy-beta-D-glucopyranose
#
loop_
_entity_poly.entity_id
_entity_poly.type
_entity_poly.pdbx_seq_one_letter_code
_entity_poly.pdbx_strand_id
1 'polypeptide(L)'
;QCVNLTTRTQLPPAYTNSFTRGVYYPDKVFRSSVLHSTQDLFLPFFSNVTWFHAIHVSGTNGTKRFDNPVLPFNDGVYFA
STEKSNIIRGWIFGTTLDSKTQSLLIVNNATNVVIKVCEFQFCNDPFLGVYYHKNNKSWMESEFRVYSSANNCTFEYVSQ
PFLMDLEGKQGNFKNLREFVFKNIDGYFKIYSKHTPINLVRDLPQGFSALEPLVDLPIGINITRFQTLLALHRSYLTPGD
SSSGWTAGAAAYYVGYLQPRTFLLKYNENGTITDAVDCALDPLSETKCTLKSFTVEKGIYQTSNFRVQPTESIVRFPNIT
NLCPFGEVFNATRFASVYAWNRKRISNCVADYSVLYNSASFSTFKCYGVSPTKLNDLCFTNVYADSFVIRGDEVRQIAPG
QTGKIADYNYKLPDDFTGCVIAWNSNNLDSKVGGNYNYLYRLFRKSNLKPFERDISTEIYQAGSTPCNGVEGFNCYFPLQ
SYGFQPTNGVGYQPYRVVVLSFELLHAPATVCGPKKSTNLVKNKCVNFNFNGLTGTGVLTESNKKFLPFQQFGRDIADTT
DAVRDPQTLEILDITPCSFGGVSVITPGTNTSNQVAVLYQDVNCTEVPVAIHADQLTPTWRVYSTGSNVFQTRAGCLIGA
EHVNNSYECDIPIGAGICASYQTQTNSPGSASSVASQSIIAYTMSLGAENSVAYSNNSIAIPTNFTISVTTEILPVSMTK
TSVDCTMYICGDSTECSNLLLQYGSFCTQLNRALTGIAVEQDKNTQEVFAQVKQIYKTPPIKDFGGFNFSQILPDPSKPS
KRSFIEDLLFNKVTLADAGFIKQYGDCLGDIAARDLICAQKFNGLTVLPPLLTDEMIAQYTSALLAGTITSGWTFGAGAA
LQIPFAMQMAYRFNGIGVTQNVLYENQKLIANQFNSAIGKIQDSLSSTASALGKLQDVVNQNAQALNTLVKQLSSNFGAI
SSVLNDILSRLDPPEAEVQIDRLITGRLQSLQTYVTQQLIRAAEIRASANLAATKMSECVLGQSKRVDFCGKGYHLMSFP
QSAPHGVVFLHVTYVPAQEKNFTTAPAICHDGKAHFPREGVFVSNGTHWFVTQRNFYEPQIITTDNTFVSGNCDVVIGIV
NNTVYDPLQPEL
;
A,B,C
2 'polypeptide(L)'
;QLQLVESGGGSVQSGGSLRLSCAASGYTYKTYYETYSMGWFRQAPGKEREGVAAINSDGETSYADSVKGRFTISQDNAKK
TLYLQMNSLKPEDMGMYYCAADPAWQPAFLLLRSSGYNYWGQGTQVTVSSAHHSEDPHGQAGQHHHHHHGAYPYDVPDYA
S
;
D
#
loop_
_chem_comp.id
_chem_comp.type
_chem_comp.name
_chem_comp.formula
NAG D-saccharide, beta linking 2-acetamido-2-deoxy-beta-D-glucopyranose 'C8 H15 N O6'
#
# COMPACT_ATOMS: atom_id res chain seq x y z
N GLN A 1 -22.89 -2.07 -63.93
CA GLN A 1 -22.97 -0.71 -64.45
C GLN A 1 -24.27 -0.02 -64.02
N CYS A 2 -25.24 0.01 -64.94
CA CYS A 2 -26.52 0.67 -64.69
C CYS A 2 -27.73 -0.17 -65.06
N VAL A 3 -27.54 -1.39 -65.59
CA VAL A 3 -28.66 -2.26 -65.90
C VAL A 3 -29.26 -2.77 -64.60
N ASN A 4 -30.51 -2.40 -64.34
CA ASN A 4 -31.13 -2.70 -63.07
C ASN A 4 -31.52 -4.18 -62.98
N LEU A 5 -31.62 -4.65 -61.74
CA LEU A 5 -31.93 -6.04 -61.47
C LEU A 5 -33.44 -6.27 -61.60
N THR A 6 -33.82 -7.22 -62.46
CA THR A 6 -35.23 -7.56 -62.61
C THR A 6 -35.76 -8.26 -61.37
N THR A 7 -34.92 -9.04 -60.69
CA THR A 7 -35.32 -9.82 -59.53
C THR A 7 -35.07 -9.08 -58.21
N ARG A 8 -35.19 -7.76 -58.20
CA ARG A 8 -35.06 -6.98 -56.97
C ARG A 8 -36.44 -6.71 -56.38
N THR A 9 -36.64 -7.11 -55.13
CA THR A 9 -37.88 -6.86 -54.40
C THR A 9 -37.50 -6.61 -52.95
N GLN A 10 -38.20 -5.67 -52.31
CA GLN A 10 -37.95 -5.37 -50.91
C GLN A 10 -38.44 -6.50 -50.02
N LEU A 11 -37.53 -7.42 -49.69
CA LEU A 11 -37.80 -8.51 -48.77
C LEU A 11 -37.73 -8.00 -47.32
N PRO A 12 -38.54 -8.57 -46.42
CA PRO A 12 -38.62 -8.02 -45.07
C PRO A 12 -37.37 -8.35 -44.27
N PRO A 13 -37.02 -7.51 -43.28
CA PRO A 13 -35.79 -7.75 -42.50
C PRO A 13 -35.92 -8.87 -41.48
N ALA A 14 -35.68 -10.11 -41.92
CA ALA A 14 -35.75 -11.26 -41.01
C ALA A 14 -34.59 -11.22 -40.02
N TYR A 15 -34.93 -11.12 -38.73
CA TYR A 15 -33.93 -10.94 -37.68
C TYR A 15 -33.62 -12.30 -37.07
N THR A 16 -32.69 -13.02 -37.71
CA THR A 16 -32.21 -14.27 -37.13
C THR A 16 -31.20 -13.98 -36.03
N ASN A 17 -30.68 -15.04 -35.41
CA ASN A 17 -29.83 -14.87 -34.24
C ASN A 17 -28.58 -15.71 -34.36
N SER A 18 -27.42 -15.08 -34.20
CA SER A 18 -26.16 -15.78 -34.08
C SER A 18 -26.15 -16.54 -32.77
N PHE A 19 -26.29 -17.85 -32.84
CA PHE A 19 -26.48 -18.64 -31.63
C PHE A 19 -25.18 -18.82 -30.86
N THR A 20 -24.19 -19.50 -31.47
CA THR A 20 -22.93 -19.78 -30.81
C THR A 20 -21.73 -19.24 -31.57
N ARG A 21 -21.95 -18.48 -32.63
CA ARG A 21 -20.87 -18.05 -33.50
C ARG A 21 -20.12 -16.87 -32.88
N GLY A 22 -19.09 -16.41 -33.59
CA GLY A 22 -18.37 -15.22 -33.20
C GLY A 22 -17.18 -15.45 -32.29
N VAL A 23 -16.51 -16.59 -32.40
CA VAL A 23 -15.37 -16.91 -31.55
C VAL A 23 -14.16 -17.09 -32.46
N TYR A 24 -13.12 -16.30 -32.23
CA TYR A 24 -11.92 -16.34 -33.03
C TYR A 24 -10.68 -16.36 -32.16
N TYR A 25 -9.60 -16.85 -32.74
CA TYR A 25 -8.30 -16.80 -32.08
C TYR A 25 -7.84 -15.35 -31.99
N PRO A 26 -7.43 -14.87 -30.82
CA PRO A 26 -6.99 -13.47 -30.72
C PRO A 26 -5.67 -13.20 -31.40
N ASP A 27 -4.68 -14.07 -31.21
CA ASP A 27 -3.37 -13.93 -31.83
C ASP A 27 -2.72 -15.31 -31.89
N LYS A 28 -1.41 -15.33 -32.10
CA LYS A 28 -0.65 -16.55 -32.37
C LYS A 28 -0.21 -17.27 -31.11
N VAL A 29 -0.90 -17.04 -29.99
CA VAL A 29 -0.45 -17.53 -28.69
C VAL A 29 -1.08 -18.87 -28.41
N PHE A 30 -0.27 -19.85 -28.03
CA PHE A 30 -0.72 -21.18 -27.65
C PHE A 30 -0.75 -21.34 -26.15
N ARG A 31 -1.79 -21.97 -25.65
CA ARG A 31 -1.80 -22.46 -24.28
C ARG A 31 -2.27 -23.90 -24.28
N SER A 32 -2.03 -24.58 -23.17
CA SER A 32 -2.39 -25.99 -23.03
C SER A 32 -3.44 -26.12 -21.93
N SER A 33 -4.71 -26.13 -22.36
CA SER A 33 -5.86 -26.51 -21.53
C SER A 33 -6.05 -25.58 -20.35
N VAL A 34 -6.06 -24.27 -20.62
CA VAL A 34 -6.33 -23.29 -19.59
C VAL A 34 -7.69 -22.64 -19.88
N LEU A 35 -8.18 -21.89 -18.91
CA LEU A 35 -9.41 -21.13 -19.05
C LEU A 35 -9.02 -19.66 -19.08
N HIS A 36 -8.71 -19.17 -20.27
CA HIS A 36 -8.25 -17.80 -20.46
C HIS A 36 -9.42 -16.90 -20.86
N SER A 37 -9.46 -15.71 -20.30
CA SER A 37 -10.48 -14.73 -20.62
C SER A 37 -9.87 -13.53 -21.31
N THR A 38 -10.72 -12.81 -22.03
CA THR A 38 -10.33 -11.55 -22.66
C THR A 38 -11.59 -10.74 -22.91
N GLN A 39 -11.39 -9.49 -23.33
CA GLN A 39 -12.48 -8.60 -23.68
C GLN A 39 -12.09 -7.80 -24.91
N ASP A 40 -12.81 -8.01 -26.00
CA ASP A 40 -12.55 -7.32 -27.26
C ASP A 40 -13.84 -7.28 -28.04
N LEU A 41 -13.81 -6.63 -29.21
CA LEU A 41 -14.97 -6.47 -30.07
C LEU A 41 -15.39 -7.83 -30.61
N PHE A 42 -16.52 -8.32 -30.15
CA PHE A 42 -16.94 -9.69 -30.38
C PHE A 42 -18.35 -9.70 -30.95
N LEU A 43 -18.70 -10.82 -31.58
CA LEU A 43 -20.08 -11.09 -31.94
C LEU A 43 -20.76 -11.75 -30.74
N PRO A 44 -21.72 -11.09 -30.10
CA PRO A 44 -22.30 -11.64 -28.88
C PRO A 44 -23.19 -12.84 -29.17
N PHE A 45 -23.38 -13.64 -28.12
CA PHE A 45 -24.22 -14.82 -28.23
C PHE A 45 -25.68 -14.40 -28.25
N PHE A 46 -26.45 -15.06 -29.12
CA PHE A 46 -27.92 -14.96 -29.17
C PHE A 46 -28.39 -13.55 -29.53
N SER A 47 -27.61 -12.84 -30.35
CA SER A 47 -27.93 -11.49 -30.77
C SER A 47 -28.43 -11.48 -32.21
N ASN A 48 -29.18 -10.42 -32.56
CA ASN A 48 -29.79 -10.32 -33.88
C ASN A 48 -28.77 -10.21 -35.00
N VAL A 49 -28.99 -11.00 -36.05
CA VAL A 49 -28.29 -10.88 -37.32
C VAL A 49 -29.34 -10.87 -38.43
N THR A 50 -29.11 -10.06 -39.46
CA THR A 50 -30.10 -9.86 -40.50
C THR A 50 -29.98 -10.94 -41.56
N TRP A 51 -31.08 -11.65 -41.81
CA TRP A 51 -31.07 -12.79 -42.72
C TRP A 51 -31.11 -12.31 -44.17
N PHE A 52 -30.11 -12.71 -44.95
CA PHE A 52 -30.03 -12.41 -46.37
C PHE A 52 -30.02 -13.71 -47.16
N HIS A 53 -30.48 -13.63 -48.40
CA HIS A 53 -30.59 -14.80 -49.26
C HIS A 53 -30.72 -14.33 -50.71
N ALA A 54 -31.08 -15.28 -51.58
CA ALA A 54 -31.42 -14.99 -52.96
C ALA A 54 -32.46 -16.01 -53.40
N ILE A 55 -33.27 -15.63 -54.39
CA ILE A 55 -34.33 -16.49 -54.92
C ILE A 55 -34.58 -16.07 -56.37
N HIS A 56 -35.36 -16.87 -57.09
CA HIS A 56 -35.74 -16.62 -58.49
C HIS A 56 -36.36 -15.26 -58.74
N LYS A 64 -38.39 -13.59 -56.90
CA LYS A 64 -38.03 -12.31 -57.51
C LYS A 64 -37.34 -11.40 -56.50
N ARG A 65 -36.57 -12.00 -55.59
CA ARG A 65 -35.94 -11.27 -54.49
C ARG A 65 -34.43 -11.45 -54.59
N PHE A 66 -33.73 -10.36 -54.87
CA PHE A 66 -32.27 -10.36 -54.97
C PHE A 66 -31.81 -8.93 -54.76
N ASP A 67 -31.18 -8.67 -53.63
CA ASP A 67 -30.90 -7.30 -53.19
C ASP A 67 -29.39 -7.10 -52.98
N ASN A 68 -29.03 -5.88 -52.61
CA ASN A 68 -27.63 -5.50 -52.40
C ASN A 68 -27.60 -4.33 -51.43
N PRO A 69 -27.48 -4.60 -50.14
CA PRO A 69 -27.54 -3.52 -49.15
C PRO A 69 -26.21 -2.82 -48.90
N VAL A 70 -26.28 -1.50 -48.81
CA VAL A 70 -25.14 -0.69 -48.37
C VAL A 70 -25.04 -0.85 -46.86
N LEU A 71 -24.01 -1.54 -46.40
CA LEU A 71 -23.99 -1.88 -44.99
C LEU A 71 -22.81 -1.21 -44.29
N PRO A 72 -23.00 -0.75 -43.05
CA PRO A 72 -21.93 -0.02 -42.37
C PRO A 72 -20.81 -0.94 -41.89
N PHE A 73 -19.60 -0.39 -41.87
CA PHE A 73 -18.41 -1.06 -41.39
C PHE A 73 -17.75 -0.19 -40.32
N ASN A 74 -18.54 0.23 -39.33
CA ASN A 74 -18.05 1.18 -38.34
C ASN A 74 -17.15 0.50 -37.32
N ASP A 75 -17.68 -0.48 -36.60
CA ASP A 75 -16.88 -1.19 -35.61
C ASP A 75 -16.12 -2.35 -36.23
N GLY A 76 -16.83 -3.29 -36.82
CA GLY A 76 -16.26 -4.49 -37.38
C GLY A 76 -17.38 -5.48 -37.57
N VAL A 77 -17.26 -6.30 -38.60
CA VAL A 77 -18.39 -7.11 -39.04
C VAL A 77 -18.06 -8.59 -38.97
N TYR A 78 -19.10 -9.38 -38.76
CA TYR A 78 -19.11 -10.82 -38.92
C TYR A 78 -19.77 -11.15 -40.24
N PHE A 79 -19.36 -12.25 -40.85
CA PHE A 79 -19.96 -12.63 -42.12
C PHE A 79 -20.05 -14.15 -42.21
N ALA A 80 -21.27 -14.65 -42.28
CA ALA A 80 -21.53 -16.04 -42.63
C ALA A 80 -21.81 -16.15 -44.12
N SER A 81 -21.73 -17.38 -44.63
CA SER A 81 -22.00 -17.65 -46.04
C SER A 81 -22.32 -19.12 -46.20
N THR A 82 -23.58 -19.44 -46.51
CA THR A 82 -23.98 -20.81 -46.83
C THR A 82 -24.11 -20.95 -48.34
N GLU A 83 -22.98 -21.07 -49.01
CA GLU A 83 -22.97 -21.27 -50.44
C GLU A 83 -23.33 -22.71 -50.79
N LYS A 84 -23.67 -22.92 -52.06
CA LYS A 84 -23.68 -24.26 -52.63
C LYS A 84 -22.84 -24.29 -53.88
N SER A 85 -22.90 -23.22 -54.67
CA SER A 85 -22.17 -23.12 -55.93
C SER A 85 -21.56 -21.74 -56.10
N ASN A 86 -20.93 -21.22 -55.03
CA ASN A 86 -20.20 -19.95 -54.99
C ASN A 86 -21.10 -18.76 -55.34
N ILE A 87 -22.10 -18.53 -54.48
CA ILE A 87 -22.96 -17.37 -54.68
C ILE A 87 -22.28 -16.08 -54.21
N ILE A 88 -21.31 -16.17 -53.31
CA ILE A 88 -20.53 -15.03 -52.87
C ILE A 88 -19.23 -15.01 -53.67
N ARG A 89 -18.91 -13.86 -54.27
CA ARG A 89 -17.76 -13.75 -55.15
C ARG A 89 -16.70 -12.79 -54.65
N GLY A 90 -17.08 -11.58 -54.27
CA GLY A 90 -16.08 -10.61 -53.84
C GLY A 90 -16.68 -9.57 -52.93
N TRP A 91 -15.83 -8.61 -52.54
CA TRP A 91 -16.19 -7.60 -51.57
C TRP A 91 -15.69 -6.23 -51.99
N ILE A 92 -16.53 -5.22 -51.80
CA ILE A 92 -16.18 -3.83 -52.04
C ILE A 92 -16.12 -3.15 -50.69
N PHE A 93 -14.92 -3.00 -50.14
CA PHE A 93 -14.76 -2.38 -48.82
C PHE A 93 -14.38 -0.91 -49.03
N GLY A 94 -15.38 -0.11 -49.38
CA GLY A 94 -15.19 1.32 -49.57
C GLY A 94 -15.61 2.08 -48.33
N THR A 95 -14.89 3.17 -48.04
CA THR A 95 -15.16 3.93 -46.83
C THR A 95 -16.46 4.71 -46.95
N THR A 96 -16.52 5.63 -47.91
CA THR A 96 -17.74 6.35 -48.23
C THR A 96 -18.28 5.95 -49.60
N LEU A 97 -17.82 4.81 -50.13
CA LEU A 97 -18.18 4.28 -51.45
C LEU A 97 -17.89 5.28 -52.56
N ASP A 98 -16.73 5.93 -52.46
CA ASP A 98 -16.36 7.01 -53.36
C ASP A 98 -15.00 6.71 -53.97
N SER A 99 -14.81 7.19 -55.19
CA SER A 99 -13.52 7.13 -55.86
C SER A 99 -12.65 8.35 -55.58
N LYS A 100 -13.13 9.30 -54.76
CA LYS A 100 -12.26 10.37 -54.33
C LYS A 100 -11.25 9.86 -53.30
N THR A 101 -11.68 8.94 -52.46
CA THR A 101 -10.79 8.17 -51.62
C THR A 101 -10.64 6.77 -52.22
N GLN A 102 -9.80 5.95 -51.60
CA GLN A 102 -9.51 4.63 -52.12
C GLN A 102 -10.45 3.60 -51.50
N SER A 103 -11.08 2.79 -52.36
CA SER A 103 -11.97 1.73 -51.92
C SER A 103 -11.26 0.39 -52.03
N LEU A 104 -11.28 -0.38 -50.94
CA LEU A 104 -10.61 -1.67 -50.87
C LEU A 104 -11.45 -2.71 -51.61
N LEU A 105 -10.96 -3.17 -52.75
CA LEU A 105 -11.68 -4.15 -53.55
C LEU A 105 -11.07 -5.53 -53.35
N ILE A 106 -11.92 -6.50 -53.03
CA ILE A 106 -11.54 -7.91 -52.95
C ILE A 106 -12.42 -8.66 -53.94
N VAL A 107 -11.80 -9.47 -54.79
CA VAL A 107 -12.51 -10.19 -55.83
C VAL A 107 -11.70 -11.42 -56.22
N ASN A 108 -12.40 -12.50 -56.56
CA ASN A 108 -11.76 -13.70 -57.07
C ASN A 108 -12.72 -14.36 -58.06
N ASN A 109 -12.24 -14.55 -59.29
CA ASN A 109 -12.96 -15.27 -60.33
C ASN A 109 -12.42 -16.68 -60.52
N ALA A 110 -12.11 -17.34 -59.40
CA ALA A 110 -11.47 -18.65 -59.29
C ALA A 110 -10.08 -18.67 -59.92
N THR A 111 -9.44 -17.51 -60.04
CA THR A 111 -8.05 -17.42 -60.50
C THR A 111 -7.14 -16.87 -59.41
N ASN A 112 -7.43 -15.69 -58.88
CA ASN A 112 -6.59 -15.04 -57.89
C ASN A 112 -7.45 -14.17 -56.99
N VAL A 113 -7.13 -14.18 -55.69
CA VAL A 113 -7.77 -13.25 -54.76
C VAL A 113 -7.10 -11.90 -54.98
N VAL A 114 -7.72 -11.07 -55.80
CA VAL A 114 -7.13 -9.81 -56.24
C VAL A 114 -7.55 -8.71 -55.29
N ILE A 115 -6.59 -8.17 -54.55
CA ILE A 115 -6.83 -7.08 -53.61
C ILE A 115 -6.14 -5.84 -54.16
N LYS A 116 -6.93 -4.81 -54.44
CA LYS A 116 -6.41 -3.55 -54.93
C LYS A 116 -6.89 -2.43 -54.02
N VAL A 117 -5.95 -1.73 -53.41
CA VAL A 117 -6.24 -0.55 -52.60
C VAL A 117 -6.15 0.63 -53.57
N CYS A 118 -7.24 0.87 -54.30
CA CYS A 118 -7.24 1.86 -55.37
C CYS A 118 -8.52 2.66 -55.30
N GLU A 119 -8.57 3.73 -56.09
CA GLU A 119 -9.79 4.53 -56.23
C GLU A 119 -10.64 3.90 -57.31
N PHE A 120 -11.66 3.15 -56.91
CA PHE A 120 -12.58 2.50 -57.83
C PHE A 120 -13.96 3.12 -57.67
N GLN A 121 -14.51 3.62 -58.78
CA GLN A 121 -15.82 4.23 -58.75
C GLN A 121 -16.90 3.16 -58.64
N PHE A 122 -17.77 3.31 -57.65
CA PHE A 122 -18.92 2.41 -57.53
C PHE A 122 -19.94 2.71 -58.61
N CYS A 123 -20.23 1.72 -59.45
CA CYS A 123 -21.24 1.88 -60.48
C CYS A 123 -22.64 1.85 -59.87
N ASN A 124 -23.63 2.25 -60.68
CA ASN A 124 -25.00 2.33 -60.19
C ASN A 124 -25.59 0.96 -59.89
N ASP A 125 -25.22 -0.06 -60.67
CA ASP A 125 -25.62 -1.44 -60.38
C ASP A 125 -24.53 -2.38 -60.87
N PRO A 126 -23.49 -2.60 -60.07
CA PRO A 126 -22.50 -3.62 -60.41
C PRO A 126 -23.01 -5.00 -60.03
N PHE A 127 -22.65 -5.99 -60.83
CA PHE A 127 -23.09 -7.35 -60.56
C PHE A 127 -22.11 -8.34 -61.18
N LEU A 128 -21.82 -9.39 -60.44
CA LEU A 128 -21.15 -10.57 -60.97
C LEU A 128 -22.17 -11.68 -61.14
N GLY A 129 -21.70 -12.86 -61.53
CA GLY A 129 -22.59 -13.99 -61.73
C GLY A 129 -22.05 -14.89 -62.82
N VAL A 130 -22.76 -16.01 -63.00
CA VAL A 130 -22.37 -17.02 -63.97
C VAL A 130 -23.55 -17.34 -64.86
N TYR A 131 -23.23 -17.91 -66.02
CA TYR A 131 -24.26 -18.29 -67.00
C TYR A 131 -23.69 -19.38 -67.89
N TYR A 132 -24.50 -19.82 -68.86
CA TYR A 132 -24.16 -20.83 -69.88
C TYR A 132 -23.76 -22.15 -69.23
N HIS A 133 -24.73 -22.76 -68.54
CA HIS A 133 -24.49 -24.00 -67.79
C HIS A 133 -25.34 -25.13 -68.35
N LYS A 134 -25.42 -25.22 -69.67
CA LYS A 134 -26.14 -26.30 -70.35
C LYS A 134 -25.20 -27.28 -71.03
N ASN A 135 -24.27 -26.78 -71.84
CA ASN A 135 -23.28 -27.61 -72.52
C ASN A 135 -21.96 -26.85 -72.54
N ASN A 136 -20.90 -27.50 -72.03
CA ASN A 136 -19.54 -26.95 -71.92
C ASN A 136 -19.53 -25.64 -71.12
N LYS A 137 -19.84 -25.79 -69.83
CA LYS A 137 -20.05 -24.62 -68.98
C LYS A 137 -18.74 -23.92 -68.60
N SER A 138 -17.82 -24.64 -67.94
CA SER A 138 -16.51 -24.16 -67.48
C SER A 138 -16.57 -22.95 -66.54
N TRP A 139 -17.75 -22.67 -65.96
CA TRP A 139 -17.98 -21.61 -64.97
C TRP A 139 -17.56 -20.22 -65.47
N MET A 140 -18.17 -19.79 -66.57
CA MET A 140 -17.84 -18.47 -67.10
C MET A 140 -18.61 -17.37 -66.35
N GLU A 141 -18.03 -16.18 -66.37
CA GLU A 141 -18.49 -15.07 -65.55
C GLU A 141 -19.37 -14.12 -66.36
N SER A 142 -20.26 -13.41 -65.66
CA SER A 142 -21.28 -12.62 -66.34
C SER A 142 -20.72 -11.30 -66.87
N GLU A 143 -20.28 -10.41 -65.99
CA GLU A 143 -19.84 -9.08 -66.38
C GLU A 143 -18.68 -8.62 -65.49
N PHE A 144 -17.58 -8.22 -66.12
CA PHE A 144 -16.45 -7.63 -65.40
C PHE A 144 -16.56 -6.10 -65.34
N ARG A 145 -17.72 -5.61 -64.93
CA ARG A 145 -18.01 -4.17 -64.96
C ARG A 145 -18.45 -3.69 -63.59
N VAL A 146 -17.70 -4.07 -62.56
CA VAL A 146 -18.03 -3.71 -61.19
C VAL A 146 -17.40 -2.40 -60.76
N TYR A 147 -16.83 -1.63 -61.69
CA TYR A 147 -16.16 -0.39 -61.37
C TYR A 147 -16.19 0.51 -62.60
N SER A 148 -15.88 1.78 -62.39
CA SER A 148 -15.78 2.73 -63.49
C SER A 148 -14.40 3.37 -63.57
N SER A 149 -13.86 3.85 -62.46
CA SER A 149 -12.52 4.41 -62.42
C SER A 149 -11.55 3.39 -61.85
N ALA A 150 -10.28 3.53 -62.23
CA ALA A 150 -9.24 2.63 -61.76
C ALA A 150 -7.93 3.41 -61.71
N ASN A 151 -7.61 3.97 -60.54
CA ASN A 151 -6.43 4.82 -60.38
C ASN A 151 -6.10 4.96 -58.90
N ASN A 152 -4.94 5.57 -58.64
CA ASN A 152 -4.44 5.91 -57.30
C ASN A 152 -4.32 4.67 -56.42
N CYS A 153 -3.41 3.79 -56.83
CA CYS A 153 -3.19 2.51 -56.16
C CYS A 153 -1.99 2.63 -55.23
N THR A 154 -2.21 2.32 -53.95
CA THR A 154 -1.10 2.24 -53.00
C THR A 154 -0.51 0.84 -52.93
N PHE A 155 -1.36 -0.19 -52.92
CA PHE A 155 -0.87 -1.54 -52.67
C PHE A 155 -1.80 -2.54 -53.33
N GLU A 156 -1.42 -3.04 -54.50
CA GLU A 156 -2.09 -4.17 -55.13
C GLU A 156 -1.63 -5.44 -54.43
N TYR A 157 -2.54 -6.40 -54.26
CA TYR A 157 -2.17 -7.61 -53.55
C TYR A 157 -2.90 -8.81 -54.12
N VAL A 158 -2.17 -9.91 -54.28
CA VAL A 158 -2.73 -11.19 -54.67
C VAL A 158 -2.26 -12.21 -53.66
N SER A 159 -3.19 -12.75 -52.88
CA SER A 159 -2.87 -13.84 -51.97
C SER A 159 -2.96 -15.17 -52.70
N GLN A 160 -2.76 -16.25 -51.96
CA GLN A 160 -3.07 -17.56 -52.49
C GLN A 160 -4.58 -17.75 -52.53
N PRO A 161 -5.11 -18.30 -53.62
CA PRO A 161 -6.57 -18.46 -53.73
C PRO A 161 -7.09 -19.50 -52.75
N PHE A 162 -8.24 -19.18 -52.16
CA PHE A 162 -8.87 -20.07 -51.19
C PHE A 162 -9.65 -21.16 -51.92
N LEU A 163 -10.37 -21.99 -51.17
CA LEU A 163 -11.12 -23.10 -51.75
C LEU A 163 -12.37 -22.54 -52.42
N MET A 164 -12.18 -22.05 -53.65
CA MET A 164 -13.29 -21.66 -54.50
C MET A 164 -13.92 -22.94 -55.03
N ASP A 165 -15.08 -23.29 -54.49
CA ASP A 165 -15.65 -24.63 -54.69
C ASP A 165 -16.25 -24.72 -56.08
N LEU A 166 -15.42 -25.12 -57.06
CA LEU A 166 -15.93 -25.49 -58.36
C LEU A 166 -16.49 -26.91 -58.36
N GLU A 167 -16.12 -27.72 -57.38
CA GLU A 167 -16.70 -29.04 -57.18
C GLU A 167 -18.16 -28.91 -56.74
N GLY A 168 -19.05 -29.66 -57.38
CA GLY A 168 -20.44 -29.62 -57.01
C GLY A 168 -20.69 -30.28 -55.67
N LYS A 169 -20.96 -29.47 -54.64
CA LYS A 169 -21.32 -29.97 -53.31
C LYS A 169 -22.67 -29.37 -52.96
N GLN A 170 -23.73 -30.04 -53.42
CA GLN A 170 -25.08 -29.54 -53.22
C GLN A 170 -25.71 -30.20 -52.00
N GLY A 171 -26.92 -29.78 -51.67
CA GLY A 171 -27.61 -30.34 -50.53
C GLY A 171 -27.28 -29.61 -49.23
N ASN A 172 -26.30 -30.14 -48.50
CA ASN A 172 -25.95 -29.61 -47.20
C ASN A 172 -25.25 -28.26 -47.32
N PHE A 173 -25.19 -27.55 -46.20
CA PHE A 173 -24.48 -26.28 -46.13
C PHE A 173 -23.00 -26.49 -45.78
N LYS A 174 -22.34 -27.37 -46.53
CA LYS A 174 -20.95 -27.69 -46.28
C LYS A 174 -20.01 -26.59 -46.74
N ASN A 175 -20.48 -25.68 -47.58
CA ASN A 175 -19.73 -24.48 -47.95
C ASN A 175 -20.00 -23.34 -46.98
N LEU A 176 -19.84 -23.64 -45.69
CA LEU A 176 -20.17 -22.73 -44.61
C LEU A 176 -18.94 -21.86 -44.37
N ARG A 177 -18.99 -20.63 -44.86
CA ARG A 177 -17.86 -19.72 -44.81
C ARG A 177 -18.08 -18.69 -43.72
N GLU A 178 -17.15 -18.64 -42.76
CA GLU A 178 -17.23 -17.78 -41.60
C GLU A 178 -16.14 -16.72 -41.74
N PHE A 179 -16.55 -15.47 -41.94
CA PHE A 179 -15.63 -14.38 -42.23
C PHE A 179 -15.76 -13.29 -41.18
N VAL A 180 -14.67 -13.02 -40.47
CA VAL A 180 -14.62 -11.97 -39.44
C VAL A 180 -13.62 -10.93 -39.89
N PHE A 181 -14.11 -9.70 -40.07
CA PHE A 181 -13.36 -8.61 -40.69
C PHE A 181 -13.38 -7.42 -39.73
N LYS A 182 -12.21 -6.87 -39.44
CA LYS A 182 -12.12 -5.69 -38.59
C LYS A 182 -10.81 -4.96 -38.84
N ASN A 183 -10.73 -3.75 -38.30
CA ASN A 183 -9.53 -2.91 -38.37
C ASN A 183 -9.09 -2.55 -36.97
N ILE A 184 -7.83 -2.85 -36.64
CA ILE A 184 -7.18 -2.36 -35.43
C ILE A 184 -5.81 -1.84 -35.85
N ASP A 185 -5.65 -0.52 -35.83
CA ASP A 185 -4.39 0.19 -36.15
C ASP A 185 -3.91 -0.13 -37.56
N GLY A 186 -4.80 0.09 -38.54
CA GLY A 186 -4.44 -0.11 -39.93
C GLY A 186 -4.31 -1.54 -40.37
N TYR A 187 -4.90 -2.48 -39.63
CA TYR A 187 -4.75 -3.90 -39.90
C TYR A 187 -6.09 -4.45 -40.37
N PHE A 188 -6.28 -4.48 -41.69
CA PHE A 188 -7.49 -5.06 -42.26
C PHE A 188 -7.37 -6.58 -42.23
N LYS A 189 -7.61 -7.19 -41.08
CA LYS A 189 -7.30 -8.59 -40.86
C LYS A 189 -8.48 -9.47 -41.25
N ILE A 190 -8.16 -10.65 -41.78
CA ILE A 190 -9.15 -11.65 -42.13
C ILE A 190 -9.06 -12.75 -41.09
N TYR A 191 -10.11 -12.89 -40.29
CA TYR A 191 -10.22 -13.97 -39.32
C TYR A 191 -11.25 -14.95 -39.86
N SER A 192 -10.79 -16.06 -40.41
CA SER A 192 -11.72 -17.00 -41.03
C SER A 192 -11.32 -18.43 -40.72
N LYS A 193 -12.29 -19.32 -40.90
CA LYS A 193 -12.07 -20.75 -40.89
C LYS A 193 -13.25 -21.37 -41.60
N HIS A 194 -13.02 -21.92 -42.79
CA HIS A 194 -14.09 -22.63 -43.48
C HIS A 194 -14.38 -23.94 -42.76
N THR A 195 -15.57 -24.02 -42.18
CA THR A 195 -15.98 -25.19 -41.40
C THR A 195 -17.05 -25.95 -42.18
N PRO A 196 -16.69 -27.09 -42.78
CA PRO A 196 -17.72 -27.92 -43.43
C PRO A 196 -18.63 -28.54 -42.39
N ILE A 197 -19.94 -28.31 -42.53
CA ILE A 197 -20.86 -28.75 -41.50
C ILE A 197 -21.04 -30.26 -41.58
N ASN A 198 -21.61 -30.82 -40.52
CA ASN A 198 -22.14 -32.17 -40.51
C ASN A 198 -23.64 -32.06 -40.36
N LEU A 199 -24.38 -32.75 -41.22
CA LEU A 199 -25.83 -32.61 -41.28
C LEU A 199 -26.48 -33.26 -40.06
N VAL A 200 -27.12 -32.45 -39.22
CA VAL A 200 -27.98 -33.02 -38.19
C VAL A 200 -29.42 -32.68 -38.56
N ARG A 201 -29.80 -31.39 -38.48
CA ARG A 201 -31.05 -30.90 -39.07
C ARG A 201 -30.80 -29.52 -39.72
N ASP A 202 -30.24 -29.54 -40.94
CA ASP A 202 -30.37 -28.47 -41.94
C ASP A 202 -29.89 -27.06 -41.57
N LEU A 203 -29.36 -26.85 -40.36
CA LEU A 203 -29.14 -25.49 -39.87
C LEU A 203 -27.77 -25.30 -39.26
N PRO A 204 -27.16 -24.12 -39.45
CA PRO A 204 -25.82 -23.87 -38.88
C PRO A 204 -25.89 -23.50 -37.40
N GLN A 205 -25.41 -24.40 -36.55
CA GLN A 205 -25.27 -24.14 -35.12
C GLN A 205 -24.24 -25.11 -34.56
N GLY A 206 -23.35 -24.59 -33.72
CA GLY A 206 -22.31 -25.41 -33.14
C GLY A 206 -21.17 -24.54 -32.65
N PHE A 207 -20.18 -25.20 -32.05
CA PHE A 207 -19.04 -24.52 -31.48
C PHE A 207 -17.98 -24.34 -32.55
N SER A 208 -17.72 -23.08 -32.92
CA SER A 208 -16.85 -22.80 -34.05
C SER A 208 -15.63 -22.02 -33.58
N ALA A 209 -14.51 -22.26 -34.26
CA ALA A 209 -13.25 -21.59 -33.97
C ALA A 209 -12.68 -21.04 -35.27
N LEU A 210 -12.15 -19.82 -35.21
CA LEU A 210 -11.64 -19.14 -36.38
C LEU A 210 -10.21 -18.67 -36.11
N GLU A 211 -9.47 -18.46 -37.19
CA GLU A 211 -8.05 -18.16 -37.14
C GLU A 211 -7.71 -17.04 -38.11
N PRO A 212 -6.60 -16.33 -37.89
CA PRO A 212 -6.20 -15.31 -38.86
C PRO A 212 -5.63 -15.92 -40.13
N LEU A 213 -5.81 -15.21 -41.24
CA LEU A 213 -5.32 -15.65 -42.54
C LEU A 213 -4.24 -14.73 -43.09
N VAL A 214 -4.56 -13.46 -43.33
CA VAL A 214 -3.62 -12.49 -43.85
C VAL A 214 -3.90 -11.15 -43.18
N ASP A 215 -2.88 -10.30 -43.15
CA ASP A 215 -3.01 -8.93 -42.68
C ASP A 215 -2.43 -8.01 -43.75
N LEU A 216 -3.05 -6.85 -43.90
CA LEU A 216 -2.50 -5.80 -44.75
C LEU A 216 -2.34 -4.55 -43.92
N PRO A 217 -1.12 -4.19 -43.53
CA PRO A 217 -0.92 -2.92 -42.82
C PRO A 217 -1.04 -1.74 -43.76
N ILE A 218 -2.28 -1.28 -43.97
CA ILE A 218 -2.54 -0.22 -44.93
C ILE A 218 -2.60 1.12 -44.22
N GLY A 219 -3.53 1.27 -43.27
CA GLY A 219 -3.62 2.46 -42.47
C GLY A 219 -4.72 3.43 -42.85
N ILE A 220 -5.78 2.98 -43.51
CA ILE A 220 -6.90 3.85 -43.84
C ILE A 220 -8.12 3.36 -43.09
N ASN A 221 -9.23 4.09 -43.21
CA ASN A 221 -10.49 3.68 -42.61
C ASN A 221 -11.45 3.22 -43.68
N ILE A 222 -12.36 2.33 -43.31
CA ILE A 222 -13.47 1.89 -44.16
C ILE A 222 -14.72 1.91 -43.29
N THR A 223 -15.80 2.50 -43.78
CA THR A 223 -17.04 2.57 -43.02
C THR A 223 -18.24 1.93 -43.70
N ARG A 224 -18.10 1.48 -44.95
CA ARG A 224 -19.21 0.86 -45.67
C ARG A 224 -18.71 -0.42 -46.34
N PHE A 225 -19.66 -1.25 -46.78
CA PHE A 225 -19.34 -2.38 -47.64
C PHE A 225 -20.57 -2.86 -48.36
N GLN A 226 -20.35 -3.45 -49.53
CA GLN A 226 -21.27 -4.39 -50.15
C GLN A 226 -20.51 -5.67 -50.46
N THR A 227 -21.19 -6.58 -51.14
CA THR A 227 -20.64 -7.90 -51.45
C THR A 227 -20.96 -8.22 -52.90
N LEU A 228 -19.94 -8.62 -53.65
CA LEU A 228 -20.13 -9.02 -55.04
C LEU A 228 -20.83 -10.38 -55.06
N LEU A 229 -22.10 -10.39 -55.46
CA LEU A 229 -22.91 -11.58 -55.45
C LEU A 229 -22.78 -12.33 -56.76
N ALA A 230 -23.44 -13.49 -56.84
CA ALA A 230 -23.50 -14.27 -58.06
C ALA A 230 -24.94 -14.65 -58.37
N LEU A 231 -25.19 -14.93 -59.65
CA LEU A 231 -26.51 -15.33 -60.13
C LEU A 231 -26.38 -16.65 -60.90
N HIS A 232 -27.26 -17.60 -60.58
CA HIS A 232 -27.32 -18.88 -61.26
C HIS A 232 -28.70 -19.48 -61.01
N ARG A 233 -29.21 -20.21 -61.99
CA ARG A 233 -30.54 -20.79 -61.91
C ARG A 233 -30.44 -22.31 -61.78
N SER A 234 -31.19 -22.87 -60.84
CA SER A 234 -31.26 -24.31 -60.67
C SER A 234 -32.21 -24.93 -61.68
N SER A 242 -29.69 -9.89 -63.07
CA SER A 242 -30.26 -11.21 -63.22
C SER A 242 -31.49 -11.19 -64.13
N SER A 243 -31.42 -10.38 -65.19
CA SER A 243 -32.54 -10.23 -66.11
C SER A 243 -32.69 -11.43 -67.04
N GLY A 244 -31.64 -12.20 -67.26
CA GLY A 244 -31.71 -13.36 -68.13
C GLY A 244 -31.26 -14.64 -67.46
N TRP A 245 -30.48 -14.51 -66.38
CA TRP A 245 -30.01 -15.64 -65.61
C TRP A 245 -30.26 -15.32 -64.14
N THR A 246 -31.21 -16.02 -63.53
CA THR A 246 -31.73 -15.65 -62.22
C THR A 246 -30.77 -16.09 -61.11
N ALA A 247 -31.22 -16.01 -59.87
CA ALA A 247 -30.43 -16.37 -58.70
C ALA A 247 -31.03 -17.57 -58.01
N GLY A 248 -30.17 -18.49 -57.57
CA GLY A 248 -30.60 -19.71 -56.91
C GLY A 248 -30.91 -19.47 -55.44
N ALA A 249 -31.07 -20.59 -54.73
CA ALA A 249 -31.46 -20.58 -53.33
C ALA A 249 -30.24 -20.79 -52.45
N ALA A 250 -29.67 -19.69 -51.95
CA ALA A 250 -28.58 -19.75 -51.00
C ALA A 250 -28.65 -18.52 -50.10
N ALA A 251 -28.45 -18.72 -48.81
CA ALA A 251 -28.65 -17.68 -47.81
C ALA A 251 -27.35 -17.42 -47.06
N TYR A 252 -27.36 -16.34 -46.26
CA TYR A 252 -26.26 -16.04 -45.35
C TYR A 252 -26.73 -15.08 -44.27
N TYR A 253 -25.89 -14.93 -43.25
CA TYR A 253 -26.14 -14.05 -42.11
C TYR A 253 -25.14 -12.91 -42.12
N VAL A 254 -25.49 -11.82 -41.43
CA VAL A 254 -24.61 -10.66 -41.32
C VAL A 254 -24.58 -10.21 -39.86
N GLY A 255 -23.40 -10.22 -39.25
CA GLY A 255 -23.22 -9.83 -37.87
C GLY A 255 -22.18 -8.75 -37.70
N TYR A 256 -22.13 -8.20 -36.49
CA TYR A 256 -21.27 -7.06 -36.13
C TYR A 256 -20.34 -7.47 -35.00
N LEU A 257 -19.59 -6.48 -34.48
CA LEU A 257 -18.67 -6.70 -33.38
C LEU A 257 -18.99 -5.76 -32.24
N GLN A 258 -19.08 -6.30 -31.03
CA GLN A 258 -19.41 -5.56 -29.82
C GLN A 258 -18.42 -5.95 -28.72
N PRO A 259 -18.04 -5.00 -27.86
CA PRO A 259 -17.01 -5.31 -26.86
C PRO A 259 -17.50 -6.19 -25.72
N ARG A 260 -17.69 -7.48 -25.99
CA ARG A 260 -18.06 -8.44 -24.97
C ARG A 260 -16.82 -9.01 -24.30
N THR A 261 -17.04 -9.79 -23.24
CA THR A 261 -15.97 -10.44 -22.48
C THR A 261 -16.16 -11.94 -22.55
N PHE A 262 -15.22 -12.63 -23.19
CA PHE A 262 -15.30 -14.07 -23.35
C PHE A 262 -14.50 -14.79 -22.30
N LEU A 263 -14.79 -16.08 -22.16
CA LEU A 263 -14.01 -17.00 -21.34
C LEU A 263 -13.65 -18.20 -22.20
N LEU A 264 -12.44 -18.20 -22.75
CA LEU A 264 -12.01 -19.24 -23.67
C LEU A 264 -11.36 -20.38 -22.91
N LYS A 265 -11.78 -21.61 -23.21
CA LYS A 265 -11.11 -22.79 -22.71
C LYS A 265 -10.43 -23.50 -23.87
N TYR A 266 -9.16 -23.84 -23.69
CA TYR A 266 -8.39 -24.50 -24.73
C TYR A 266 -8.35 -26.01 -24.49
N ASN A 267 -8.00 -26.74 -25.55
CA ASN A 267 -7.84 -28.18 -25.47
C ASN A 267 -6.40 -28.52 -25.13
N GLU A 268 -6.03 -29.78 -25.32
CA GLU A 268 -4.62 -30.14 -25.24
C GLU A 268 -3.84 -29.58 -26.42
N ASN A 269 -4.40 -29.64 -27.63
CA ASN A 269 -3.61 -29.47 -28.83
C ASN A 269 -4.17 -28.36 -29.72
N GLY A 270 -4.43 -27.19 -29.14
CA GLY A 270 -4.56 -25.99 -29.94
C GLY A 270 -5.91 -25.31 -30.02
N THR A 271 -6.98 -26.09 -30.12
CA THR A 271 -8.27 -25.49 -30.42
C THR A 271 -8.95 -25.00 -29.15
N ILE A 272 -9.93 -24.13 -29.34
CA ILE A 272 -10.79 -23.70 -28.25
C ILE A 272 -11.79 -24.81 -27.97
N THR A 273 -11.96 -25.15 -26.70
CA THR A 273 -12.96 -26.14 -26.32
C THR A 273 -14.25 -25.48 -25.84
N ASP A 274 -14.14 -24.51 -24.94
CA ASP A 274 -15.30 -23.78 -24.45
C ASP A 274 -15.07 -22.29 -24.61
N ALA A 275 -16.12 -21.57 -24.99
CA ALA A 275 -16.08 -20.13 -25.12
C ALA A 275 -17.35 -19.59 -24.47
N VAL A 276 -17.19 -18.88 -23.36
CA VAL A 276 -18.33 -18.40 -22.58
C VAL A 276 -18.28 -16.88 -22.53
N ASP A 277 -19.28 -16.24 -23.14
CA ASP A 277 -19.48 -14.82 -22.99
C ASP A 277 -20.11 -14.53 -21.63
N CYS A 278 -19.78 -13.37 -21.08
CA CYS A 278 -20.26 -13.04 -19.75
C CYS A 278 -21.73 -12.63 -19.76
N ALA A 279 -22.04 -11.52 -20.45
CA ALA A 279 -23.36 -10.91 -20.35
C ALA A 279 -24.34 -11.61 -21.29
N LEU A 280 -24.62 -12.86 -20.97
CA LEU A 280 -25.70 -13.62 -21.58
C LEU A 280 -26.73 -14.07 -20.56
N ASP A 281 -26.26 -14.58 -19.41
CA ASP A 281 -27.04 -14.71 -18.19
C ASP A 281 -26.07 -14.61 -17.03
N PRO A 282 -26.54 -14.23 -15.84
CA PRO A 282 -25.61 -14.11 -14.69
C PRO A 282 -24.94 -15.40 -14.27
N LEU A 283 -25.46 -16.57 -14.67
CA LEU A 283 -24.74 -17.81 -14.48
C LEU A 283 -23.44 -17.81 -15.28
N SER A 284 -23.50 -17.31 -16.52
CA SER A 284 -22.27 -17.16 -17.30
C SER A 284 -21.37 -16.09 -16.72
N GLU A 285 -21.94 -15.08 -16.06
CA GLU A 285 -21.13 -14.08 -15.38
C GLU A 285 -20.40 -14.68 -14.20
N THR A 286 -21.05 -15.61 -13.50
CA THR A 286 -20.41 -16.31 -12.39
C THR A 286 -19.32 -17.25 -12.92
N LYS A 287 -19.57 -17.85 -14.09
CA LYS A 287 -18.52 -18.62 -14.76
C LYS A 287 -17.34 -17.74 -15.14
N CYS A 288 -17.62 -16.50 -15.55
CA CYS A 288 -16.55 -15.54 -15.86
C CYS A 288 -15.74 -15.18 -14.63
N THR A 289 -16.41 -14.96 -13.51
CA THR A 289 -15.71 -14.54 -12.30
C THR A 289 -14.90 -15.69 -11.72
N LEU A 290 -15.50 -16.87 -11.61
CA LEU A 290 -14.83 -17.97 -10.94
C LEU A 290 -13.77 -18.67 -11.79
N LYS A 291 -13.64 -18.29 -13.08
CA LYS A 291 -12.74 -18.92 -14.05
C LYS A 291 -12.98 -20.43 -14.14
N SER A 292 -14.26 -20.82 -14.12
CA SER A 292 -14.62 -22.23 -14.20
C SER A 292 -15.90 -22.36 -14.99
N PHE A 293 -15.92 -23.32 -15.91
CA PHE A 293 -17.13 -23.62 -16.66
C PHE A 293 -18.11 -24.46 -15.86
N THR A 294 -17.66 -25.13 -14.80
CA THR A 294 -18.52 -25.91 -13.92
C THR A 294 -18.51 -25.25 -12.54
N VAL A 295 -19.68 -24.85 -12.07
CA VAL A 295 -19.83 -24.13 -10.82
C VAL A 295 -20.28 -25.12 -9.76
N GLU A 296 -19.64 -25.09 -8.59
CA GLU A 296 -20.02 -25.96 -7.49
C GLU A 296 -21.28 -25.44 -6.80
N LYS A 297 -21.69 -26.14 -5.76
CA LYS A 297 -22.88 -25.76 -5.01
C LYS A 297 -22.60 -24.55 -4.14
N GLY A 298 -23.49 -23.57 -4.17
CA GLY A 298 -23.37 -22.44 -3.27
C GLY A 298 -23.80 -21.10 -3.84
N ILE A 299 -23.92 -20.13 -2.96
CA ILE A 299 -24.20 -18.74 -3.34
C ILE A 299 -22.86 -18.07 -3.59
N TYR A 300 -22.84 -17.09 -4.50
CA TYR A 300 -21.60 -16.43 -4.87
C TYR A 300 -21.89 -14.94 -5.05
N GLN A 301 -20.93 -14.25 -5.65
CA GLN A 301 -21.02 -12.80 -5.83
C GLN A 301 -20.24 -12.40 -7.07
N THR A 302 -20.93 -11.87 -8.07
CA THR A 302 -20.31 -11.56 -9.36
C THR A 302 -19.72 -10.15 -9.39
N SER A 303 -20.56 -9.14 -9.19
CA SER A 303 -20.10 -7.76 -9.30
C SER A 303 -20.96 -6.91 -8.36
N ASN A 304 -20.94 -5.60 -8.58
CA ASN A 304 -21.76 -4.67 -7.84
C ASN A 304 -22.99 -4.27 -8.63
N PHE A 305 -23.95 -3.66 -7.94
CA PHE A 305 -25.12 -3.08 -8.58
C PHE A 305 -25.08 -1.57 -8.42
N ARG A 306 -25.56 -0.88 -9.46
CA ARG A 306 -25.49 0.57 -9.53
C ARG A 306 -26.83 1.12 -9.99
N VAL A 307 -27.47 1.91 -9.13
CA VAL A 307 -28.68 2.62 -9.55
C VAL A 307 -28.28 3.73 -10.51
N GLN A 308 -28.92 3.75 -11.67
CA GLN A 308 -28.57 4.73 -12.69
C GLN A 308 -29.06 6.11 -12.29
N PRO A 309 -28.25 7.15 -12.46
CA PRO A 309 -28.77 8.52 -12.36
C PRO A 309 -29.65 8.83 -13.55
N THR A 310 -30.84 9.36 -13.27
CA THR A 310 -31.81 9.59 -14.33
C THR A 310 -31.40 10.80 -15.19
N GLU A 311 -31.28 11.96 -14.56
CA GLU A 311 -31.12 13.21 -15.28
C GLU A 311 -30.48 14.23 -14.34
N SER A 312 -30.51 15.51 -14.73
CA SER A 312 -29.88 16.55 -13.96
C SER A 312 -30.87 17.67 -13.66
N ILE A 313 -30.58 18.42 -12.60
CA ILE A 313 -31.36 19.59 -12.22
C ILE A 313 -30.37 20.73 -12.02
N VAL A 314 -30.49 21.76 -12.85
CA VAL A 314 -29.59 22.91 -12.84
C VAL A 314 -30.43 24.15 -12.56
N ARG A 315 -29.97 24.97 -11.63
CA ARG A 315 -30.71 26.17 -11.20
C ARG A 315 -29.83 27.38 -11.48
N PHE A 316 -30.13 28.09 -12.56
CA PHE A 316 -29.38 29.29 -12.91
C PHE A 316 -29.72 30.43 -11.96
N PRO A 317 -28.77 31.34 -11.70
CA PRO A 317 -29.08 32.51 -10.86
C PRO A 317 -29.92 33.53 -11.61
N ASN A 318 -30.74 34.25 -10.85
CA ASN A 318 -31.53 35.34 -11.40
C ASN A 318 -30.75 36.65 -11.42
N ASN A 321 -29.24 43.63 -7.87
CA ASN A 321 -30.20 43.39 -8.93
C ASN A 321 -29.59 43.72 -10.28
N LEU A 322 -30.46 44.10 -11.23
CA LEU A 322 -30.04 44.32 -12.61
C LEU A 322 -29.13 45.54 -12.73
N CYS A 323 -28.22 45.46 -13.69
CA CYS A 323 -27.40 46.60 -14.06
C CYS A 323 -28.27 47.63 -14.76
N PRO A 324 -27.88 48.94 -14.73
CA PRO A 324 -28.69 49.95 -15.41
C PRO A 324 -28.64 49.85 -16.92
N PHE A 325 -29.37 48.86 -17.46
CA PHE A 325 -29.43 48.64 -18.90
C PHE A 325 -30.73 49.15 -19.51
N GLY A 326 -31.79 49.29 -18.71
CA GLY A 326 -32.94 50.06 -19.08
C GLY A 326 -32.84 51.51 -18.70
N GLU A 327 -31.70 51.92 -18.13
CA GLU A 327 -31.50 53.27 -17.60
C GLU A 327 -30.41 54.03 -18.34
N VAL A 328 -29.20 53.47 -18.44
CA VAL A 328 -28.13 54.13 -19.16
C VAL A 328 -28.33 54.01 -20.66
N PHE A 329 -28.70 52.82 -21.13
CA PHE A 329 -28.92 52.59 -22.56
C PHE A 329 -30.20 53.22 -23.06
N ASN A 330 -31.09 53.64 -22.17
CA ASN A 330 -32.32 54.31 -22.55
C ASN A 330 -32.38 55.72 -21.97
N ALA A 331 -31.20 56.32 -21.74
CA ALA A 331 -31.12 57.63 -21.10
C ALA A 331 -31.47 58.74 -22.09
N THR A 332 -31.47 59.97 -21.59
CA THR A 332 -31.59 61.17 -22.42
C THR A 332 -30.40 62.09 -22.24
N ARG A 333 -30.01 62.38 -21.00
CA ARG A 333 -28.82 63.19 -20.73
C ARG A 333 -27.58 62.38 -21.03
N PHE A 334 -26.73 62.90 -21.92
CA PHE A 334 -25.65 62.14 -22.52
C PHE A 334 -24.32 62.83 -22.21
N ALA A 335 -23.26 62.32 -22.82
CA ALA A 335 -21.91 62.84 -22.61
C ALA A 335 -21.29 63.20 -23.95
N SER A 336 -20.05 63.68 -23.88
CA SER A 336 -19.29 64.07 -25.05
C SER A 336 -17.99 63.28 -25.09
N VAL A 337 -17.33 63.32 -26.24
CA VAL A 337 -16.03 62.68 -26.36
C VAL A 337 -14.95 63.53 -25.70
N TYR A 338 -15.21 64.83 -25.54
CA TYR A 338 -14.26 65.69 -24.84
C TYR A 338 -14.27 65.43 -23.33
N ALA A 339 -15.41 65.03 -22.79
CA ALA A 339 -15.52 64.68 -21.38
C ALA A 339 -16.68 63.68 -21.25
N TRP A 340 -16.34 62.41 -21.09
CA TRP A 340 -17.32 61.34 -21.08
C TRP A 340 -17.68 60.93 -19.66
N ASN A 341 -18.96 60.64 -19.45
CA ASN A 341 -19.47 60.21 -18.14
C ASN A 341 -19.12 58.75 -17.94
N ARG A 342 -18.06 58.49 -17.17
CA ARG A 342 -17.64 57.12 -16.89
C ARG A 342 -18.63 56.48 -15.93
N LYS A 343 -19.40 55.53 -16.41
CA LYS A 343 -20.41 54.89 -15.58
C LYS A 343 -19.75 53.92 -14.60
N ARG A 344 -20.29 53.89 -13.38
CA ARG A 344 -19.80 52.99 -12.35
C ARG A 344 -20.68 51.75 -12.35
N ILE A 345 -20.11 50.63 -12.77
CA ILE A 345 -20.81 49.35 -12.79
C ILE A 345 -20.06 48.41 -11.87
N SER A 346 -20.70 48.02 -10.77
CA SER A 346 -20.08 47.15 -9.78
C SER A 346 -21.17 46.38 -9.06
N ASN A 347 -21.06 45.04 -9.12
CA ASN A 347 -21.90 44.08 -8.38
C ASN A 347 -23.39 44.25 -8.74
N CYS A 348 -23.71 43.98 -10.00
CA CYS A 348 -25.09 43.99 -10.46
C CYS A 348 -25.30 42.82 -11.40
N VAL A 349 -26.57 42.48 -11.62
CA VAL A 349 -26.93 41.38 -12.51
C VAL A 349 -26.67 41.82 -13.94
N ALA A 350 -25.58 41.31 -14.53
CA ALA A 350 -25.18 41.67 -15.88
C ALA A 350 -26.10 40.95 -16.86
N ASP A 351 -27.28 41.53 -17.06
CA ASP A 351 -28.29 40.97 -17.94
C ASP A 351 -27.85 41.24 -19.37
N TYR A 352 -27.23 40.24 -20.01
CA TYR A 352 -26.73 40.41 -21.36
C TYR A 352 -27.65 39.78 -22.40
N SER A 353 -28.72 39.13 -21.98
CA SER A 353 -29.75 38.71 -22.92
C SER A 353 -30.64 39.87 -23.32
N VAL A 354 -30.86 40.82 -22.41
CA VAL A 354 -31.54 42.05 -22.78
C VAL A 354 -30.61 42.98 -23.55
N LEU A 355 -29.29 42.76 -23.45
CA LEU A 355 -28.37 43.36 -24.39
C LEU A 355 -28.45 42.68 -25.74
N TYR A 356 -28.87 41.40 -25.76
CA TYR A 356 -28.81 40.62 -26.98
C TYR A 356 -30.03 40.85 -27.87
N ASN A 357 -31.21 41.00 -27.27
CA ASN A 357 -32.41 41.16 -28.08
C ASN A 357 -32.57 42.56 -28.66
N SER A 358 -31.71 43.50 -28.26
CA SER A 358 -31.78 44.85 -28.78
C SER A 358 -31.27 44.90 -30.21
N ALA A 359 -32.18 44.79 -31.17
CA ALA A 359 -31.84 44.84 -32.59
C ALA A 359 -31.79 46.26 -33.13
N SER A 360 -31.96 47.27 -32.26
CA SER A 360 -31.96 48.67 -32.65
C SER A 360 -30.56 49.26 -32.77
N PHE A 361 -29.52 48.44 -32.72
CA PHE A 361 -28.15 48.93 -32.73
C PHE A 361 -27.74 49.44 -34.11
N SER A 362 -26.57 50.06 -34.16
CA SER A 362 -25.98 50.53 -35.41
C SER A 362 -24.58 49.99 -35.64
N THR A 363 -23.76 49.88 -34.60
CA THR A 363 -22.42 49.32 -34.71
C THR A 363 -22.10 48.63 -33.39
N PHE A 364 -22.03 47.30 -33.42
CA PHE A 364 -21.86 46.46 -32.24
C PHE A 364 -20.57 45.68 -32.42
N LYS A 365 -19.51 46.11 -31.74
CA LYS A 365 -18.17 45.57 -31.96
C LYS A 365 -17.58 45.12 -30.62
N CYS A 366 -17.60 43.82 -30.36
CA CYS A 366 -17.12 43.23 -29.11
C CYS A 366 -15.77 42.57 -29.33
N TYR A 367 -14.71 43.19 -28.80
CA TYR A 367 -13.35 42.85 -29.20
C TYR A 367 -12.81 41.63 -28.43
N GLY A 368 -12.69 41.75 -27.11
CA GLY A 368 -11.99 40.73 -26.35
C GLY A 368 -12.83 40.05 -25.29
N VAL A 369 -14.16 40.19 -25.39
CA VAL A 369 -15.09 39.61 -24.43
C VAL A 369 -15.20 38.11 -24.69
N SER A 370 -15.88 37.41 -23.79
CA SER A 370 -16.33 36.05 -24.04
C SER A 370 -17.78 36.12 -24.52
N PRO A 371 -18.02 36.18 -25.82
CA PRO A 371 -19.37 36.50 -26.31
C PRO A 371 -20.34 35.33 -26.24
N THR A 372 -19.84 34.11 -26.08
CA THR A 372 -20.69 32.96 -25.84
C THR A 372 -21.07 32.84 -24.37
N LYS A 373 -20.17 33.25 -23.48
CA LYS A 373 -20.36 33.20 -22.04
C LYS A 373 -20.58 34.60 -21.47
N LEU A 374 -21.41 35.40 -22.16
CA LEU A 374 -21.77 36.73 -21.67
C LEU A 374 -22.45 36.64 -20.30
N ASN A 375 -23.46 35.78 -20.18
CA ASN A 375 -24.09 35.57 -18.89
C ASN A 375 -23.32 34.59 -18.01
N ASP A 376 -22.61 33.65 -18.61
CA ASP A 376 -21.92 32.61 -17.84
C ASP A 376 -20.67 33.17 -17.18
N LEU A 377 -19.68 33.55 -17.99
CA LEU A 377 -18.49 34.20 -17.48
C LEU A 377 -18.80 35.66 -17.16
N CYS A 378 -18.40 36.08 -15.97
CA CYS A 378 -18.67 37.44 -15.53
C CYS A 378 -17.39 38.09 -15.04
N PHE A 379 -17.42 39.41 -14.97
CA PHE A 379 -16.22 40.24 -15.00
C PHE A 379 -16.03 40.94 -13.66
N THR A 380 -14.83 41.51 -13.49
CA THR A 380 -14.45 42.08 -12.20
C THR A 380 -15.00 43.50 -12.04
N ASN A 381 -14.55 44.42 -12.89
CA ASN A 381 -14.90 45.84 -12.78
C ASN A 381 -15.23 46.34 -14.17
N VAL A 382 -16.47 46.76 -14.39
CA VAL A 382 -16.96 47.15 -15.70
C VAL A 382 -17.07 48.67 -15.75
N TYR A 383 -16.44 49.28 -16.76
CA TYR A 383 -16.44 50.72 -16.95
C TYR A 383 -17.13 51.03 -18.28
N ALA A 384 -18.35 51.56 -18.20
CA ALA A 384 -19.11 51.96 -19.38
C ALA A 384 -18.80 53.43 -19.67
N ASP A 385 -17.90 53.68 -20.62
CA ASP A 385 -17.65 55.03 -21.11
C ASP A 385 -18.66 55.32 -22.20
N SER A 386 -19.83 55.79 -21.79
CA SER A 386 -20.93 56.09 -22.70
C SER A 386 -20.93 57.58 -23.02
N PHE A 387 -20.89 57.91 -24.31
CA PHE A 387 -20.79 59.28 -24.77
C PHE A 387 -21.25 59.34 -26.21
N VAL A 388 -22.04 60.38 -26.53
CA VAL A 388 -22.67 60.52 -27.82
C VAL A 388 -21.82 61.43 -28.70
N ILE A 389 -21.50 60.96 -29.90
CA ILE A 389 -20.60 61.62 -30.82
C ILE A 389 -21.28 61.79 -32.17
N ARG A 390 -20.53 62.34 -33.11
CA ARG A 390 -20.93 62.45 -34.50
C ARG A 390 -20.92 61.07 -35.16
N GLY A 391 -21.64 60.94 -36.28
CA GLY A 391 -21.88 59.63 -36.85
C GLY A 391 -20.66 58.97 -37.47
N ASP A 392 -19.77 59.77 -38.07
CA ASP A 392 -18.64 59.21 -38.79
C ASP A 392 -17.52 58.72 -37.88
N GLU A 393 -17.51 59.12 -36.61
CA GLU A 393 -16.38 58.88 -35.73
C GLU A 393 -16.48 57.56 -34.97
N VAL A 394 -17.21 56.59 -35.50
CA VAL A 394 -17.35 55.30 -34.84
C VAL A 394 -16.21 54.35 -35.22
N ARG A 395 -15.71 54.44 -36.46
CA ARG A 395 -14.70 53.52 -36.97
C ARG A 395 -13.33 53.68 -36.32
N GLN A 396 -13.10 54.78 -35.59
CA GLN A 396 -11.79 55.03 -35.01
C GLN A 396 -11.62 54.41 -33.62
N ILE A 397 -12.71 54.16 -32.90
CA ILE A 397 -12.61 53.67 -31.53
C ILE A 397 -12.39 52.17 -31.58
N ALA A 398 -11.13 51.76 -31.69
CA ALA A 398 -10.76 50.36 -31.86
C ALA A 398 -9.29 50.21 -31.53
N PRO A 399 -8.88 49.08 -30.95
CA PRO A 399 -7.46 48.77 -30.89
C PRO A 399 -6.92 48.40 -32.27
N GLY A 400 -6.20 49.33 -32.88
CA GLY A 400 -5.81 49.23 -34.27
C GLY A 400 -6.38 50.33 -35.16
N GLN A 401 -7.16 51.26 -34.62
CA GLN A 401 -7.68 52.39 -35.37
C GLN A 401 -7.40 53.67 -34.61
N THR A 402 -6.94 54.69 -35.33
CA THR A 402 -6.55 55.97 -34.75
C THR A 402 -7.29 57.10 -35.47
N GLY A 403 -7.08 58.33 -35.00
CA GLY A 403 -7.60 59.49 -35.70
C GLY A 403 -8.11 60.64 -34.84
N LYS A 404 -9.31 61.12 -35.17
CA LYS A 404 -9.92 62.26 -34.49
C LYS A 404 -10.34 61.94 -33.07
N ILE A 405 -10.54 60.67 -32.75
CA ILE A 405 -11.03 60.25 -31.45
C ILE A 405 -9.95 59.51 -30.65
N ALA A 406 -9.25 58.57 -31.29
CA ALA A 406 -8.40 57.64 -30.56
C ALA A 406 -7.08 58.26 -30.11
N ASP A 407 -6.58 59.27 -30.81
CA ASP A 407 -5.34 59.93 -30.43
C ASP A 407 -5.53 61.33 -29.89
N TYR A 408 -6.77 61.83 -29.77
CA TYR A 408 -6.98 63.20 -29.33
C TYR A 408 -7.53 63.27 -27.92
N ASN A 409 -8.65 62.61 -27.63
CA ASN A 409 -9.23 62.74 -26.29
C ASN A 409 -9.61 61.43 -25.62
N TYR A 410 -9.96 60.41 -26.40
CA TYR A 410 -10.45 59.13 -25.86
C TYR A 410 -9.61 57.99 -26.44
N LYS A 411 -8.70 57.46 -25.64
CA LYS A 411 -7.79 56.39 -26.07
C LYS A 411 -8.26 55.06 -25.49
N LEU A 412 -8.64 54.14 -26.36
CA LEU A 412 -8.60 52.77 -25.89
C LEU A 412 -7.16 52.27 -25.96
N PRO A 413 -6.68 51.55 -24.95
CA PRO A 413 -5.33 51.01 -25.00
C PRO A 413 -5.24 49.85 -25.98
N ASP A 414 -4.01 49.38 -26.18
CA ASP A 414 -3.81 48.17 -26.98
C ASP A 414 -4.16 46.93 -26.18
N ASP A 415 -4.26 47.05 -24.86
CA ASP A 415 -4.72 45.98 -23.98
C ASP A 415 -6.21 46.15 -23.65
N PHE A 416 -6.97 46.71 -24.58
CA PHE A 416 -8.40 46.88 -24.40
C PHE A 416 -9.14 45.56 -24.51
N THR A 417 -10.08 45.35 -23.61
CA THR A 417 -11.07 44.30 -23.76
C THR A 417 -12.45 44.89 -23.42
N GLY A 418 -13.44 44.56 -24.22
CA GLY A 418 -14.75 45.14 -24.08
C GLY A 418 -15.41 45.29 -25.44
N CYS A 419 -16.59 45.92 -25.41
CA CYS A 419 -17.40 46.08 -26.59
C CYS A 419 -17.50 47.56 -26.97
N VAL A 420 -17.92 47.81 -28.21
CA VAL A 420 -18.30 49.13 -28.68
C VAL A 420 -19.67 49.00 -29.32
N ILE A 421 -20.66 49.66 -28.72
CA ILE A 421 -22.05 49.52 -29.12
C ILE A 421 -22.55 50.90 -29.53
N ALA A 422 -23.23 50.98 -30.68
CA ALA A 422 -23.75 52.25 -31.15
C ALA A 422 -25.17 52.05 -31.67
N TRP A 423 -25.99 53.11 -31.53
CA TRP A 423 -27.33 53.14 -32.10
C TRP A 423 -27.77 54.60 -32.22
N ASN A 424 -28.60 54.87 -33.23
CA ASN A 424 -28.93 56.22 -33.64
C ASN A 424 -30.18 56.73 -32.93
N SER A 425 -30.20 58.04 -32.69
CA SER A 425 -31.36 58.74 -32.16
C SER A 425 -31.58 60.04 -32.93
N ASN A 426 -31.62 59.92 -34.26
CA ASN A 426 -31.75 61.08 -35.14
C ASN A 426 -33.10 61.79 -34.98
N ASN A 427 -34.11 61.10 -34.45
CA ASN A 427 -35.42 61.69 -34.23
C ASN A 427 -35.46 62.63 -33.03
N LEU A 428 -34.53 62.50 -32.11
CA LEU A 428 -34.59 63.28 -30.87
C LEU A 428 -33.37 64.16 -30.63
N ASP A 429 -32.16 63.64 -30.86
CA ASP A 429 -30.96 64.40 -30.55
C ASP A 429 -30.57 65.38 -31.65
N SER A 430 -31.09 65.21 -32.86
CA SER A 430 -30.91 66.22 -33.89
C SER A 430 -31.87 67.38 -33.67
N LYS A 431 -31.47 68.56 -34.12
CA LYS A 431 -32.22 69.77 -33.81
C LYS A 431 -31.89 70.84 -34.84
N VAL A 432 -32.89 71.65 -35.18
CA VAL A 432 -32.65 72.85 -35.99
C VAL A 432 -31.69 73.79 -35.28
N GLY A 433 -31.92 74.00 -33.97
CA GLY A 433 -30.97 74.73 -33.16
C GLY A 433 -29.69 73.98 -32.91
N GLY A 434 -29.69 72.67 -33.08
CA GLY A 434 -28.47 71.87 -33.05
C GLY A 434 -27.94 71.57 -31.68
N ASN A 435 -27.39 70.37 -31.50
CA ASN A 435 -26.78 69.95 -30.24
C ASN A 435 -25.31 70.37 -30.23
N TYR A 436 -25.12 71.69 -30.25
CA TYR A 436 -23.79 72.28 -30.22
C TYR A 436 -23.20 72.31 -28.82
N ASN A 437 -23.95 71.91 -27.80
CA ASN A 437 -23.46 71.94 -26.44
C ASN A 437 -22.41 70.87 -26.20
N TYR A 438 -22.61 69.67 -26.74
CA TYR A 438 -21.64 68.59 -26.62
C TYR A 438 -20.45 68.90 -27.51
N LEU A 439 -19.36 69.36 -26.89
CA LEU A 439 -18.19 69.82 -27.61
C LEU A 439 -17.21 68.67 -27.84
N TYR A 440 -16.39 68.81 -28.87
CA TYR A 440 -15.43 67.77 -29.23
C TYR A 440 -14.07 68.40 -29.48
N ARG A 441 -13.04 67.55 -29.42
CA ARG A 441 -11.65 67.97 -29.59
C ARG A 441 -11.23 67.79 -31.05
N LEU A 442 -10.51 68.78 -31.56
CA LEU A 442 -10.06 68.79 -32.94
C LEU A 442 -8.55 68.70 -33.09
N PHE A 443 -7.78 69.18 -32.13
CA PHE A 443 -6.32 69.23 -32.18
C PHE A 443 -5.75 68.38 -31.05
N ARG A 444 -4.43 68.45 -30.87
CA ARG A 444 -3.79 67.64 -29.83
C ARG A 444 -2.48 68.26 -29.38
N LYS A 445 -2.35 68.46 -28.07
CA LYS A 445 -1.14 69.03 -27.48
C LYS A 445 -0.12 67.96 -27.08
N SER A 446 -0.53 67.05 -26.20
CA SER A 446 0.35 66.02 -25.65
C SER A 446 -0.09 64.65 -26.13
N ASN A 447 0.74 63.65 -25.84
CA ASN A 447 0.43 62.28 -26.22
C ASN A 447 -0.72 61.75 -25.36
N LEU A 448 -1.75 61.22 -26.01
CA LEU A 448 -2.97 60.84 -25.31
C LEU A 448 -2.77 59.56 -24.51
N LYS A 449 -3.28 59.57 -23.28
CA LYS A 449 -3.29 58.58 -22.22
C LYS A 449 -4.52 57.68 -22.34
N PRO A 450 -4.37 56.39 -22.08
CA PRO A 450 -5.53 55.48 -22.15
C PRO A 450 -6.42 55.63 -20.92
N PHE A 451 -7.74 55.68 -21.19
CA PHE A 451 -8.80 55.75 -20.17
C PHE A 451 -8.66 56.97 -19.26
N GLU A 452 -8.13 58.07 -19.78
CA GLU A 452 -7.92 59.29 -19.00
C GLU A 452 -8.67 60.42 -19.68
N ARG A 453 -9.57 61.05 -18.94
CA ARG A 453 -10.35 62.16 -19.47
C ARG A 453 -9.47 63.40 -19.59
N ASP A 454 -9.22 63.83 -20.82
CA ASP A 454 -8.47 65.06 -21.07
C ASP A 454 -9.48 66.20 -21.15
N ILE A 455 -9.46 67.06 -20.14
CA ILE A 455 -10.39 68.18 -20.06
C ILE A 455 -9.62 69.49 -19.99
N SER A 456 -8.47 69.55 -20.65
CA SER A 456 -7.68 70.77 -20.73
C SER A 456 -8.42 71.79 -21.58
N THR A 457 -9.01 72.80 -20.93
CA THR A 457 -9.84 73.80 -21.59
C THR A 457 -9.06 75.03 -22.01
N GLU A 458 -7.79 74.87 -22.35
CA GLU A 458 -6.92 75.99 -22.69
C GLU A 458 -6.82 76.09 -24.23
N ILE A 459 -6.54 77.30 -24.71
CA ILE A 459 -6.44 77.57 -26.14
C ILE A 459 -5.23 76.86 -26.71
N TYR A 460 -5.43 76.14 -27.82
CA TYR A 460 -4.38 75.38 -28.48
C TYR A 460 -3.39 76.35 -29.11
N GLN A 461 -2.29 76.61 -28.42
CA GLN A 461 -1.29 77.54 -28.91
C GLN A 461 -0.39 76.81 -29.90
N ALA A 462 -0.42 77.26 -31.16
CA ALA A 462 0.44 76.72 -32.21
C ALA A 462 1.51 77.71 -32.64
N GLY A 463 1.77 78.74 -31.83
CA GLY A 463 2.78 79.73 -32.18
C GLY A 463 3.37 80.44 -30.99
N SER A 464 3.97 81.61 -31.24
CA SER A 464 4.61 82.41 -30.21
C SER A 464 3.67 83.40 -29.54
N THR A 465 2.35 83.23 -29.71
CA THR A 465 1.37 84.12 -29.11
C THR A 465 0.83 83.48 -27.84
N PRO A 466 1.12 84.02 -26.65
CA PRO A 466 0.48 83.49 -25.43
C PRO A 466 -0.99 83.86 -25.38
N CYS A 467 -1.85 82.88 -25.65
CA CYS A 467 -3.27 83.16 -25.84
C CYS A 467 -3.98 83.27 -24.51
N ASN A 468 -3.98 82.18 -23.73
CA ASN A 468 -4.50 82.10 -22.36
C ASN A 468 -5.99 82.44 -22.29
N GLY A 469 -6.75 82.14 -23.34
CA GLY A 469 -8.16 82.42 -23.36
C GLY A 469 -8.67 83.10 -24.61
N VAL A 470 -7.84 83.96 -25.21
CA VAL A 470 -8.28 84.72 -26.37
C VAL A 470 -8.17 83.85 -27.62
N GLU A 471 -8.95 84.22 -28.65
CA GLU A 471 -8.87 83.62 -29.96
C GLU A 471 -8.32 84.63 -30.96
N GLY A 472 -8.00 84.14 -32.15
CA GLY A 472 -7.55 85.01 -33.22
C GLY A 472 -6.15 84.72 -33.72
N PHE A 473 -5.23 85.65 -33.45
CA PHE A 473 -3.86 85.59 -33.98
C PHE A 473 -3.09 84.47 -33.29
N ASN A 474 -2.91 83.35 -34.02
CA ASN A 474 -2.20 82.15 -33.58
C ASN A 474 -2.79 81.58 -32.29
N CYS A 475 -4.12 81.57 -32.23
CA CYS A 475 -4.86 81.08 -31.06
C CYS A 475 -5.94 80.13 -31.57
N TYR A 476 -5.62 78.85 -31.64
CA TYR A 476 -6.51 77.85 -32.19
C TYR A 476 -7.45 77.33 -31.10
N PHE A 477 -8.73 77.23 -31.44
CA PHE A 477 -9.77 76.77 -30.50
C PHE A 477 -10.35 75.48 -31.05
N PRO A 478 -9.76 74.33 -30.72
CA PRO A 478 -10.22 73.05 -31.27
C PRO A 478 -11.48 72.52 -30.62
N LEU A 479 -11.98 73.20 -29.58
CA LEU A 479 -13.14 72.73 -28.83
C LEU A 479 -14.42 73.07 -29.63
N GLN A 480 -14.61 72.31 -30.72
CA GLN A 480 -15.65 72.61 -31.67
C GLN A 480 -16.93 71.88 -31.30
N SER A 481 -17.99 72.14 -32.05
CA SER A 481 -19.34 71.76 -31.64
C SER A 481 -20.00 70.84 -32.67
N TYR A 482 -20.88 69.98 -32.16
CA TYR A 482 -21.62 69.05 -33.01
C TYR A 482 -22.69 69.80 -33.79
N GLY A 483 -22.60 69.76 -35.12
CA GLY A 483 -23.71 70.24 -35.90
C GLY A 483 -24.68 69.11 -36.16
N PHE A 484 -25.69 68.98 -35.29
CA PHE A 484 -26.68 67.90 -35.41
C PHE A 484 -27.97 68.47 -35.99
N GLN A 485 -27.92 68.70 -37.30
CA GLN A 485 -29.07 69.20 -38.04
C GLN A 485 -30.16 68.13 -38.12
N PRO A 486 -31.43 68.53 -38.32
CA PRO A 486 -32.48 67.50 -38.48
C PRO A 486 -32.41 66.74 -39.78
N THR A 487 -31.66 67.23 -40.78
CA THR A 487 -31.49 66.57 -42.06
C THR A 487 -30.04 66.14 -42.28
N ASN A 488 -29.44 65.53 -41.26
CA ASN A 488 -28.04 65.12 -41.34
C ASN A 488 -27.86 63.98 -42.34
N GLY A 489 -26.65 63.90 -42.89
CA GLY A 489 -26.23 62.74 -43.65
C GLY A 489 -25.78 61.62 -42.73
N VAL A 490 -25.23 60.57 -43.35
CA VAL A 490 -24.86 59.37 -42.60
C VAL A 490 -23.66 59.61 -41.68
N GLY A 491 -22.88 60.66 -41.92
CA GLY A 491 -21.73 60.96 -41.09
C GLY A 491 -21.98 61.90 -39.94
N TYR A 492 -23.16 62.52 -39.87
CA TYR A 492 -23.47 63.52 -38.85
C TYR A 492 -24.58 63.08 -37.90
N GLN A 493 -24.98 61.82 -37.94
CA GLN A 493 -26.11 61.37 -37.13
C GLN A 493 -25.67 61.19 -35.68
N PRO A 494 -26.49 61.64 -34.72
CA PRO A 494 -26.13 61.41 -33.31
C PRO A 494 -26.31 59.96 -32.90
N TYR A 495 -25.19 59.24 -32.80
CA TYR A 495 -25.21 57.83 -32.40
C TYR A 495 -25.01 57.75 -30.89
N ARG A 496 -25.85 56.96 -30.23
CA ARG A 496 -25.71 56.75 -28.79
C ARG A 496 -24.64 55.67 -28.58
N VAL A 497 -23.40 56.10 -28.73
CA VAL A 497 -22.25 55.20 -28.72
C VAL A 497 -21.93 54.81 -27.28
N VAL A 498 -21.87 53.50 -27.03
CA VAL A 498 -21.43 52.98 -25.75
C VAL A 498 -20.23 52.07 -25.99
N VAL A 499 -19.10 52.43 -25.39
CA VAL A 499 -17.92 51.58 -25.38
C VAL A 499 -17.90 50.90 -24.02
N LEU A 500 -18.42 49.67 -23.96
CA LEU A 500 -18.57 48.95 -22.70
C LEU A 500 -17.25 48.27 -22.38
N SER A 501 -16.36 48.99 -21.71
CA SER A 501 -15.09 48.44 -21.28
C SER A 501 -15.27 47.74 -19.94
N PHE A 502 -14.29 46.90 -19.60
CA PHE A 502 -14.31 46.22 -18.31
C PHE A 502 -12.89 45.87 -17.91
N GLU A 503 -12.77 45.22 -16.76
CA GLU A 503 -11.51 44.75 -16.23
C GLU A 503 -11.58 43.24 -16.04
N LEU A 504 -10.63 42.52 -16.61
CA LEU A 504 -10.68 41.06 -16.73
C LEU A 504 -9.64 40.43 -15.81
N LEU A 505 -10.12 39.66 -14.83
CA LEU A 505 -9.32 38.81 -13.94
C LEU A 505 -8.30 39.62 -13.13
N HIS A 506 -8.83 40.56 -12.36
CA HIS A 506 -8.03 41.28 -11.38
C HIS A 506 -8.72 41.36 -10.03
N ALA A 507 -9.87 40.71 -9.88
CA ALA A 507 -10.68 40.77 -8.67
C ALA A 507 -11.61 39.56 -8.70
N PRO A 508 -12.20 39.19 -7.56
CA PRO A 508 -13.34 38.27 -7.62
C PRO A 508 -14.54 38.93 -8.29
N ALA A 509 -15.19 38.18 -9.16
CA ALA A 509 -16.13 38.74 -10.14
C ALA A 509 -17.40 39.23 -9.44
N THR A 510 -17.72 40.51 -9.64
CA THR A 510 -18.83 41.17 -8.98
C THR A 510 -20.04 41.36 -9.89
N VAL A 511 -19.83 41.97 -11.06
CA VAL A 511 -20.91 42.23 -12.01
C VAL A 511 -21.23 40.91 -12.68
N CYS A 512 -22.26 40.21 -12.17
CA CYS A 512 -22.54 38.87 -12.64
C CYS A 512 -24.04 38.67 -12.84
N GLY A 513 -24.41 38.23 -14.04
CA GLY A 513 -25.80 37.94 -14.34
C GLY A 513 -26.27 36.60 -13.80
N LYS A 516 -32.53 30.89 -16.77
CA LYS A 516 -32.85 29.71 -17.56
C LYS A 516 -32.66 28.48 -16.66
N SER A 517 -33.38 28.47 -15.54
CA SER A 517 -33.31 27.36 -14.61
C SER A 517 -34.23 26.23 -15.04
N THR A 518 -34.09 25.08 -14.39
CA THR A 518 -34.85 23.90 -14.71
C THR A 518 -35.91 23.67 -13.66
N ASN A 519 -36.69 22.61 -13.85
CA ASN A 519 -37.75 22.25 -12.92
C ASN A 519 -37.16 21.56 -11.69
N LEU A 520 -38.02 21.26 -10.73
CA LEU A 520 -37.63 20.51 -9.54
C LEU A 520 -38.20 19.11 -9.63
N VAL A 521 -37.34 18.11 -9.47
CA VAL A 521 -37.71 16.70 -9.52
C VAL A 521 -37.30 16.06 -8.20
N LYS A 522 -38.29 15.61 -7.44
CA LYS A 522 -38.03 14.91 -6.20
C LYS A 522 -38.21 13.41 -6.38
N ASN A 523 -37.75 12.65 -5.37
CA ASN A 523 -37.97 11.21 -5.20
C ASN A 523 -37.41 10.38 -6.35
N LYS A 524 -36.40 10.89 -7.07
CA LYS A 524 -35.82 10.18 -8.19
C LYS A 524 -34.30 10.31 -8.13
N CYS A 525 -33.61 9.28 -8.63
CA CYS A 525 -32.16 9.25 -8.66
C CYS A 525 -31.67 10.16 -9.78
N VAL A 526 -31.45 11.42 -9.46
CA VAL A 526 -31.01 12.39 -10.46
C VAL A 526 -29.64 12.92 -10.07
N ASN A 527 -29.06 13.76 -10.92
CA ASN A 527 -27.70 14.27 -10.75
C ASN A 527 -27.77 15.81 -10.67
N PHE A 528 -28.03 16.33 -9.48
CA PHE A 528 -28.33 17.74 -9.35
C PHE A 528 -27.04 18.57 -9.37
N ASN A 529 -27.22 19.88 -9.52
CA ASN A 529 -26.13 20.86 -9.45
C ASN A 529 -26.70 22.06 -8.69
N PHE A 530 -26.53 22.05 -7.38
CA PHE A 530 -27.05 23.12 -6.52
C PHE A 530 -25.88 23.87 -5.90
N ASN A 531 -25.80 25.17 -6.21
CA ASN A 531 -24.87 26.12 -5.58
C ASN A 531 -23.42 25.68 -5.79
N GLY A 532 -23.04 25.50 -7.05
CA GLY A 532 -21.69 25.13 -7.41
C GLY A 532 -21.41 23.65 -7.43
N LEU A 533 -21.81 22.94 -6.37
CA LEU A 533 -21.54 21.51 -6.29
C LEU A 533 -22.53 20.72 -7.13
N THR A 534 -22.00 19.74 -7.86
CA THR A 534 -22.82 18.82 -8.66
C THR A 534 -22.96 17.54 -7.86
N GLY A 535 -24.14 17.32 -7.29
CA GLY A 535 -24.37 16.17 -6.45
C GLY A 535 -25.29 15.14 -7.09
N THR A 536 -25.30 13.95 -6.50
CA THR A 536 -26.07 12.83 -7.03
C THR A 536 -26.77 12.11 -5.89
N GLY A 537 -28.08 11.92 -6.01
CA GLY A 537 -28.82 11.19 -5.02
C GLY A 537 -30.30 11.42 -5.18
N VAL A 538 -31.08 10.56 -4.53
CA VAL A 538 -32.53 10.69 -4.52
C VAL A 538 -32.90 11.84 -3.62
N LEU A 539 -33.62 12.82 -4.17
CA LEU A 539 -33.86 14.09 -3.50
C LEU A 539 -35.23 14.08 -2.84
N THR A 540 -35.26 13.90 -1.53
CA THR A 540 -36.47 14.03 -0.75
C THR A 540 -36.44 15.35 0.01
N GLU A 541 -37.39 15.51 0.93
CA GLU A 541 -37.54 16.74 1.71
C GLU A 541 -37.30 16.44 3.18
N SER A 542 -36.42 17.21 3.81
CA SER A 542 -36.06 17.02 5.20
C SER A 542 -37.01 17.78 6.11
N ASN A 543 -36.65 17.86 7.41
CA ASN A 543 -37.49 18.53 8.40
C ASN A 543 -36.70 19.36 9.38
N LYS A 544 -35.48 19.77 9.04
CA LYS A 544 -34.58 20.39 10.00
C LYS A 544 -34.81 21.90 10.06
N LYS A 545 -34.03 22.59 10.89
CA LYS A 545 -34.15 24.04 11.08
C LYS A 545 -33.00 24.73 10.36
N PHE A 546 -33.21 25.02 9.08
CA PHE A 546 -32.25 25.80 8.32
C PHE A 546 -32.45 27.28 8.59
N LEU A 547 -31.44 27.92 9.15
CA LEU A 547 -31.35 29.37 9.10
C LEU A 547 -31.15 29.80 7.65
N PRO A 548 -31.60 31.01 7.27
CA PRO A 548 -31.58 31.40 5.85
C PRO A 548 -30.19 31.52 5.24
N PHE A 549 -29.14 31.64 6.04
CA PHE A 549 -27.80 31.52 5.52
C PHE A 549 -27.30 30.08 5.52
N GLN A 550 -27.81 29.26 6.45
CA GLN A 550 -27.42 27.86 6.52
C GLN A 550 -27.96 27.10 5.32
N GLN A 551 -27.07 26.49 4.57
CA GLN A 551 -27.44 25.82 3.32
C GLN A 551 -27.11 24.35 3.32
N PHE A 552 -25.96 23.96 3.86
CA PHE A 552 -25.42 22.61 3.70
C PHE A 552 -25.61 21.85 4.99
N GLY A 553 -26.38 20.77 4.95
CA GLY A 553 -26.44 19.85 6.06
C GLY A 553 -25.29 18.86 5.95
N ARG A 554 -24.54 18.71 7.04
CA ARG A 554 -23.50 17.70 7.09
C ARG A 554 -23.92 16.54 7.99
N ASP A 555 -23.43 15.37 7.64
CA ASP A 555 -23.68 14.15 8.39
C ASP A 555 -22.57 13.95 9.41
N ILE A 556 -22.55 12.78 10.05
CA ILE A 556 -21.45 12.42 10.91
C ILE A 556 -20.23 12.07 10.08
N ALA A 557 -20.45 11.60 8.85
CA ALA A 557 -19.37 11.29 7.91
C ALA A 557 -18.87 12.52 7.15
N ASP A 558 -19.28 13.72 7.56
CA ASP A 558 -18.75 15.01 7.10
C ASP A 558 -19.01 15.26 5.62
N THR A 559 -20.03 14.63 5.05
CA THR A 559 -20.37 14.83 3.65
C THR A 559 -21.65 15.67 3.53
N THR A 560 -22.10 15.85 2.30
CA THR A 560 -23.30 16.63 2.03
C THR A 560 -24.53 15.79 2.33
N ASP A 561 -25.41 16.31 3.18
CA ASP A 561 -26.60 15.57 3.58
C ASP A 561 -27.90 16.26 3.21
N ALA A 562 -28.07 17.53 3.57
CA ALA A 562 -29.31 18.26 3.32
C ALA A 562 -29.00 19.64 2.76
N VAL A 563 -29.75 20.02 1.71
CA VAL A 563 -29.42 21.17 0.89
C VAL A 563 -30.62 22.10 0.78
N ARG A 564 -30.44 23.17 0.00
CA ARG A 564 -31.47 24.16 -0.31
C ARG A 564 -31.13 24.79 -1.65
N ASP A 565 -32.15 24.94 -2.50
CA ASP A 565 -31.98 25.58 -3.81
C ASP A 565 -31.64 27.06 -3.60
N PRO A 566 -30.55 27.56 -4.20
CA PRO A 566 -30.29 29.00 -4.13
C PRO A 566 -31.29 29.87 -4.87
N GLN A 567 -32.11 29.29 -5.75
CA GLN A 567 -33.12 30.10 -6.43
C GLN A 567 -34.40 30.19 -5.62
N THR A 568 -34.87 29.05 -5.09
CA THR A 568 -36.11 28.99 -4.32
C THR A 568 -35.81 28.42 -2.94
N LEU A 569 -36.25 29.11 -1.90
CA LEU A 569 -35.97 28.69 -0.53
C LEU A 569 -36.80 27.47 -0.18
N GLU A 570 -36.12 26.36 0.09
CA GLU A 570 -36.78 25.07 0.32
C GLU A 570 -35.80 24.10 0.99
N ILE A 571 -36.28 23.36 1.98
CA ILE A 571 -35.46 22.37 2.66
C ILE A 571 -35.55 21.05 1.91
N LEU A 572 -34.41 20.43 1.65
CA LEU A 572 -34.36 19.17 0.93
C LEU A 572 -33.60 18.14 1.74
N ASP A 573 -33.71 16.88 1.31
CA ASP A 573 -32.95 15.78 1.87
C ASP A 573 -32.44 14.91 0.74
N ILE A 574 -31.27 14.32 0.95
CA ILE A 574 -30.57 13.57 -0.10
C ILE A 574 -30.40 12.14 0.39
N THR A 575 -30.77 11.18 -0.46
CA THR A 575 -30.47 9.77 -0.24
C THR A 575 -29.66 9.27 -1.42
N PRO A 576 -28.45 8.73 -1.20
CA PRO A 576 -27.60 8.35 -2.32
C PRO A 576 -28.09 7.11 -3.04
N CYS A 577 -27.65 6.98 -4.29
CA CYS A 577 -28.02 5.89 -5.18
C CYS A 577 -26.99 4.77 -5.07
N SER A 578 -26.98 3.86 -6.05
CA SER A 578 -26.04 2.73 -6.17
C SER A 578 -26.17 1.77 -4.98
N PHE A 579 -27.36 1.20 -4.88
CA PHE A 579 -27.68 0.28 -3.79
C PHE A 579 -26.96 -1.05 -4.01
N GLY A 580 -26.08 -1.40 -3.08
CA GLY A 580 -25.49 -2.71 -2.83
C GLY A 580 -24.83 -3.36 -4.03
N GLY A 581 -24.76 -4.69 -4.00
CA GLY A 581 -24.10 -5.45 -5.04
C GLY A 581 -24.92 -6.63 -5.56
N VAL A 582 -24.27 -7.53 -6.28
CA VAL A 582 -24.93 -8.60 -7.01
C VAL A 582 -24.60 -9.92 -6.32
N SER A 583 -25.63 -10.64 -5.90
CA SER A 583 -25.48 -11.98 -5.34
C SER A 583 -26.10 -13.00 -6.29
N VAL A 584 -25.40 -14.12 -6.49
CA VAL A 584 -25.85 -15.15 -7.42
C VAL A 584 -26.06 -16.43 -6.64
N ILE A 585 -27.27 -16.97 -6.72
CA ILE A 585 -27.61 -18.25 -6.08
C ILE A 585 -27.61 -19.32 -7.16
N THR A 586 -26.86 -20.39 -6.94
CA THR A 586 -26.87 -21.50 -7.88
C THR A 586 -26.67 -22.81 -7.12
N PRO A 587 -27.27 -23.89 -7.59
CA PRO A 587 -26.90 -25.21 -7.10
C PRO A 587 -25.69 -25.74 -7.85
N GLY A 588 -25.37 -27.01 -7.64
CA GLY A 588 -24.30 -27.63 -8.42
C GLY A 588 -24.68 -27.71 -9.90
N THR A 589 -23.66 -27.49 -10.75
CA THR A 589 -23.88 -27.46 -12.18
C THR A 589 -24.30 -28.83 -12.72
N ASN A 590 -23.72 -29.89 -12.16
CA ASN A 590 -24.15 -31.23 -12.50
C ASN A 590 -25.54 -31.56 -11.98
N THR A 591 -26.03 -30.82 -10.99
CA THR A 591 -27.39 -31.03 -10.52
C THR A 591 -28.40 -30.27 -11.36
N SER A 592 -28.18 -28.97 -11.55
CA SER A 592 -29.11 -28.15 -12.30
C SER A 592 -28.35 -26.98 -12.92
N ASN A 593 -29.05 -26.22 -13.76
CA ASN A 593 -28.51 -25.01 -14.34
C ASN A 593 -29.48 -23.83 -14.26
N GLN A 594 -30.52 -23.96 -13.45
CA GLN A 594 -31.38 -22.82 -13.13
C GLN A 594 -30.79 -22.10 -11.93
N VAL A 595 -30.85 -20.77 -11.95
CA VAL A 595 -30.25 -19.95 -10.91
C VAL A 595 -31.29 -19.06 -10.26
N ALA A 596 -30.86 -18.24 -9.31
CA ALA A 596 -31.72 -17.26 -8.65
C ALA A 596 -30.90 -16.02 -8.35
N VAL A 597 -31.52 -14.85 -8.50
CA VAL A 597 -30.83 -13.58 -8.45
C VAL A 597 -31.16 -12.88 -7.13
N LEU A 598 -30.12 -12.43 -6.43
CA LEU A 598 -30.27 -11.67 -5.21
C LEU A 598 -29.50 -10.37 -5.31
N TYR A 599 -30.13 -9.27 -4.94
CA TYR A 599 -29.45 -7.99 -4.86
C TYR A 599 -29.24 -7.63 -3.39
N GLN A 600 -28.06 -7.10 -3.09
CA GLN A 600 -27.59 -6.98 -1.71
C GLN A 600 -28.27 -5.80 -1.02
N ASP A 601 -29.27 -6.12 -0.20
CA ASP A 601 -29.93 -5.16 0.69
C ASP A 601 -30.56 -4.00 -0.07
N VAL A 602 -31.38 -4.32 -1.06
CA VAL A 602 -32.09 -3.31 -1.82
C VAL A 602 -33.58 -3.44 -1.51
N ASN A 603 -34.34 -2.45 -1.96
CA ASN A 603 -35.79 -2.50 -1.94
C ASN A 603 -36.24 -2.89 -3.34
N CYS A 604 -37.36 -3.61 -3.43
CA CYS A 604 -37.76 -4.20 -4.71
C CYS A 604 -38.23 -3.13 -5.68
N THR A 605 -37.30 -2.64 -6.48
CA THR A 605 -37.49 -1.47 -7.33
C THR A 605 -37.07 -1.71 -8.77
N GLU A 606 -35.99 -2.46 -8.99
CA GLU A 606 -35.33 -2.46 -10.29
C GLU A 606 -36.08 -3.29 -11.33
N VAL A 607 -36.18 -4.60 -11.09
CA VAL A 607 -36.56 -5.68 -12.04
C VAL A 607 -36.16 -5.46 -13.50
N ASN A 628 -41.26 -15.23 -7.70
CA ASN A 628 -40.23 -14.42 -8.33
C ASN A 628 -39.70 -13.36 -7.38
N VAL A 629 -40.36 -12.21 -7.37
CA VAL A 629 -39.90 -11.03 -6.64
C VAL A 629 -40.29 -11.18 -5.18
N PHE A 630 -39.30 -11.36 -4.32
CA PHE A 630 -39.52 -11.50 -2.88
C PHE A 630 -38.79 -10.40 -2.14
N GLN A 631 -39.29 -10.08 -0.94
CA GLN A 631 -38.67 -9.11 -0.06
C GLN A 631 -38.07 -9.85 1.13
N THR A 632 -36.75 -9.82 1.24
CA THR A 632 -36.06 -10.38 2.39
C THR A 632 -35.32 -9.25 3.10
N ARG A 633 -34.80 -9.58 4.29
CA ARG A 633 -33.90 -8.65 4.96
C ARG A 633 -32.55 -8.60 4.28
N ALA A 634 -32.17 -9.65 3.56
CA ALA A 634 -30.93 -9.64 2.79
C ALA A 634 -31.04 -8.84 1.50
N GLY A 635 -32.25 -8.53 1.07
CA GLY A 635 -32.45 -7.75 -0.13
C GLY A 635 -33.62 -8.30 -0.91
N CYS A 636 -33.84 -7.73 -2.08
CA CYS A 636 -34.91 -8.17 -2.95
C CYS A 636 -34.45 -9.44 -3.67
N LEU A 637 -35.22 -10.51 -3.52
CA LEU A 637 -34.88 -11.80 -4.10
C LEU A 637 -35.67 -12.02 -5.39
N ILE A 638 -34.99 -12.55 -6.40
CA ILE A 638 -35.56 -12.69 -7.74
C ILE A 638 -35.47 -14.16 -8.14
N GLY A 639 -36.60 -14.74 -8.53
CA GLY A 639 -36.60 -16.05 -9.13
C GLY A 639 -36.51 -17.19 -8.14
N ALA A 640 -37.46 -17.25 -7.21
CA ALA A 640 -37.51 -18.33 -6.24
C ALA A 640 -38.94 -18.52 -5.78
N GLU A 641 -39.14 -19.52 -4.92
CA GLU A 641 -40.44 -19.84 -4.35
C GLU A 641 -40.33 -19.80 -2.83
N HIS A 642 -41.27 -19.14 -2.18
CA HIS A 642 -41.29 -19.10 -0.73
C HIS A 642 -42.08 -20.28 -0.21
N VAL A 643 -41.63 -20.84 0.90
CA VAL A 643 -42.19 -22.07 1.44
C VAL A 643 -42.77 -21.75 2.81
N ASN A 644 -43.94 -22.34 3.10
CA ASN A 644 -44.53 -22.30 4.43
C ASN A 644 -44.03 -23.44 5.32
N ASN A 645 -42.85 -23.99 5.02
CA ASN A 645 -42.22 -25.00 5.85
C ASN A 645 -40.78 -24.57 6.11
N SER A 646 -39.98 -25.45 6.70
CA SER A 646 -38.60 -25.14 6.97
C SER A 646 -37.77 -26.40 6.79
N TYR A 647 -36.65 -26.27 6.08
CA TYR A 647 -35.80 -27.40 5.76
C TYR A 647 -34.41 -27.19 6.34
N GLU A 648 -33.62 -28.25 6.31
CA GLU A 648 -32.23 -28.19 6.72
C GLU A 648 -31.44 -27.34 5.74
N CYS A 649 -30.58 -26.47 6.28
CA CYS A 649 -29.91 -25.47 5.45
C CYS A 649 -28.81 -26.11 4.62
N ASP A 650 -28.86 -25.88 3.31
CA ASP A 650 -27.81 -26.30 2.39
C ASP A 650 -27.09 -25.10 1.80
N ILE A 651 -27.82 -24.20 1.15
CA ILE A 651 -27.23 -23.00 0.58
C ILE A 651 -27.72 -21.81 1.39
N PRO A 652 -26.91 -21.29 2.31
CA PRO A 652 -27.36 -20.18 3.15
C PRO A 652 -27.34 -18.86 2.42
N ILE A 653 -28.27 -18.00 2.81
CA ILE A 653 -28.36 -16.64 2.28
C ILE A 653 -28.05 -15.62 3.37
N GLY A 654 -28.84 -15.59 4.42
CA GLY A 654 -28.71 -14.61 5.48
C GLY A 654 -29.99 -14.49 6.26
N ALA A 655 -29.85 -14.02 7.50
CA ALA A 655 -30.96 -13.78 8.44
C ALA A 655 -31.79 -15.04 8.68
N GLY A 656 -31.12 -16.19 8.72
CA GLY A 656 -31.81 -17.44 8.96
C GLY A 656 -32.58 -17.97 7.77
N ILE A 657 -32.31 -17.46 6.57
CA ILE A 657 -32.99 -17.90 5.36
C ILE A 657 -31.97 -18.60 4.48
N CYS A 658 -32.30 -19.82 4.07
CA CYS A 658 -31.42 -20.62 3.23
C CYS A 658 -32.13 -20.97 1.93
N ALA A 659 -31.36 -21.54 1.00
CA ALA A 659 -31.84 -21.88 -0.32
C ALA A 659 -31.60 -23.35 -0.61
N SER A 660 -32.50 -23.93 -1.40
CA SER A 660 -32.40 -25.34 -1.77
C SER A 660 -33.12 -25.57 -3.09
N TYR A 661 -32.75 -26.67 -3.74
CA TYR A 661 -33.29 -27.07 -5.04
C TYR A 661 -34.03 -28.39 -4.84
N GLN A 662 -35.31 -28.28 -4.50
CA GLN A 662 -36.15 -29.44 -4.19
C GLN A 662 -37.30 -29.52 -5.19
N THR A 663 -38.23 -30.44 -4.93
CA THR A 663 -39.38 -30.62 -5.79
C THR A 663 -40.53 -29.74 -5.35
N SER A 676 -41.45 -31.23 -11.68
CA SER A 676 -40.63 -30.02 -11.85
C SER A 676 -39.91 -29.66 -10.55
N GLN A 677 -38.60 -29.48 -10.63
CA GLN A 677 -37.80 -29.06 -9.49
C GLN A 677 -37.23 -27.67 -9.73
N SER A 678 -37.37 -26.81 -8.74
CA SER A 678 -36.96 -25.42 -8.82
C SER A 678 -36.22 -25.04 -7.54
N ILE A 679 -35.74 -23.80 -7.49
CA ILE A 679 -35.02 -23.29 -6.34
C ILE A 679 -36.01 -22.57 -5.43
N ILE A 680 -36.16 -23.07 -4.22
CA ILE A 680 -37.09 -22.51 -3.27
C ILE A 680 -36.34 -21.69 -2.23
N ALA A 681 -37.03 -20.71 -1.67
CA ALA A 681 -36.50 -19.88 -0.59
C ALA A 681 -37.28 -20.17 0.67
N TYR A 682 -36.56 -20.29 1.79
CA TYR A 682 -37.20 -20.78 3.00
C TYR A 682 -36.43 -20.33 4.21
N THR A 683 -37.15 -20.14 5.31
CA THR A 683 -36.52 -19.96 6.61
C THR A 683 -35.92 -21.29 7.06
N MET A 684 -34.69 -21.22 7.57
CA MET A 684 -33.95 -22.40 7.99
C MET A 684 -34.65 -23.13 9.12
N SER A 685 -34.73 -24.45 9.01
CA SER A 685 -35.20 -25.27 10.12
C SER A 685 -34.15 -25.29 11.22
N LEU A 686 -34.56 -24.91 12.42
CA LEU A 686 -33.63 -24.81 13.53
C LEU A 686 -33.31 -26.17 14.14
N GLY A 687 -34.10 -27.20 13.83
CA GLY A 687 -33.86 -28.51 14.37
C GLY A 687 -35.15 -29.28 14.66
N ALA A 688 -35.02 -30.48 15.20
CA ALA A 688 -36.17 -31.32 15.50
C ALA A 688 -36.75 -30.90 16.85
N GLU A 689 -38.02 -30.51 16.85
CA GLU A 689 -38.68 -30.02 18.06
C GLU A 689 -39.00 -31.22 18.95
N ASN A 690 -38.00 -31.65 19.70
CA ASN A 690 -38.13 -32.83 20.54
C ASN A 690 -38.54 -32.40 21.94
N SER A 691 -39.70 -32.87 22.39
CA SER A 691 -40.11 -32.64 23.76
C SER A 691 -39.38 -33.59 24.69
N VAL A 692 -39.22 -33.16 25.94
CA VAL A 692 -38.52 -33.92 26.95
C VAL A 692 -39.49 -34.28 28.06
N ALA A 693 -39.75 -35.57 28.23
CA ALA A 693 -40.62 -36.02 29.31
C ALA A 693 -39.88 -35.92 30.64
N TYR A 694 -40.62 -35.54 31.68
CA TYR A 694 -40.01 -35.40 32.99
C TYR A 694 -41.08 -35.53 34.08
N SER A 695 -40.74 -36.25 35.14
CA SER A 695 -41.46 -36.18 36.40
C SER A 695 -40.41 -36.25 37.50
N ASN A 696 -40.86 -36.34 38.74
CA ASN A 696 -39.92 -36.40 39.84
C ASN A 696 -39.32 -37.79 40.04
N ASN A 697 -39.81 -38.80 39.32
CA ASN A 697 -39.34 -40.16 39.52
C ASN A 697 -39.06 -40.90 38.21
N SER A 698 -39.12 -40.22 37.07
CA SER A 698 -38.91 -40.86 35.78
C SER A 698 -37.44 -40.70 35.39
N ILE A 699 -36.69 -41.79 35.44
CA ILE A 699 -35.28 -41.78 35.09
C ILE A 699 -35.10 -42.62 33.83
N ALA A 700 -34.09 -42.26 33.04
CA ALA A 700 -33.73 -43.01 31.85
C ALA A 700 -32.33 -43.59 32.05
N ILE A 701 -32.22 -44.91 31.96
CA ILE A 701 -30.96 -45.62 32.20
C ILE A 701 -30.65 -46.41 30.94
N PRO A 702 -29.45 -46.26 30.36
CA PRO A 702 -29.13 -46.96 29.11
C PRO A 702 -29.01 -48.45 29.30
N THR A 703 -29.72 -49.20 28.46
CA THR A 703 -29.66 -50.65 28.51
C THR A 703 -28.64 -51.21 27.53
N ASN A 704 -28.63 -50.68 26.31
CA ASN A 704 -27.70 -51.10 25.27
C ASN A 704 -26.84 -49.91 24.89
N PHE A 705 -25.71 -50.18 24.24
CA PHE A 705 -24.72 -49.15 23.96
C PHE A 705 -24.28 -49.24 22.51
N THR A 706 -23.38 -48.33 22.14
CA THR A 706 -22.88 -48.22 20.77
C THR A 706 -21.48 -47.64 20.83
N ILE A 707 -20.55 -48.28 20.14
CA ILE A 707 -19.18 -47.79 20.02
C ILE A 707 -18.97 -47.35 18.58
N SER A 708 -18.53 -46.11 18.41
CA SER A 708 -18.49 -45.50 17.10
C SER A 708 -17.15 -44.79 16.87
N VAL A 709 -16.87 -44.55 15.60
CA VAL A 709 -15.65 -43.89 15.18
C VAL A 709 -16.01 -42.57 14.52
N THR A 710 -15.57 -41.48 15.12
CA THR A 710 -15.75 -40.14 14.56
C THR A 710 -14.38 -39.61 14.17
N THR A 711 -14.32 -38.89 13.06
CA THR A 711 -13.07 -38.52 12.44
C THR A 711 -12.92 -37.02 12.38
N GLU A 712 -11.85 -36.51 12.96
CA GLU A 712 -11.47 -35.11 12.82
C GLU A 712 -10.29 -35.01 11.86
N ILE A 713 -10.25 -33.90 11.12
CA ILE A 713 -9.18 -33.63 10.17
C ILE A 713 -8.66 -32.22 10.43
N LEU A 714 -7.42 -32.12 10.86
CA LEU A 714 -6.86 -30.84 11.29
C LEU A 714 -5.58 -30.54 10.51
N PRO A 715 -5.42 -29.34 9.98
CA PRO A 715 -4.15 -28.99 9.32
C PRO A 715 -3.05 -28.77 10.33
N VAL A 716 -1.84 -29.16 9.96
CA VAL A 716 -0.69 -29.10 10.85
C VAL A 716 0.34 -28.10 10.37
N SER A 717 0.75 -28.20 9.10
CA SER A 717 1.83 -27.38 8.60
C SER A 717 1.45 -26.75 7.27
N MET A 718 1.58 -25.43 7.19
CA MET A 718 1.43 -24.73 5.93
C MET A 718 2.62 -25.05 5.03
N THR A 719 2.37 -25.06 3.73
CA THR A 719 3.42 -25.34 2.74
C THR A 719 4.51 -24.27 2.79
N LYS A 720 5.74 -24.71 2.99
CA LYS A 720 6.86 -23.81 3.20
C LYS A 720 7.20 -23.07 1.92
N THR A 721 7.40 -21.76 2.02
CA THR A 721 7.52 -20.92 0.85
C THR A 721 8.55 -19.83 1.08
N SER A 722 9.52 -19.71 0.18
CA SER A 722 10.51 -18.65 0.21
C SER A 722 10.66 -18.06 -1.18
N VAL A 723 10.44 -16.75 -1.30
CA VAL A 723 10.50 -16.06 -2.58
C VAL A 723 11.51 -14.92 -2.45
N ASP A 724 12.44 -14.84 -3.38
CA ASP A 724 13.38 -13.74 -3.41
C ASP A 724 12.69 -12.49 -3.94
N CYS A 725 13.21 -11.33 -3.54
CA CYS A 725 12.69 -10.05 -4.01
C CYS A 725 13.25 -9.69 -5.38
N THR A 726 14.56 -9.85 -5.55
CA THR A 726 15.24 -9.35 -6.74
C THR A 726 14.85 -10.13 -7.98
N MET A 727 14.85 -11.47 -7.88
CA MET A 727 14.54 -12.30 -9.03
C MET A 727 13.07 -12.17 -9.41
N TYR A 728 12.20 -11.84 -8.46
CA TYR A 728 10.83 -11.54 -8.81
C TYR A 728 10.72 -10.20 -9.51
N ILE A 729 11.35 -9.17 -8.94
CA ILE A 729 11.12 -7.81 -9.44
C ILE A 729 12.06 -7.48 -10.58
N CYS A 730 13.36 -7.59 -10.35
CA CYS A 730 14.36 -7.09 -11.29
C CYS A 730 14.94 -8.27 -12.06
N GLY A 731 14.45 -8.46 -13.29
CA GLY A 731 15.00 -9.49 -14.14
C GLY A 731 15.87 -8.91 -15.24
N ASP A 732 17.19 -9.04 -15.09
CA ASP A 732 18.20 -8.52 -16.00
C ASP A 732 18.03 -7.03 -16.24
N SER A 733 18.19 -6.27 -15.15
CA SER A 733 18.18 -4.82 -15.23
C SER A 733 19.08 -4.30 -14.11
N THR A 734 20.25 -3.78 -14.48
CA THR A 734 21.19 -3.25 -13.50
C THR A 734 20.61 -2.03 -12.79
N GLU A 735 19.85 -1.21 -13.52
CA GLU A 735 19.24 -0.02 -12.91
C GLU A 735 18.12 -0.40 -11.95
N CYS A 736 17.41 -1.50 -12.21
CA CYS A 736 16.41 -1.98 -11.26
C CYS A 736 17.07 -2.44 -9.97
N SER A 737 18.21 -3.13 -10.08
CA SER A 737 18.96 -3.53 -8.91
C SER A 737 19.52 -2.33 -8.16
N ASN A 738 19.92 -1.28 -8.88
CA ASN A 738 20.42 -0.08 -8.23
C ASN A 738 19.30 0.66 -7.50
N LEU A 739 18.11 0.72 -8.10
CA LEU A 739 16.99 1.34 -7.41
C LEU A 739 16.53 0.52 -6.21
N LEU A 740 16.62 -0.80 -6.30
CA LEU A 740 16.32 -1.64 -5.14
C LEU A 740 17.37 -1.47 -4.04
N LEU A 741 18.62 -1.21 -4.42
CA LEU A 741 19.63 -0.81 -3.44
C LEU A 741 19.27 0.53 -2.82
N GLN A 742 18.73 1.44 -3.61
CA GLN A 742 18.31 2.73 -3.08
C GLN A 742 17.04 2.65 -2.25
N TYR A 743 16.31 1.53 -2.30
CA TYR A 743 15.06 1.40 -1.56
C TYR A 743 15.21 0.56 -0.30
N GLY A 744 16.34 0.68 0.39
CA GLY A 744 16.42 0.24 1.76
C GLY A 744 16.61 -1.26 1.93
N SER A 745 16.16 -1.75 3.07
CA SER A 745 16.40 -3.12 3.52
C SER A 745 15.12 -3.95 3.52
N PHE A 746 14.29 -3.77 2.49
CA PHE A 746 13.03 -4.49 2.39
C PHE A 746 13.27 -5.97 2.13
N CYS A 747 14.23 -6.30 1.27
CA CYS A 747 14.52 -7.68 0.92
C CYS A 747 14.99 -8.47 2.14
N THR A 748 15.83 -7.83 2.97
CA THR A 748 16.31 -8.45 4.19
C THR A 748 15.16 -8.78 5.14
N GLN A 749 14.27 -7.81 5.34
CA GLN A 749 13.15 -8.00 6.26
C GLN A 749 12.18 -9.07 5.76
N LEU A 750 11.89 -9.08 4.46
CA LEU A 750 10.95 -10.05 3.93
C LEU A 750 11.54 -11.46 3.94
N ASN A 751 12.83 -11.59 3.67
CA ASN A 751 13.42 -12.92 3.70
C ASN A 751 13.58 -13.44 5.12
N ARG A 752 13.86 -12.54 6.09
CA ARG A 752 13.85 -12.95 7.49
C ARG A 752 12.46 -13.40 7.92
N ALA A 753 11.42 -12.70 7.48
CA ALA A 753 10.06 -13.09 7.85
C ALA A 753 9.68 -14.43 7.26
N LEU A 754 10.02 -14.67 5.98
CA LEU A 754 9.66 -15.94 5.36
C LEU A 754 10.49 -17.10 5.90
N THR A 755 11.76 -16.85 6.25
CA THR A 755 12.57 -17.90 6.86
C THR A 755 12.07 -18.22 8.26
N GLY A 756 11.62 -17.20 9.01
CA GLY A 756 10.98 -17.45 10.28
C GLY A 756 9.67 -18.20 10.15
N ILE A 757 8.94 -17.97 9.06
CA ILE A 757 7.74 -18.76 8.75
C ILE A 757 8.11 -20.23 8.58
N ALA A 758 9.15 -20.52 7.80
CA ALA A 758 9.55 -21.89 7.57
C ALA A 758 10.04 -22.57 8.85
N VAL A 759 10.76 -21.82 9.68
CA VAL A 759 11.21 -22.33 10.98
C VAL A 759 10.02 -22.63 11.87
N GLU A 760 9.00 -21.78 11.84
CA GLU A 760 7.80 -22.05 12.63
C GLU A 760 7.02 -23.24 12.09
N GLN A 761 7.06 -23.47 10.78
CA GLN A 761 6.46 -24.68 10.23
C GLN A 761 7.16 -25.92 10.76
N ASP A 762 8.49 -25.87 10.81
CA ASP A 762 9.26 -26.98 11.37
C ASP A 762 8.95 -27.19 12.84
N LYS A 763 8.80 -26.10 13.59
CA LYS A 763 8.44 -26.20 15.00
C LYS A 763 7.04 -26.78 15.17
N ASN A 764 6.11 -26.42 14.27
CA ASN A 764 4.76 -26.96 14.33
C ASN A 764 4.75 -28.46 14.14
N THR A 765 5.37 -28.92 13.05
CA THR A 765 5.35 -30.35 12.77
C THR A 765 6.17 -31.15 13.77
N GLN A 766 7.20 -30.55 14.36
CA GLN A 766 7.97 -31.26 15.37
C GLN A 766 7.20 -31.36 16.68
N GLU A 767 6.62 -30.25 17.14
CA GLU A 767 5.86 -30.28 18.39
C GLU A 767 4.56 -31.06 18.26
N VAL A 768 4.09 -31.31 17.04
CA VAL A 768 3.02 -32.27 16.88
C VAL A 768 3.56 -33.69 16.95
N PHE A 769 4.55 -34.03 16.13
CA PHE A 769 4.85 -35.44 15.90
C PHE A 769 6.02 -35.97 16.72
N ALA A 770 6.69 -35.15 17.51
CA ALA A 770 7.68 -35.67 18.45
C ALA A 770 7.06 -35.83 19.84
N GLN A 771 5.97 -36.59 19.88
CA GLN A 771 5.37 -36.93 21.17
C GLN A 771 6.21 -37.95 21.92
N VAL A 772 6.79 -38.89 21.20
CA VAL A 772 7.64 -39.91 21.80
C VAL A 772 9.02 -39.83 21.19
N LYS A 773 10.01 -40.24 21.96
CA LYS A 773 11.38 -40.35 21.47
C LYS A 773 11.79 -41.77 21.12
N GLN A 774 11.07 -42.77 21.64
CA GLN A 774 11.40 -44.16 21.40
C GLN A 774 10.46 -44.73 20.36
N ILE A 775 11.01 -45.12 19.22
CA ILE A 775 10.23 -45.76 18.17
C ILE A 775 9.81 -47.14 18.67
N TYR A 776 8.51 -47.39 18.69
CA TYR A 776 7.98 -48.68 19.08
C TYR A 776 7.51 -49.41 17.83
N LYS A 777 7.48 -50.74 17.91
CA LYS A 777 7.15 -51.57 16.77
C LYS A 777 6.01 -52.50 17.12
N THR A 778 5.08 -52.63 16.20
CA THR A 778 3.91 -53.48 16.42
C THR A 778 4.30 -54.94 16.29
N PRO A 779 4.04 -55.76 17.29
CA PRO A 779 4.12 -57.20 17.10
C PRO A 779 2.98 -57.69 16.21
N PRO A 780 3.28 -58.47 15.18
CA PRO A 780 2.22 -59.03 14.33
C PRO A 780 1.45 -60.17 14.96
N ILE A 781 1.78 -60.54 16.20
CA ILE A 781 1.06 -61.58 16.93
C ILE A 781 -0.31 -61.02 17.30
N LYS A 782 -1.34 -61.45 16.59
CA LYS A 782 -2.66 -60.85 16.70
C LYS A 782 -3.55 -61.65 17.66
N ASP A 783 -3.23 -61.55 18.94
CA ASP A 783 -4.13 -62.00 19.99
C ASP A 783 -4.86 -60.79 20.60
N PHE A 784 -5.66 -60.13 19.76
CA PHE A 784 -6.33 -58.89 20.12
C PHE A 784 -7.77 -59.12 20.56
N GLY A 785 -8.11 -60.34 20.97
CA GLY A 785 -9.47 -60.65 21.36
C GLY A 785 -10.49 -60.55 20.26
N GLY A 786 -10.05 -60.60 19.00
CA GLY A 786 -10.95 -60.40 17.88
C GLY A 786 -11.01 -58.98 17.36
N PHE A 787 -10.02 -58.16 17.66
CA PHE A 787 -10.02 -56.75 17.25
C PHE A 787 -9.13 -56.60 16.02
N ASN A 788 -9.76 -56.54 14.86
CA ASN A 788 -9.04 -56.46 13.60
C ASN A 788 -8.52 -55.05 13.41
N PHE A 789 -7.20 -54.92 13.30
CA PHE A 789 -6.54 -53.62 13.13
C PHE A 789 -5.88 -53.50 11.77
N SER A 790 -6.43 -54.18 10.76
CA SER A 790 -5.72 -54.33 9.50
C SER A 790 -5.62 -53.02 8.74
N GLN A 791 -6.66 -52.20 8.80
CA GLN A 791 -6.68 -50.96 8.05
C GLN A 791 -6.04 -49.82 8.80
N ILE A 792 -5.50 -50.05 9.99
CA ILE A 792 -4.80 -49.02 10.74
C ILE A 792 -3.36 -49.40 11.07
N LEU A 793 -3.02 -50.68 11.11
CA LEU A 793 -1.65 -51.09 11.34
C LEU A 793 -0.78 -50.77 10.12
N PRO A 794 0.53 -50.65 10.33
CA PRO A 794 1.45 -50.55 9.18
C PRO A 794 1.49 -51.88 8.43
N ASP A 795 1.36 -51.82 7.12
CA ASP A 795 1.26 -53.02 6.31
C ASP A 795 2.58 -53.25 5.59
N PRO A 796 3.33 -54.30 5.93
CA PRO A 796 4.55 -54.63 5.16
C PRO A 796 4.27 -55.27 3.82
N SER A 797 3.01 -55.48 3.46
CA SER A 797 2.68 -55.89 2.10
C SER A 797 3.03 -54.80 1.09
N LYS A 798 2.92 -53.54 1.49
CA LYS A 798 3.45 -52.44 0.70
C LYS A 798 4.73 -51.94 1.33
N PRO A 799 5.70 -51.51 0.51
CA PRO A 799 6.95 -50.99 1.09
C PRO A 799 6.80 -49.65 1.77
N SER A 800 5.91 -48.79 1.28
CA SER A 800 5.60 -47.53 1.97
C SER A 800 4.81 -47.88 3.21
N LYS A 801 5.48 -47.90 4.36
CA LYS A 801 4.99 -48.57 5.56
C LYS A 801 3.92 -47.71 6.22
N ARG A 802 2.68 -47.91 5.82
CA ARG A 802 1.55 -47.24 6.44
C ARG A 802 0.34 -48.15 6.31
N SER A 803 -0.85 -47.60 6.53
CA SER A 803 -2.08 -48.35 6.53
C SER A 803 -2.86 -48.08 5.25
N PHE A 804 -4.03 -48.72 5.15
CA PHE A 804 -4.91 -48.49 4.01
C PHE A 804 -5.47 -47.07 4.03
N ILE A 805 -5.82 -46.59 5.23
CA ILE A 805 -6.55 -45.34 5.35
C ILE A 805 -5.65 -44.16 5.00
N GLU A 806 -4.39 -44.20 5.45
CA GLU A 806 -3.46 -43.15 5.10
C GLU A 806 -3.12 -43.17 3.62
N ASP A 807 -3.09 -44.35 3.01
CA ASP A 807 -2.87 -44.42 1.57
C ASP A 807 -4.05 -43.85 0.80
N LEU A 808 -5.27 -44.06 1.31
CA LEU A 808 -6.44 -43.40 0.73
C LEU A 808 -6.38 -41.89 0.93
N LEU A 809 -5.83 -41.43 2.05
CA LEU A 809 -5.68 -40.01 2.28
C LEU A 809 -4.66 -39.40 1.32
N PHE A 810 -3.60 -40.14 1.00
CA PHE A 810 -2.67 -39.69 -0.05
C PHE A 810 -3.36 -39.64 -1.40
N ASN A 811 -3.99 -40.75 -1.80
CA ASN A 811 -4.46 -40.90 -3.16
C ASN A 811 -5.81 -40.26 -3.41
N LYS A 812 -6.42 -39.65 -2.40
CA LYS A 812 -7.66 -38.89 -2.58
C LYS A 812 -7.50 -37.41 -2.29
N VAL A 813 -6.27 -36.94 -2.09
CA VAL A 813 -5.99 -35.52 -1.89
C VAL A 813 -4.95 -35.10 -2.93
N THR A 814 -5.28 -34.05 -3.69
CA THR A 814 -4.38 -33.52 -4.70
C THR A 814 -3.99 -32.08 -4.37
N LYS A 841 6.44 -18.79 -10.58
CA LYS A 841 6.67 -20.21 -10.37
C LYS A 841 8.15 -20.50 -10.21
N PHE A 842 8.91 -20.17 -11.24
CA PHE A 842 10.35 -20.41 -11.26
C PHE A 842 11.14 -19.11 -11.31
N ASN A 843 10.53 -17.99 -10.91
CA ASN A 843 11.18 -16.68 -10.91
C ASN A 843 11.69 -16.33 -9.53
N GLY A 844 12.19 -17.31 -8.80
CA GLY A 844 12.57 -17.15 -7.40
C GLY A 844 11.56 -17.70 -6.42
N LEU A 845 10.39 -18.12 -6.90
CA LEU A 845 9.34 -18.66 -6.05
C LEU A 845 9.68 -20.10 -5.71
N THR A 846 10.61 -20.26 -4.77
CA THR A 846 11.18 -21.55 -4.45
C THR A 846 10.39 -22.19 -3.32
N VAL A 847 9.70 -23.28 -3.64
CA VAL A 847 9.07 -24.09 -2.60
C VAL A 847 10.18 -24.80 -1.84
N LEU A 848 10.35 -24.44 -0.57
CA LEU A 848 11.30 -25.13 0.26
C LEU A 848 10.80 -26.55 0.54
N PRO A 849 11.71 -27.51 0.72
CA PRO A 849 11.28 -28.85 1.08
C PRO A 849 10.93 -28.93 2.55
N PRO A 850 10.03 -29.83 2.92
CA PRO A 850 9.75 -30.03 4.35
C PRO A 850 10.89 -30.78 5.01
N LEU A 851 10.98 -30.61 6.33
CA LEU A 851 12.03 -31.31 7.07
C LEU A 851 11.71 -32.79 7.21
N LEU A 852 10.61 -33.10 7.89
CA LEU A 852 10.19 -34.48 8.05
C LEU A 852 9.37 -34.90 6.84
N THR A 853 9.73 -36.04 6.26
CA THR A 853 8.99 -36.56 5.12
C THR A 853 7.70 -37.21 5.61
N ASP A 854 6.90 -37.69 4.65
CA ASP A 854 5.70 -38.39 5.03
C ASP A 854 6.00 -39.77 5.58
N GLU A 855 7.12 -40.36 5.16
CA GLU A 855 7.50 -41.67 5.68
C GLU A 855 7.91 -41.59 7.14
N MET A 856 8.58 -40.50 7.52
CA MET A 856 9.07 -40.36 8.88
C MET A 856 7.91 -40.14 9.85
N ILE A 857 6.97 -39.26 9.50
CA ILE A 857 5.81 -39.07 10.34
C ILE A 857 4.89 -40.28 10.27
N ALA A 858 4.95 -41.05 9.18
CA ALA A 858 4.23 -42.31 9.13
C ALA A 858 4.81 -43.30 10.12
N GLN A 859 6.13 -43.33 10.26
CA GLN A 859 6.74 -44.20 11.26
C GLN A 859 6.48 -43.69 12.67
N TYR A 860 6.33 -42.38 12.83
CA TYR A 860 5.96 -41.86 14.15
C TYR A 860 4.54 -42.26 14.52
N THR A 861 3.62 -42.22 13.55
CA THR A 861 2.28 -42.73 13.80
C THR A 861 2.28 -44.23 14.02
N SER A 862 3.19 -44.94 13.35
CA SER A 862 3.38 -46.37 13.60
C SER A 862 3.78 -46.63 15.04
N ALA A 863 4.74 -45.85 15.54
CA ALA A 863 5.20 -46.01 16.92
C ALA A 863 4.11 -45.65 17.91
N LEU A 864 3.31 -44.63 17.61
CA LEU A 864 2.23 -44.25 18.52
C LEU A 864 1.13 -45.31 18.54
N LEU A 865 0.83 -45.91 17.39
CA LEU A 865 -0.15 -46.98 17.39
C LEU A 865 0.38 -48.22 18.10
N ALA A 866 1.69 -48.48 17.98
CA ALA A 866 2.30 -49.57 18.73
C ALA A 866 2.21 -49.33 20.23
N GLY A 867 2.43 -48.09 20.64
CA GLY A 867 2.34 -47.77 22.06
C GLY A 867 0.93 -47.86 22.60
N THR A 868 -0.04 -47.35 21.84
CA THR A 868 -1.43 -47.40 22.30
C THR A 868 -1.98 -48.82 22.29
N ILE A 869 -1.51 -49.67 21.38
CA ILE A 869 -1.91 -51.07 21.43
C ILE A 869 -1.26 -51.76 22.63
N THR A 870 0.04 -51.62 22.78
CA THR A 870 0.75 -52.35 23.82
C THR A 870 0.56 -51.73 25.19
N SER A 871 1.00 -50.48 25.36
CA SER A 871 1.15 -49.92 26.69
C SER A 871 0.05 -48.94 27.09
N GLY A 872 -0.88 -48.64 26.18
CA GLY A 872 -2.01 -47.80 26.53
C GLY A 872 -1.60 -46.36 26.80
N TRP A 873 -1.66 -45.96 28.07
CA TRP A 873 -1.15 -44.67 28.47
C TRP A 873 0.16 -44.76 29.22
N THR A 874 0.59 -45.96 29.59
CA THR A 874 1.68 -46.11 30.55
C THR A 874 3.03 -45.73 29.98
N PHE A 875 3.18 -45.71 28.66
CA PHE A 875 4.43 -45.24 28.09
C PHE A 875 4.52 -43.73 28.03
N GLY A 876 3.44 -43.03 28.35
CA GLY A 876 3.49 -41.58 28.43
C GLY A 876 4.28 -41.06 29.60
N ALA A 877 4.50 -41.90 30.61
CA ALA A 877 5.32 -41.55 31.77
C ALA A 877 6.76 -42.04 31.64
N GLY A 878 7.23 -42.19 30.41
CA GLY A 878 8.58 -42.66 30.18
C GLY A 878 8.65 -43.99 29.46
N ALA A 879 9.07 -45.03 30.17
CA ALA A 879 9.23 -46.34 29.55
C ALA A 879 7.88 -46.99 29.31
N ALA A 880 7.87 -47.95 28.39
CA ALA A 880 6.66 -48.68 28.06
C ALA A 880 6.41 -49.80 29.06
N LEU A 881 5.13 -50.14 29.21
CA LEU A 881 4.70 -51.15 30.16
C LEU A 881 3.64 -52.01 29.49
N GLN A 882 3.94 -53.29 29.27
CA GLN A 882 3.05 -54.14 28.50
C GLN A 882 1.78 -54.46 29.28
N ILE A 883 0.64 -54.30 28.63
CA ILE A 883 -0.69 -54.58 29.17
C ILE A 883 -1.49 -55.22 28.04
N PRO A 884 -2.20 -56.33 28.28
CA PRO A 884 -3.07 -56.87 27.24
C PRO A 884 -4.24 -55.94 26.96
N PHE A 885 -4.69 -55.95 25.71
CA PHE A 885 -5.55 -54.89 25.20
C PHE A 885 -6.94 -54.93 25.82
N ALA A 886 -7.39 -56.12 26.22
CA ALA A 886 -8.66 -56.24 26.92
C ALA A 886 -8.64 -55.50 28.24
N MET A 887 -7.52 -55.56 28.96
CA MET A 887 -7.44 -54.82 30.21
C MET A 887 -7.37 -53.32 29.99
N GLN A 888 -6.78 -52.89 28.86
CA GLN A 888 -6.84 -51.47 28.49
C GLN A 888 -8.27 -51.03 28.26
N MET A 889 -9.05 -51.84 27.55
CA MET A 889 -10.45 -51.49 27.32
C MET A 889 -11.26 -51.51 28.60
N ALA A 890 -10.93 -52.42 29.52
CA ALA A 890 -11.64 -52.47 30.80
C ALA A 890 -11.32 -51.24 31.64
N TYR A 891 -10.06 -50.79 31.62
CA TYR A 891 -9.69 -49.60 32.36
C TYR A 891 -10.30 -48.35 31.74
N ARG A 892 -10.41 -48.30 30.41
CA ARG A 892 -11.05 -47.16 29.78
C ARG A 892 -12.55 -47.16 30.02
N PHE A 893 -13.16 -48.33 30.22
CA PHE A 893 -14.55 -48.37 30.64
C PHE A 893 -14.70 -47.91 32.08
N ASN A 894 -13.81 -48.32 32.97
CA ASN A 894 -13.88 -47.86 34.35
C ASN A 894 -13.54 -46.40 34.49
N GLY A 895 -12.88 -45.82 33.49
CA GLY A 895 -12.68 -44.38 33.48
C GLY A 895 -13.96 -43.60 33.31
N ILE A 896 -14.86 -44.07 32.45
CA ILE A 896 -16.11 -43.37 32.21
C ILE A 896 -17.24 -43.92 33.09
N GLY A 897 -16.90 -44.66 34.14
CA GLY A 897 -17.89 -45.15 35.07
C GLY A 897 -18.57 -46.43 34.65
N VAL A 898 -18.30 -46.93 33.45
CA VAL A 898 -18.82 -48.23 33.04
C VAL A 898 -18.10 -49.31 33.82
N THR A 899 -18.87 -50.18 34.47
CA THR A 899 -18.28 -51.31 35.18
C THR A 899 -17.67 -52.28 34.16
N GLN A 900 -16.47 -52.77 34.46
CA GLN A 900 -15.67 -53.52 33.50
C GLN A 900 -16.23 -54.89 33.16
N ASN A 901 -17.28 -55.35 33.85
CA ASN A 901 -17.92 -56.61 33.51
C ASN A 901 -18.62 -56.55 32.17
N VAL A 902 -19.07 -55.36 31.76
CA VAL A 902 -19.78 -55.20 30.50
C VAL A 902 -18.85 -55.49 29.32
N LEU A 903 -17.57 -55.16 29.46
CA LEU A 903 -16.59 -55.49 28.44
C LEU A 903 -16.42 -57.00 28.30
N TYR A 904 -16.17 -57.67 29.42
CA TYR A 904 -15.90 -59.10 29.39
C TYR A 904 -17.11 -59.91 29.00
N GLU A 905 -18.31 -59.40 29.26
CA GLU A 905 -19.52 -60.14 28.89
C GLU A 905 -19.99 -59.83 27.49
N ASN A 906 -19.47 -58.79 26.83
CA ASN A 906 -19.96 -58.39 25.51
C ASN A 906 -18.80 -58.06 24.59
N GLN A 907 -17.79 -58.92 24.58
CA GLN A 907 -16.56 -58.61 23.86
C GLN A 907 -16.73 -58.71 22.35
N LYS A 908 -17.37 -59.78 21.87
CA LYS A 908 -17.44 -60.00 20.43
C LYS A 908 -18.39 -59.04 19.74
N LEU A 909 -19.42 -58.56 20.45
CA LEU A 909 -20.26 -57.51 19.89
C LEU A 909 -19.48 -56.22 19.75
N ILE A 910 -18.58 -55.94 20.70
CA ILE A 910 -17.71 -54.78 20.60
C ILE A 910 -16.74 -54.94 19.44
N ALA A 911 -16.27 -56.16 19.20
CA ALA A 911 -15.41 -56.42 18.04
C ALA A 911 -16.15 -56.20 16.73
N ASN A 912 -17.39 -56.67 16.66
CA ASN A 912 -18.22 -56.49 15.47
C ASN A 912 -18.48 -55.01 15.21
N GLN A 913 -18.90 -54.28 16.23
CA GLN A 913 -19.22 -52.86 16.09
C GLN A 913 -17.98 -52.05 15.76
N PHE A 914 -16.84 -52.41 16.35
CA PHE A 914 -15.59 -51.72 16.10
C PHE A 914 -15.13 -51.90 14.66
N ASN A 915 -15.07 -53.15 14.20
CA ASN A 915 -14.60 -53.41 12.85
C ASN A 915 -15.58 -52.91 11.79
N SER A 916 -16.88 -52.94 12.11
CA SER A 916 -17.86 -52.39 11.19
C SER A 916 -17.75 -50.88 11.10
N ALA A 917 -17.46 -50.21 12.23
CA ALA A 917 -17.24 -48.77 12.18
C ALA A 917 -15.98 -48.43 11.39
N ILE A 918 -14.95 -49.26 11.48
CA ILE A 918 -13.75 -49.06 10.68
C ILE A 918 -14.06 -49.20 9.20
N GLY A 919 -14.87 -50.19 8.83
CA GLY A 919 -15.29 -50.33 7.45
C GLY A 919 -16.14 -49.18 6.97
N LYS A 920 -16.98 -48.64 7.85
CA LYS A 920 -17.82 -47.50 7.50
C LYS A 920 -16.98 -46.25 7.28
N ILE A 921 -15.94 -46.04 8.09
CA ILE A 921 -15.14 -44.84 7.87
C ILE A 921 -14.22 -45.03 6.66
N GLN A 922 -13.87 -46.28 6.34
CA GLN A 922 -13.13 -46.54 5.11
C GLN A 922 -13.95 -46.19 3.88
N ASP A 923 -15.21 -46.64 3.86
CA ASP A 923 -16.09 -46.31 2.74
C ASP A 923 -16.43 -44.83 2.70
N SER A 924 -16.57 -44.19 3.86
CA SER A 924 -16.91 -42.77 3.89
C SER A 924 -15.74 -41.91 3.47
N LEU A 925 -14.51 -42.40 3.60
CA LEU A 925 -13.38 -41.68 3.04
C LEU A 925 -13.16 -42.00 1.56
N SER A 926 -13.47 -43.23 1.14
CA SER A 926 -13.20 -43.59 -0.25
C SER A 926 -14.24 -43.02 -1.20
N SER A 927 -15.52 -43.19 -0.89
CA SER A 927 -16.58 -42.76 -1.79
C SER A 927 -17.00 -41.31 -1.58
N THR A 928 -16.47 -40.63 -0.57
CA THR A 928 -16.82 -39.25 -0.28
C THR A 928 -15.57 -38.50 0.14
N ALA A 929 -15.29 -37.39 -0.53
CA ALA A 929 -14.15 -36.55 -0.22
C ALA A 929 -14.59 -35.22 0.41
N SER A 930 -15.72 -35.21 1.10
CA SER A 930 -16.22 -33.98 1.68
C SER A 930 -15.45 -33.58 2.93
N ALA A 931 -14.85 -34.54 3.63
CA ALA A 931 -14.07 -34.27 4.84
C ALA A 931 -12.59 -34.10 4.55
N LEU A 932 -12.23 -33.63 3.35
CA LEU A 932 -10.84 -33.42 3.00
C LEU A 932 -10.51 -32.00 2.59
N GLY A 933 -11.50 -31.22 2.14
CA GLY A 933 -11.26 -29.86 1.69
C GLY A 933 -10.75 -28.93 2.78
N LYS A 934 -10.96 -29.30 4.05
CA LYS A 934 -10.34 -28.63 5.19
C LYS A 934 -8.83 -28.54 5.03
N LEU A 935 -8.20 -29.60 4.53
CA LEU A 935 -6.77 -29.51 4.21
C LEU A 935 -6.54 -28.69 2.96
N GLN A 936 -7.44 -28.84 1.97
CA GLN A 936 -7.34 -28.08 0.73
C GLN A 936 -7.52 -26.59 0.97
N ASP A 937 -8.30 -26.23 1.98
CA ASP A 937 -8.46 -24.85 2.45
C ASP A 937 -7.13 -24.23 2.89
N VAL A 938 -6.13 -25.04 3.21
CA VAL A 938 -4.78 -24.52 3.27
C VAL A 938 -4.21 -24.39 1.86
N VAL A 939 -4.05 -25.52 1.18
CA VAL A 939 -3.04 -25.64 0.13
C VAL A 939 -3.44 -24.86 -1.10
N ASN A 940 -4.68 -25.08 -1.56
CA ASN A 940 -5.26 -24.31 -2.67
C ASN A 940 -5.22 -22.82 -2.38
N GLN A 941 -5.48 -22.44 -1.12
CA GLN A 941 -5.43 -21.05 -0.71
C GLN A 941 -4.07 -20.45 -0.97
N ASN A 942 -3.02 -21.19 -0.60
CA ASN A 942 -1.66 -20.72 -0.84
C ASN A 942 -1.39 -20.63 -2.33
N ALA A 943 -1.90 -21.61 -3.10
CA ALA A 943 -1.78 -21.55 -4.55
C ALA A 943 -2.49 -20.33 -5.10
N GLN A 944 -3.67 -20.02 -4.56
CA GLN A 944 -4.38 -18.83 -4.96
C GLN A 944 -3.60 -17.59 -4.58
N ALA A 945 -2.96 -17.62 -3.40
CA ALA A 945 -2.07 -16.55 -3.00
C ALA A 945 -0.92 -16.41 -3.98
N LEU A 946 -0.34 -17.54 -4.38
CA LEU A 946 0.72 -17.50 -5.38
C LEU A 946 0.17 -17.04 -6.72
N ASN A 947 -1.06 -17.46 -7.04
CA ASN A 947 -1.68 -17.01 -8.28
C ASN A 947 -1.98 -15.54 -8.22
N THR A 948 -2.26 -15.03 -7.01
CA THR A 948 -2.38 -13.59 -6.81
C THR A 948 -1.11 -12.89 -7.22
N LEU A 949 0.04 -13.43 -6.80
CA LEU A 949 1.32 -12.84 -7.16
C LEU A 949 1.59 -13.03 -8.64
N VAL A 950 1.02 -14.09 -9.23
CA VAL A 950 1.07 -14.28 -10.68
C VAL A 950 0.38 -13.12 -11.38
N LYS A 951 -0.78 -12.70 -10.87
CA LYS A 951 -1.47 -11.57 -11.45
C LYS A 951 -0.77 -10.25 -11.18
N GLN A 952 0.24 -10.24 -10.32
CA GLN A 952 1.05 -9.05 -10.15
C GLN A 952 2.17 -8.97 -11.16
N LEU A 953 2.28 -9.95 -12.06
CA LEU A 953 3.35 -9.89 -13.05
C LEU A 953 3.07 -8.86 -14.13
N SER A 954 1.89 -8.89 -14.73
CA SER A 954 1.58 -8.10 -15.91
C SER A 954 0.69 -6.89 -15.59
N SER A 955 0.92 -6.23 -14.47
CA SER A 955 0.13 -5.05 -14.13
C SER A 955 0.91 -3.79 -14.45
N ASN A 956 0.21 -2.75 -14.91
CA ASN A 956 0.88 -1.53 -15.32
C ASN A 956 1.39 -0.74 -14.12
N PHE A 957 0.58 -0.66 -13.05
CA PHE A 957 0.93 0.04 -11.81
C PHE A 957 1.26 1.51 -12.06
N GLY A 958 0.47 2.16 -12.91
CA GLY A 958 0.68 3.53 -13.27
C GLY A 958 1.70 3.76 -14.37
N ALA A 959 2.46 2.74 -14.75
CA ALA A 959 3.48 2.88 -15.77
C ALA A 959 2.84 2.77 -17.15
N ILE A 960 3.68 2.85 -18.19
CA ILE A 960 3.20 2.75 -19.56
C ILE A 960 2.75 1.32 -19.86
N SER A 961 3.66 0.36 -19.68
CA SER A 961 3.30 -1.05 -19.78
C SER A 961 4.05 -1.81 -18.70
N SER A 962 3.66 -3.06 -18.50
CA SER A 962 4.30 -3.88 -17.47
C SER A 962 5.61 -4.49 -17.94
N VAL A 963 5.99 -4.31 -19.20
CA VAL A 963 7.25 -4.86 -19.69
C VAL A 963 8.39 -3.99 -19.19
N LEU A 964 9.37 -4.63 -18.56
CA LEU A 964 10.43 -3.89 -17.89
C LEU A 964 11.50 -3.42 -18.88
N ASN A 965 12.17 -4.38 -19.53
CA ASN A 965 13.39 -4.06 -20.26
C ASN A 965 13.13 -3.36 -21.59
N ASP A 966 11.92 -3.46 -22.14
CA ASP A 966 11.62 -2.70 -23.36
C ASP A 966 11.48 -1.22 -23.06
N ILE A 967 10.76 -0.89 -21.97
CA ILE A 967 10.69 0.50 -21.51
C ILE A 967 12.07 0.98 -21.06
N LEU A 968 12.88 0.08 -20.50
CA LEU A 968 14.27 0.40 -20.23
C LEU A 968 15.07 0.65 -21.52
N SER A 969 14.64 0.07 -22.64
CA SER A 969 15.35 0.20 -23.91
C SER A 969 14.58 1.00 -24.95
N ARG A 970 13.67 1.87 -24.53
CA ARG A 970 13.00 2.76 -25.48
C ARG A 970 13.06 4.22 -25.09
N LEU A 971 12.99 4.52 -23.80
CA LEU A 971 12.73 5.88 -23.33
C LEU A 971 14.00 6.49 -22.74
N ASP A 972 13.83 7.71 -22.23
CA ASP A 972 14.90 8.43 -21.56
C ASP A 972 15.27 7.74 -20.25
N PRO A 973 16.50 7.92 -19.78
CA PRO A 973 16.87 7.42 -18.45
C PRO A 973 16.03 8.00 -17.32
N PRO A 974 15.70 9.31 -17.24
CA PRO A 974 14.79 9.72 -16.16
C PRO A 974 13.36 9.25 -16.36
N GLU A 975 12.92 9.13 -17.61
CA GLU A 975 11.60 8.55 -17.90
C GLU A 975 11.55 7.10 -17.44
N ALA A 976 12.60 6.34 -17.74
CA ALA A 976 12.68 4.96 -17.25
C ALA A 976 12.79 4.90 -15.74
N GLU A 977 13.43 5.90 -15.11
CA GLU A 977 13.46 5.98 -13.65
C GLU A 977 12.05 6.14 -13.09
N VAL A 978 11.23 6.98 -13.73
CA VAL A 978 9.84 7.17 -13.29
C VAL A 978 9.03 5.89 -13.47
N GLN A 979 9.18 5.23 -14.63
CA GLN A 979 8.42 4.01 -14.92
C GLN A 979 8.79 2.88 -13.97
N ILE A 980 10.10 2.65 -13.79
CA ILE A 980 10.58 1.58 -12.92
C ILE A 980 10.29 1.92 -11.45
N ASP A 981 10.25 3.21 -11.10
CA ASP A 981 9.80 3.62 -9.78
C ASP A 981 8.37 3.19 -9.51
N ARG A 982 7.48 3.46 -10.48
CA ARG A 982 6.09 3.03 -10.38
C ARG A 982 5.99 1.51 -10.27
N LEU A 983 6.75 0.78 -11.08
CA LEU A 983 6.65 -0.68 -11.12
C LEU A 983 7.16 -1.30 -9.83
N ILE A 984 8.32 -0.83 -9.34
CA ILE A 984 8.86 -1.32 -8.08
C ILE A 984 7.92 -1.00 -6.93
N THR A 985 7.31 0.19 -6.96
CA THR A 985 6.37 0.59 -5.92
C THR A 985 5.19 -0.35 -5.84
N GLY A 986 4.52 -0.57 -6.98
CA GLY A 986 3.34 -1.42 -6.99
C GLY A 986 3.63 -2.87 -6.68
N ARG A 987 4.70 -3.42 -7.29
CA ARG A 987 5.05 -4.81 -7.05
C ARG A 987 5.51 -5.03 -5.62
N LEU A 988 6.15 -4.04 -5.00
CA LEU A 988 6.62 -4.23 -3.65
C LEU A 988 5.46 -4.13 -2.67
N GLN A 989 4.49 -3.27 -2.94
CA GLN A 989 3.28 -3.25 -2.13
C GLN A 989 2.52 -4.56 -2.21
N SER A 990 2.43 -5.14 -3.42
CA SER A 990 1.77 -6.43 -3.59
C SER A 990 2.53 -7.54 -2.87
N LEU A 991 3.85 -7.49 -2.94
CA LEU A 991 4.67 -8.50 -2.27
C LEU A 991 4.53 -8.41 -0.75
N GLN A 992 4.46 -7.19 -0.23
CA GLN A 992 4.30 -7.03 1.20
C GLN A 992 2.93 -7.48 1.67
N THR A 993 1.90 -7.26 0.84
CA THR A 993 0.57 -7.78 1.16
C THR A 993 0.57 -9.29 1.21
N TYR A 994 1.28 -9.92 0.27
CA TYR A 994 1.44 -11.37 0.27
C TYR A 994 2.12 -11.86 1.55
N VAL A 995 3.19 -11.17 1.96
CA VAL A 995 3.92 -11.56 3.17
C VAL A 995 3.02 -11.43 4.40
N THR A 996 2.22 -10.36 4.45
CA THR A 996 1.35 -10.13 5.60
C THR A 996 0.28 -11.21 5.72
N GLN A 997 -0.36 -11.55 4.60
CA GLN A 997 -1.37 -12.61 4.64
C GLN A 997 -0.75 -13.97 4.94
N GLN A 998 0.50 -14.21 4.49
CA GLN A 998 1.17 -15.45 4.83
C GLN A 998 1.46 -15.55 6.32
N LEU A 999 1.85 -14.44 6.95
CA LEU A 999 2.02 -14.45 8.40
C LEU A 999 0.71 -14.73 9.13
N ILE A 1000 -0.39 -14.16 8.64
CA ILE A 1000 -1.68 -14.37 9.31
C ILE A 1000 -2.11 -15.82 9.22
N ARG A 1001 -2.00 -16.41 8.02
CA ARG A 1001 -2.33 -17.82 7.85
C ARG A 1001 -1.40 -18.70 8.67
N ALA A 1002 -0.12 -18.30 8.79
CA ALA A 1002 0.82 -19.07 9.59
C ALA A 1002 0.46 -19.07 11.06
N ALA A 1003 -0.01 -17.93 11.57
CA ALA A 1003 -0.42 -17.85 12.97
C ALA A 1003 -1.65 -18.72 13.23
N GLU A 1004 -2.60 -18.69 12.29
CA GLU A 1004 -3.78 -19.56 12.39
C GLU A 1004 -3.38 -21.03 12.39
N ILE A 1005 -2.43 -21.40 11.52
CA ILE A 1005 -1.96 -22.77 11.46
C ILE A 1005 -1.22 -23.16 12.74
N ARG A 1006 -0.51 -22.22 13.36
CA ARG A 1006 0.15 -22.53 14.62
C ARG A 1006 -0.85 -22.79 15.75
N ALA A 1007 -1.95 -22.03 15.77
CA ALA A 1007 -2.98 -22.28 16.77
C ALA A 1007 -3.61 -23.66 16.56
N SER A 1008 -3.87 -24.01 15.30
CA SER A 1008 -4.36 -25.35 14.99
C SER A 1008 -3.34 -26.43 15.35
N ALA A 1009 -2.05 -26.09 15.25
CA ALA A 1009 -1.00 -27.06 15.56
C ALA A 1009 -0.92 -27.32 17.06
N ASN A 1010 -1.11 -26.28 17.86
CA ASN A 1010 -1.18 -26.46 19.30
C ASN A 1010 -2.40 -27.29 19.69
N LEU A 1011 -3.53 -27.07 18.98
CA LEU A 1011 -4.70 -27.92 19.19
C LEU A 1011 -4.40 -29.38 18.86
N ALA A 1012 -3.69 -29.61 17.76
CA ALA A 1012 -3.38 -30.98 17.33
C ALA A 1012 -2.44 -31.67 18.31
N ALA A 1013 -1.44 -30.94 18.80
CA ALA A 1013 -0.50 -31.54 19.75
C ALA A 1013 -1.16 -31.82 21.09
N THR A 1014 -2.04 -30.91 21.53
CA THR A 1014 -2.77 -31.15 22.77
C THR A 1014 -3.74 -32.32 22.62
N LYS A 1015 -4.31 -32.50 21.43
CA LYS A 1015 -5.18 -33.66 21.23
C LYS A 1015 -4.40 -34.95 21.15
N MET A 1016 -3.19 -34.94 20.60
CA MET A 1016 -2.35 -36.14 20.68
C MET A 1016 -1.98 -36.46 22.11
N SER A 1017 -1.70 -35.43 22.91
CA SER A 1017 -1.32 -35.67 24.29
C SER A 1017 -2.50 -35.96 25.20
N GLU A 1018 -3.73 -35.70 24.75
CA GLU A 1018 -4.88 -35.87 25.62
C GLU A 1018 -5.99 -36.74 25.06
N CYS A 1019 -6.02 -37.02 23.76
CA CYS A 1019 -6.99 -37.98 23.23
C CYS A 1019 -6.34 -39.29 22.79
N VAL A 1020 -5.06 -39.26 22.44
CA VAL A 1020 -4.35 -40.46 22.01
C VAL A 1020 -3.56 -41.04 23.17
N LEU A 1021 -2.70 -40.23 23.77
CA LEU A 1021 -1.86 -40.70 24.85
C LEU A 1021 -2.66 -40.93 26.12
N GLY A 1022 -3.79 -40.25 26.28
CA GLY A 1022 -4.56 -40.34 27.50
C GLY A 1022 -6.04 -40.44 27.21
N GLN A 1023 -6.76 -40.94 28.20
CA GLN A 1023 -8.22 -41.09 28.14
C GLN A 1023 -8.82 -39.89 28.86
N SER A 1024 -9.21 -38.88 28.09
CA SER A 1024 -9.68 -37.63 28.67
C SER A 1024 -11.12 -37.74 29.15
N LYS A 1025 -11.41 -37.08 30.27
CA LYS A 1025 -12.76 -36.96 30.77
C LYS A 1025 -13.48 -35.76 30.20
N ARG A 1026 -12.80 -34.93 29.42
CA ARG A 1026 -13.37 -33.68 28.93
C ARG A 1026 -14.38 -33.97 27.82
N VAL A 1027 -15.62 -33.54 28.02
CA VAL A 1027 -16.69 -33.85 27.08
C VAL A 1027 -16.51 -33.00 25.83
N ASP A 1028 -16.53 -33.67 24.66
CA ASP A 1028 -16.33 -33.08 23.33
C ASP A 1028 -14.99 -32.37 23.21
N PHE A 1029 -13.97 -32.88 23.89
CA PHE A 1029 -12.63 -32.50 23.54
C PHE A 1029 -11.99 -33.51 22.59
N CYS A 1030 -12.52 -34.72 22.57
CA CYS A 1030 -12.00 -35.81 21.75
C CYS A 1030 -13.10 -36.38 20.86
N GLY A 1031 -13.92 -35.50 20.27
CA GLY A 1031 -15.02 -35.94 19.46
C GLY A 1031 -16.29 -36.16 20.26
N LYS A 1032 -17.33 -36.60 19.55
CA LYS A 1032 -18.64 -36.81 20.17
C LYS A 1032 -18.60 -38.07 21.04
N GLY A 1033 -19.04 -37.94 22.28
CA GLY A 1033 -19.26 -39.07 23.15
C GLY A 1033 -18.27 -39.12 24.29
N TYR A 1034 -18.48 -40.11 25.16
CA TYR A 1034 -17.51 -40.42 26.19
C TYR A 1034 -16.27 -40.99 25.53
N HIS A 1035 -15.14 -40.31 25.72
CA HIS A 1035 -13.92 -40.71 25.03
C HIS A 1035 -13.31 -41.96 25.64
N LEU A 1036 -12.87 -42.86 24.76
CA LEU A 1036 -12.09 -44.03 25.17
C LEU A 1036 -10.65 -43.91 24.71
N MET A 1037 -10.43 -43.75 23.41
CA MET A 1037 -9.11 -43.82 22.82
C MET A 1037 -9.19 -43.30 21.39
N SER A 1038 -8.16 -42.58 20.96
CA SER A 1038 -8.14 -42.01 19.64
C SER A 1038 -6.91 -42.47 18.88
N PHE A 1039 -7.06 -42.57 17.55
CA PHE A 1039 -6.00 -43.12 16.71
C PHE A 1039 -5.47 -42.03 15.79
N PRO A 1040 -4.20 -41.68 15.89
CA PRO A 1040 -3.64 -40.68 14.98
C PRO A 1040 -3.36 -41.29 13.61
N GLN A 1041 -3.67 -40.54 12.58
CA GLN A 1041 -3.40 -40.96 11.21
C GLN A 1041 -2.72 -39.83 10.46
N SER A 1042 -1.72 -40.19 9.66
CA SER A 1042 -0.97 -39.21 8.89
C SER A 1042 -1.82 -38.67 7.74
N ALA A 1043 -1.46 -37.47 7.28
CA ALA A 1043 -2.17 -36.79 6.22
C ALA A 1043 -1.22 -35.80 5.57
N PRO A 1044 -1.42 -35.45 4.29
CA PRO A 1044 -0.63 -34.38 3.68
C PRO A 1044 -0.92 -33.05 4.36
N HIS A 1045 0.13 -32.47 4.95
CA HIS A 1045 0.12 -31.21 5.70
C HIS A 1045 -0.81 -31.23 6.90
N GLY A 1046 -1.17 -32.40 7.40
CA GLY A 1046 -2.15 -32.45 8.46
C GLY A 1046 -2.11 -33.78 9.18
N VAL A 1047 -3.04 -33.95 10.11
CA VAL A 1047 -3.13 -35.16 10.90
C VAL A 1047 -4.61 -35.50 11.06
N VAL A 1048 -4.89 -36.79 11.25
CA VAL A 1048 -6.25 -37.30 11.32
C VAL A 1048 -6.40 -38.10 12.60
N PHE A 1049 -7.44 -37.81 13.37
CA PHE A 1049 -7.77 -38.58 14.56
C PHE A 1049 -8.97 -39.48 14.29
N LEU A 1050 -8.99 -40.62 14.97
CA LEU A 1050 -10.07 -41.58 14.87
C LEU A 1050 -10.62 -41.81 16.26
N HIS A 1051 -11.75 -41.20 16.57
CA HIS A 1051 -12.23 -41.12 17.94
C HIS A 1051 -13.12 -42.31 18.27
N VAL A 1052 -12.52 -43.34 18.88
CA VAL A 1052 -13.29 -44.46 19.40
C VAL A 1052 -13.94 -44.00 20.71
N THR A 1053 -15.25 -43.78 20.68
CA THR A 1053 -15.96 -43.22 21.81
C THR A 1053 -17.12 -44.11 22.23
N TYR A 1054 -17.73 -43.75 23.35
CA TYR A 1054 -18.86 -44.47 23.91
C TYR A 1054 -20.13 -43.71 23.64
N VAL A 1055 -21.16 -44.40 23.14
CA VAL A 1055 -22.47 -43.82 22.90
C VAL A 1055 -23.52 -44.78 23.45
N PRO A 1056 -24.38 -44.36 24.37
CA PRO A 1056 -25.48 -45.23 24.79
C PRO A 1056 -26.52 -45.36 23.69
N ALA A 1057 -27.11 -46.55 23.56
CA ALA A 1057 -28.00 -46.84 22.44
C ALA A 1057 -29.48 -46.70 22.80
N GLN A 1058 -29.96 -47.46 23.78
CA GLN A 1058 -31.37 -47.45 24.10
C GLN A 1058 -31.56 -47.58 25.60
N GLU A 1059 -32.72 -47.13 26.05
CA GLU A 1059 -33.01 -46.99 27.48
C GLU A 1059 -34.46 -47.37 27.71
N LYS A 1060 -34.91 -47.20 28.95
CA LYS A 1060 -36.28 -47.54 29.31
C LYS A 1060 -36.68 -46.74 30.54
N ASN A 1061 -37.94 -46.29 30.58
CA ASN A 1061 -38.44 -45.51 31.71
C ASN A 1061 -38.46 -46.34 32.98
N PHE A 1062 -37.77 -45.85 34.00
CA PHE A 1062 -37.55 -46.58 35.24
C PHE A 1062 -37.97 -45.75 36.44
N THR A 1063 -38.49 -46.42 37.46
CA THR A 1063 -38.91 -45.75 38.68
C THR A 1063 -37.70 -45.54 39.59
N THR A 1064 -37.49 -44.30 40.03
CA THR A 1064 -36.34 -43.97 40.84
C THR A 1064 -36.76 -43.26 42.11
N ALA A 1065 -35.81 -43.17 43.04
CA ALA A 1065 -36.00 -42.55 44.34
C ALA A 1065 -34.63 -42.16 44.88
N PRO A 1066 -34.52 -41.07 45.64
CA PRO A 1066 -33.20 -40.64 46.10
C PRO A 1066 -32.61 -41.53 47.19
N ALA A 1067 -33.42 -42.04 48.10
CA ALA A 1067 -32.88 -42.74 49.24
C ALA A 1067 -33.87 -43.80 49.72
N ILE A 1068 -33.35 -44.79 50.42
CA ILE A 1068 -34.14 -45.90 50.95
C ILE A 1068 -34.09 -45.82 52.47
N CYS A 1069 -35.24 -45.92 53.10
CA CYS A 1069 -35.36 -45.92 54.55
C CYS A 1069 -35.76 -47.31 55.01
N HIS A 1070 -34.91 -47.94 55.81
CA HIS A 1070 -35.16 -49.34 56.20
C HIS A 1070 -36.15 -49.43 57.35
N ASP A 1071 -35.74 -48.98 58.53
CA ASP A 1071 -36.58 -49.02 59.73
C ASP A 1071 -36.38 -47.74 60.53
N GLY A 1072 -36.40 -46.61 59.84
CA GLY A 1072 -36.06 -45.34 60.45
C GLY A 1072 -34.67 -44.86 60.14
N LYS A 1073 -33.89 -45.63 59.39
CA LYS A 1073 -32.53 -45.26 59.01
C LYS A 1073 -32.46 -45.07 57.51
N ALA A 1074 -31.98 -43.91 57.09
CA ALA A 1074 -31.86 -43.61 55.67
C ALA A 1074 -30.60 -44.23 55.10
N HIS A 1075 -30.70 -44.71 53.86
CA HIS A 1075 -29.58 -45.33 53.16
C HIS A 1075 -29.25 -44.51 51.93
N PHE A 1076 -28.00 -44.06 51.85
CA PHE A 1076 -27.51 -43.26 50.75
C PHE A 1076 -26.52 -44.07 49.95
N PRO A 1077 -26.70 -44.19 48.63
CA PRO A 1077 -25.87 -45.11 47.85
C PRO A 1077 -24.43 -44.62 47.71
N ARG A 1078 -23.50 -45.56 47.74
CA ARG A 1078 -22.11 -45.22 47.48
C ARG A 1078 -21.89 -44.87 46.02
N GLU A 1079 -22.66 -45.47 45.12
CA GLU A 1079 -22.44 -45.30 43.70
C GLU A 1079 -23.74 -45.58 42.96
N GLY A 1080 -23.97 -44.83 41.89
CA GLY A 1080 -25.09 -45.10 41.02
C GLY A 1080 -26.41 -44.58 41.55
N VAL A 1081 -27.48 -45.08 40.94
CA VAL A 1081 -28.82 -44.61 41.24
C VAL A 1081 -29.60 -45.73 41.92
N PHE A 1082 -30.81 -45.41 42.34
CA PHE A 1082 -31.77 -46.38 42.84
C PHE A 1082 -32.85 -46.59 41.78
N VAL A 1083 -33.02 -47.82 41.34
CA VAL A 1083 -34.01 -48.13 40.32
C VAL A 1083 -34.99 -49.14 40.87
N SER A 1084 -36.20 -49.09 40.32
CA SER A 1084 -37.22 -50.10 40.57
C SER A 1084 -37.54 -50.79 39.25
N ASN A 1085 -37.91 -52.07 39.34
CA ASN A 1085 -38.49 -52.76 38.20
C ASN A 1085 -39.87 -52.23 37.84
N GLY A 1086 -40.49 -51.48 38.75
CA GLY A 1086 -41.86 -51.04 38.65
C GLY A 1086 -42.50 -51.24 40.01
N THR A 1087 -42.07 -52.29 40.70
CA THR A 1087 -42.53 -52.58 42.06
C THR A 1087 -41.41 -52.70 43.07
N HIS A 1088 -40.32 -53.38 42.73
CA HIS A 1088 -39.27 -53.73 43.68
C HIS A 1088 -37.98 -53.03 43.34
N TRP A 1089 -37.29 -52.53 44.37
CA TRP A 1089 -36.17 -51.62 44.19
C TRP A 1089 -34.85 -52.36 44.02
N PHE A 1090 -34.07 -51.92 43.05
CA PHE A 1090 -32.72 -52.40 42.74
C PHE A 1090 -31.74 -51.23 42.73
N VAL A 1091 -30.53 -51.50 42.27
CA VAL A 1091 -29.47 -50.50 42.20
C VAL A 1091 -28.60 -50.80 40.98
N THR A 1092 -28.21 -49.75 40.27
CA THR A 1092 -27.42 -49.89 39.05
C THR A 1092 -26.48 -48.71 38.92
N GLN A 1093 -25.77 -48.66 37.79
CA GLN A 1093 -24.79 -47.62 37.53
C GLN A 1093 -25.42 -46.50 36.70
N ARG A 1094 -24.74 -45.34 36.73
CA ARG A 1094 -25.31 -44.14 36.13
C ARG A 1094 -25.30 -44.17 34.62
N ASN A 1095 -24.44 -44.97 34.02
CA ASN A 1095 -24.32 -45.02 32.57
C ASN A 1095 -24.64 -46.39 31.99
N PHE A 1096 -25.05 -47.35 32.82
CA PHE A 1096 -25.43 -48.66 32.31
C PHE A 1096 -26.42 -49.30 33.26
N TYR A 1097 -27.36 -50.07 32.69
CA TYR A 1097 -28.45 -50.70 33.44
C TYR A 1097 -28.03 -52.10 33.85
N GLU A 1098 -27.38 -52.21 35.01
CA GLU A 1098 -27.03 -53.50 35.60
C GLU A 1098 -27.71 -53.58 36.95
N PRO A 1099 -28.90 -54.17 37.02
CA PRO A 1099 -29.63 -54.25 38.28
C PRO A 1099 -28.92 -55.15 39.28
N GLN A 1100 -28.88 -54.69 40.53
CA GLN A 1100 -28.30 -55.45 41.61
C GLN A 1100 -29.26 -55.48 42.77
N ILE A 1101 -29.11 -56.52 43.60
CA ILE A 1101 -29.82 -56.59 44.86
C ILE A 1101 -29.29 -55.50 45.77
N ILE A 1102 -30.17 -54.71 46.36
CA ILE A 1102 -29.75 -53.60 47.21
C ILE A 1102 -29.18 -54.17 48.50
N THR A 1103 -27.90 -53.94 48.72
CA THR A 1103 -27.20 -54.40 49.90
C THR A 1103 -26.78 -53.21 50.75
N THR A 1104 -26.26 -53.51 51.94
CA THR A 1104 -25.64 -52.48 52.75
C THR A 1104 -24.27 -52.10 52.22
N ASP A 1105 -23.70 -52.92 51.34
CA ASP A 1105 -22.43 -52.58 50.72
C ASP A 1105 -22.59 -51.50 49.65
N ASN A 1106 -23.77 -51.42 49.04
CA ASN A 1106 -24.02 -50.39 48.05
C ASN A 1106 -24.28 -49.03 48.67
N THR A 1107 -24.74 -49.01 49.92
CA THR A 1107 -25.15 -47.77 50.57
C THR A 1107 -24.33 -47.53 51.83
N PHE A 1108 -24.73 -46.50 52.58
CA PHE A 1108 -24.24 -46.26 53.92
C PHE A 1108 -25.31 -45.49 54.68
N VAL A 1109 -25.44 -45.80 55.97
CA VAL A 1109 -26.51 -45.26 56.79
C VAL A 1109 -26.15 -43.85 57.23
N SER A 1110 -27.09 -42.92 57.10
CA SER A 1110 -26.84 -41.54 57.53
C SER A 1110 -28.14 -40.97 58.08
N GLY A 1111 -28.28 -41.02 59.40
CA GLY A 1111 -29.34 -40.30 60.07
C GLY A 1111 -30.73 -40.93 59.93
N ASN A 1112 -31.72 -40.14 60.30
CA ASN A 1112 -33.11 -40.56 60.28
C ASN A 1112 -33.69 -40.37 58.88
N CYS A 1113 -35.02 -40.45 58.78
CA CYS A 1113 -35.71 -40.35 57.51
C CYS A 1113 -36.70 -39.20 57.47
N ASP A 1114 -36.65 -38.28 58.42
CA ASP A 1114 -37.52 -37.12 58.45
C ASP A 1114 -36.91 -35.92 57.76
N VAL A 1115 -35.80 -36.10 57.04
CA VAL A 1115 -35.09 -35.02 56.37
C VAL A 1115 -35.10 -35.21 54.86
N VAL A 1116 -34.92 -36.45 54.41
CA VAL A 1116 -34.71 -36.74 52.99
C VAL A 1116 -36.00 -36.54 52.22
N ILE A 1117 -35.99 -35.59 51.29
CA ILE A 1117 -37.18 -35.26 50.51
C ILE A 1117 -37.33 -36.30 49.41
N GLY A 1118 -38.45 -37.03 49.43
CA GLY A 1118 -38.70 -38.05 48.44
C GLY A 1118 -38.27 -39.45 48.85
N ILE A 1119 -37.98 -39.68 50.12
CA ILE A 1119 -37.52 -40.98 50.57
C ILE A 1119 -38.70 -41.93 50.64
N VAL A 1120 -38.43 -43.23 50.45
CA VAL A 1120 -39.44 -44.27 50.56
C VAL A 1120 -39.03 -45.25 51.64
N ASN A 1121 -40.01 -45.95 52.19
CA ASN A 1121 -39.79 -46.94 53.23
C ASN A 1121 -39.81 -48.32 52.58
N ASN A 1122 -38.62 -48.88 52.38
CA ASN A 1122 -38.47 -50.23 51.86
C ASN A 1122 -37.47 -50.97 52.74
N THR A 1123 -37.63 -52.28 52.81
CA THR A 1123 -36.74 -53.13 53.60
C THR A 1123 -35.38 -53.21 52.91
N VAL A 1124 -34.38 -52.59 53.52
CA VAL A 1124 -33.01 -52.77 53.06
C VAL A 1124 -32.57 -54.18 53.36
N TYR A 1125 -32.23 -54.92 52.30
CA TYR A 1125 -31.71 -56.27 52.46
C TYR A 1125 -30.33 -56.21 53.09
N ASP A 1126 -30.21 -56.79 54.28
CA ASP A 1126 -28.91 -56.89 54.95
C ASP A 1126 -28.23 -58.17 54.50
N PRO A 1127 -27.08 -58.09 53.82
CA PRO A 1127 -26.42 -59.31 53.35
C PRO A 1127 -25.44 -59.93 54.34
N LEU A 1128 -25.26 -59.35 55.52
CA LEU A 1128 -24.21 -59.76 56.44
C LEU A 1128 -24.66 -60.84 57.42
N GLN A 1129 -25.67 -60.55 58.22
CA GLN A 1129 -26.26 -61.48 59.19
C GLN A 1129 -26.83 -62.79 58.65
N PRO A 1130 -27.47 -62.88 57.47
CA PRO A 1130 -27.88 -64.21 56.98
C PRO A 1130 -26.77 -65.07 56.39
N GLU A 1131 -25.50 -64.69 56.52
CA GLU A 1131 -24.42 -65.54 56.04
C GLU A 1131 -24.17 -66.73 56.95
N LEU A 1132 -24.70 -66.71 58.17
CA LEU A 1132 -24.51 -67.79 59.12
C LEU A 1132 -25.29 -69.04 58.72
N GLN B 1 -11.59 68.98 11.39
CA GLN B 1 -11.51 69.77 12.62
C GLN B 1 -10.21 69.51 13.37
N CYS B 2 -9.95 70.35 14.38
CA CYS B 2 -8.81 70.17 15.27
C CYS B 2 -9.16 70.43 16.73
N VAL B 3 -10.45 70.64 17.05
CA VAL B 3 -10.85 70.91 18.42
C VAL B 3 -10.76 69.64 19.24
N ASN B 4 -10.09 69.71 20.38
CA ASN B 4 -9.89 68.54 21.21
C ASN B 4 -11.16 68.20 21.98
N LEU B 5 -11.10 67.07 22.70
CA LEU B 5 -12.19 66.66 23.55
C LEU B 5 -12.23 67.54 24.80
N THR B 6 -13.43 67.68 25.37
CA THR B 6 -13.58 68.53 26.55
C THR B 6 -12.99 67.89 27.79
N THR B 7 -13.30 66.62 28.03
CA THR B 7 -12.86 65.87 29.20
C THR B 7 -12.15 64.59 28.79
N ARG B 8 -11.20 64.71 27.87
CA ARG B 8 -10.37 63.55 27.50
C ARG B 8 -9.46 63.20 28.68
N THR B 9 -9.67 62.02 29.25
CA THR B 9 -8.89 61.56 30.38
C THR B 9 -7.81 60.60 29.89
N GLN B 10 -6.56 60.88 30.28
CA GLN B 10 -5.43 60.02 29.91
C GLN B 10 -5.45 58.82 30.84
N LEU B 11 -6.26 57.82 30.49
CA LEU B 11 -6.41 56.58 31.24
C LEU B 11 -5.72 55.43 30.52
N PRO B 12 -5.13 54.50 31.26
CA PRO B 12 -4.47 53.36 30.61
C PRO B 12 -5.50 52.38 30.09
N PRO B 13 -5.13 51.58 29.08
CA PRO B 13 -6.07 50.57 28.56
C PRO B 13 -6.21 49.36 29.47
N ALA B 14 -7.14 49.43 30.43
CA ALA B 14 -7.34 48.38 31.41
C ALA B 14 -7.85 47.09 30.75
N TYR B 15 -7.83 46.00 31.51
CA TYR B 15 -7.98 44.65 30.98
C TYR B 15 -9.08 43.90 31.71
N THR B 16 -9.87 43.14 30.95
CA THR B 16 -10.83 42.18 31.47
C THR B 16 -10.66 40.86 30.72
N ASN B 17 -11.50 39.88 31.01
CA ASN B 17 -11.33 38.54 30.46
C ASN B 17 -12.55 38.11 29.66
N SER B 18 -12.30 37.65 28.43
CA SER B 18 -13.33 37.08 27.58
C SER B 18 -13.61 35.66 28.06
N PHE B 19 -14.75 35.45 28.70
CA PHE B 19 -15.00 34.19 29.37
C PHE B 19 -15.35 33.09 28.37
N THR B 20 -16.48 33.22 27.69
CA THR B 20 -16.84 32.33 26.59
C THR B 20 -17.20 33.10 25.34
N ARG B 21 -16.88 34.38 25.26
CA ARG B 21 -17.31 35.20 24.15
C ARG B 21 -16.50 34.87 22.90
N GLY B 22 -17.03 35.29 21.75
CA GLY B 22 -16.34 35.09 20.50
C GLY B 22 -16.45 33.67 19.98
N VAL B 23 -17.67 33.14 19.93
CA VAL B 23 -17.94 31.82 19.37
C VAL B 23 -18.84 32.05 18.17
N TYR B 24 -18.26 31.99 16.98
CA TYR B 24 -18.99 32.27 15.75
C TYR B 24 -19.18 30.99 14.93
N TYR B 25 -20.16 31.04 14.04
CA TYR B 25 -20.33 29.98 13.07
C TYR B 25 -19.16 30.04 12.09
N PRO B 26 -18.41 28.95 11.91
CA PRO B 26 -17.25 29.00 11.01
C PRO B 26 -17.60 29.17 9.55
N ASP B 27 -18.82 28.80 9.15
CA ASP B 27 -19.28 28.91 7.78
C ASP B 27 -20.80 28.95 7.80
N LYS B 28 -21.41 28.82 6.61
CA LYS B 28 -22.85 28.79 6.48
C LYS B 28 -23.41 27.39 6.36
N VAL B 29 -22.83 26.46 7.12
CA VAL B 29 -23.07 25.03 6.98
C VAL B 29 -23.82 24.53 8.20
N PHE B 30 -24.96 23.89 7.97
CA PHE B 30 -25.78 23.34 9.04
C PHE B 30 -25.20 22.02 9.53
N ARG B 31 -25.25 21.82 10.84
CA ARG B 31 -24.91 20.56 11.47
C ARG B 31 -26.08 20.14 12.35
N SER B 32 -26.04 18.92 12.86
CA SER B 32 -27.09 18.44 13.74
C SER B 32 -26.53 17.35 14.63
N SER B 33 -26.49 17.62 15.94
CA SER B 33 -26.23 16.63 16.99
C SER B 33 -24.83 16.02 16.88
N VAL B 34 -23.88 16.75 16.30
CA VAL B 34 -22.53 16.27 16.15
C VAL B 34 -21.59 17.14 16.98
N LEU B 35 -20.45 16.58 17.33
CA LEU B 35 -19.41 17.31 18.06
C LEU B 35 -18.28 17.60 17.07
N HIS B 36 -18.47 18.64 16.27
CA HIS B 36 -17.45 19.07 15.33
C HIS B 36 -16.37 19.85 16.05
N SER B 37 -15.16 19.83 15.50
CA SER B 37 -14.09 20.68 16.01
C SER B 37 -13.18 21.07 14.85
N THR B 38 -12.74 22.32 14.85
CA THR B 38 -11.89 22.82 13.79
C THR B 38 -11.07 24.00 14.30
N GLN B 39 -10.14 24.45 13.45
CA GLN B 39 -9.27 25.58 13.73
C GLN B 39 -9.64 26.75 12.83
N ASP B 40 -9.85 27.92 13.44
CA ASP B 40 -10.01 29.16 12.70
C ASP B 40 -9.66 30.30 13.65
N LEU B 41 -9.66 31.52 13.11
CA LEU B 41 -9.27 32.72 13.86
C LEU B 41 -10.33 33.02 14.90
N PHE B 42 -10.07 32.64 16.14
CA PHE B 42 -11.04 32.67 17.23
C PHE B 42 -10.71 33.77 18.20
N LEU B 43 -11.66 34.05 19.09
CA LEU B 43 -11.38 34.81 20.29
C LEU B 43 -10.91 33.85 21.37
N PRO B 44 -9.68 33.97 21.84
CA PRO B 44 -9.20 33.02 22.86
C PRO B 44 -9.88 33.24 24.19
N PHE B 45 -10.12 32.14 24.90
CA PHE B 45 -10.80 32.21 26.18
C PHE B 45 -9.91 32.83 27.25
N PHE B 46 -10.53 33.61 28.11
CA PHE B 46 -9.97 34.09 29.38
C PHE B 46 -8.79 35.04 29.18
N SER B 47 -8.63 35.59 27.99
CA SER B 47 -7.50 36.45 27.68
C SER B 47 -7.85 37.91 27.98
N ASN B 48 -6.81 38.75 28.00
CA ASN B 48 -7.00 40.17 28.26
C ASN B 48 -7.69 40.84 27.09
N VAL B 49 -8.99 41.07 27.23
CA VAL B 49 -9.70 42.00 26.35
C VAL B 49 -9.65 43.38 27.00
N THR B 50 -9.49 44.40 26.16
CA THR B 50 -9.19 45.74 26.65
C THR B 50 -10.46 46.39 27.21
N TRP B 51 -10.40 46.77 28.50
CA TRP B 51 -11.55 47.36 29.20
C TRP B 51 -11.68 48.83 28.79
N PHE B 52 -12.24 49.02 27.61
CA PHE B 52 -12.63 50.37 27.19
C PHE B 52 -13.98 50.74 27.75
N HIS B 53 -14.20 52.05 27.87
CA HIS B 53 -15.36 52.59 28.57
C HIS B 53 -15.46 54.08 28.30
N ALA B 54 -16.65 54.62 28.54
CA ALA B 54 -16.88 56.04 28.70
C ALA B 54 -17.69 56.23 29.96
N ILE B 55 -17.26 57.13 30.84
CA ILE B 55 -17.89 57.27 32.15
C ILE B 55 -17.66 58.69 32.67
N HIS B 56 -18.60 59.17 33.48
CA HIS B 56 -18.54 60.49 34.08
C HIS B 56 -17.44 60.56 35.13
N LYS B 64 -16.86 61.59 31.21
CA LYS B 64 -15.77 62.48 31.58
C LYS B 64 -14.44 61.74 31.53
N ARG B 65 -14.51 60.43 31.26
CA ARG B 65 -13.33 59.57 31.18
C ARG B 65 -13.49 58.68 29.94
N PHE B 66 -12.85 59.08 28.84
CA PHE B 66 -12.98 58.33 27.60
C PHE B 66 -11.79 58.61 26.69
N ASP B 67 -11.31 57.56 26.00
CA ASP B 67 -10.32 57.67 24.95
C ASP B 67 -10.78 56.85 23.74
N ASN B 68 -10.26 57.23 22.56
CA ASN B 68 -10.36 56.40 21.36
C ASN B 68 -9.13 56.66 20.52
N PRO B 69 -8.07 55.90 20.72
CA PRO B 69 -6.93 55.97 19.79
C PRO B 69 -7.18 55.11 18.56
N VAL B 70 -6.18 55.01 17.71
CA VAL B 70 -6.26 54.13 16.56
C VAL B 70 -5.99 52.70 17.02
N LEU B 71 -6.89 51.78 16.68
CA LEU B 71 -6.70 50.44 17.22
C LEU B 71 -5.95 49.56 16.24
N PRO B 72 -5.11 48.64 16.72
CA PRO B 72 -4.38 47.76 15.83
C PRO B 72 -5.25 46.62 15.31
N PHE B 73 -4.86 46.11 14.15
CA PHE B 73 -5.64 45.14 13.38
C PHE B 73 -4.72 44.00 12.96
N ASN B 74 -4.06 43.40 13.96
CA ASN B 74 -3.07 42.34 13.77
C ASN B 74 -3.60 41.14 13.00
N ASP B 75 -4.56 40.42 13.57
CA ASP B 75 -5.10 39.21 12.97
C ASP B 75 -6.61 39.21 13.00
N GLY B 76 -7.21 40.37 12.78
CA GLY B 76 -8.65 40.47 12.98
C GLY B 76 -8.99 40.80 14.42
N VAL B 77 -10.11 41.49 14.60
CA VAL B 77 -10.50 42.00 15.90
C VAL B 77 -11.90 41.55 16.25
N TYR B 78 -12.12 41.34 17.54
CA TYR B 78 -13.44 41.15 18.10
C TYR B 78 -13.91 42.44 18.74
N PHE B 79 -15.21 42.70 18.67
CA PHE B 79 -15.77 43.93 19.21
C PHE B 79 -17.11 43.61 19.87
N ALA B 80 -17.22 43.97 21.14
CA ALA B 80 -18.47 43.84 21.89
C ALA B 80 -18.76 45.18 22.55
N SER B 81 -19.97 45.68 22.36
CA SER B 81 -20.33 47.00 22.82
C SER B 81 -21.71 47.00 23.44
N THR B 82 -21.82 47.59 24.63
CA THR B 82 -23.11 47.94 25.20
C THR B 82 -23.46 49.35 24.72
N GLU B 83 -23.99 49.42 23.50
CA GLU B 83 -24.43 50.70 22.97
C GLU B 83 -25.74 51.11 23.65
N LYS B 84 -25.62 51.67 24.84
CA LYS B 84 -26.78 52.18 25.56
C LYS B 84 -27.08 53.62 25.19
N SER B 85 -26.30 54.19 24.27
CA SER B 85 -26.61 55.48 23.68
C SER B 85 -26.41 55.48 22.16
N ASN B 86 -26.07 54.33 21.57
CA ASN B 86 -25.77 54.16 20.13
C ASN B 86 -24.67 55.11 19.69
N ILE B 87 -23.55 55.05 20.42
CA ILE B 87 -22.43 55.94 20.13
C ILE B 87 -21.57 55.42 18.98
N ILE B 88 -21.43 54.11 18.85
CA ILE B 88 -20.49 53.51 17.91
C ILE B 88 -21.19 53.34 16.57
N ARG B 89 -20.62 53.91 15.50
CA ARG B 89 -21.12 53.67 14.16
C ARG B 89 -20.12 52.96 13.27
N GLY B 90 -18.96 53.55 13.01
CA GLY B 90 -18.12 53.14 11.90
C GLY B 90 -16.69 52.87 12.33
N TRP B 91 -15.89 52.47 11.33
CA TRP B 91 -14.50 52.08 11.55
C TRP B 91 -13.71 52.53 10.32
N ILE B 92 -13.06 53.68 10.43
CA ILE B 92 -12.21 54.17 9.34
C ILE B 92 -11.05 53.21 9.14
N PHE B 93 -10.86 52.79 7.90
CA PHE B 93 -9.88 51.77 7.55
C PHE B 93 -8.77 52.38 6.69
N GLY B 94 -7.88 51.53 6.22
CA GLY B 94 -6.68 51.95 5.52
C GLY B 94 -5.45 51.80 6.40
N THR B 95 -4.30 51.79 5.73
CA THR B 95 -3.03 51.59 6.42
C THR B 95 -2.67 52.79 7.28
N THR B 96 -2.79 53.99 6.70
CA THR B 96 -2.48 55.23 7.42
C THR B 96 -3.73 56.09 7.62
N LEU B 97 -4.91 55.53 7.32
CA LEU B 97 -6.23 56.16 7.55
C LEU B 97 -6.39 57.47 6.77
N ASP B 98 -5.63 57.64 5.70
CA ASP B 98 -5.50 58.91 5.03
C ASP B 98 -6.62 59.05 3.99
N SER B 99 -6.70 60.23 3.37
CA SER B 99 -7.48 60.41 2.16
C SER B 99 -6.78 59.85 0.93
N LYS B 100 -5.52 59.41 1.08
CA LYS B 100 -4.86 58.69 0.00
C LYS B 100 -5.40 57.27 -0.12
N THR B 101 -5.29 56.50 0.96
CA THR B 101 -5.83 55.15 0.99
C THR B 101 -7.35 55.20 1.23
N GLN B 102 -7.98 54.03 1.13
CA GLN B 102 -9.42 53.92 1.28
C GLN B 102 -9.77 53.57 2.73
N SER B 103 -11.06 53.69 3.04
CA SER B 103 -11.54 53.46 4.40
C SER B 103 -12.93 52.85 4.33
N LEU B 104 -13.62 52.81 5.47
CA LEU B 104 -14.96 52.24 5.56
C LEU B 104 -15.79 53.07 6.52
N LEU B 105 -17.03 53.36 6.13
CA LEU B 105 -18.04 53.90 7.03
C LEU B 105 -19.26 53.00 7.00
N ILE B 106 -19.68 52.54 8.17
CA ILE B 106 -20.94 51.84 8.33
C ILE B 106 -21.77 52.71 9.26
N VAL B 107 -22.52 53.62 8.70
CA VAL B 107 -23.27 54.56 9.51
C VAL B 107 -24.64 53.96 9.75
N ASN B 108 -25.27 54.34 10.87
CA ASN B 108 -26.58 53.83 11.23
C ASN B 108 -27.36 54.99 11.83
N ASN B 109 -28.17 55.66 11.01
CA ASN B 109 -28.90 56.85 11.42
C ASN B 109 -30.33 56.57 11.83
N ALA B 110 -30.58 55.40 12.44
CA ALA B 110 -31.84 54.90 12.98
C ALA B 110 -32.92 54.63 11.93
N THR B 111 -32.64 54.87 10.64
CA THR B 111 -33.57 54.55 9.57
C THR B 111 -32.96 53.57 8.58
N ASN B 112 -31.74 53.84 8.13
CA ASN B 112 -31.03 53.00 7.17
C ASN B 112 -29.60 52.81 7.64
N VAL B 113 -28.91 51.86 7.03
CA VAL B 113 -27.50 51.63 7.28
C VAL B 113 -26.77 51.75 5.95
N VAL B 114 -25.85 52.70 5.87
CA VAL B 114 -25.10 52.99 4.64
C VAL B 114 -23.67 52.51 4.83
N ILE B 115 -23.20 51.72 3.87
CA ILE B 115 -21.88 51.09 3.93
C ILE B 115 -21.08 51.60 2.74
N LYS B 116 -20.15 52.51 3.00
CA LYS B 116 -19.37 53.16 1.95
C LYS B 116 -17.89 52.83 2.07
N VAL B 117 -17.26 52.58 0.93
CA VAL B 117 -15.81 52.47 0.82
C VAL B 117 -15.37 53.52 -0.19
N CYS B 118 -14.81 54.61 0.29
CA CYS B 118 -14.22 55.62 -0.56
C CYS B 118 -12.88 56.01 0.05
N GLU B 119 -12.26 57.06 -0.47
CA GLU B 119 -11.05 57.61 0.16
C GLU B 119 -11.51 58.67 1.15
N PHE B 120 -11.66 58.26 2.40
CA PHE B 120 -12.22 59.12 3.43
C PHE B 120 -11.13 59.97 4.07
N GLN B 121 -11.49 61.20 4.41
CA GLN B 121 -10.55 62.15 4.97
C GLN B 121 -10.22 61.79 6.41
N PHE B 122 -8.92 61.78 6.73
CA PHE B 122 -8.49 61.68 8.12
C PHE B 122 -8.90 62.94 8.88
N CYS B 123 -9.35 62.75 10.11
CA CYS B 123 -9.76 63.85 10.97
C CYS B 123 -8.97 63.80 12.27
N ASN B 124 -8.58 64.97 12.76
CA ASN B 124 -7.83 65.04 14.03
C ASN B 124 -8.73 64.71 15.22
N ASP B 125 -10.03 64.92 15.09
CA ASP B 125 -11.00 64.49 16.10
C ASP B 125 -12.32 64.20 15.41
N PRO B 126 -12.48 63.00 14.83
CA PRO B 126 -13.75 62.67 14.17
C PRO B 126 -14.81 62.24 15.17
N PHE B 127 -15.99 62.84 15.06
CA PHE B 127 -17.12 62.47 15.90
C PHE B 127 -18.41 62.81 15.18
N LEU B 128 -19.42 61.99 15.43
CA LEU B 128 -20.80 62.38 15.18
C LEU B 128 -21.36 62.95 16.49
N GLY B 129 -22.68 63.08 16.60
CA GLY B 129 -23.20 63.41 17.91
C GLY B 129 -24.58 64.05 17.99
N VAL B 130 -25.27 63.75 19.08
CA VAL B 130 -26.57 64.33 19.38
C VAL B 130 -26.40 65.37 20.48
N TYR B 131 -27.10 66.50 20.33
CA TYR B 131 -26.84 67.66 21.19
C TYR B 131 -28.18 68.24 21.64
N TYR B 132 -28.08 69.28 22.49
CA TYR B 132 -29.20 70.02 23.06
C TYR B 132 -30.16 69.07 23.79
N HIS B 133 -29.62 68.41 24.82
CA HIS B 133 -30.28 67.29 25.47
C HIS B 133 -31.28 67.71 26.53
N LYS B 134 -31.45 69.00 26.78
CA LYS B 134 -32.26 69.45 27.90
C LYS B 134 -33.75 69.39 27.57
N ASN B 135 -34.17 70.03 26.49
CA ASN B 135 -35.60 70.12 26.14
C ASN B 135 -35.76 69.71 24.68
N ASN B 136 -36.37 68.54 24.46
CA ASN B 136 -36.75 68.01 23.15
C ASN B 136 -35.53 67.89 22.23
N LYS B 137 -34.64 66.97 22.63
CA LYS B 137 -33.39 66.76 21.88
C LYS B 137 -33.64 66.11 20.53
N SER B 138 -34.62 65.21 20.45
CA SER B 138 -35.06 64.47 19.26
C SER B 138 -33.97 63.61 18.62
N TRP B 139 -32.81 63.45 19.29
CA TRP B 139 -31.69 62.62 18.85
C TRP B 139 -31.22 62.99 17.44
N MET B 140 -31.13 64.28 17.16
CA MET B 140 -30.66 64.75 15.87
C MET B 140 -29.14 64.90 15.86
N GLU B 141 -28.54 64.64 14.71
CA GLU B 141 -27.10 64.72 14.53
C GLU B 141 -26.78 65.81 13.52
N SER B 142 -25.74 66.59 13.81
CA SER B 142 -25.31 67.63 12.90
C SER B 142 -23.83 67.58 12.58
N GLU B 143 -22.98 67.21 13.54
CA GLU B 143 -21.54 67.22 13.35
C GLU B 143 -21.14 65.99 12.54
N PHE B 144 -21.22 66.12 11.22
CA PHE B 144 -20.77 65.06 10.32
C PHE B 144 -19.32 65.29 9.90
N ARG B 145 -18.45 65.51 10.88
CA ARG B 145 -17.05 65.85 10.62
C ARG B 145 -16.14 64.66 10.81
N VAL B 146 -16.63 63.47 10.45
CA VAL B 146 -15.78 62.28 10.43
C VAL B 146 -15.13 62.06 9.07
N TYR B 147 -15.63 62.72 8.03
CA TYR B 147 -15.02 62.63 6.70
C TYR B 147 -15.29 63.93 5.96
N SER B 148 -14.36 64.30 5.11
CA SER B 148 -14.50 65.46 4.25
C SER B 148 -14.31 65.13 2.78
N SER B 149 -13.36 64.26 2.46
CA SER B 149 -13.07 63.88 1.08
C SER B 149 -13.78 62.58 0.73
N ALA B 150 -14.19 62.49 -0.53
CA ALA B 150 -14.93 61.30 -0.99
C ALA B 150 -14.63 61.11 -2.48
N ASN B 151 -13.72 60.20 -2.78
CA ASN B 151 -13.49 59.74 -4.14
C ASN B 151 -12.97 58.31 -4.08
N ASN B 152 -12.73 57.74 -5.28
CA ASN B 152 -12.29 56.35 -5.48
C ASN B 152 -13.28 55.37 -4.82
N CYS B 153 -14.57 55.65 -4.99
CA CYS B 153 -15.63 54.88 -4.36
C CYS B 153 -15.80 53.56 -5.11
N THR B 154 -14.94 52.60 -4.74
CA THR B 154 -15.02 51.28 -5.37
C THR B 154 -16.21 50.48 -4.84
N PHE B 155 -16.47 50.56 -3.55
CA PHE B 155 -17.63 49.91 -2.95
C PHE B 155 -18.52 50.95 -2.28
N GLU B 156 -19.82 50.81 -2.47
CA GLU B 156 -20.78 51.81 -2.01
C GLU B 156 -22.14 51.14 -1.94
N TYR B 157 -22.74 51.12 -0.75
CA TYR B 157 -23.89 50.26 -0.53
C TYR B 157 -24.72 50.77 0.64
N VAL B 158 -26.03 50.53 0.56
CA VAL B 158 -26.95 50.82 1.65
C VAL B 158 -27.60 49.52 2.07
N SER B 159 -27.39 49.12 3.32
CA SER B 159 -28.04 47.95 3.89
C SER B 159 -29.22 48.39 4.76
N GLN B 160 -29.80 47.43 5.48
CA GLN B 160 -30.97 47.71 6.28
C GLN B 160 -30.72 47.40 7.74
N PRO B 161 -31.29 48.20 8.66
CA PRO B 161 -30.97 48.03 10.09
C PRO B 161 -31.62 46.82 10.73
N PHE B 162 -31.46 46.76 12.04
CA PHE B 162 -32.12 45.83 12.94
C PHE B 162 -33.05 46.66 13.84
N LEU B 163 -33.58 46.02 14.89
CA LEU B 163 -34.45 46.70 15.84
C LEU B 163 -33.73 47.82 16.57
N MET B 164 -34.09 49.06 16.25
CA MET B 164 -33.34 50.24 16.71
C MET B 164 -33.77 50.58 18.12
N ASP B 165 -33.12 49.93 19.09
CA ASP B 165 -33.41 50.10 20.50
C ASP B 165 -32.61 51.30 21.00
N LEU B 166 -33.22 52.48 20.95
CA LEU B 166 -32.60 53.67 21.51
C LEU B 166 -32.58 53.65 23.03
N GLU B 167 -33.46 52.86 23.65
CA GLU B 167 -33.54 52.76 25.11
C GLU B 167 -32.37 51.95 25.63
N GLY B 168 -31.37 52.64 26.16
CA GLY B 168 -30.22 51.96 26.73
C GLY B 168 -30.46 51.51 28.16
N LYS B 169 -30.41 50.20 28.38
CA LYS B 169 -30.75 49.63 29.68
C LYS B 169 -29.50 49.61 30.56
N GLN B 170 -29.36 50.66 31.37
CA GLN B 170 -28.23 50.79 32.28
C GLN B 170 -28.31 49.74 33.37
N GLY B 171 -27.13 49.31 33.84
CA GLY B 171 -27.14 48.32 34.90
C GLY B 171 -27.22 46.93 34.32
N ASN B 172 -28.45 46.43 34.19
CA ASN B 172 -28.74 45.14 33.57
C ASN B 172 -28.33 45.15 32.11
N PHE B 173 -27.29 44.38 31.76
CA PHE B 173 -26.71 44.43 30.42
C PHE B 173 -27.61 43.66 29.46
N LYS B 174 -28.33 44.39 28.61
CA LYS B 174 -29.18 43.76 27.61
C LYS B 174 -28.90 44.23 26.19
N ASN B 175 -28.61 45.53 26.00
CA ASN B 175 -28.16 46.00 24.70
C ASN B 175 -26.71 45.59 24.47
N LEU B 176 -26.47 44.82 23.42
CA LEU B 176 -25.14 44.27 23.19
C LEU B 176 -25.00 43.89 21.73
N ARG B 177 -23.85 44.22 21.15
CA ARG B 177 -23.48 43.82 19.81
C ARG B 177 -22.27 42.88 19.87
N GLU B 178 -22.18 41.99 18.89
CA GLU B 178 -21.15 40.95 18.87
C GLU B 178 -20.48 41.02 17.51
N PHE B 179 -19.40 41.79 17.41
CA PHE B 179 -18.79 42.06 16.11
C PHE B 179 -17.46 41.33 15.96
N VAL B 180 -17.38 40.52 14.92
CA VAL B 180 -16.15 39.87 14.49
C VAL B 180 -15.75 40.49 13.16
N PHE B 181 -14.65 41.22 13.16
CA PHE B 181 -14.15 41.93 11.99
C PHE B 181 -12.78 41.34 11.67
N LYS B 182 -12.72 40.47 10.65
CA LYS B 182 -11.47 39.83 10.31
C LYS B 182 -11.16 40.00 8.84
N ASN B 183 -9.92 39.66 8.50
CA ASN B 183 -9.40 39.78 7.15
C ASN B 183 -8.69 38.49 6.79
N ILE B 184 -9.03 37.91 5.65
CA ILE B 184 -8.36 36.73 5.11
C ILE B 184 -8.01 37.05 3.67
N ASP B 185 -6.74 37.43 3.44
CA ASP B 185 -6.17 37.67 2.10
C ASP B 185 -6.92 38.77 1.33
N GLY B 186 -7.35 39.80 2.04
CA GLY B 186 -8.10 40.89 1.45
C GLY B 186 -9.60 40.81 1.66
N TYR B 187 -10.12 39.61 1.94
CA TYR B 187 -11.54 39.44 2.24
C TYR B 187 -11.84 40.03 3.61
N PHE B 188 -12.54 41.16 3.64
CA PHE B 188 -12.95 41.76 4.91
C PHE B 188 -14.22 41.04 5.36
N LYS B 189 -14.03 39.84 5.88
CA LYS B 189 -15.12 38.94 6.23
C LYS B 189 -15.76 39.46 7.51
N ILE B 190 -16.75 40.32 7.35
CA ILE B 190 -17.46 40.87 8.49
C ILE B 190 -18.38 39.79 9.03
N TYR B 191 -18.00 39.19 10.16
CA TYR B 191 -18.88 38.21 10.80
C TYR B 191 -19.67 38.92 11.90
N SER B 192 -20.58 39.76 11.43
CA SER B 192 -21.41 40.56 12.32
C SER B 192 -22.44 39.68 13.04
N LYS B 193 -22.84 40.15 14.22
CA LYS B 193 -23.89 39.49 14.98
C LYS B 193 -24.45 40.50 15.96
N HIS B 194 -25.73 40.84 15.83
CA HIS B 194 -26.41 41.57 16.89
C HIS B 194 -27.23 40.55 17.66
N THR B 195 -26.71 40.14 18.81
CA THR B 195 -27.50 39.35 19.74
C THR B 195 -27.99 40.30 20.82
N PRO B 196 -29.27 40.65 20.85
CA PRO B 196 -29.78 41.41 21.99
C PRO B 196 -29.84 40.51 23.21
N ILE B 197 -28.86 40.66 24.09
CA ILE B 197 -28.64 39.68 25.14
C ILE B 197 -29.64 39.92 26.26
N ASN B 198 -29.76 38.95 27.14
CA ASN B 198 -30.51 39.11 28.36
C ASN B 198 -29.56 39.62 29.45
N LEU B 199 -30.15 40.18 30.51
CA LEU B 199 -29.46 40.28 31.79
C LEU B 199 -29.01 38.90 32.25
N VAL B 200 -27.69 38.74 32.41
CA VAL B 200 -27.23 37.49 33.01
C VAL B 200 -27.06 37.73 34.51
N ARG B 201 -25.98 38.46 34.89
CA ARG B 201 -25.88 39.20 36.16
C ARG B 201 -24.92 40.37 35.89
N ASP B 202 -25.46 41.48 35.40
CA ASP B 202 -24.87 42.82 35.42
C ASP B 202 -23.47 42.95 34.79
N LEU B 203 -22.97 41.92 34.12
CA LEU B 203 -21.57 41.84 33.70
C LEU B 203 -21.49 40.89 32.50
N PRO B 204 -20.45 41.01 31.67
CA PRO B 204 -20.30 40.05 30.56
C PRO B 204 -19.85 38.67 31.01
N GLN B 205 -20.78 37.73 31.02
CA GLN B 205 -20.51 36.33 31.28
C GLN B 205 -21.68 35.52 30.72
N GLY B 206 -21.37 34.41 30.06
CA GLY B 206 -22.43 33.58 29.51
C GLY B 206 -22.00 32.72 28.35
N PHE B 207 -22.72 32.82 27.24
CA PHE B 207 -22.46 32.03 26.05
C PHE B 207 -23.09 32.76 24.87
N SER B 208 -22.42 32.71 23.73
CA SER B 208 -22.87 33.51 22.60
C SER B 208 -22.59 32.77 21.30
N ALA B 209 -23.57 32.81 20.39
CA ALA B 209 -23.41 32.30 19.04
C ALA B 209 -23.36 33.49 18.09
N LEU B 210 -22.52 33.40 17.05
CA LEU B 210 -22.38 34.48 16.10
C LEU B 210 -22.49 33.93 14.68
N GLU B 211 -22.49 34.82 13.71
CA GLU B 211 -22.77 34.44 12.32
C GLU B 211 -21.97 35.34 11.40
N PRO B 212 -21.91 35.02 10.12
CA PRO B 212 -21.47 35.99 9.11
C PRO B 212 -22.62 36.82 8.54
N LEU B 213 -22.26 37.99 8.00
CA LEU B 213 -23.19 38.74 7.16
C LEU B 213 -22.68 38.95 5.74
N VAL B 214 -21.53 39.60 5.54
CA VAL B 214 -21.06 40.02 4.22
C VAL B 214 -19.55 39.80 4.14
N ASP B 215 -18.98 40.20 3.00
CA ASP B 215 -17.55 40.15 2.76
C ASP B 215 -17.20 41.25 1.77
N LEU B 216 -15.98 41.78 1.90
CA LEU B 216 -15.45 42.78 0.97
C LEU B 216 -14.02 42.43 0.60
N PRO B 217 -13.72 42.19 -0.67
CA PRO B 217 -12.35 41.94 -1.13
C PRO B 217 -11.60 43.22 -1.54
N ILE B 218 -11.32 44.08 -0.56
CA ILE B 218 -10.61 45.31 -0.89
C ILE B 218 -9.13 45.05 -1.09
N GLY B 219 -8.50 44.33 -0.17
CA GLY B 219 -7.10 43.96 -0.37
C GLY B 219 -6.10 45.01 0.05
N ILE B 220 -6.30 45.64 1.20
CA ILE B 220 -5.35 46.62 1.72
C ILE B 220 -4.81 46.12 3.05
N ASN B 221 -3.55 46.46 3.31
CA ASN B 221 -2.87 46.04 4.53
C ASN B 221 -3.30 46.97 5.67
N ILE B 222 -4.15 46.48 6.56
CA ILE B 222 -4.68 47.26 7.66
C ILE B 222 -4.07 46.74 8.96
N THR B 223 -3.23 47.56 9.57
CA THR B 223 -2.86 47.40 10.97
C THR B 223 -3.33 48.57 11.80
N ARG B 224 -4.09 49.50 11.21
CA ARG B 224 -4.54 50.71 11.86
C ARG B 224 -6.00 50.95 11.52
N PHE B 225 -6.83 51.13 12.54
CA PHE B 225 -8.21 51.56 12.33
C PHE B 225 -8.70 52.26 13.58
N GLN B 226 -9.66 53.16 13.41
CA GLN B 226 -10.37 53.75 14.52
C GLN B 226 -11.76 53.16 14.64
N THR B 227 -12.52 53.68 15.59
CA THR B 227 -13.88 53.28 15.83
C THR B 227 -14.71 54.54 15.99
N LEU B 228 -15.65 54.75 15.07
CA LEU B 228 -16.32 56.05 14.99
C LEU B 228 -17.34 56.20 16.11
N LEU B 229 -17.62 57.47 16.43
CA LEU B 229 -18.16 57.83 17.73
C LEU B 229 -19.35 58.78 17.64
N ALA B 230 -19.73 59.33 18.78
CA ALA B 230 -20.78 60.34 18.88
C ALA B 230 -20.52 61.15 20.14
N LEU B 231 -21.46 62.03 20.50
CA LEU B 231 -21.40 62.77 21.75
C LEU B 231 -22.79 62.89 22.34
N HIS B 232 -22.85 62.84 23.67
CA HIS B 232 -24.09 63.11 24.39
C HIS B 232 -23.75 63.52 25.81
N ARG B 233 -24.52 64.47 26.34
CA ARG B 233 -24.30 64.96 27.71
C ARG B 233 -25.61 65.53 28.23
N SER B 234 -26.11 64.96 29.32
CA SER B 234 -27.35 65.43 29.93
C SER B 234 -27.14 66.74 30.67
N SER B 242 -16.04 71.09 19.30
CA SER B 242 -16.61 70.61 20.56
C SER B 242 -16.38 71.62 21.68
N SER B 243 -17.45 72.26 22.14
CA SER B 243 -17.32 73.26 23.20
C SER B 243 -17.23 72.62 24.57
N GLY B 244 -18.31 71.94 24.99
CA GLY B 244 -18.33 71.29 26.29
C GLY B 244 -19.01 69.93 26.27
N TRP B 245 -18.95 69.25 25.14
CA TRP B 245 -19.64 67.98 24.97
C TRP B 245 -18.72 66.83 25.39
N THR B 246 -19.21 65.99 26.30
CA THR B 246 -18.43 64.90 26.87
C THR B 246 -19.07 63.57 26.50
N ALA B 247 -18.53 62.50 27.07
CA ALA B 247 -19.03 61.14 26.85
C ALA B 247 -19.60 60.62 28.16
N GLY B 248 -20.88 60.28 28.14
CA GLY B 248 -21.56 59.76 29.31
C GLY B 248 -21.24 58.29 29.57
N ALA B 249 -22.14 57.63 30.30
CA ALA B 249 -21.94 56.24 30.71
C ALA B 249 -22.11 55.31 29.51
N ALA B 250 -21.00 54.78 29.01
CA ALA B 250 -21.01 53.87 27.87
C ALA B 250 -19.84 52.90 27.96
N ALA B 251 -20.09 51.62 27.68
CA ALA B 251 -19.07 50.60 27.75
C ALA B 251 -19.01 49.84 26.44
N TYR B 252 -17.79 49.48 26.04
CA TYR B 252 -17.56 48.70 24.83
C TYR B 252 -16.23 48.00 24.98
N TYR B 253 -16.17 46.75 24.56
CA TYR B 253 -14.99 45.92 24.78
C TYR B 253 -14.35 45.52 23.47
N VAL B 254 -13.05 45.27 23.52
CA VAL B 254 -12.25 45.01 22.32
C VAL B 254 -11.52 43.68 22.50
N GLY B 255 -11.77 42.75 21.59
CA GLY B 255 -11.04 41.50 21.56
C GLY B 255 -10.22 41.32 20.30
N TYR B 256 -9.23 40.45 20.34
CA TYR B 256 -8.33 40.22 19.22
C TYR B 256 -8.45 38.78 18.75
N LEU B 257 -8.59 38.61 17.45
CA LEU B 257 -8.82 37.29 16.88
C LEU B 257 -7.49 36.56 16.70
N GLN B 258 -7.45 35.30 17.12
CA GLN B 258 -6.24 34.49 17.04
C GLN B 258 -6.60 33.11 16.52
N PRO B 259 -5.70 32.44 15.78
CA PRO B 259 -6.02 31.12 15.24
C PRO B 259 -6.05 30.02 16.29
N ARG B 260 -7.09 30.02 17.12
CA ARG B 260 -7.26 28.97 18.11
C ARG B 260 -7.96 27.77 17.48
N THR B 261 -8.26 26.78 18.32
CA THR B 261 -8.98 25.59 17.90
C THR B 261 -10.02 25.27 18.96
N PHE B 262 -11.28 25.13 18.55
CA PHE B 262 -12.38 24.95 19.46
C PHE B 262 -13.14 23.64 19.18
N LEU B 263 -13.83 23.17 20.22
CA LEU B 263 -14.80 22.09 20.09
C LEU B 263 -16.20 22.67 20.22
N LEU B 264 -17.12 22.18 19.39
CA LEU B 264 -18.49 22.64 19.38
C LEU B 264 -19.43 21.49 19.71
N LYS B 265 -20.66 21.85 20.08
CA LYS B 265 -21.72 20.87 20.25
C LYS B 265 -22.99 21.42 19.64
N TYR B 266 -23.59 20.64 18.74
CA TYR B 266 -24.83 21.04 18.09
C TYR B 266 -25.99 20.27 18.70
N ASN B 267 -27.13 20.95 18.75
CA ASN B 267 -28.36 20.36 19.29
C ASN B 267 -29.15 19.72 18.17
N GLU B 268 -30.42 19.41 18.43
CA GLU B 268 -31.34 18.99 17.38
C GLU B 268 -31.51 20.09 16.34
N ASN B 269 -31.72 21.33 16.79
CA ASN B 269 -32.00 22.42 15.88
C ASN B 269 -30.74 22.98 15.23
N GLY B 270 -29.57 22.47 15.59
CA GLY B 270 -28.35 22.82 14.88
C GLY B 270 -27.66 24.06 15.36
N THR B 271 -28.12 24.67 16.43
CA THR B 271 -27.41 25.80 17.02
C THR B 271 -26.20 25.28 17.77
N ILE B 272 -25.21 26.15 17.94
CA ILE B 272 -24.09 25.82 18.81
C ILE B 272 -24.57 25.85 20.25
N THR B 273 -24.55 24.69 20.89
CA THR B 273 -25.00 24.60 22.27
C THR B 273 -23.86 24.87 23.25
N ASP B 274 -22.70 24.28 23.01
CA ASP B 274 -21.57 24.44 23.92
C ASP B 274 -20.28 24.59 23.12
N ALA B 275 -19.36 25.37 23.66
CA ALA B 275 -18.06 25.61 23.05
C ALA B 275 -16.97 25.23 24.03
N VAL B 276 -15.99 24.45 23.56
CA VAL B 276 -14.89 23.98 24.38
C VAL B 276 -13.59 24.30 23.66
N ASP B 277 -12.66 24.94 24.38
CA ASP B 277 -11.35 25.24 23.81
C ASP B 277 -10.52 23.96 23.73
N CYS B 278 -9.48 24.00 22.89
CA CYS B 278 -8.47 22.94 22.83
C CYS B 278 -7.20 23.35 23.57
N ALA B 279 -6.58 24.44 23.15
CA ALA B 279 -5.27 24.83 23.68
C ALA B 279 -5.37 25.79 24.85
N LEU B 280 -6.18 25.44 25.86
CA LEU B 280 -6.25 26.24 27.07
C LEU B 280 -5.45 25.61 28.21
N ASP B 281 -5.78 24.38 28.57
CA ASP B 281 -5.01 23.61 29.54
C ASP B 281 -4.91 22.19 28.99
N PRO B 282 -4.11 21.29 29.58
CA PRO B 282 -4.19 19.89 29.15
C PRO B 282 -5.53 19.21 29.38
N LEU B 283 -6.40 19.76 30.24
CA LEU B 283 -7.76 19.23 30.30
C LEU B 283 -8.54 19.56 29.03
N SER B 284 -8.43 20.79 28.54
CA SER B 284 -9.07 21.14 27.28
C SER B 284 -8.43 20.41 26.11
N GLU B 285 -7.11 20.21 26.17
CA GLU B 285 -6.42 19.39 25.19
C GLU B 285 -6.94 17.95 25.20
N THR B 286 -7.23 17.43 26.39
CA THR B 286 -7.75 16.08 26.51
C THR B 286 -9.16 15.99 25.94
N LYS B 287 -9.98 17.00 26.22
CA LYS B 287 -11.35 17.04 25.72
C LYS B 287 -11.37 17.15 24.20
N CYS B 288 -10.42 17.89 23.62
CA CYS B 288 -10.34 17.92 22.17
C CYS B 288 -9.70 16.67 21.59
N THR B 289 -8.88 15.97 22.35
CA THR B 289 -8.27 14.74 21.86
C THR B 289 -9.30 13.61 21.78
N LEU B 290 -10.15 13.50 22.79
CA LEU B 290 -11.13 12.42 22.80
C LEU B 290 -12.33 12.69 21.89
N LYS B 291 -12.42 13.88 21.29
CA LYS B 291 -13.60 14.35 20.54
C LYS B 291 -14.87 14.25 21.35
N SER B 292 -14.76 14.57 22.64
CA SER B 292 -15.88 14.63 23.56
C SER B 292 -15.43 15.42 24.79
N PHE B 293 -16.32 16.24 25.33
CA PHE B 293 -16.03 16.99 26.53
C PHE B 293 -16.56 16.30 27.78
N THR B 294 -16.84 15.00 27.70
CA THR B 294 -17.27 14.21 28.84
C THR B 294 -16.23 13.11 29.01
N VAL B 295 -15.17 13.42 29.76
CA VAL B 295 -14.06 12.51 29.93
C VAL B 295 -14.32 11.67 31.17
N GLU B 296 -14.25 10.36 31.02
CA GLU B 296 -14.44 9.44 32.14
C GLU B 296 -13.11 9.24 32.86
N LYS B 297 -13.07 8.22 33.71
CA LYS B 297 -11.87 7.89 34.47
C LYS B 297 -10.77 7.38 33.55
N GLY B 298 -9.53 7.74 33.84
CA GLY B 298 -8.42 7.17 33.11
C GLY B 298 -7.26 8.09 32.82
N ILE B 299 -6.16 7.52 32.34
CA ILE B 299 -4.98 8.25 31.88
C ILE B 299 -5.01 8.27 30.35
N TYR B 300 -4.55 9.38 29.75
CA TYR B 300 -4.65 9.53 28.32
C TYR B 300 -3.41 10.23 27.79
N GLN B 301 -3.13 10.00 26.51
CA GLN B 301 -2.02 10.63 25.80
C GLN B 301 -2.55 11.78 24.97
N THR B 302 -1.93 12.95 25.11
CA THR B 302 -2.34 14.12 24.35
C THR B 302 -1.42 14.44 23.18
N SER B 303 -0.16 14.73 23.46
CA SER B 303 0.71 15.28 22.44
C SER B 303 2.16 15.04 22.84
N ASN B 304 3.07 15.74 22.19
CA ASN B 304 4.49 15.65 22.48
C ASN B 304 4.97 16.84 23.31
N PHE B 305 5.91 16.58 24.21
CA PHE B 305 6.57 17.64 24.95
C PHE B 305 7.70 18.16 24.06
N ARG B 306 7.48 19.31 23.45
CA ARG B 306 8.40 19.88 22.49
C ARG B 306 9.09 21.10 23.09
N VAL B 307 10.42 21.09 23.10
CA VAL B 307 11.21 22.19 23.63
C VAL B 307 11.55 23.15 22.50
N GLN B 308 11.28 24.43 22.71
CA GLN B 308 11.51 25.43 21.69
C GLN B 308 13.01 25.67 21.50
N PRO B 309 13.45 25.92 20.26
CA PRO B 309 14.82 26.40 20.05
C PRO B 309 14.94 27.87 20.45
N THR B 310 15.99 28.19 21.20
CA THR B 310 16.09 29.51 21.81
C THR B 310 16.60 30.56 20.82
N GLU B 311 17.82 30.39 20.32
CA GLU B 311 18.47 31.40 19.51
C GLU B 311 19.24 30.72 18.37
N SER B 312 19.88 31.54 17.55
CA SER B 312 20.52 31.09 16.32
C SER B 312 22.03 31.26 16.40
N ILE B 313 22.76 30.28 15.85
CA ILE B 313 24.21 30.28 15.83
C ILE B 313 24.67 29.91 14.42
N VAL B 314 25.54 30.73 13.84
CA VAL B 314 26.15 30.45 12.54
C VAL B 314 27.66 30.48 12.73
N ARG B 315 28.33 29.36 12.45
CA ARG B 315 29.78 29.24 12.60
C ARG B 315 30.34 28.65 11.30
N PHE B 316 30.96 29.50 10.50
CA PHE B 316 31.55 29.17 9.21
C PHE B 316 33.05 29.34 9.23
N PRO B 317 33.79 28.68 8.32
CA PRO B 317 35.22 28.99 8.19
C PRO B 317 35.41 30.37 7.58
N ASN B 318 36.11 31.24 8.30
CA ASN B 318 36.24 32.63 7.90
C ASN B 318 37.26 32.79 6.77
N ILE B 319 36.82 33.38 5.66
CA ILE B 319 37.66 33.72 4.53
C ILE B 319 37.42 35.20 4.23
N THR B 320 38.49 35.94 3.92
CA THR B 320 38.37 37.31 3.49
C THR B 320 38.71 37.52 2.02
N ASN B 321 39.27 36.51 1.36
CA ASN B 321 39.58 36.62 -0.07
C ASN B 321 38.31 36.44 -0.89
N LEU B 322 38.14 37.30 -1.89
CA LEU B 322 36.99 37.19 -2.77
C LEU B 322 37.34 36.36 -3.99
N CYS B 323 36.32 35.69 -4.55
CA CYS B 323 36.55 34.79 -5.68
C CYS B 323 36.70 35.60 -6.97
N PRO B 324 37.65 35.22 -7.85
CA PRO B 324 37.86 35.97 -9.10
C PRO B 324 36.78 35.70 -10.15
N PHE B 325 35.58 36.21 -9.88
CA PHE B 325 34.47 36.02 -10.79
C PHE B 325 34.54 36.96 -11.99
N GLY B 326 35.27 38.07 -11.87
CA GLY B 326 35.55 38.88 -13.04
C GLY B 326 36.39 38.15 -14.06
N GLU B 327 37.37 37.35 -13.59
CA GLU B 327 38.22 36.54 -14.45
C GLU B 327 37.52 35.30 -14.99
N VAL B 328 36.24 35.10 -14.68
CA VAL B 328 35.46 33.97 -15.17
C VAL B 328 34.31 34.44 -16.04
N PHE B 329 33.57 35.45 -15.58
CA PHE B 329 32.40 35.94 -16.29
C PHE B 329 32.71 37.18 -17.14
N ASN B 330 33.92 37.72 -17.07
CA ASN B 330 34.30 38.90 -17.82
C ASN B 330 35.71 38.77 -18.39
N ALA B 331 36.21 37.54 -18.49
CA ALA B 331 37.50 37.31 -19.12
C ALA B 331 37.34 37.36 -20.64
N THR B 332 38.47 37.31 -21.34
CA THR B 332 38.48 37.40 -22.81
C THR B 332 38.85 36.09 -23.48
N ARG B 333 39.81 35.34 -22.92
CA ARG B 333 40.16 34.03 -23.45
C ARG B 333 39.04 33.05 -23.16
N PHE B 334 38.34 32.63 -24.20
CA PHE B 334 37.14 31.82 -24.09
C PHE B 334 37.48 30.33 -24.25
N ALA B 335 36.43 29.51 -24.35
CA ALA B 335 36.60 28.10 -24.66
C ALA B 335 35.41 27.66 -25.51
N SER B 336 35.35 26.37 -25.78
CA SER B 336 34.28 25.80 -26.59
C SER B 336 33.94 24.43 -26.02
N VAL B 337 33.15 23.67 -26.77
CA VAL B 337 32.75 22.35 -26.33
C VAL B 337 33.79 21.29 -26.68
N TYR B 338 34.67 21.59 -27.64
CA TYR B 338 35.69 20.63 -28.03
C TYR B 338 36.79 20.54 -26.99
N ALA B 339 37.12 21.68 -26.37
CA ALA B 339 38.08 21.71 -25.26
C ALA B 339 37.63 22.82 -24.31
N TRP B 340 36.84 22.44 -23.30
CA TRP B 340 36.33 23.41 -22.35
C TRP B 340 37.36 23.62 -21.24
N ASN B 341 36.99 24.39 -20.23
CA ASN B 341 37.89 24.71 -19.12
C ASN B 341 37.13 24.55 -17.82
N ARG B 342 37.49 23.54 -17.02
CA ARG B 342 36.95 23.39 -15.68
C ARG B 342 37.74 24.28 -14.73
N LYS B 343 37.11 25.35 -14.25
CA LYS B 343 37.78 26.29 -13.37
C LYS B 343 37.47 25.93 -11.93
N ARG B 344 38.45 25.37 -11.23
CA ARG B 344 38.33 25.12 -9.80
C ARG B 344 38.45 26.45 -9.07
N ILE B 345 37.32 26.95 -8.59
CA ILE B 345 37.26 28.19 -7.82
C ILE B 345 37.06 27.80 -6.37
N SER B 346 38.09 27.96 -5.55
CA SER B 346 38.00 27.62 -4.14
C SER B 346 38.88 28.55 -3.32
N ASN B 347 38.82 28.35 -2.00
CA ASN B 347 39.59 29.10 -1.00
C ASN B 347 39.31 30.60 -1.11
N CYS B 348 38.03 30.94 -1.29
CA CYS B 348 37.64 32.34 -1.49
C CYS B 348 36.16 32.49 -1.11
N VAL B 349 35.69 33.74 -1.16
CA VAL B 349 34.32 34.09 -0.81
C VAL B 349 33.53 34.30 -2.10
N ALA B 350 32.46 33.53 -2.25
CA ALA B 350 31.70 33.48 -3.49
C ALA B 350 30.29 34.01 -3.24
N ASP B 351 30.07 35.27 -3.60
CA ASP B 351 28.74 35.86 -3.53
C ASP B 351 28.00 35.60 -4.83
N TYR B 352 26.72 35.30 -4.73
CA TYR B 352 25.88 35.07 -5.89
C TYR B 352 24.81 36.14 -6.08
N SER B 353 24.71 37.10 -5.15
CA SER B 353 23.92 38.28 -5.43
C SER B 353 24.56 39.14 -6.51
N VAL B 354 25.90 39.15 -6.54
CA VAL B 354 26.59 39.78 -7.65
C VAL B 354 26.49 38.93 -8.91
N LEU B 355 26.16 37.65 -8.77
CA LEU B 355 25.86 36.83 -9.94
C LEU B 355 24.44 37.07 -10.43
N TYR B 356 23.54 37.53 -9.56
CA TYR B 356 22.14 37.61 -9.92
C TYR B 356 21.79 38.91 -10.64
N ASN B 357 22.46 40.01 -10.32
CA ASN B 357 22.03 41.32 -10.82
C ASN B 357 22.33 41.54 -12.30
N SER B 358 22.98 40.60 -12.99
CA SER B 358 23.06 40.62 -14.44
C SER B 358 21.82 39.90 -14.98
N ALA B 359 20.89 40.67 -15.53
CA ALA B 359 19.64 40.13 -16.03
C ALA B 359 19.69 39.79 -17.52
N SER B 360 20.87 39.45 -18.04
CA SER B 360 21.04 39.08 -19.43
C SER B 360 21.31 37.60 -19.63
N PHE B 361 21.03 36.77 -18.62
CA PHE B 361 21.32 35.35 -18.71
C PHE B 361 20.28 34.64 -19.58
N SER B 362 20.75 33.71 -20.41
CA SER B 362 19.86 32.97 -21.30
C SER B 362 18.98 32.01 -20.52
N THR B 363 19.61 31.09 -19.78
CA THR B 363 18.90 30.13 -18.94
C THR B 363 19.53 30.17 -17.55
N PHE B 364 18.78 30.67 -16.58
CA PHE B 364 19.25 30.84 -15.20
C PHE B 364 18.52 29.81 -14.34
N LYS B 365 19.05 28.59 -14.34
CA LYS B 365 18.40 27.45 -13.70
C LYS B 365 19.45 26.54 -13.08
N CYS B 366 19.24 26.14 -11.83
CA CYS B 366 20.07 25.16 -11.18
C CYS B 366 19.37 23.81 -11.13
N TYR B 367 20.16 22.74 -11.14
CA TYR B 367 19.62 21.39 -11.02
C TYR B 367 20.00 20.68 -9.74
N GLY B 368 20.93 21.23 -8.96
CA GLY B 368 21.25 20.66 -7.67
C GLY B 368 20.36 21.18 -6.57
N VAL B 369 20.33 22.51 -6.40
CA VAL B 369 19.70 23.15 -5.26
C VAL B 369 18.70 24.19 -5.76
N SER B 370 18.11 24.91 -4.81
CA SER B 370 17.19 25.99 -5.15
C SER B 370 17.97 27.20 -5.69
N PRO B 371 17.45 27.86 -6.74
CA PRO B 371 18.16 29.03 -7.27
C PRO B 371 18.10 30.24 -6.36
N THR B 372 17.10 30.34 -5.49
CA THR B 372 17.07 31.42 -4.52
C THR B 372 17.93 31.10 -3.31
N LYS B 373 18.28 29.83 -3.09
CA LYS B 373 19.12 29.43 -1.97
C LYS B 373 20.59 29.35 -2.35
N LEU B 374 20.99 30.00 -3.44
CA LEU B 374 22.36 29.91 -3.90
C LEU B 374 23.32 30.67 -3.00
N ASN B 375 22.89 31.83 -2.50
CA ASN B 375 23.67 32.50 -1.47
C ASN B 375 23.48 31.83 -0.10
N ASP B 376 22.37 31.11 0.08
CA ASP B 376 22.09 30.46 1.36
C ASP B 376 23.04 29.29 1.60
N LEU B 377 23.01 28.29 0.73
CA LEU B 377 23.91 27.16 0.87
C LEU B 377 25.29 27.54 0.36
N CYS B 378 26.31 27.23 1.15
CA CYS B 378 27.69 27.49 0.73
C CYS B 378 28.42 26.17 0.56
N PHE B 379 29.28 26.11 -0.44
CA PHE B 379 29.71 24.84 -1.03
C PHE B 379 31.00 24.36 -0.39
N THR B 380 31.60 23.34 -1.01
CA THR B 380 32.94 22.87 -0.67
C THR B 380 33.92 23.19 -1.79
N ASN B 381 33.65 22.73 -3.01
CA ASN B 381 34.46 23.02 -4.17
C ASN B 381 33.54 23.34 -5.34
N VAL B 382 33.97 24.26 -6.21
CA VAL B 382 33.17 24.72 -7.34
C VAL B 382 33.98 24.48 -8.62
N TYR B 383 33.36 23.79 -9.57
CA TYR B 383 34.00 23.47 -10.85
C TYR B 383 33.22 24.15 -11.97
N ALA B 384 33.70 25.30 -12.43
CA ALA B 384 33.01 26.06 -13.46
C ALA B 384 33.54 25.64 -14.83
N ASP B 385 32.67 25.01 -15.62
CA ASP B 385 32.98 24.64 -17.00
C ASP B 385 32.62 25.82 -17.89
N SER B 386 33.60 26.70 -18.11
CA SER B 386 33.38 27.94 -18.82
C SER B 386 33.78 27.78 -20.28
N PHE B 387 32.83 28.04 -21.18
CA PHE B 387 33.10 27.97 -22.62
C PHE B 387 32.09 28.84 -23.36
N VAL B 388 32.33 28.99 -24.66
CA VAL B 388 31.49 29.79 -25.53
C VAL B 388 31.15 28.95 -26.76
N ILE B 389 29.89 28.54 -26.88
CA ILE B 389 29.40 27.79 -28.03
C ILE B 389 28.13 28.43 -28.55
N ARG B 390 27.54 27.80 -29.56
CA ARG B 390 26.36 28.34 -30.24
C ARG B 390 25.14 28.27 -29.33
N GLY B 391 24.24 29.23 -29.52
CA GLY B 391 23.15 29.46 -28.58
C GLY B 391 22.07 28.41 -28.57
N ASP B 392 21.98 27.57 -29.61
CA ASP B 392 20.94 26.56 -29.66
C ASP B 392 21.37 25.21 -29.09
N GLU B 393 22.65 25.04 -28.74
CA GLU B 393 23.14 23.82 -28.14
C GLU B 393 22.98 23.80 -26.62
N VAL B 394 22.27 24.77 -26.06
CA VAL B 394 21.99 24.77 -24.62
C VAL B 394 21.01 23.65 -24.29
N ARG B 395 20.10 23.33 -25.20
CA ARG B 395 19.01 22.41 -24.95
C ARG B 395 19.38 20.95 -25.21
N GLN B 396 20.67 20.62 -25.17
CA GLN B 396 21.11 19.24 -25.14
C GLN B 396 21.82 18.86 -23.85
N ILE B 397 22.23 19.85 -23.05
CA ILE B 397 22.95 19.60 -21.81
C ILE B 397 21.92 19.25 -20.74
N ALA B 398 21.64 17.95 -20.59
CA ALA B 398 20.65 17.45 -19.66
C ALA B 398 20.96 15.99 -19.37
N PRO B 399 20.71 15.51 -18.15
CA PRO B 399 20.91 14.09 -17.87
C PRO B 399 19.88 13.20 -18.53
N GLY B 400 20.29 12.50 -19.59
CA GLY B 400 19.40 11.67 -20.38
C GLY B 400 19.27 12.06 -21.83
N GLN B 401 19.87 13.17 -22.27
CA GLN B 401 19.80 13.61 -23.65
C GLN B 401 21.09 13.28 -24.38
N THR B 402 21.02 13.35 -25.72
CA THR B 402 22.11 13.00 -26.61
C THR B 402 22.41 14.16 -27.55
N GLY B 403 23.26 13.93 -28.56
CA GLY B 403 23.40 14.90 -29.63
C GLY B 403 24.80 15.38 -29.93
N LYS B 404 24.91 16.66 -30.32
CA LYS B 404 26.20 17.25 -30.66
C LYS B 404 27.10 17.38 -29.44
N ILE B 405 26.50 17.47 -28.26
CA ILE B 405 27.27 17.77 -27.06
C ILE B 405 27.50 16.47 -26.30
N ALA B 406 26.41 15.77 -25.96
CA ALA B 406 26.45 14.66 -25.02
C ALA B 406 26.84 13.34 -25.65
N ASP B 407 27.00 13.26 -26.97
CA ASP B 407 27.49 12.03 -27.59
C ASP B 407 28.94 12.15 -28.02
N TYR B 408 29.45 13.36 -28.19
CA TYR B 408 30.73 13.57 -28.84
C TYR B 408 31.80 13.96 -27.84
N ASN B 409 31.59 15.03 -27.09
CA ASN B 409 32.66 15.52 -26.23
C ASN B 409 32.26 15.81 -24.79
N TYR B 410 31.06 16.35 -24.55
CA TYR B 410 30.71 16.91 -23.25
C TYR B 410 29.37 16.36 -22.80
N LYS B 411 29.37 15.42 -21.86
CA LYS B 411 28.15 14.82 -21.36
C LYS B 411 28.02 15.06 -19.86
N LEU B 412 26.78 15.20 -19.39
CA LEU B 412 26.56 15.27 -17.96
C LEU B 412 26.51 13.87 -17.35
N PRO B 413 26.97 13.70 -16.12
CA PRO B 413 26.72 12.46 -15.39
C PRO B 413 25.25 12.40 -14.97
N ASP B 414 24.86 11.23 -14.48
CA ASP B 414 23.47 10.97 -14.10
C ASP B 414 23.08 11.61 -12.78
N ASP B 415 24.01 12.27 -12.10
CA ASP B 415 23.81 12.84 -10.76
C ASP B 415 24.36 14.26 -10.70
N PHE B 416 23.96 15.08 -11.67
CA PHE B 416 24.52 16.42 -11.86
C PHE B 416 24.08 17.34 -10.73
N THR B 417 24.96 17.52 -9.75
CA THR B 417 24.74 18.44 -8.63
C THR B 417 25.32 19.82 -8.92
N GLY B 418 24.96 20.38 -10.07
CA GLY B 418 25.46 21.66 -10.48
C GLY B 418 24.38 22.62 -10.93
N CYS B 419 24.75 23.62 -11.70
CA CYS B 419 23.80 24.62 -12.22
C CYS B 419 24.06 24.83 -13.70
N VAL B 420 23.11 25.49 -14.35
CA VAL B 420 23.17 25.79 -15.78
C VAL B 420 22.94 27.29 -15.94
N ILE B 421 23.99 28.01 -16.36
CA ILE B 421 23.92 29.45 -16.62
C ILE B 421 24.60 29.72 -17.96
N ALA B 422 23.87 30.38 -18.86
CA ALA B 422 24.42 30.83 -20.13
C ALA B 422 23.90 32.22 -20.43
N TRP B 423 24.63 32.96 -21.26
CA TRP B 423 24.25 34.31 -21.67
C TRP B 423 25.00 34.69 -22.93
N ASN B 424 24.48 35.70 -23.62
CA ASN B 424 24.99 36.09 -24.92
C ASN B 424 26.19 37.01 -24.79
N SER B 425 27.22 36.73 -25.59
CA SER B 425 28.39 37.60 -25.71
C SER B 425 28.79 37.70 -27.18
N ASN B 426 27.81 37.92 -28.05
CA ASN B 426 28.08 37.98 -29.48
C ASN B 426 28.86 39.24 -29.87
N ASN B 427 28.81 40.29 -29.05
CA ASN B 427 29.48 41.55 -29.36
C ASN B 427 31.00 41.45 -29.29
N LEU B 428 31.55 40.40 -28.69
CA LEU B 428 32.99 40.18 -28.66
C LEU B 428 33.44 39.04 -29.56
N ASP B 429 32.52 38.36 -30.22
CA ASP B 429 32.85 37.30 -31.15
C ASP B 429 32.26 37.51 -32.54
N SER B 430 31.69 38.67 -32.82
CA SER B 430 31.12 38.92 -34.14
C SER B 430 32.20 39.34 -35.12
N LYS B 431 32.20 38.68 -36.28
CA LYS B 431 33.11 38.99 -37.36
C LYS B 431 32.34 38.85 -38.67
N VAL B 432 32.62 39.73 -39.62
CA VAL B 432 31.89 39.75 -40.88
C VAL B 432 32.17 38.50 -41.69
N GLY B 433 33.45 38.17 -41.89
CA GLY B 433 33.81 36.96 -42.57
C GLY B 433 33.71 35.69 -41.76
N GLY B 434 33.52 35.82 -40.45
CA GLY B 434 33.42 34.65 -39.59
C GLY B 434 34.66 34.40 -38.77
N ASN B 435 34.48 34.20 -37.46
CA ASN B 435 35.58 33.88 -36.57
C ASN B 435 35.72 32.36 -36.51
N TYR B 436 36.72 31.82 -37.20
CA TYR B 436 36.92 30.38 -37.30
C TYR B 436 38.08 29.89 -36.44
N ASN B 437 38.48 30.67 -35.44
CA ASN B 437 39.48 30.20 -34.49
C ASN B 437 38.91 29.16 -33.53
N TYR B 438 37.62 29.28 -33.21
CA TYR B 438 36.94 28.37 -32.30
C TYR B 438 36.30 27.24 -33.09
N LEU B 439 36.58 26.00 -32.69
CA LEU B 439 36.23 24.83 -33.47
C LEU B 439 35.46 23.83 -32.60
N TYR B 440 34.95 22.78 -33.21
CA TYR B 440 34.15 21.81 -32.46
C TYR B 440 34.29 20.43 -33.10
N ARG B 441 33.48 19.49 -32.60
CA ARG B 441 33.51 18.09 -33.02
C ARG B 441 32.17 17.73 -33.64
N LEU B 442 32.22 17.08 -34.81
CA LEU B 442 31.03 16.58 -35.48
C LEU B 442 30.92 15.06 -35.51
N PHE B 443 32.04 14.35 -35.62
CA PHE B 443 32.02 12.90 -35.74
C PHE B 443 32.62 12.26 -34.50
N ARG B 444 32.46 10.94 -34.39
CA ARG B 444 32.73 10.29 -33.12
C ARG B 444 33.15 8.85 -33.36
N LYS B 445 34.21 8.42 -32.67
CA LYS B 445 34.64 7.02 -32.65
C LYS B 445 34.44 6.38 -31.29
N SER B 446 34.90 7.01 -30.22
CA SER B 446 34.82 6.44 -28.89
C SER B 446 33.44 6.67 -28.28
N ASN B 447 33.06 5.79 -27.37
CA ASN B 447 31.83 5.96 -26.60
C ASN B 447 32.07 7.01 -25.51
N LEU B 448 31.32 8.10 -25.57
CA LEU B 448 31.61 9.25 -24.71
C LEU B 448 31.21 8.98 -23.27
N LYS B 449 32.14 9.19 -22.38
CA LYS B 449 31.94 9.22 -20.94
C LYS B 449 31.67 10.65 -20.49
N PRO B 450 30.88 10.84 -19.43
CA PRO B 450 30.58 12.21 -18.99
C PRO B 450 31.79 12.88 -18.34
N PHE B 451 32.00 14.14 -18.69
CA PHE B 451 33.08 15.01 -18.20
C PHE B 451 34.45 14.42 -18.48
N GLU B 452 34.77 14.31 -19.77
CA GLU B 452 36.07 13.84 -20.24
C GLU B 452 36.50 14.72 -21.40
N ARG B 453 37.56 15.50 -21.20
CA ARG B 453 38.08 16.34 -22.28
C ARG B 453 38.82 15.47 -23.29
N ASP B 454 38.50 15.64 -24.57
CA ASP B 454 39.13 14.90 -25.66
C ASP B 454 39.65 15.90 -26.68
N ILE B 455 40.93 15.77 -27.02
CA ILE B 455 41.62 16.70 -27.91
C ILE B 455 42.13 16.00 -29.16
N SER B 456 41.56 14.86 -29.51
CA SER B 456 42.03 14.07 -30.65
C SER B 456 41.44 14.63 -31.94
N THR B 457 42.31 15.04 -32.87
CA THR B 457 41.91 15.48 -34.20
C THR B 457 42.11 14.37 -35.23
N GLU B 458 41.85 13.13 -34.81
CA GLU B 458 42.09 11.97 -35.68
C GLU B 458 41.10 11.96 -36.84
N ILE B 459 41.59 11.58 -38.01
CA ILE B 459 40.79 11.55 -39.23
C ILE B 459 39.74 10.47 -39.10
N TYR B 460 38.47 10.86 -39.19
CA TYR B 460 37.37 9.90 -39.14
C TYR B 460 37.28 9.16 -40.46
N GLN B 461 37.43 7.84 -40.42
CA GLN B 461 37.32 7.02 -41.61
C GLN B 461 35.86 6.79 -41.96
N ALA B 462 35.51 7.03 -43.22
CA ALA B 462 34.12 6.83 -43.64
C ALA B 462 33.80 5.36 -43.85
N GLY B 463 34.49 4.72 -44.79
CA GLY B 463 34.25 3.31 -45.07
C GLY B 463 35.49 2.46 -44.87
N SER B 464 36.05 2.01 -45.98
CA SER B 464 37.27 1.19 -45.98
C SER B 464 38.41 1.95 -46.66
N THR B 465 38.54 3.24 -46.35
CA THR B 465 39.61 4.07 -46.88
C THR B 465 40.66 4.27 -45.81
N PRO B 466 41.83 3.62 -45.89
CA PRO B 466 42.90 3.89 -44.91
C PRO B 466 43.54 5.25 -45.16
N CYS B 467 43.21 6.21 -44.31
CA CYS B 467 43.71 7.56 -44.50
C CYS B 467 45.14 7.68 -44.00
N ASN B 468 45.35 7.42 -42.70
CA ASN B 468 46.66 7.25 -42.06
C ASN B 468 47.54 8.48 -42.21
N GLY B 469 47.11 9.58 -41.59
CA GLY B 469 47.87 10.80 -41.51
C GLY B 469 47.46 11.86 -42.53
N VAL B 470 46.97 11.46 -43.69
CA VAL B 470 46.56 12.39 -44.73
C VAL B 470 45.08 12.20 -45.02
N GLU B 471 44.55 13.04 -45.89
CA GLU B 471 43.15 12.96 -46.28
C GLU B 471 43.03 12.05 -47.52
N GLY B 472 41.85 12.02 -48.13
CA GLY B 472 41.65 11.19 -49.30
C GLY B 472 40.19 11.00 -49.67
N PHE B 473 39.83 9.79 -50.07
CA PHE B 473 38.47 9.47 -50.46
C PHE B 473 37.58 9.41 -49.23
N ASN B 474 36.83 10.49 -49.00
CA ASN B 474 35.92 10.67 -47.87
C ASN B 474 36.62 10.50 -46.52
N CYS B 475 37.88 10.92 -46.45
CA CYS B 475 38.57 10.98 -45.16
C CYS B 475 37.97 12.11 -44.35
N TYR B 476 37.00 11.80 -43.50
CA TYR B 476 36.23 12.81 -42.80
C TYR B 476 37.06 13.47 -41.72
N PHE B 477 37.19 14.79 -41.80
CA PHE B 477 37.91 15.58 -40.83
C PHE B 477 36.91 16.09 -39.80
N PRO B 478 36.84 15.50 -38.60
CA PRO B 478 35.72 15.80 -37.70
C PRO B 478 35.82 17.16 -37.03
N LEU B 479 36.99 17.79 -37.03
CA LEU B 479 37.19 19.08 -36.37
C LEU B 479 36.58 20.16 -37.27
N GLN B 480 35.29 20.39 -37.10
CA GLN B 480 34.56 21.33 -37.93
C GLN B 480 34.65 22.73 -37.33
N SER B 481 33.92 23.69 -37.89
CA SER B 481 34.15 25.09 -37.59
C SER B 481 32.86 25.81 -37.24
N TYR B 482 32.99 26.83 -36.40
CA TYR B 482 31.89 27.64 -35.92
C TYR B 482 31.56 28.78 -36.90
N GLY B 483 30.27 29.03 -37.08
CA GLY B 483 29.85 30.19 -37.82
C GLY B 483 29.61 31.38 -36.92
N PHE B 484 30.61 32.26 -36.81
CA PHE B 484 30.56 33.39 -35.89
C PHE B 484 30.43 34.68 -36.71
N GLN B 485 29.19 35.01 -37.03
CA GLN B 485 28.90 36.21 -37.79
C GLN B 485 27.68 36.91 -37.21
N PRO B 486 27.58 38.23 -37.38
CA PRO B 486 26.30 38.92 -37.18
C PRO B 486 25.37 38.86 -38.38
N THR B 487 25.71 38.08 -39.41
CA THR B 487 24.84 37.92 -40.56
C THR B 487 23.70 36.94 -40.31
N ASN B 488 23.85 36.05 -39.33
CA ASN B 488 22.83 35.06 -39.04
C ASN B 488 21.72 35.67 -38.19
N GLY B 489 20.83 34.83 -37.68
CA GLY B 489 19.72 35.29 -36.87
C GLY B 489 20.12 35.61 -35.45
N VAL B 490 19.16 35.47 -34.53
CA VAL B 490 19.39 35.77 -33.13
C VAL B 490 19.51 34.52 -32.26
N GLY B 491 19.18 33.35 -32.80
CA GLY B 491 19.32 32.10 -32.08
C GLY B 491 20.51 31.26 -32.47
N TYR B 492 21.29 31.70 -33.46
CA TYR B 492 22.44 30.96 -33.95
C TYR B 492 23.75 31.67 -33.58
N GLN B 493 23.77 32.30 -32.42
CA GLN B 493 24.82 33.20 -32.00
C GLN B 493 25.58 32.64 -30.81
N PRO B 494 26.87 32.97 -30.65
CA PRO B 494 27.66 32.38 -29.56
C PRO B 494 27.25 32.92 -28.19
N TYR B 495 27.07 32.01 -27.25
CA TYR B 495 26.75 32.34 -25.87
C TYR B 495 27.90 31.93 -24.95
N ARG B 496 28.28 32.81 -24.03
CA ARG B 496 29.13 32.39 -22.91
C ARG B 496 28.36 31.41 -22.04
N VAL B 497 28.88 30.19 -21.94
CA VAL B 497 28.24 29.13 -21.17
C VAL B 497 29.21 28.73 -20.05
N VAL B 498 28.82 29.01 -18.81
CA VAL B 498 29.55 28.55 -17.64
C VAL B 498 28.67 27.54 -16.93
N VAL B 499 29.06 26.27 -17.00
CA VAL B 499 28.33 25.21 -16.33
C VAL B 499 28.76 25.23 -14.88
N LEU B 500 27.93 25.84 -14.03
CA LEU B 500 28.26 26.04 -12.61
C LEU B 500 28.07 24.71 -11.89
N SER B 501 29.11 23.88 -11.93
CA SER B 501 29.10 22.60 -11.26
C SER B 501 29.92 22.69 -9.97
N PHE B 502 29.56 21.84 -9.01
CA PHE B 502 30.15 21.92 -7.68
C PHE B 502 29.92 20.59 -6.97
N GLU B 503 30.79 20.28 -6.02
CA GLU B 503 30.68 19.09 -5.19
C GLU B 503 30.28 19.50 -3.79
N LEU B 504 29.31 18.79 -3.21
CA LEU B 504 28.67 19.20 -1.97
C LEU B 504 28.83 18.12 -0.91
N LEU B 505 29.33 18.53 0.27
CA LEU B 505 29.46 17.69 1.46
C LEU B 505 30.34 16.46 1.23
N HIS B 506 31.57 16.74 0.79
CA HIS B 506 32.61 15.70 0.74
C HIS B 506 33.95 16.22 1.21
N ALA B 507 33.99 17.40 1.83
CA ALA B 507 35.22 18.07 2.23
C ALA B 507 34.84 19.16 3.23
N PRO B 508 35.79 19.65 4.03
CA PRO B 508 35.56 20.91 4.73
C PRO B 508 35.42 22.05 3.74
N ALA B 509 34.58 23.02 4.10
CA ALA B 509 34.11 24.02 3.15
C ALA B 509 35.21 25.02 2.82
N THR B 510 35.58 25.08 1.54
CA THR B 510 36.51 26.08 1.05
C THR B 510 35.83 27.22 0.30
N VAL B 511 34.57 27.06 -0.08
CA VAL B 511 33.85 28.05 -0.87
C VAL B 511 32.62 28.44 -0.05
N CYS B 512 32.69 29.56 0.66
CA CYS B 512 31.50 30.09 1.29
C CYS B 512 31.45 31.60 1.11
N GLY B 513 30.27 32.09 0.75
CA GLY B 513 30.07 33.48 0.44
C GLY B 513 29.97 34.37 1.67
N PRO B 514 29.51 35.60 1.47
CA PRO B 514 29.43 36.55 2.59
C PRO B 514 28.26 36.26 3.53
N LYS B 515 28.38 35.17 4.29
CA LYS B 515 27.44 34.85 5.36
C LYS B 515 28.18 35.00 6.68
N LYS B 516 27.72 35.95 7.51
CA LYS B 516 28.49 36.36 8.67
C LYS B 516 28.43 35.31 9.77
N SER B 517 29.59 34.99 10.34
CA SER B 517 29.66 34.09 11.47
C SER B 517 29.10 34.75 12.72
N THR B 518 28.67 33.93 13.67
CA THR B 518 28.07 34.40 14.91
C THR B 518 28.91 33.94 16.09
N ASN B 519 28.37 34.16 17.29
CA ASN B 519 29.05 33.80 18.53
C ASN B 519 28.70 32.37 18.92
N LEU B 520 29.73 31.59 19.23
CA LEU B 520 29.54 30.19 19.62
C LEU B 520 29.00 30.15 21.04
N VAL B 521 27.77 29.68 21.19
CA VAL B 521 27.11 29.58 22.49
C VAL B 521 26.92 28.10 22.81
N LYS B 522 27.20 27.72 24.05
CA LYS B 522 27.16 26.33 24.47
C LYS B 522 25.99 26.08 25.42
N ASN B 523 25.61 24.80 25.50
CA ASN B 523 24.73 24.24 26.53
C ASN B 523 23.33 24.86 26.51
N LYS B 524 22.87 25.29 25.35
CA LYS B 524 21.55 25.87 25.21
C LYS B 524 20.82 25.26 24.02
N CYS B 525 19.50 25.15 24.15
CA CYS B 525 18.65 24.58 23.11
C CYS B 525 18.54 25.61 21.98
N VAL B 526 19.53 25.59 21.10
CA VAL B 526 19.67 26.59 20.06
C VAL B 526 19.37 25.95 18.71
N ASN B 527 19.05 26.80 17.74
CA ASN B 527 18.92 26.39 16.35
C ASN B 527 20.19 26.84 15.63
N PHE B 528 21.22 26.02 15.75
CA PHE B 528 22.52 26.40 15.22
C PHE B 528 22.58 26.20 13.72
N ASN B 529 23.72 26.58 13.14
CA ASN B 529 23.99 26.34 11.72
C ASN B 529 25.50 26.13 11.61
N PHE B 530 25.92 24.88 11.68
CA PHE B 530 27.33 24.53 11.62
C PHE B 530 27.62 23.96 10.25
N ASN B 531 28.59 24.54 9.55
CA ASN B 531 29.15 24.07 8.27
C ASN B 531 28.12 24.04 7.15
N GLY B 532 26.93 24.62 7.34
CA GLY B 532 25.86 24.60 6.36
C GLY B 532 24.62 23.84 6.81
N LEU B 533 24.78 22.84 7.66
CA LEU B 533 23.66 21.99 8.02
C LEU B 533 22.76 22.69 9.04
N THR B 534 21.46 22.49 8.90
CA THR B 534 20.48 23.12 9.76
C THR B 534 20.19 22.16 10.92
N GLY B 535 21.00 22.26 11.96
CA GLY B 535 20.80 21.46 13.15
C GLY B 535 20.17 22.27 14.27
N THR B 536 19.61 21.55 15.25
CA THR B 536 18.93 22.20 16.36
C THR B 536 19.08 21.33 17.60
N GLY B 537 19.58 21.91 18.68
CA GLY B 537 19.64 21.20 19.94
C GLY B 537 20.57 21.88 20.92
N VAL B 538 20.87 21.14 21.99
CA VAL B 538 21.76 21.62 23.05
C VAL B 538 23.18 21.24 22.70
N LEU B 539 24.08 22.22 22.74
CA LEU B 539 25.46 22.03 22.32
C LEU B 539 26.35 21.94 23.56
N THR B 540 26.67 20.71 23.95
CA THR B 540 27.66 20.48 24.97
C THR B 540 29.04 20.40 24.33
N GLU B 541 30.07 20.71 25.13
CA GLU B 541 31.43 20.59 24.64
C GLU B 541 31.83 19.12 24.63
N SER B 542 32.31 18.64 23.50
CA SER B 542 32.67 17.24 23.36
C SER B 542 34.04 16.99 23.98
N ASN B 543 34.08 16.08 24.96
CA ASN B 543 35.33 15.59 25.54
C ASN B 543 35.76 14.30 24.87
N LYS B 544 35.37 14.10 23.62
CA LYS B 544 35.64 12.84 22.93
C LYS B 544 36.95 12.95 22.14
N LYS B 545 37.21 11.98 21.29
CA LYS B 545 38.51 11.81 20.65
C LYS B 545 38.31 11.69 19.14
N PHE B 546 38.46 12.79 18.42
CA PHE B 546 38.55 12.74 16.98
C PHE B 546 39.99 12.61 16.51
N LEU B 547 40.14 12.22 15.27
CA LEU B 547 41.37 12.42 14.54
C LEU B 547 41.34 13.79 13.89
N PRO B 548 42.49 14.41 13.60
CA PRO B 548 42.48 15.80 13.09
C PRO B 548 41.83 15.98 11.72
N PHE B 549 41.53 14.91 10.99
CA PHE B 549 40.66 15.02 9.82
C PHE B 549 39.22 14.70 10.16
N GLN B 550 38.97 13.95 11.24
CA GLN B 550 37.62 13.57 11.62
C GLN B 550 36.83 14.78 12.07
N GLN B 551 35.73 15.05 11.37
CA GLN B 551 34.88 16.21 11.61
C GLN B 551 33.51 15.83 12.14
N PHE B 552 32.80 14.92 11.47
CA PHE B 552 31.40 14.65 11.76
C PHE B 552 31.27 13.25 12.34
N GLY B 553 31.20 13.19 13.67
CA GLY B 553 30.96 11.92 14.33
C GLY B 553 29.50 11.50 14.18
N ARG B 554 29.29 10.19 14.01
CA ARG B 554 27.96 9.67 13.76
C ARG B 554 27.63 8.54 14.71
N ASP B 555 26.32 8.34 14.90
CA ASP B 555 25.78 7.36 15.81
C ASP B 555 25.52 6.04 15.09
N ILE B 556 24.73 5.17 15.73
CA ILE B 556 24.30 3.92 15.10
C ILE B 556 23.41 4.22 13.90
N ALA B 557 22.57 5.24 14.01
CA ALA B 557 21.70 5.66 12.91
C ALA B 557 22.42 6.51 11.88
N ASP B 558 23.74 6.73 12.05
CA ASP B 558 24.60 7.52 11.16
C ASP B 558 24.11 8.95 11.00
N THR B 559 23.47 9.49 12.03
CA THR B 559 23.07 10.88 12.06
C THR B 559 24.12 11.69 12.82
N THR B 560 23.96 13.01 12.77
CA THR B 560 25.01 13.90 13.26
C THR B 560 25.05 13.91 14.78
N ASP B 561 26.20 13.53 15.34
CA ASP B 561 26.37 13.46 16.79
C ASP B 561 27.36 14.49 17.30
N ALA B 562 28.58 14.51 16.79
CA ALA B 562 29.62 15.42 17.26
C ALA B 562 30.30 16.07 16.07
N VAL B 563 30.53 17.38 16.18
CA VAL B 563 31.11 18.16 15.10
C VAL B 563 32.35 18.89 15.63
N ARG B 564 33.00 19.61 14.72
CA ARG B 564 34.11 20.49 15.04
C ARG B 564 33.81 21.85 14.44
N ASP B 565 34.02 22.90 15.21
CA ASP B 565 33.77 24.26 14.74
C ASP B 565 34.82 24.64 13.70
N PRO B 566 34.42 25.02 12.48
CA PRO B 566 35.42 25.53 11.53
C PRO B 566 35.94 26.90 11.89
N GLN B 567 35.20 27.66 12.69
CA GLN B 567 35.68 28.96 13.15
C GLN B 567 36.76 28.80 14.21
N THR B 568 36.64 27.78 15.07
CA THR B 568 37.62 27.49 16.10
C THR B 568 37.80 25.98 16.15
N LEU B 569 38.98 25.50 15.75
CA LEU B 569 39.19 24.08 15.43
C LEU B 569 39.20 23.25 16.70
N GLU B 570 38.00 22.87 17.14
CA GLU B 570 37.84 22.12 18.39
C GLU B 570 36.52 21.38 18.36
N ILE B 571 36.49 20.25 19.08
CA ILE B 571 35.43 19.26 18.92
C ILE B 571 34.23 19.68 19.75
N LEU B 572 33.04 19.65 19.14
CA LEU B 572 31.81 20.03 19.80
C LEU B 572 30.83 18.86 19.72
N ASP B 573 29.81 18.89 20.60
CA ASP B 573 28.84 17.82 20.70
C ASP B 573 27.43 18.38 20.58
N ILE B 574 26.51 17.52 20.15
CA ILE B 574 25.13 17.91 19.86
C ILE B 574 24.19 17.03 20.68
N THR B 575 23.26 17.65 21.39
CA THR B 575 22.26 16.94 22.16
C THR B 575 20.89 17.47 21.76
N PRO B 576 19.95 16.60 21.42
CA PRO B 576 18.63 17.08 20.96
C PRO B 576 17.81 17.69 22.09
N CYS B 577 16.75 18.40 21.69
CA CYS B 577 15.73 18.93 22.58
C CYS B 577 14.47 18.08 22.44
N SER B 578 13.37 18.58 23.02
CA SER B 578 12.00 18.07 22.81
C SER B 578 11.86 16.61 23.26
N PHE B 579 12.05 16.43 24.56
CA PHE B 579 12.09 15.10 25.16
C PHE B 579 10.69 14.62 25.48
N GLY B 580 10.40 13.37 25.13
CA GLY B 580 9.19 12.70 25.59
C GLY B 580 7.90 13.26 25.02
N GLY B 581 6.81 12.99 25.73
CA GLY B 581 5.50 13.41 25.30
C GLY B 581 4.61 13.91 26.43
N VAL B 582 3.30 13.89 26.22
CA VAL B 582 2.34 14.44 27.17
C VAL B 582 1.38 13.33 27.57
N SER B 583 1.27 13.10 28.87
CA SER B 583 0.29 12.17 29.41
C SER B 583 -0.53 12.87 30.46
N VAL B 584 -1.85 12.71 30.39
CA VAL B 584 -2.78 13.44 31.24
C VAL B 584 -3.52 12.45 32.13
N ILE B 585 -3.47 12.69 33.44
CA ILE B 585 -4.20 11.90 34.42
C ILE B 585 -5.40 12.72 34.86
N THR B 586 -6.60 12.13 34.77
CA THR B 586 -7.79 12.81 35.24
C THR B 586 -8.81 11.79 35.72
N PRO B 587 -9.61 12.15 36.70
CA PRO B 587 -10.82 11.36 36.99
C PRO B 587 -11.95 11.74 36.03
N GLY B 588 -13.15 11.23 36.30
CA GLY B 588 -14.26 11.48 35.42
C GLY B 588 -14.73 12.92 35.44
N THR B 589 -15.36 13.30 34.32
CA THR B 589 -16.00 14.62 34.23
C THR B 589 -17.14 14.74 35.24
N ASN B 590 -17.96 13.69 35.35
CA ASN B 590 -19.01 13.62 36.35
C ASN B 590 -18.45 13.53 37.77
N THR B 591 -17.19 13.12 37.91
CA THR B 591 -16.58 13.05 39.23
C THR B 591 -16.11 14.42 39.70
N SER B 592 -15.16 15.02 38.98
CA SER B 592 -14.52 16.25 39.42
C SER B 592 -13.88 16.92 38.19
N ASN B 593 -13.04 17.92 38.45
CA ASN B 593 -12.30 18.60 37.40
C ASN B 593 -10.83 18.84 37.74
N GLN B 594 -10.37 18.43 38.91
CA GLN B 594 -8.95 18.52 39.23
C GLN B 594 -8.17 17.50 38.40
N VAL B 595 -7.07 17.95 37.80
CA VAL B 595 -6.33 17.10 36.87
C VAL B 595 -4.89 16.93 37.31
N ALA B 596 -4.12 16.18 36.52
CA ALA B 596 -2.71 15.92 36.81
C ALA B 596 -1.97 15.74 35.50
N VAL B 597 -0.74 16.22 35.45
CA VAL B 597 0.05 16.26 34.23
C VAL B 597 1.29 15.40 34.42
N LEU B 598 1.52 14.47 33.50
CA LEU B 598 2.71 13.63 33.50
C LEU B 598 3.68 14.10 32.43
N TYR B 599 4.87 14.51 32.85
CA TYR B 599 6.00 14.60 31.93
C TYR B 599 6.51 13.19 31.68
N GLN B 600 6.56 12.79 30.41
CA GLN B 600 6.82 11.39 30.09
C GLN B 600 8.30 11.07 30.27
N ASP B 601 8.61 10.56 31.47
CA ASP B 601 9.89 9.91 31.80
C ASP B 601 11.08 10.85 31.67
N VAL B 602 10.87 12.11 32.03
CA VAL B 602 11.95 13.08 32.13
C VAL B 602 11.94 13.67 33.52
N ASN B 603 13.04 14.30 33.90
CA ASN B 603 13.09 14.94 35.20
C ASN B 603 12.60 16.38 35.09
N CYS B 604 12.55 17.06 36.23
CA CYS B 604 11.84 18.33 36.35
C CYS B 604 12.65 19.43 35.68
N THR B 605 12.23 19.79 34.48
CA THR B 605 12.96 20.72 33.63
C THR B 605 12.12 21.90 33.18
N GLU B 606 10.85 21.67 32.82
CA GLU B 606 10.01 22.74 32.30
C GLU B 606 9.55 23.70 33.38
N VAL B 607 8.77 23.18 34.35
CA VAL B 607 7.99 23.88 35.39
C VAL B 607 7.41 25.24 34.98
N ASN B 628 2.25 18.15 44.04
CA ASN B 628 3.09 19.15 43.42
C ASN B 628 4.00 18.56 42.37
N VAL B 629 5.15 19.21 42.17
CA VAL B 629 6.12 18.81 41.17
C VAL B 629 6.94 17.67 41.75
N PHE B 630 6.48 16.44 41.53
CA PHE B 630 7.02 15.27 42.21
C PHE B 630 7.64 14.33 41.19
N GLN B 631 8.47 13.39 41.67
CA GLN B 631 9.14 12.46 40.78
C GLN B 631 8.95 11.03 41.24
N THR B 632 8.71 10.16 40.25
CA THR B 632 8.68 8.71 40.41
C THR B 632 9.58 8.11 39.34
N ARG B 633 9.50 6.80 39.14
CA ARG B 633 10.12 6.19 37.97
C ARG B 633 9.35 6.48 36.69
N ALA B 634 8.14 7.02 36.78
CA ALA B 634 7.39 7.46 35.62
C ALA B 634 7.74 8.88 35.20
N GLY B 635 8.70 9.51 35.86
CA GLY B 635 9.18 10.82 35.49
C GLY B 635 8.78 11.88 36.49
N CYS B 636 8.93 13.14 36.08
CA CYS B 636 8.56 14.28 36.90
C CYS B 636 7.05 14.51 36.77
N LEU B 637 6.32 14.25 37.85
CA LEU B 637 4.86 14.32 37.85
C LEU B 637 4.41 15.60 38.54
N ILE B 638 3.41 16.26 37.95
CA ILE B 638 2.91 17.53 38.45
C ILE B 638 1.39 17.45 38.54
N GLY B 639 0.83 17.79 39.69
CA GLY B 639 -0.60 17.82 39.85
C GLY B 639 -1.10 16.70 40.73
N ALA B 640 -0.24 16.22 41.61
CA ALA B 640 -0.61 15.14 42.51
C ALA B 640 0.12 15.31 43.83
N GLU B 641 -0.43 14.71 44.87
CA GLU B 641 0.15 14.73 46.21
C GLU B 641 0.67 13.34 46.52
N HIS B 642 1.98 13.20 46.63
CA HIS B 642 2.59 11.90 46.82
C HIS B 642 2.39 11.43 48.25
N VAL B 643 1.84 10.22 48.40
CA VAL B 643 1.43 9.69 49.69
C VAL B 643 2.20 8.39 49.92
N ASN B 644 2.67 8.18 51.15
CA ASN B 644 3.36 6.94 51.50
C ASN B 644 2.41 5.78 51.76
N ASN B 645 1.11 5.94 51.58
CA ASN B 645 0.20 4.84 51.76
C ASN B 645 0.27 3.88 50.56
N SER B 646 -0.48 2.79 50.67
CA SER B 646 -0.52 1.79 49.61
C SER B 646 -1.95 1.30 49.50
N TYR B 647 -2.60 1.63 48.40
CA TYR B 647 -4.02 1.42 48.21
C TYR B 647 -4.26 0.46 47.05
N GLU B 648 -5.51 0.29 46.67
CA GLU B 648 -5.86 -0.41 45.45
C GLU B 648 -5.59 0.51 44.26
N CYS B 649 -5.08 -0.05 43.17
CA CYS B 649 -4.82 0.74 41.98
C CYS B 649 -6.13 1.14 41.30
N ASP B 650 -6.19 2.40 40.87
CA ASP B 650 -7.38 2.91 40.20
C ASP B 650 -7.10 3.39 38.79
N ILE B 651 -6.06 4.20 38.59
CA ILE B 651 -5.60 4.57 37.25
C ILE B 651 -4.11 4.31 37.21
N PRO B 652 -3.63 3.45 36.32
CA PRO B 652 -2.19 3.16 36.27
C PRO B 652 -1.41 4.29 35.63
N ILE B 653 -0.19 4.49 36.15
CA ILE B 653 0.74 5.49 35.66
C ILE B 653 2.00 4.83 35.09
N GLY B 654 2.57 3.92 35.83
CA GLY B 654 3.81 3.24 35.47
C GLY B 654 4.54 2.87 36.74
N ALA B 655 5.34 1.81 36.64
CA ALA B 655 6.24 1.31 37.70
C ALA B 655 5.47 0.96 38.97
N GLY B 656 4.24 0.51 38.84
CA GLY B 656 3.46 0.10 39.99
C GLY B 656 2.95 1.23 40.85
N ILE B 657 2.85 2.43 40.30
CA ILE B 657 2.34 3.58 41.03
C ILE B 657 1.07 4.05 40.33
N CYS B 658 -0.02 4.14 41.08
CA CYS B 658 -1.33 4.48 40.53
C CYS B 658 -1.87 5.74 41.19
N ALA B 659 -2.96 6.25 40.64
CA ALA B 659 -3.53 7.51 41.07
C ALA B 659 -5.00 7.36 41.41
N SER B 660 -5.48 8.26 42.27
CA SER B 660 -6.88 8.27 42.69
C SER B 660 -7.22 9.63 43.24
N TYR B 661 -8.48 10.02 43.11
CA TYR B 661 -8.99 11.30 43.61
C TYR B 661 -9.70 11.03 44.92
N GLN B 662 -8.93 10.99 46.01
CA GLN B 662 -9.48 10.68 47.33
C GLN B 662 -8.86 11.62 48.35
N THR B 663 -9.07 11.29 49.62
CA THR B 663 -8.55 12.08 50.73
C THR B 663 -7.05 11.90 50.87
N SER B 676 -9.76 20.14 49.08
CA SER B 676 -9.40 19.21 50.15
C SER B 676 -8.92 17.89 49.56
N GLN B 677 -9.88 17.06 49.15
CA GLN B 677 -9.57 15.77 48.54
C GLN B 677 -9.09 16.01 47.11
N SER B 678 -7.87 15.58 46.82
CA SER B 678 -7.29 15.81 45.49
C SER B 678 -6.77 14.50 44.90
N ILE B 679 -6.03 14.59 43.81
CA ILE B 679 -5.44 13.42 43.20
C ILE B 679 -4.15 13.08 43.94
N ILE B 680 -4.05 11.85 44.40
CA ILE B 680 -2.87 11.37 45.12
C ILE B 680 -2.12 10.38 44.24
N ALA B 681 -0.80 10.33 44.41
CA ALA B 681 0.08 9.48 43.63
C ALA B 681 0.71 8.46 44.58
N TYR B 682 0.11 7.26 44.63
CA TYR B 682 0.45 6.26 45.62
C TYR B 682 1.05 5.04 44.95
N THR B 683 2.06 4.46 45.61
CA THR B 683 2.58 3.17 45.17
C THR B 683 1.54 2.10 45.49
N MET B 684 1.25 1.25 44.51
CA MET B 684 0.17 0.29 44.60
C MET B 684 0.44 -0.77 45.66
N SER B 685 -0.54 -1.00 46.53
CA SER B 685 -0.51 -2.16 47.39
C SER B 685 -0.75 -3.41 46.57
N LEU B 686 -0.03 -4.47 46.90
CA LEU B 686 -0.17 -5.70 46.14
C LEU B 686 -1.39 -6.51 46.56
N GLY B 687 -2.06 -6.12 47.62
CA GLY B 687 -3.22 -6.82 48.10
C GLY B 687 -3.31 -6.75 49.62
N ALA B 688 -3.63 -7.89 50.23
CA ALA B 688 -3.80 -7.99 51.67
C ALA B 688 -2.81 -9.01 52.21
N GLU B 689 -1.92 -8.55 53.09
CA GLU B 689 -0.93 -9.42 53.70
C GLU B 689 -1.60 -10.33 54.73
N ASN B 690 -1.28 -11.62 54.69
CA ASN B 690 -1.92 -12.57 55.59
C ASN B 690 -0.89 -13.64 55.94
N SER B 691 -0.38 -13.58 57.17
CA SER B 691 0.49 -14.62 57.70
C SER B 691 -0.39 -15.77 58.16
N VAL B 692 -0.71 -16.64 57.20
CA VAL B 692 -1.57 -17.80 57.48
C VAL B 692 -0.77 -18.80 58.31
N ALA B 693 -1.39 -19.29 59.39
CA ALA B 693 -0.72 -20.22 60.29
C ALA B 693 -0.50 -21.57 59.61
N TYR B 694 0.39 -22.35 60.21
CA TYR B 694 0.71 -23.68 59.74
C TYR B 694 1.04 -24.54 60.95
N SER B 695 0.62 -25.81 60.90
CA SER B 695 0.80 -26.71 62.02
C SER B 695 1.47 -27.98 61.54
N ASN B 696 1.78 -28.84 62.51
CA ASN B 696 2.30 -30.18 62.26
C ASN B 696 1.23 -31.23 62.44
N ASN B 697 0.35 -31.06 63.42
CA ASN B 697 -0.65 -32.08 63.75
C ASN B 697 -2.03 -31.46 63.93
N SER B 698 -2.33 -30.42 63.16
CA SER B 698 -3.63 -29.78 63.19
C SER B 698 -4.02 -29.40 61.77
N ILE B 699 -5.32 -29.27 61.53
CA ILE B 699 -5.83 -29.01 60.19
C ILE B 699 -7.09 -28.17 60.30
N ALA B 700 -7.46 -27.53 59.20
CA ALA B 700 -8.66 -26.70 59.12
C ALA B 700 -9.56 -27.29 58.04
N ILE B 701 -10.78 -27.65 58.43
CA ILE B 701 -11.74 -28.30 57.54
C ILE B 701 -13.00 -27.45 57.50
N PRO B 702 -13.53 -27.13 56.33
CA PRO B 702 -14.74 -26.29 56.26
C PRO B 702 -15.97 -26.98 56.81
N THR B 703 -16.86 -26.16 57.37
CA THR B 703 -18.07 -26.65 58.02
C THR B 703 -19.35 -26.17 57.36
N ASN B 704 -19.29 -25.14 56.52
CA ASN B 704 -20.45 -24.58 55.86
C ASN B 704 -19.93 -23.87 54.61
N PHE B 705 -20.83 -23.64 53.67
CA PHE B 705 -20.40 -23.22 52.34
C PHE B 705 -21.19 -22.06 51.77
N THR B 706 -20.93 -21.75 50.50
CA THR B 706 -21.58 -20.66 49.79
C THR B 706 -21.60 -21.02 48.31
N ILE B 707 -22.75 -20.83 47.67
CA ILE B 707 -22.88 -21.07 46.24
C ILE B 707 -22.86 -19.72 45.53
N SER B 708 -21.81 -19.47 44.77
CA SER B 708 -21.59 -18.20 44.11
C SER B 708 -21.82 -18.32 42.61
N VAL B 709 -22.46 -17.31 42.04
CA VAL B 709 -22.70 -17.24 40.61
C VAL B 709 -21.65 -16.34 39.98
N THR B 710 -20.88 -16.89 39.06
CA THR B 710 -19.85 -16.15 38.36
C THR B 710 -20.28 -15.99 36.91
N THR B 711 -20.13 -14.77 36.37
CA THR B 711 -20.61 -14.42 35.05
C THR B 711 -19.43 -14.06 34.16
N GLU B 712 -19.25 -14.81 33.08
CA GLU B 712 -18.26 -14.50 32.07
C GLU B 712 -18.95 -13.95 30.83
N ILE B 713 -18.20 -13.16 30.07
CA ILE B 713 -18.67 -12.54 28.85
C ILE B 713 -17.64 -12.80 27.77
N LEU B 714 -18.04 -13.50 26.71
CA LEU B 714 -17.13 -13.82 25.65
C LEU B 714 -17.68 -13.30 24.33
N PRO B 715 -16.92 -12.53 23.57
CA PRO B 715 -17.37 -12.12 22.24
C PRO B 715 -17.33 -13.29 21.28
N VAL B 716 -18.30 -13.34 20.36
CA VAL B 716 -18.40 -14.43 19.42
C VAL B 716 -18.31 -13.93 17.99
N SER B 717 -19.18 -13.00 17.64
CA SER B 717 -19.31 -12.55 16.26
C SER B 717 -18.84 -11.11 16.15
N MET B 718 -17.83 -10.89 15.32
CA MET B 718 -17.55 -9.54 14.87
C MET B 718 -18.63 -9.12 13.87
N THR B 719 -18.84 -7.82 13.77
CA THR B 719 -19.75 -7.26 12.77
C THR B 719 -19.31 -7.62 11.36
N LYS B 720 -20.12 -8.43 10.67
CA LYS B 720 -19.84 -8.84 9.31
C LYS B 720 -19.88 -7.62 8.39
N THR B 721 -18.85 -7.47 7.56
CA THR B 721 -18.67 -6.25 6.79
C THR B 721 -18.24 -6.59 5.38
N SER B 722 -19.00 -6.14 4.39
CA SER B 722 -18.61 -6.19 3.00
C SER B 722 -18.37 -4.76 2.51
N VAL B 723 -17.23 -4.55 1.87
CA VAL B 723 -16.85 -3.22 1.40
C VAL B 723 -16.63 -3.29 -0.10
N ASP B 724 -17.47 -2.59 -0.85
CA ASP B 724 -17.21 -2.40 -2.27
C ASP B 724 -16.06 -1.42 -2.44
N CYS B 725 -15.25 -1.65 -3.47
CA CYS B 725 -14.09 -0.81 -3.69
C CYS B 725 -14.38 0.34 -4.64
N THR B 726 -15.16 0.07 -5.69
CA THR B 726 -15.35 1.06 -6.74
C THR B 726 -16.24 2.20 -6.26
N MET B 727 -17.33 1.88 -5.56
CA MET B 727 -18.18 2.91 -4.99
C MET B 727 -17.46 3.64 -3.85
N TYR B 728 -16.51 2.98 -3.19
CA TYR B 728 -15.66 3.66 -2.23
C TYR B 728 -14.70 4.61 -2.92
N ILE B 729 -13.84 4.08 -3.79
CA ILE B 729 -12.76 4.87 -4.38
C ILE B 729 -13.28 5.80 -5.46
N CYS B 730 -13.88 5.22 -6.50
CA CYS B 730 -14.24 5.96 -7.70
C CYS B 730 -15.73 6.29 -7.66
N GLY B 731 -16.06 7.33 -6.90
CA GLY B 731 -17.44 7.72 -6.80
C GLY B 731 -17.90 8.45 -8.04
N ASP B 732 -18.70 7.75 -8.85
CA ASP B 732 -19.29 8.26 -10.10
C ASP B 732 -18.22 8.75 -11.08
N SER B 733 -17.38 7.82 -11.53
CA SER B 733 -16.33 8.18 -12.45
C SER B 733 -16.10 7.05 -13.44
N THR B 734 -15.40 7.40 -14.53
CA THR B 734 -14.99 6.44 -15.55
C THR B 734 -13.48 6.37 -15.66
N GLU B 735 -12.80 7.53 -15.67
CA GLU B 735 -11.35 7.56 -15.73
C GLU B 735 -10.72 6.98 -14.48
N CYS B 736 -11.37 7.14 -13.33
CA CYS B 736 -10.89 6.54 -12.09
C CYS B 736 -10.93 5.03 -12.17
N SER B 737 -12.03 4.47 -12.70
CA SER B 737 -12.12 3.02 -12.85
C SER B 737 -11.17 2.51 -13.92
N ASN B 738 -10.92 3.30 -14.97
CA ASN B 738 -9.96 2.88 -15.99
C ASN B 738 -8.54 2.87 -15.45
N LEU B 739 -8.21 3.82 -14.57
CA LEU B 739 -6.92 3.78 -13.91
C LEU B 739 -6.84 2.70 -12.86
N LEU B 740 -7.99 2.33 -12.27
CA LEU B 740 -8.00 1.21 -11.35
C LEU B 740 -7.78 -0.11 -12.06
N LEU B 741 -8.28 -0.23 -13.30
CA LEU B 741 -8.06 -1.41 -14.12
C LEU B 741 -6.61 -1.58 -14.56
N GLN B 742 -5.78 -0.56 -14.42
CA GLN B 742 -4.35 -0.70 -14.68
C GLN B 742 -3.58 -1.22 -13.48
N TYR B 743 -4.28 -1.66 -12.43
CA TYR B 743 -3.63 -2.15 -11.23
C TYR B 743 -3.85 -3.62 -10.94
N GLY B 744 -4.94 -4.21 -11.40
CA GLY B 744 -5.09 -5.66 -11.28
C GLY B 744 -6.26 -6.14 -10.45
N SER B 745 -6.02 -7.18 -9.65
CA SER B 745 -7.07 -7.88 -8.90
C SER B 745 -7.16 -7.42 -7.46
N PHE B 746 -6.95 -6.12 -7.23
CA PHE B 746 -6.87 -5.62 -5.87
C PHE B 746 -8.23 -5.56 -5.21
N CYS B 747 -9.24 -5.11 -5.95
CA CYS B 747 -10.62 -5.23 -5.50
C CYS B 747 -10.99 -6.69 -5.31
N THR B 748 -10.51 -7.56 -6.21
CA THR B 748 -10.77 -8.99 -6.11
C THR B 748 -10.13 -9.57 -4.86
N GLN B 749 -8.89 -9.17 -4.57
CA GLN B 749 -8.17 -9.65 -3.40
C GLN B 749 -8.85 -9.21 -2.10
N LEU B 750 -9.26 -7.94 -2.04
CA LEU B 750 -9.88 -7.47 -0.80
C LEU B 750 -11.28 -8.02 -0.63
N ASN B 751 -12.00 -8.27 -1.73
CA ASN B 751 -13.30 -8.91 -1.62
C ASN B 751 -13.17 -10.35 -1.16
N ARG B 752 -12.13 -11.06 -1.63
CA ARG B 752 -11.85 -12.39 -1.12
C ARG B 752 -11.56 -12.37 0.37
N ALA B 753 -10.78 -11.40 0.82
CA ALA B 753 -10.41 -11.32 2.23
C ALA B 753 -11.62 -11.05 3.11
N LEU B 754 -12.44 -10.07 2.73
CA LEU B 754 -13.60 -9.74 3.55
C LEU B 754 -14.67 -10.82 3.47
N THR B 755 -14.75 -11.53 2.34
CA THR B 755 -15.72 -12.62 2.23
C THR B 755 -15.29 -13.80 3.10
N GLY B 756 -13.98 -14.08 3.15
CA GLY B 756 -13.49 -15.08 4.07
C GLY B 756 -13.69 -14.70 5.52
N ILE B 757 -13.63 -13.40 5.83
CA ILE B 757 -13.99 -12.90 7.16
C ILE B 757 -15.45 -13.23 7.47
N ALA B 758 -16.34 -12.97 6.50
CA ALA B 758 -17.75 -13.27 6.69
C ALA B 758 -18.00 -14.76 6.89
N VAL B 759 -17.28 -15.59 6.14
CA VAL B 759 -17.38 -17.04 6.28
C VAL B 759 -16.93 -17.47 7.67
N GLU B 760 -15.84 -16.88 8.17
CA GLU B 760 -15.36 -17.28 9.49
C GLU B 760 -16.27 -16.79 10.61
N GLN B 761 -16.93 -15.64 10.43
CA GLN B 761 -17.92 -15.21 11.41
C GLN B 761 -19.09 -16.18 11.45
N ASP B 762 -19.54 -16.62 10.28
CA ASP B 762 -20.61 -17.61 10.22
C ASP B 762 -20.19 -18.93 10.85
N LYS B 763 -18.94 -19.34 10.60
CA LYS B 763 -18.40 -20.56 11.21
C LYS B 763 -18.37 -20.45 12.72
N ASN B 764 -17.95 -19.31 13.24
CA ASN B 764 -17.88 -19.13 14.70
C ASN B 764 -19.26 -19.19 15.32
N THR B 765 -20.21 -18.44 14.76
CA THR B 765 -21.53 -18.40 15.37
C THR B 765 -22.30 -19.70 15.15
N GLN B 766 -21.88 -20.54 14.20
CA GLN B 766 -22.52 -21.85 14.10
C GLN B 766 -21.84 -22.89 14.98
N GLU B 767 -20.51 -22.84 15.10
CA GLU B 767 -19.82 -23.83 15.92
C GLU B 767 -19.97 -23.59 17.40
N VAL B 768 -20.27 -22.35 17.82
CA VAL B 768 -20.50 -22.13 19.25
C VAL B 768 -21.86 -22.66 19.65
N PHE B 769 -22.92 -22.16 19.02
CA PHE B 769 -24.25 -22.39 19.54
C PHE B 769 -24.77 -23.78 19.17
N ALA B 770 -24.66 -24.16 17.90
CA ALA B 770 -25.26 -25.40 17.41
C ALA B 770 -24.43 -26.58 17.89
N GLN B 771 -24.60 -26.92 19.17
CA GLN B 771 -23.95 -28.09 19.73
C GLN B 771 -24.86 -29.30 19.78
N VAL B 772 -26.17 -29.11 19.64
CA VAL B 772 -27.10 -30.22 19.48
C VAL B 772 -27.85 -30.01 18.18
N LYS B 773 -28.71 -30.96 17.83
CA LYS B 773 -29.48 -30.89 16.60
C LYS B 773 -30.97 -30.97 16.82
N GLN B 774 -31.42 -31.36 18.01
CA GLN B 774 -32.83 -31.55 18.32
C GLN B 774 -33.25 -30.47 19.29
N ILE B 775 -34.22 -29.66 18.89
CA ILE B 775 -34.70 -28.56 19.72
C ILE B 775 -35.45 -29.14 20.90
N TYR B 776 -35.03 -28.78 22.11
CA TYR B 776 -35.60 -29.30 23.33
C TYR B 776 -36.45 -28.21 23.97
N LYS B 777 -37.67 -28.56 24.36
CA LYS B 777 -38.59 -27.61 24.97
C LYS B 777 -38.64 -27.84 26.47
N THR B 778 -38.83 -26.74 27.20
CA THR B 778 -38.87 -26.81 28.66
C THR B 778 -40.13 -27.53 29.12
N PRO B 779 -40.06 -28.32 30.19
CA PRO B 779 -41.24 -29.04 30.64
C PRO B 779 -42.22 -28.10 31.32
N PRO B 780 -43.52 -28.35 31.19
CA PRO B 780 -44.50 -27.46 31.83
C PRO B 780 -44.53 -27.63 33.34
N ILE B 781 -44.22 -28.81 33.86
CA ILE B 781 -44.12 -28.99 35.30
C ILE B 781 -42.86 -28.29 35.77
N LYS B 782 -43.03 -27.18 36.50
CA LYS B 782 -41.90 -26.45 37.05
C LYS B 782 -41.79 -26.79 38.53
N ASP B 783 -41.20 -27.97 38.79
CA ASP B 783 -40.93 -28.48 40.13
C ASP B 783 -39.45 -28.85 40.12
N PHE B 784 -38.60 -27.88 40.45
CA PHE B 784 -37.16 -28.02 40.28
C PHE B 784 -36.44 -28.12 41.63
N GLY B 785 -37.04 -28.83 42.57
CA GLY B 785 -36.42 -29.04 43.86
C GLY B 785 -36.25 -27.81 44.70
N GLY B 786 -37.10 -26.80 44.49
CA GLY B 786 -36.96 -25.54 45.17
C GLY B 786 -36.18 -24.49 44.42
N PHE B 787 -35.77 -24.79 43.18
CA PHE B 787 -34.97 -23.87 42.40
C PHE B 787 -35.89 -23.06 41.48
N ASN B 788 -35.82 -21.74 41.61
CA ASN B 788 -36.63 -20.84 40.81
C ASN B 788 -35.77 -20.39 39.63
N PHE B 789 -35.97 -21.02 38.48
CA PHE B 789 -35.20 -20.74 37.28
C PHE B 789 -35.90 -19.73 36.36
N SER B 790 -36.76 -18.89 36.92
CA SER B 790 -37.66 -18.08 36.09
C SER B 790 -36.96 -16.94 35.37
N GLN B 791 -35.74 -16.59 35.75
CA GLN B 791 -35.07 -15.45 35.16
C GLN B 791 -34.04 -15.84 34.12
N ILE B 792 -33.81 -17.14 33.92
CA ILE B 792 -33.07 -17.61 32.76
C ILE B 792 -33.98 -18.28 31.75
N LEU B 793 -35.14 -18.78 32.16
CA LEU B 793 -36.10 -19.29 31.21
C LEU B 793 -36.69 -18.13 30.43
N PRO B 794 -36.77 -18.22 29.11
CA PRO B 794 -37.36 -17.13 28.33
C PRO B 794 -38.86 -17.06 28.56
N ASP B 795 -39.40 -15.86 28.47
CA ASP B 795 -40.82 -15.62 28.69
C ASP B 795 -41.62 -16.22 27.54
N PRO B 796 -42.42 -17.27 27.77
CA PRO B 796 -43.08 -17.95 26.65
C PRO B 796 -44.21 -17.15 26.03
N SER B 797 -44.73 -16.14 26.72
CA SER B 797 -45.78 -15.32 26.16
C SER B 797 -45.24 -14.24 25.21
N LYS B 798 -44.01 -13.80 25.42
CA LYS B 798 -43.46 -12.77 24.55
C LYS B 798 -43.05 -13.39 23.21
N PRO B 799 -43.25 -12.66 22.10
CA PRO B 799 -42.74 -13.17 20.81
C PRO B 799 -41.24 -13.09 20.71
N SER B 800 -40.61 -12.07 21.29
CA SER B 800 -39.16 -12.01 21.41
C SER B 800 -38.77 -12.88 22.59
N LYS B 801 -38.44 -14.14 22.30
CA LYS B 801 -38.35 -15.19 23.30
C LYS B 801 -37.07 -15.01 24.12
N ARG B 802 -37.15 -14.25 25.21
CA ARG B 802 -36.00 -14.01 26.06
C ARG B 802 -36.45 -13.74 27.49
N SER B 803 -35.49 -13.83 28.40
CA SER B 803 -35.69 -13.64 29.83
C SER B 803 -35.32 -12.22 30.24
N PHE B 804 -35.23 -12.00 31.56
CA PHE B 804 -34.79 -10.71 32.08
C PHE B 804 -33.34 -10.43 31.72
N ILE B 805 -32.49 -11.45 31.80
CA ILE B 805 -31.05 -11.26 31.65
C ILE B 805 -30.71 -10.87 30.22
N GLU B 806 -31.28 -11.59 29.25
CA GLU B 806 -31.03 -11.29 27.85
C GLU B 806 -31.62 -9.95 27.46
N ASP B 807 -32.75 -9.58 28.06
CA ASP B 807 -33.34 -8.26 27.81
C ASP B 807 -32.47 -7.15 28.37
N LEU B 808 -31.87 -7.35 29.54
CA LEU B 808 -30.94 -6.35 30.07
C LEU B 808 -29.66 -6.31 29.25
N LEU B 809 -29.29 -7.42 28.63
CA LEU B 809 -28.14 -7.40 27.72
C LEU B 809 -28.44 -6.60 26.46
N PHE B 810 -29.64 -6.78 25.89
CA PHE B 810 -30.02 -5.97 24.73
C PHE B 810 -30.20 -4.51 25.10
N ASN B 811 -30.58 -4.23 26.35
CA ASN B 811 -30.83 -2.86 26.76
C ASN B 811 -29.60 -2.15 27.31
N LYS B 812 -28.51 -2.88 27.56
CA LYS B 812 -27.24 -2.26 27.87
C LYS B 812 -26.31 -2.20 26.67
N VAL B 813 -26.77 -2.65 25.51
CA VAL B 813 -26.05 -2.44 24.24
C VAL B 813 -27.00 -1.63 23.37
N THR B 814 -26.81 -0.32 23.35
CA THR B 814 -27.74 0.58 22.69
C THR B 814 -27.14 1.21 21.44
N LYS B 841 -20.09 5.64 5.65
CA LYS B 841 -20.62 4.36 6.08
C LYS B 841 -21.54 3.77 5.01
N PHE B 842 -22.34 4.63 4.39
CA PHE B 842 -23.34 4.21 3.41
C PHE B 842 -22.86 4.55 2.00
N ASN B 843 -21.55 4.50 1.79
CA ASN B 843 -20.94 4.96 0.55
C ASN B 843 -20.18 3.84 -0.12
N GLY B 844 -20.81 2.67 -0.24
CA GLY B 844 -20.17 1.50 -0.77
C GLY B 844 -19.69 0.53 0.28
N LEU B 845 -20.24 0.61 1.50
CA LEU B 845 -19.77 -0.19 2.62
C LEU B 845 -21.00 -0.84 3.24
N THR B 846 -21.39 -1.98 2.71
CA THR B 846 -22.63 -2.63 3.09
C THR B 846 -22.39 -3.56 4.27
N VAL B 847 -23.02 -3.26 5.40
CA VAL B 847 -22.99 -4.18 6.53
C VAL B 847 -23.85 -5.39 6.19
N LEU B 848 -23.22 -6.56 6.16
CA LEU B 848 -23.96 -7.78 5.93
C LEU B 848 -24.79 -8.12 7.17
N PRO B 849 -25.92 -8.78 6.98
CA PRO B 849 -26.69 -9.27 8.13
C PRO B 849 -26.00 -10.46 8.77
N PRO B 850 -26.32 -10.79 10.01
CA PRO B 850 -25.85 -12.06 10.55
C PRO B 850 -26.59 -13.21 9.89
N LEU B 851 -25.94 -14.37 9.87
CA LEU B 851 -26.57 -15.54 9.27
C LEU B 851 -27.68 -16.07 10.17
N LEU B 852 -27.41 -16.21 11.45
CA LEU B 852 -28.42 -16.61 12.41
C LEU B 852 -29.00 -15.39 13.10
N THR B 853 -30.30 -15.43 13.36
CA THR B 853 -30.97 -14.31 14.00
C THR B 853 -30.82 -14.42 15.51
N ASP B 854 -31.48 -13.52 16.23
CA ASP B 854 -31.40 -13.53 17.68
C ASP B 854 -32.42 -14.44 18.32
N GLU B 855 -33.61 -14.58 17.74
CA GLU B 855 -34.58 -15.50 18.31
C GLU B 855 -34.18 -16.94 18.06
N MET B 856 -33.46 -17.21 16.98
CA MET B 856 -32.97 -18.55 16.72
C MET B 856 -31.92 -18.97 17.75
N ILE B 857 -30.96 -18.10 18.02
CA ILE B 857 -29.96 -18.44 19.03
C ILE B 857 -30.56 -18.36 20.42
N ALA B 858 -31.63 -17.59 20.60
CA ALA B 858 -32.35 -17.61 21.87
C ALA B 858 -33.03 -18.95 22.10
N GLN B 859 -33.65 -19.51 21.07
CA GLN B 859 -34.23 -20.84 21.20
C GLN B 859 -33.16 -21.91 21.32
N TYR B 860 -31.98 -21.69 20.73
CA TYR B 860 -30.86 -22.61 20.93
C TYR B 860 -30.41 -22.63 22.38
N THR B 861 -30.26 -21.44 22.98
CA THR B 861 -29.91 -21.39 24.40
C THR B 861 -31.02 -21.91 25.29
N SER B 862 -32.28 -21.73 24.88
CA SER B 862 -33.40 -22.32 25.61
C SER B 862 -33.34 -23.84 25.58
N ALA B 863 -33.01 -24.42 24.41
CA ALA B 863 -32.86 -25.86 24.31
C ALA B 863 -31.68 -26.35 25.11
N LEU B 864 -30.60 -25.55 25.16
CA LEU B 864 -29.44 -25.91 25.98
C LEU B 864 -29.80 -25.92 27.45
N LEU B 865 -30.56 -24.93 27.91
CA LEU B 865 -30.98 -24.90 29.31
C LEU B 865 -31.93 -26.04 29.62
N ALA B 866 -32.83 -26.36 28.70
CA ALA B 866 -33.75 -27.47 28.91
C ALA B 866 -33.01 -28.80 28.97
N GLY B 867 -31.97 -28.94 28.15
CA GLY B 867 -31.17 -30.14 28.19
C GLY B 867 -30.36 -30.26 29.47
N THR B 868 -29.73 -29.16 29.90
CA THR B 868 -28.90 -29.21 31.09
C THR B 868 -29.74 -29.40 32.36
N ILE B 869 -30.95 -28.86 32.38
CA ILE B 869 -31.83 -29.07 33.53
C ILE B 869 -32.38 -30.48 33.53
N THR B 870 -33.02 -30.88 32.43
CA THR B 870 -33.70 -32.16 32.43
C THR B 870 -32.73 -33.32 32.29
N SER B 871 -31.85 -33.26 31.31
CA SER B 871 -31.01 -34.43 31.01
C SER B 871 -29.65 -34.40 31.71
N GLY B 872 -29.12 -33.23 32.01
CA GLY B 872 -27.79 -33.23 32.58
C GLY B 872 -26.75 -33.51 31.52
N TRP B 873 -25.67 -34.18 31.90
CA TRP B 873 -24.59 -34.39 30.96
C TRP B 873 -24.82 -35.59 30.04
N THR B 874 -26.03 -36.14 29.98
CA THR B 874 -26.25 -37.34 29.20
C THR B 874 -26.28 -37.06 27.70
N PHE B 875 -26.92 -35.98 27.29
CA PHE B 875 -27.10 -35.69 25.87
C PHE B 875 -25.86 -35.08 25.23
N GLY B 876 -24.79 -34.83 26.01
CA GLY B 876 -23.55 -34.37 25.42
C GLY B 876 -22.90 -35.43 24.56
N ALA B 877 -23.15 -36.70 24.86
CA ALA B 877 -22.70 -37.80 24.04
C ALA B 877 -23.67 -38.14 22.92
N GLY B 878 -24.74 -37.38 22.75
CA GLY B 878 -25.79 -37.77 21.84
C GLY B 878 -27.19 -37.75 22.44
N ALA B 879 -27.78 -38.92 22.62
CA ALA B 879 -29.17 -39.03 23.04
C ALA B 879 -29.37 -38.53 24.46
N ALA B 880 -30.52 -37.87 24.69
CA ALA B 880 -30.87 -37.32 25.97
C ALA B 880 -31.52 -38.37 26.86
N LEU B 881 -31.38 -38.18 28.17
CA LEU B 881 -31.87 -39.15 29.16
C LEU B 881 -32.45 -38.39 30.33
N GLN B 882 -33.71 -38.67 30.68
CA GLN B 882 -34.35 -37.96 31.78
C GLN B 882 -33.75 -38.39 33.13
N ILE B 883 -33.43 -37.39 33.95
CA ILE B 883 -32.88 -37.58 35.30
C ILE B 883 -33.52 -36.51 36.18
N PRO B 884 -33.97 -36.83 37.39
CA PRO B 884 -34.40 -35.77 38.31
C PRO B 884 -33.23 -34.91 38.74
N PHE B 885 -33.50 -33.61 38.87
CA PHE B 885 -32.45 -32.59 38.92
C PHE B 885 -31.63 -32.65 40.19
N ALA B 886 -32.25 -33.08 41.29
CA ALA B 886 -31.54 -33.22 42.55
C ALA B 886 -30.46 -34.27 42.45
N MET B 887 -30.70 -35.33 41.68
CA MET B 887 -29.65 -36.32 41.47
C MET B 887 -28.51 -35.76 40.64
N GLN B 888 -28.81 -34.84 39.72
CA GLN B 888 -27.75 -34.18 38.96
C GLN B 888 -26.88 -33.31 39.86
N MET B 889 -27.51 -32.54 40.74
CA MET B 889 -26.73 -31.68 41.64
C MET B 889 -25.95 -32.51 42.64
N ALA B 890 -26.52 -33.62 43.12
CA ALA B 890 -25.80 -34.50 44.03
C ALA B 890 -24.64 -35.19 43.33
N TYR B 891 -24.80 -35.53 42.05
CA TYR B 891 -23.70 -36.18 41.36
C TYR B 891 -22.62 -35.20 40.98
N ARG B 892 -22.97 -33.93 40.80
CA ARG B 892 -21.93 -32.93 40.64
C ARG B 892 -21.22 -32.66 41.96
N PHE B 893 -21.93 -32.78 43.07
CA PHE B 893 -21.28 -32.72 44.38
C PHE B 893 -20.32 -33.89 44.58
N ASN B 894 -20.72 -35.08 44.14
CA ASN B 894 -19.79 -36.21 44.15
C ASN B 894 -18.65 -36.00 43.17
N GLY B 895 -18.89 -35.23 42.11
CA GLY B 895 -17.82 -34.89 41.19
C GLY B 895 -16.78 -33.99 41.82
N ILE B 896 -17.21 -33.03 42.65
CA ILE B 896 -16.24 -32.18 43.33
C ILE B 896 -15.80 -32.76 44.66
N GLY B 897 -16.28 -33.94 45.04
CA GLY B 897 -15.83 -34.61 46.23
C GLY B 897 -16.75 -34.50 47.43
N VAL B 898 -17.86 -33.79 47.31
CA VAL B 898 -18.80 -33.66 48.41
C VAL B 898 -19.70 -34.87 48.44
N THR B 899 -19.86 -35.47 49.62
CA THR B 899 -20.77 -36.58 49.81
C THR B 899 -22.21 -36.12 49.57
N GLN B 900 -22.97 -36.91 48.81
CA GLN B 900 -24.29 -36.50 48.35
C GLN B 900 -25.36 -36.51 49.44
N ASN B 901 -24.99 -36.81 50.69
CA ASN B 901 -25.91 -36.56 51.80
C ASN B 901 -26.10 -35.07 52.04
N VAL B 902 -25.11 -34.25 51.64
CA VAL B 902 -25.10 -32.83 51.96
C VAL B 902 -26.24 -32.11 51.25
N LEU B 903 -26.43 -32.42 49.97
CA LEU B 903 -27.56 -31.86 49.24
C LEU B 903 -28.89 -32.37 49.79
N TYR B 904 -28.96 -33.66 50.10
CA TYR B 904 -30.20 -34.25 50.60
C TYR B 904 -30.55 -33.80 52.01
N GLU B 905 -29.63 -33.17 52.73
CA GLU B 905 -29.96 -32.62 54.03
C GLU B 905 -29.96 -31.10 54.08
N ASN B 906 -29.42 -30.43 53.06
CA ASN B 906 -29.31 -28.98 53.07
C ASN B 906 -29.75 -28.41 51.73
N GLN B 907 -30.87 -28.90 51.23
CA GLN B 907 -31.32 -28.55 49.89
C GLN B 907 -31.85 -27.12 49.83
N LYS B 908 -32.77 -26.78 50.74
CA LYS B 908 -33.45 -25.49 50.67
C LYS B 908 -32.53 -24.33 51.02
N LEU B 909 -31.48 -24.57 51.80
CA LEU B 909 -30.46 -23.54 52.01
C LEU B 909 -29.74 -23.21 50.72
N ILE B 910 -29.38 -24.25 49.94
CA ILE B 910 -28.78 -24.06 48.64
C ILE B 910 -29.74 -23.35 47.70
N ALA B 911 -31.03 -23.66 47.81
CA ALA B 911 -32.02 -23.02 46.95
C ALA B 911 -32.17 -21.55 47.27
N ASN B 912 -32.19 -21.20 48.56
CA ASN B 912 -32.33 -19.81 48.96
C ASN B 912 -31.09 -19.01 48.59
N GLN B 913 -29.90 -19.59 48.80
CA GLN B 913 -28.65 -18.93 48.42
C GLN B 913 -28.56 -18.77 46.91
N PHE B 914 -29.06 -19.76 46.16
CA PHE B 914 -29.01 -19.69 44.71
C PHE B 914 -29.94 -18.63 44.17
N ASN B 915 -31.17 -18.57 44.70
CA ASN B 915 -32.12 -17.56 44.25
C ASN B 915 -31.65 -16.16 44.63
N SER B 916 -30.99 -16.03 45.80
CA SER B 916 -30.40 -14.77 46.18
C SER B 916 -29.28 -14.38 45.23
N ALA B 917 -28.47 -15.36 44.81
CA ALA B 917 -27.38 -15.07 43.89
C ALA B 917 -27.90 -14.69 42.52
N ILE B 918 -29.00 -15.30 42.08
CA ILE B 918 -29.62 -14.92 40.80
C ILE B 918 -30.19 -13.51 40.87
N GLY B 919 -30.81 -13.15 41.99
CA GLY B 919 -31.28 -11.78 42.17
C GLY B 919 -30.16 -10.78 42.22
N LYS B 920 -29.05 -11.14 42.86
CA LYS B 920 -27.91 -10.23 42.94
C LYS B 920 -27.19 -10.10 41.61
N ILE B 921 -27.16 -11.15 40.79
CA ILE B 921 -26.54 -10.99 39.49
C ILE B 921 -27.46 -10.23 38.53
N GLN B 922 -28.79 -10.31 38.75
CA GLN B 922 -29.69 -9.47 37.98
C GLN B 922 -29.52 -8.00 38.35
N ASP B 923 -29.38 -7.71 39.64
CA ASP B 923 -29.12 -6.34 40.07
C ASP B 923 -27.74 -5.85 39.61
N SER B 924 -26.77 -6.75 39.54
CA SER B 924 -25.44 -6.38 39.07
C SER B 924 -25.47 -6.05 37.58
N LEU B 925 -26.23 -6.81 36.79
CA LEU B 925 -26.40 -6.47 35.38
C LEU B 925 -27.25 -5.23 35.20
N SER B 926 -28.14 -4.95 36.15
CA SER B 926 -28.95 -3.75 36.07
C SER B 926 -28.15 -2.49 36.34
N SER B 927 -27.34 -2.50 37.40
CA SER B 927 -26.59 -1.32 37.80
C SER B 927 -25.22 -1.23 37.13
N THR B 928 -24.38 -2.23 37.32
CA THR B 928 -23.02 -2.22 36.78
C THR B 928 -23.09 -2.50 35.30
N ALA B 929 -23.13 -1.42 34.51
CA ALA B 929 -23.11 -1.50 33.06
C ALA B 929 -21.70 -1.57 32.50
N SER B 930 -20.68 -1.49 33.35
CA SER B 930 -19.30 -1.60 32.91
C SER B 930 -18.85 -3.04 32.73
N ALA B 931 -19.68 -4.01 33.12
CA ALA B 931 -19.33 -5.41 32.99
C ALA B 931 -19.38 -5.90 31.54
N LEU B 932 -19.98 -5.13 30.64
CA LEU B 932 -20.05 -5.48 29.22
C LEU B 932 -19.01 -4.70 28.43
N GLY B 933 -17.84 -4.46 29.02
CA GLY B 933 -16.85 -3.61 28.38
C GLY B 933 -16.21 -4.23 27.16
N LYS B 934 -16.13 -5.56 27.11
CA LYS B 934 -15.48 -6.25 26.00
C LYS B 934 -16.25 -6.06 24.70
N LEU B 935 -17.57 -6.29 24.76
CA LEU B 935 -18.41 -6.17 23.57
C LEU B 935 -18.49 -4.73 23.09
N GLN B 936 -18.56 -3.78 24.04
CA GLN B 936 -18.54 -2.37 23.70
C GLN B 936 -17.23 -1.98 23.04
N ASP B 937 -16.11 -2.56 23.51
CA ASP B 937 -14.83 -2.30 22.88
C ASP B 937 -14.77 -2.88 21.48
N VAL B 938 -15.39 -4.04 21.26
CA VAL B 938 -15.42 -4.64 19.92
C VAL B 938 -16.22 -3.77 18.96
N VAL B 939 -17.43 -3.36 19.37
CA VAL B 939 -18.30 -2.59 18.49
C VAL B 939 -17.71 -1.21 18.24
N ASN B 940 -17.17 -0.55 19.27
CA ASN B 940 -16.55 0.75 19.09
C ASN B 940 -15.25 0.64 18.29
N GLN B 941 -14.55 -0.49 18.38
CA GLN B 941 -13.35 -0.71 17.59
C GLN B 941 -13.68 -0.77 16.12
N ASN B 942 -14.69 -1.55 15.75
CA ASN B 942 -15.09 -1.61 14.35
C ASN B 942 -15.70 -0.30 13.89
N ALA B 943 -16.36 0.42 14.79
CA ALA B 943 -16.93 1.72 14.43
C ALA B 943 -15.84 2.74 14.14
N GLN B 944 -14.80 2.77 14.98
CA GLN B 944 -13.68 3.67 14.72
C GLN B 944 -12.91 3.27 13.49
N ALA B 945 -12.85 1.97 13.19
CA ALA B 945 -12.22 1.51 11.96
C ALA B 945 -12.97 2.02 10.73
N LEU B 946 -14.31 1.89 10.74
CA LEU B 946 -15.09 2.34 9.61
C LEU B 946 -15.09 3.86 9.48
N ASN B 947 -15.12 4.57 10.61
CA ASN B 947 -15.09 6.02 10.56
C ASN B 947 -13.73 6.53 10.09
N THR B 948 -12.65 5.83 10.45
CA THR B 948 -11.34 6.20 9.95
C THR B 948 -11.24 5.95 8.46
N LEU B 949 -11.81 4.83 8.00
CA LEU B 949 -11.80 4.52 6.57
C LEU B 949 -12.61 5.53 5.77
N VAL B 950 -13.68 6.07 6.36
CA VAL B 950 -14.43 7.11 5.66
C VAL B 950 -13.68 8.44 5.71
N LYS B 951 -13.14 8.81 6.87
CA LYS B 951 -12.50 10.11 7.03
C LYS B 951 -11.18 10.21 6.30
N GLN B 952 -10.56 9.10 5.91
CA GLN B 952 -9.38 9.20 5.06
C GLN B 952 -9.72 9.65 3.65
N LEU B 953 -10.98 9.55 3.22
CA LEU B 953 -11.36 10.09 1.92
C LEU B 953 -11.29 11.60 1.90
N SER B 954 -11.55 12.24 3.04
CA SER B 954 -11.52 13.69 3.12
C SER B 954 -10.10 14.23 3.06
N SER B 955 -9.09 13.39 3.33
CA SER B 955 -7.72 13.82 3.15
C SER B 955 -7.39 13.98 1.68
N ASN B 956 -6.62 15.01 1.36
CA ASN B 956 -6.37 15.35 -0.03
C ASN B 956 -5.36 14.43 -0.68
N PHE B 957 -4.47 13.82 0.13
CA PHE B 957 -3.41 12.92 -0.34
C PHE B 957 -2.51 13.60 -1.38
N GLY B 958 -2.19 14.86 -1.14
CA GLY B 958 -1.27 15.58 -2.00
C GLY B 958 -1.86 15.99 -3.33
N ALA B 959 -3.17 15.98 -3.46
CA ALA B 959 -3.82 16.38 -4.69
C ALA B 959 -4.25 17.84 -4.61
N ILE B 960 -5.01 18.29 -5.60
CA ILE B 960 -5.60 19.63 -5.53
C ILE B 960 -6.65 19.69 -4.43
N SER B 961 -7.58 18.75 -4.46
CA SER B 961 -8.58 18.61 -3.41
C SER B 961 -8.93 17.14 -3.28
N SER B 962 -9.63 16.81 -2.21
CA SER B 962 -10.07 15.43 -2.00
C SER B 962 -11.30 15.09 -2.83
N VAL B 963 -11.97 16.08 -3.43
CA VAL B 963 -13.12 15.82 -4.28
C VAL B 963 -12.63 15.48 -5.68
N LEU B 964 -13.12 14.36 -6.22
CA LEU B 964 -12.63 13.86 -7.51
C LEU B 964 -13.07 14.75 -8.65
N ASN B 965 -14.30 15.28 -8.58
CA ASN B 965 -14.85 16.08 -9.66
C ASN B 965 -14.16 17.43 -9.80
N ASP B 966 -13.51 17.92 -8.74
CA ASP B 966 -12.74 19.14 -8.87
C ASP B 966 -11.47 18.91 -9.69
N ILE B 967 -10.85 17.75 -9.53
CA ILE B 967 -9.64 17.48 -10.29
C ILE B 967 -9.98 17.11 -11.73
N LEU B 968 -11.03 16.31 -11.93
CA LEU B 968 -11.29 15.76 -13.24
C LEU B 968 -11.88 16.78 -14.20
N SER B 969 -12.52 17.84 -13.70
CA SER B 969 -13.27 18.76 -14.56
C SER B 969 -12.70 20.16 -14.59
N ARG B 970 -11.52 20.41 -14.02
CA ARG B 970 -10.94 21.75 -14.05
C ARG B 970 -9.63 21.79 -14.83
N LEU B 971 -8.65 20.99 -14.45
CA LEU B 971 -7.30 21.13 -14.96
C LEU B 971 -7.03 20.10 -16.06
N ASP B 972 -5.76 19.98 -16.43
CA ASP B 972 -5.36 19.12 -17.54
C ASP B 972 -5.59 17.65 -17.20
N PRO B 973 -6.29 16.91 -18.05
CA PRO B 973 -6.42 15.46 -17.86
C PRO B 973 -5.10 14.69 -17.88
N PRO B 974 -4.05 15.08 -18.65
CA PRO B 974 -2.75 14.44 -18.41
C PRO B 974 -2.10 14.81 -17.09
N GLU B 975 -2.55 15.86 -16.42
CA GLU B 975 -2.15 16.14 -15.05
C GLU B 975 -3.12 15.54 -14.05
N ALA B 976 -4.39 15.49 -14.41
CA ALA B 976 -5.40 14.85 -13.58
C ALA B 976 -5.16 13.35 -13.47
N GLU B 977 -4.54 12.73 -14.47
CA GLU B 977 -4.15 11.32 -14.34
C GLU B 977 -3.13 11.12 -13.24
N VAL B 978 -2.16 12.03 -13.13
CA VAL B 978 -1.17 11.98 -12.05
C VAL B 978 -1.84 12.19 -10.70
N GLN B 979 -2.76 13.14 -10.63
CA GLN B 979 -3.42 13.44 -9.36
C GLN B 979 -4.34 12.30 -8.92
N ILE B 980 -5.12 11.76 -9.84
CA ILE B 980 -6.00 10.62 -9.54
C ILE B 980 -5.17 9.37 -9.24
N ASP B 981 -3.98 9.26 -9.84
CA ASP B 981 -3.07 8.16 -9.51
C ASP B 981 -2.62 8.26 -8.07
N ARG B 982 -2.29 9.48 -7.62
CA ARG B 982 -1.96 9.70 -6.21
C ARG B 982 -3.15 9.38 -5.30
N LEU B 983 -4.36 9.76 -5.74
CA LEU B 983 -5.57 9.53 -4.94
C LEU B 983 -5.85 8.04 -4.77
N ILE B 984 -5.78 7.29 -5.87
CA ILE B 984 -6.05 5.86 -5.81
C ILE B 984 -4.96 5.14 -5.03
N THR B 985 -3.72 5.63 -5.12
CA THR B 985 -2.63 5.08 -4.31
C THR B 985 -2.90 5.23 -2.82
N GLY B 986 -3.26 6.45 -2.39
CA GLY B 986 -3.53 6.68 -0.99
C GLY B 986 -4.76 5.94 -0.48
N ARG B 987 -5.82 5.90 -1.29
CA ARG B 987 -7.03 5.20 -0.87
C ARG B 987 -6.82 3.70 -0.82
N LEU B 988 -5.97 3.18 -1.70
CA LEU B 988 -5.67 1.75 -1.68
C LEU B 988 -4.83 1.39 -0.47
N GLN B 989 -3.89 2.26 -0.09
CA GLN B 989 -3.11 1.99 1.12
C GLN B 989 -3.98 2.06 2.37
N SER B 990 -4.90 3.02 2.42
CA SER B 990 -5.84 3.11 3.53
C SER B 990 -6.71 1.87 3.62
N LEU B 991 -7.20 1.41 2.47
CA LEU B 991 -8.09 0.25 2.46
C LEU B 991 -7.34 -1.02 2.81
N GLN B 992 -6.08 -1.13 2.37
CA GLN B 992 -5.25 -2.29 2.74
C GLN B 992 -4.98 -2.32 4.24
N THR B 993 -4.74 -1.15 4.83
CA THR B 993 -4.53 -1.08 6.28
C THR B 993 -5.80 -1.49 7.03
N TYR B 994 -6.96 -1.05 6.52
CA TYR B 994 -8.22 -1.48 7.10
C TYR B 994 -8.41 -2.99 7.01
N VAL B 995 -8.05 -3.58 5.87
CA VAL B 995 -8.18 -5.02 5.67
C VAL B 995 -7.26 -5.78 6.62
N THR B 996 -6.06 -5.25 6.83
CA THR B 996 -5.12 -5.86 7.76
C THR B 996 -5.66 -5.86 9.18
N GLN B 997 -6.24 -4.72 9.60
CA GLN B 997 -6.88 -4.65 10.92
C GLN B 997 -8.04 -5.61 11.04
N GLN B 998 -8.83 -5.76 9.96
CA GLN B 998 -9.98 -6.64 10.01
C GLN B 998 -9.56 -8.10 10.16
N LEU B 999 -8.52 -8.52 9.44
CA LEU B 999 -8.06 -9.89 9.59
C LEU B 999 -7.47 -10.16 10.97
N ILE B 1000 -6.75 -9.18 11.55
CA ILE B 1000 -6.14 -9.43 12.85
C ILE B 1000 -7.19 -9.48 13.95
N ARG B 1001 -8.16 -8.56 13.91
CA ARG B 1001 -9.28 -8.62 14.85
C ARG B 1001 -10.09 -9.90 14.67
N ALA B 1002 -10.23 -10.36 13.41
CA ALA B 1002 -10.94 -11.60 13.16
C ALA B 1002 -10.21 -12.79 13.75
N ALA B 1003 -8.88 -12.77 13.69
CA ALA B 1003 -8.11 -13.86 14.29
C ALA B 1003 -8.26 -13.89 15.81
N GLU B 1004 -8.23 -12.72 16.44
CA GLU B 1004 -8.43 -12.66 17.90
C GLU B 1004 -9.83 -13.12 18.27
N ILE B 1005 -10.83 -12.74 17.46
CA ILE B 1005 -12.20 -13.18 17.71
C ILE B 1005 -12.35 -14.68 17.49
N ARG B 1006 -11.61 -15.26 16.55
CA ARG B 1006 -11.67 -16.70 16.34
C ARG B 1006 -11.04 -17.47 17.49
N ALA B 1007 -9.97 -16.92 18.07
CA ALA B 1007 -9.41 -17.54 19.27
C ALA B 1007 -10.38 -17.47 20.44
N SER B 1008 -11.05 -16.33 20.60
CA SER B 1008 -12.08 -16.21 21.62
C SER B 1008 -13.25 -17.14 21.36
N ALA B 1009 -13.56 -17.37 20.09
CA ALA B 1009 -14.66 -18.27 19.75
C ALA B 1009 -14.32 -19.71 20.04
N ASN B 1010 -13.05 -20.09 19.85
CA ASN B 1010 -12.61 -21.41 20.25
C ASN B 1010 -12.70 -21.60 21.76
N LEU B 1011 -12.35 -20.55 22.51
CA LEU B 1011 -12.54 -20.60 23.96
C LEU B 1011 -14.02 -20.73 24.32
N ALA B 1012 -14.89 -20.03 23.59
CA ALA B 1012 -16.32 -20.10 23.86
C ALA B 1012 -16.88 -21.47 23.54
N ALA B 1013 -16.37 -22.10 22.48
CA ALA B 1013 -16.79 -23.44 22.11
C ALA B 1013 -16.36 -24.45 23.16
N THR B 1014 -15.13 -24.29 23.66
CA THR B 1014 -14.65 -25.19 24.71
C THR B 1014 -15.46 -25.00 25.99
N LYS B 1015 -15.88 -23.77 26.28
CA LYS B 1015 -16.63 -23.56 27.51
C LYS B 1015 -18.06 -24.05 27.41
N MET B 1016 -18.70 -23.96 26.24
CA MET B 1016 -19.99 -24.64 26.12
C MET B 1016 -19.83 -26.14 26.10
N SER B 1017 -18.70 -26.65 25.63
CA SER B 1017 -18.50 -28.09 25.64
C SER B 1017 -18.18 -28.62 27.03
N GLU B 1018 -17.64 -27.79 27.93
CA GLU B 1018 -17.21 -28.30 29.22
C GLU B 1018 -17.97 -27.67 30.38
N CYS B 1019 -18.11 -26.34 30.42
CA CYS B 1019 -18.76 -25.72 31.57
C CYS B 1019 -20.26 -25.94 31.55
N VAL B 1020 -20.84 -26.12 30.36
CA VAL B 1020 -22.28 -26.22 30.20
C VAL B 1020 -22.71 -27.67 30.17
N LEU B 1021 -22.15 -28.43 29.23
CA LEU B 1021 -22.54 -29.82 29.07
C LEU B 1021 -21.96 -30.68 30.18
N GLY B 1022 -20.64 -30.74 30.26
CA GLY B 1022 -19.96 -31.59 31.20
C GLY B 1022 -19.82 -30.96 32.57
N GLN B 1023 -19.11 -31.67 33.43
CA GLN B 1023 -18.83 -31.25 34.80
C GLN B 1023 -17.31 -31.25 34.91
N SER B 1024 -16.70 -30.14 34.55
CA SER B 1024 -15.26 -30.08 34.40
C SER B 1024 -14.57 -30.03 35.77
N LYS B 1025 -13.57 -30.89 35.95
CA LYS B 1025 -12.75 -30.88 37.14
C LYS B 1025 -11.60 -29.90 37.04
N ARG B 1026 -11.53 -29.12 35.96
CA ARG B 1026 -10.42 -28.19 35.77
C ARG B 1026 -10.55 -27.01 36.73
N VAL B 1027 -9.47 -26.69 37.41
CA VAL B 1027 -9.49 -25.65 38.44
C VAL B 1027 -9.49 -24.28 37.76
N ASP B 1028 -10.54 -23.49 38.03
CA ASP B 1028 -10.70 -22.11 37.56
C ASP B 1028 -10.67 -22.01 36.04
N PHE B 1029 -11.28 -22.98 35.37
CA PHE B 1029 -11.56 -22.87 33.95
C PHE B 1029 -13.02 -22.51 33.71
N CYS B 1030 -13.88 -22.81 34.66
CA CYS B 1030 -15.31 -22.53 34.59
C CYS B 1030 -15.76 -21.68 35.77
N GLY B 1031 -14.96 -20.69 36.13
CA GLY B 1031 -15.29 -19.78 37.21
C GLY B 1031 -14.54 -20.09 38.50
N LYS B 1032 -14.58 -19.13 39.41
CA LYS B 1032 -13.87 -19.25 40.68
C LYS B 1032 -14.62 -20.19 41.60
N GLY B 1033 -13.96 -21.26 42.01
CA GLY B 1033 -14.54 -22.24 42.90
C GLY B 1033 -14.61 -23.61 42.25
N TYR B 1034 -15.05 -24.58 43.04
CA TYR B 1034 -15.25 -25.93 42.53
C TYR B 1034 -16.47 -25.96 41.63
N HIS B 1035 -16.26 -26.26 40.35
CA HIS B 1035 -17.29 -26.07 39.34
C HIS B 1035 -18.35 -27.15 39.42
N LEU B 1036 -19.61 -26.72 39.45
CA LEU B 1036 -20.74 -27.64 39.32
C LEU B 1036 -21.25 -27.71 37.89
N MET B 1037 -21.78 -26.61 37.37
CA MET B 1037 -22.43 -26.55 36.07
C MET B 1037 -22.64 -25.08 35.74
N SER B 1038 -22.61 -24.77 34.45
CA SER B 1038 -22.72 -23.38 34.02
C SER B 1038 -23.80 -23.27 32.95
N PHE B 1039 -24.41 -22.09 32.88
CA PHE B 1039 -25.59 -21.86 32.05
C PHE B 1039 -25.33 -20.78 31.01
N PRO B 1040 -25.74 -20.98 29.77
CA PRO B 1040 -25.51 -19.98 28.73
C PRO B 1040 -26.66 -18.99 28.59
N GLN B 1041 -26.33 -17.79 28.10
CA GLN B 1041 -27.30 -16.78 27.76
C GLN B 1041 -26.89 -16.10 26.47
N SER B 1042 -27.87 -15.74 25.65
CA SER B 1042 -27.59 -15.04 24.41
C SER B 1042 -27.28 -13.58 24.68
N ALA B 1043 -26.49 -12.98 23.79
CA ALA B 1043 -26.02 -11.61 23.94
C ALA B 1043 -25.67 -11.09 22.56
N PRO B 1044 -25.76 -9.77 22.34
CA PRO B 1044 -25.34 -9.22 21.05
C PRO B 1044 -23.84 -9.40 20.83
N HIS B 1045 -23.50 -9.97 19.67
CA HIS B 1045 -22.13 -10.19 19.19
C HIS B 1045 -21.33 -11.12 20.10
N GLY B 1046 -21.99 -11.89 20.97
CA GLY B 1046 -21.24 -12.68 21.92
C GLY B 1046 -22.11 -13.66 22.66
N VAL B 1047 -21.62 -14.10 23.81
CA VAL B 1047 -22.34 -15.05 24.65
C VAL B 1047 -21.90 -14.82 26.09
N VAL B 1048 -22.77 -15.20 27.02
CA VAL B 1048 -22.56 -15.00 28.45
C VAL B 1048 -22.80 -16.32 29.18
N PHE B 1049 -21.83 -16.75 29.97
CA PHE B 1049 -21.95 -17.94 30.78
C PHE B 1049 -22.36 -17.57 32.21
N LEU B 1050 -23.05 -18.49 32.86
CA LEU B 1050 -23.50 -18.32 34.24
C LEU B 1050 -22.93 -19.46 35.07
N HIS B 1051 -21.72 -19.27 35.56
CA HIS B 1051 -21.02 -20.33 36.28
C HIS B 1051 -21.55 -20.45 37.69
N VAL B 1052 -21.88 -21.68 38.09
CA VAL B 1052 -22.31 -21.99 39.44
C VAL B 1052 -21.25 -22.88 40.05
N THR B 1053 -20.52 -22.35 41.02
CA THR B 1053 -19.38 -23.04 41.60
C THR B 1053 -19.65 -23.35 43.07
N TYR B 1054 -18.61 -23.81 43.75
CA TYR B 1054 -18.70 -24.18 45.16
C TYR B 1054 -17.59 -23.46 45.91
N VAL B 1055 -17.96 -22.59 46.84
CA VAL B 1055 -17.00 -21.95 47.72
C VAL B 1055 -17.35 -22.31 49.16
N PRO B 1056 -16.56 -23.15 49.82
CA PRO B 1056 -16.81 -23.43 51.24
C PRO B 1056 -16.45 -22.23 52.10
N ALA B 1057 -17.30 -21.96 53.10
CA ALA B 1057 -17.28 -20.69 53.79
C ALA B 1057 -16.45 -20.70 55.07
N GLN B 1058 -16.83 -21.50 56.06
CA GLN B 1058 -16.30 -21.35 57.40
C GLN B 1058 -15.80 -22.69 57.94
N GLU B 1059 -14.75 -22.61 58.74
CA GLU B 1059 -13.95 -23.76 59.14
C GLU B 1059 -13.61 -23.67 60.62
N LYS B 1060 -12.80 -24.62 61.09
CA LYS B 1060 -12.41 -24.68 62.49
C LYS B 1060 -11.12 -25.49 62.61
N ASN B 1061 -10.26 -25.11 63.54
CA ASN B 1061 -9.01 -25.82 63.76
C ASN B 1061 -9.27 -27.19 64.38
N PHE B 1062 -8.83 -28.24 63.69
CA PHE B 1062 -9.06 -29.62 64.08
C PHE B 1062 -7.73 -30.34 64.18
N THR B 1063 -7.52 -31.04 65.28
CA THR B 1063 -6.28 -31.77 65.49
C THR B 1063 -6.23 -32.99 64.57
N THR B 1064 -5.27 -33.01 63.66
CA THR B 1064 -5.19 -34.08 62.68
C THR B 1064 -3.98 -34.97 62.93
N ALA B 1065 -3.92 -36.05 62.17
CA ALA B 1065 -2.83 -37.02 62.21
C ALA B 1065 -2.81 -37.78 60.90
N PRO B 1066 -1.64 -38.26 60.45
CA PRO B 1066 -1.61 -39.03 59.20
C PRO B 1066 -2.21 -40.41 59.31
N ALA B 1067 -1.94 -41.13 60.39
CA ALA B 1067 -2.39 -42.51 60.49
C ALA B 1067 -2.75 -42.83 61.93
N ILE B 1068 -3.40 -43.98 62.12
CA ILE B 1068 -3.86 -44.43 63.43
C ILE B 1068 -3.16 -45.73 63.77
N CYS B 1069 -2.56 -45.77 64.95
CA CYS B 1069 -1.91 -46.98 65.47
C CYS B 1069 -2.88 -47.64 66.45
N HIS B 1070 -3.43 -48.78 66.05
CA HIS B 1070 -4.39 -49.50 66.89
C HIS B 1070 -3.69 -50.55 67.76
N ASP B 1071 -3.01 -51.49 67.11
CA ASP B 1071 -2.47 -52.67 67.78
C ASP B 1071 -1.14 -53.07 67.17
N GLY B 1072 -0.27 -52.09 66.93
CA GLY B 1072 0.91 -52.30 66.14
C GLY B 1072 0.68 -52.20 64.65
N LYS B 1073 -0.56 -52.02 64.22
CA LYS B 1073 -0.90 -51.87 62.81
C LYS B 1073 -1.13 -50.39 62.51
N ALA B 1074 -0.74 -49.97 61.31
CA ALA B 1074 -0.97 -48.62 60.84
C ALA B 1074 -2.24 -48.59 60.01
N HIS B 1075 -3.15 -47.68 60.34
CA HIS B 1075 -4.40 -47.52 59.62
C HIS B 1075 -4.37 -46.26 58.78
N PHE B 1076 -4.67 -46.42 57.50
CA PHE B 1076 -4.73 -45.36 56.51
C PHE B 1076 -6.18 -45.15 56.09
N PRO B 1077 -6.61 -43.92 55.88
CA PRO B 1077 -8.02 -43.67 55.55
C PRO B 1077 -8.36 -44.09 54.13
N ARG B 1078 -9.51 -44.75 53.98
CA ARG B 1078 -10.00 -45.07 52.65
C ARG B 1078 -10.50 -43.84 51.93
N GLU B 1079 -11.08 -42.90 52.68
CA GLU B 1079 -11.82 -41.80 52.09
C GLU B 1079 -11.80 -40.63 53.08
N GLY B 1080 -10.96 -39.65 52.82
CA GLY B 1080 -10.92 -38.48 53.67
C GLY B 1080 -9.71 -38.39 54.58
N VAL B 1081 -9.87 -37.72 55.73
CA VAL B 1081 -8.74 -37.42 56.61
C VAL B 1081 -9.06 -37.88 58.02
N PHE B 1082 -8.00 -37.93 58.84
CA PHE B 1082 -8.09 -38.29 60.25
C PHE B 1082 -7.99 -37.03 61.08
N VAL B 1083 -9.03 -36.74 61.86
CA VAL B 1083 -9.09 -35.52 62.66
C VAL B 1083 -9.48 -35.88 64.09
N SER B 1084 -9.30 -34.89 64.98
CA SER B 1084 -9.77 -35.01 66.35
C SER B 1084 -10.13 -33.63 66.85
N ASN B 1085 -11.14 -33.59 67.72
CA ASN B 1085 -11.55 -32.34 68.35
C ASN B 1085 -10.73 -32.01 69.60
N GLY B 1086 -9.63 -32.71 69.82
CA GLY B 1086 -8.80 -32.49 70.99
C GLY B 1086 -8.71 -33.72 71.88
N THR B 1087 -9.83 -34.41 72.04
CA THR B 1087 -9.88 -35.63 72.85
C THR B 1087 -10.26 -36.85 72.04
N HIS B 1088 -11.34 -36.79 71.27
CA HIS B 1088 -11.85 -37.93 70.56
C HIS B 1088 -11.59 -37.77 69.07
N TRP B 1089 -11.40 -38.89 68.38
CA TRP B 1089 -10.92 -38.89 67.01
C TRP B 1089 -12.03 -39.18 66.01
N PHE B 1090 -12.01 -38.46 64.89
CA PHE B 1090 -13.03 -38.52 63.87
C PHE B 1090 -12.40 -38.71 62.50
N VAL B 1091 -13.20 -39.25 61.58
CA VAL B 1091 -12.87 -39.28 60.15
C VAL B 1091 -13.93 -38.47 59.43
N THR B 1092 -13.51 -37.71 58.43
CA THR B 1092 -14.40 -36.79 57.76
C THR B 1092 -13.91 -36.57 56.33
N GLN B 1093 -14.59 -35.68 55.62
CA GLN B 1093 -14.26 -35.37 54.23
C GLN B 1093 -13.07 -34.42 54.17
N ARG B 1094 -12.78 -33.89 52.99
CA ARG B 1094 -11.81 -32.83 52.84
C ARG B 1094 -12.46 -31.53 52.40
N ASN B 1095 -13.79 -31.50 52.32
CA ASN B 1095 -14.50 -30.31 51.89
C ASN B 1095 -15.66 -29.94 52.78
N PHE B 1096 -16.25 -30.88 53.52
CA PHE B 1096 -17.36 -30.61 54.41
C PHE B 1096 -17.18 -31.47 55.65
N TYR B 1097 -17.10 -30.82 56.81
CA TYR B 1097 -16.75 -31.53 58.04
C TYR B 1097 -17.89 -32.39 58.55
N GLU B 1098 -17.87 -33.67 58.17
CA GLU B 1098 -18.87 -34.64 58.61
C GLU B 1098 -18.20 -35.67 59.50
N PRO B 1099 -18.33 -35.56 60.83
CA PRO B 1099 -17.62 -36.46 61.73
C PRO B 1099 -18.18 -37.87 61.68
N GLN B 1100 -17.29 -38.85 61.59
CA GLN B 1100 -17.66 -40.25 61.71
C GLN B 1100 -16.67 -40.94 62.61
N ILE B 1101 -17.14 -41.98 63.29
CA ILE B 1101 -16.27 -42.78 64.14
C ILE B 1101 -15.33 -43.60 63.26
N ILE B 1102 -14.05 -43.56 63.57
CA ILE B 1102 -13.03 -44.20 62.73
C ILE B 1102 -13.11 -45.69 62.92
N THR B 1103 -13.72 -46.38 61.97
CA THR B 1103 -13.90 -47.81 62.03
C THR B 1103 -12.89 -48.50 61.14
N THR B 1104 -13.03 -49.82 61.02
CA THR B 1104 -12.28 -50.58 60.02
C THR B 1104 -12.88 -50.46 58.63
N ASP B 1105 -14.03 -49.81 58.50
CA ASP B 1105 -14.74 -49.73 57.24
C ASP B 1105 -14.39 -48.50 56.42
N ASN B 1106 -13.77 -47.51 57.06
CA ASN B 1106 -13.25 -46.33 56.37
C ASN B 1106 -11.72 -46.32 56.34
N THR B 1107 -11.10 -47.40 56.80
CA THR B 1107 -9.66 -47.49 56.92
C THR B 1107 -9.16 -48.78 56.28
N PHE B 1108 -7.85 -48.92 56.24
CA PHE B 1108 -7.21 -50.16 55.81
C PHE B 1108 -5.80 -50.22 56.40
N VAL B 1109 -5.34 -51.42 56.67
CA VAL B 1109 -4.04 -51.65 57.30
C VAL B 1109 -3.00 -51.80 56.21
N SER B 1110 -1.91 -51.05 56.32
CA SER B 1110 -0.78 -51.16 55.40
C SER B 1110 0.50 -51.00 56.21
N GLY B 1111 1.06 -52.12 56.67
CA GLY B 1111 2.29 -52.08 57.42
C GLY B 1111 2.07 -51.95 58.92
N ASN B 1112 3.11 -51.46 59.58
CA ASN B 1112 3.11 -51.35 61.03
C ASN B 1112 3.30 -49.92 61.50
N CYS B 1113 3.46 -49.73 62.81
CA CYS B 1113 3.57 -48.40 63.39
C CYS B 1113 5.02 -47.92 63.49
N ASP B 1114 5.89 -48.39 62.61
CA ASP B 1114 7.32 -48.06 62.68
C ASP B 1114 7.76 -47.00 61.69
N VAL B 1115 7.17 -46.95 60.50
CA VAL B 1115 7.69 -46.11 59.43
C VAL B 1115 6.90 -44.81 59.40
N VAL B 1116 5.64 -44.88 59.82
CA VAL B 1116 4.73 -43.74 59.71
C VAL B 1116 5.13 -42.66 60.69
N ILE B 1117 5.50 -41.50 60.16
CA ILE B 1117 5.96 -40.38 60.98
C ILE B 1117 4.73 -39.61 61.45
N GLY B 1118 4.50 -39.61 62.76
CA GLY B 1118 3.39 -38.89 63.34
C GLY B 1118 2.15 -39.71 63.61
N ILE B 1119 2.26 -41.04 63.63
CA ILE B 1119 1.10 -41.88 63.90
C ILE B 1119 0.73 -41.75 65.38
N VAL B 1120 -0.57 -41.84 65.67
CA VAL B 1120 -1.08 -41.68 67.01
C VAL B 1120 -1.78 -42.95 67.45
N ASN B 1121 -1.83 -43.16 68.76
CA ASN B 1121 -2.53 -44.31 69.32
C ASN B 1121 -4.01 -44.02 69.45
N ASN B 1122 -4.83 -44.95 68.95
CA ASN B 1122 -6.27 -44.92 69.16
C ASN B 1122 -6.81 -46.32 68.94
N THR B 1123 -7.86 -46.65 69.69
CA THR B 1123 -8.57 -47.90 69.50
C THR B 1123 -9.47 -47.79 68.28
N VAL B 1124 -9.10 -48.48 67.21
CA VAL B 1124 -9.95 -48.55 66.03
C VAL B 1124 -11.14 -49.44 66.34
N TYR B 1125 -12.34 -48.88 66.25
CA TYR B 1125 -13.55 -49.66 66.46
C TYR B 1125 -13.78 -50.62 65.29
N ASP B 1126 -14.29 -51.79 65.60
CA ASP B 1126 -14.72 -52.75 64.59
C ASP B 1126 -16.06 -53.31 65.03
N PRO B 1127 -17.12 -53.13 64.25
CA PRO B 1127 -18.43 -53.71 64.58
C PRO B 1127 -18.55 -55.19 64.27
N LEU B 1128 -17.48 -55.87 63.88
CA LEU B 1128 -17.50 -57.28 63.56
C LEU B 1128 -17.24 -58.17 64.78
N GLN B 1129 -17.13 -57.58 65.96
CA GLN B 1129 -16.91 -58.33 67.19
C GLN B 1129 -18.19 -58.93 67.81
N PRO B 1130 -19.33 -58.20 67.99
CA PRO B 1130 -20.49 -58.86 68.62
C PRO B 1130 -21.40 -59.57 67.64
N GLU B 1131 -20.91 -59.84 66.42
CA GLU B 1131 -21.76 -60.42 65.38
C GLU B 1131 -22.12 -61.87 65.66
N LEU B 1132 -21.31 -62.58 66.45
CA LEU B 1132 -21.57 -63.99 66.73
C LEU B 1132 -22.72 -64.16 67.71
N GLN C 1 71.71 14.32 -18.43
CA GLN C 1 71.12 13.72 -17.24
C GLN C 1 70.38 12.43 -17.60
N CYS C 2 70.75 11.84 -18.74
CA CYS C 2 70.09 10.64 -19.26
C CYS C 2 70.88 9.39 -18.96
N VAL C 3 71.48 9.30 -17.76
CA VAL C 3 72.22 8.11 -17.37
C VAL C 3 71.23 6.96 -17.14
N ASN C 4 71.42 5.87 -17.88
CA ASN C 4 70.49 4.76 -17.88
C ASN C 4 71.19 3.49 -17.44
N LEU C 5 70.50 2.70 -16.61
CA LEU C 5 71.05 1.44 -16.11
C LEU C 5 70.61 0.29 -17.00
N THR C 6 71.51 -0.68 -17.20
CA THR C 6 71.23 -1.80 -18.07
C THR C 6 71.58 -3.10 -17.38
N THR C 7 72.53 -3.04 -16.43
CA THR C 7 73.11 -4.23 -15.81
C THR C 7 72.26 -4.82 -14.67
N ARG C 8 70.98 -4.48 -14.59
CA ARG C 8 70.13 -5.01 -13.54
C ARG C 8 69.58 -6.38 -13.93
N THR C 9 69.24 -7.17 -12.92
CA THR C 9 68.79 -8.55 -13.10
C THR C 9 67.28 -8.62 -12.89
N GLN C 10 66.58 -9.15 -13.90
CA GLN C 10 65.13 -9.27 -13.83
C GLN C 10 64.73 -10.39 -12.88
N LEU C 11 63.62 -10.15 -12.11
CA LEU C 11 63.12 -11.19 -11.22
C LEU C 11 61.88 -11.86 -11.81
N PRO C 12 61.67 -13.14 -11.48
CA PRO C 12 60.36 -13.74 -11.74
C PRO C 12 59.33 -13.22 -10.74
N PRO C 13 58.06 -13.07 -11.16
CA PRO C 13 57.07 -12.44 -10.28
C PRO C 13 56.66 -13.29 -9.08
N ALA C 14 57.49 -13.25 -8.04
CA ALA C 14 57.26 -14.05 -6.84
C ALA C 14 56.01 -13.59 -6.10
N TYR C 15 55.41 -14.52 -5.37
CA TYR C 15 54.10 -14.32 -4.76
C TYR C 15 54.16 -14.51 -3.25
N THR C 16 53.70 -13.51 -2.53
CA THR C 16 53.35 -13.61 -1.11
C THR C 16 51.89 -13.18 -0.97
N ASN C 17 51.36 -13.31 0.24
CA ASN C 17 49.93 -13.21 0.47
C ASN C 17 49.58 -12.00 1.33
N SER C 18 48.58 -11.25 0.91
CA SER C 18 48.03 -10.16 1.70
C SER C 18 47.08 -10.74 2.75
N PHE C 19 47.48 -10.66 4.02
CA PHE C 19 46.72 -11.34 5.07
C PHE C 19 45.52 -10.52 5.50
N THR C 20 45.78 -9.36 6.12
CA THR C 20 44.75 -8.49 6.69
C THR C 20 45.06 -7.02 6.49
N ARG C 21 45.72 -6.68 5.39
CA ARG C 21 46.18 -5.32 5.18
C ARG C 21 45.40 -4.65 4.06
N GLY C 22 45.76 -3.40 3.78
CA GLY C 22 44.98 -2.55 2.92
C GLY C 22 43.85 -1.83 3.61
N VAL C 23 43.74 -1.96 4.92
CA VAL C 23 42.65 -1.36 5.67
C VAL C 23 42.95 0.11 5.86
N TYR C 24 42.01 0.97 5.48
CA TYR C 24 42.14 2.41 5.63
C TYR C 24 40.84 2.96 6.20
N TYR C 25 40.94 4.12 6.83
CA TYR C 25 39.74 4.86 7.18
C TYR C 25 39.10 5.38 5.90
N PRO C 26 37.79 5.18 5.71
CA PRO C 26 37.17 5.50 4.40
C PRO C 26 37.12 6.98 4.09
N ASP C 27 36.70 7.79 5.04
CA ASP C 27 36.62 9.23 4.83
C ASP C 27 36.84 9.93 6.16
N LYS C 28 36.44 11.19 6.24
CA LYS C 28 36.67 12.03 7.41
C LYS C 28 35.57 11.89 8.45
N VAL C 29 34.85 10.77 8.46
CA VAL C 29 33.67 10.59 9.30
C VAL C 29 34.03 9.68 10.46
N PHE C 30 33.81 10.16 11.68
CA PHE C 30 34.02 9.37 12.89
C PHE C 30 32.79 8.53 13.18
N ARG C 31 33.01 7.31 13.64
CA ARG C 31 31.97 6.46 14.20
C ARG C 31 32.45 5.90 15.52
N SER C 32 31.52 5.36 16.30
CA SER C 32 31.83 4.93 17.67
C SER C 32 31.26 3.55 17.92
N SER C 33 32.16 2.54 17.97
CA SER C 33 31.90 1.22 18.56
C SER C 33 30.80 0.45 17.83
N VAL C 34 30.61 0.70 16.54
CA VAL C 34 29.64 -0.04 15.76
C VAL C 34 30.39 -0.87 14.72
N LEU C 35 29.73 -1.92 14.26
CA LEU C 35 30.26 -2.75 13.18
C LEU C 35 29.69 -2.21 11.88
N HIS C 36 30.41 -1.26 11.29
CA HIS C 36 29.97 -0.64 10.06
C HIS C 36 30.37 -1.46 8.86
N SER C 37 29.52 -1.49 7.83
CA SER C 37 29.83 -2.14 6.58
C SER C 37 29.88 -1.10 5.46
N THR C 38 30.84 -1.26 4.55
CA THR C 38 31.01 -0.31 3.47
C THR C 38 31.65 -1.00 2.28
N GLN C 39 31.58 -0.34 1.13
CA GLN C 39 32.06 -0.87 -0.14
C GLN C 39 32.89 0.18 -0.85
N ASP C 40 34.13 -0.15 -1.15
CA ASP C 40 35.03 0.74 -1.88
C ASP C 40 36.14 -0.13 -2.47
N LEU C 41 37.07 0.52 -3.17
CA LEU C 41 38.28 -0.16 -3.63
C LEU C 41 39.12 -0.58 -2.44
N PHE C 42 39.31 -1.89 -2.29
CA PHE C 42 39.91 -2.49 -1.12
C PHE C 42 41.02 -3.45 -1.54
N LEU C 43 41.92 -3.72 -0.60
CA LEU C 43 42.92 -4.76 -0.80
C LEU C 43 42.37 -6.09 -0.32
N PRO C 44 42.20 -7.07 -1.18
CA PRO C 44 41.60 -8.35 -0.76
C PRO C 44 42.56 -9.16 0.10
N PHE C 45 42.00 -10.18 0.73
CA PHE C 45 42.74 -11.05 1.63
C PHE C 45 43.20 -12.27 0.85
N PHE C 46 44.41 -12.73 1.17
CA PHE C 46 45.06 -13.90 0.53
C PHE C 46 45.15 -13.69 -0.98
N SER C 47 45.96 -12.69 -1.34
CA SER C 47 46.18 -12.35 -2.74
C SER C 47 47.66 -12.51 -3.06
N ASN C 48 47.95 -13.23 -4.15
CA ASN C 48 49.31 -13.50 -4.57
C ASN C 48 49.90 -12.23 -5.18
N VAL C 49 50.32 -11.32 -4.30
CA VAL C 49 50.88 -10.06 -4.75
C VAL C 49 52.30 -10.26 -5.24
N THR C 50 52.76 -9.35 -6.09
CA THR C 50 54.09 -9.46 -6.70
C THR C 50 55.16 -9.13 -5.67
N TRP C 51 55.88 -10.16 -5.21
CA TRP C 51 56.89 -9.98 -4.17
C TRP C 51 58.14 -9.32 -4.73
N PHE C 52 58.19 -7.99 -4.67
CA PHE C 52 59.32 -7.24 -5.22
C PHE C 52 60.31 -6.91 -4.11
N HIS C 53 61.60 -6.93 -4.46
CA HIS C 53 62.66 -6.62 -3.52
C HIS C 53 63.86 -6.09 -4.31
N ALA C 54 64.95 -5.82 -3.60
CA ALA C 54 66.15 -5.28 -4.23
C ALA C 54 67.37 -5.68 -3.43
N ILE C 55 68.11 -6.67 -3.94
CA ILE C 55 69.36 -7.11 -3.33
C ILE C 55 70.16 -7.79 -4.44
N HIS C 56 71.48 -7.80 -4.29
CA HIS C 56 72.35 -8.49 -5.25
C HIS C 56 72.33 -9.99 -5.01
N LYS C 64 72.51 -8.84 -8.68
CA LYS C 64 72.23 -7.53 -9.27
C LYS C 64 70.75 -7.34 -9.57
N ARG C 65 69.89 -7.93 -8.73
CA ARG C 65 68.45 -7.85 -8.93
C ARG C 65 67.98 -6.46 -8.53
N PHE C 66 68.16 -5.52 -9.46
CA PHE C 66 67.77 -4.12 -9.27
C PHE C 66 66.56 -3.83 -10.13
N ASP C 67 65.69 -2.95 -9.63
CA ASP C 67 64.36 -2.80 -10.22
C ASP C 67 63.98 -1.34 -10.37
N ASN C 68 63.47 -1.00 -11.55
CA ASN C 68 62.70 0.22 -11.77
C ASN C 68 61.52 -0.14 -12.65
N PRO C 69 60.51 -0.81 -12.11
CA PRO C 69 59.45 -1.37 -12.95
C PRO C 69 58.47 -0.31 -13.38
N VAL C 70 57.73 -0.65 -14.44
CA VAL C 70 56.70 0.22 -14.99
C VAL C 70 55.39 -0.55 -14.83
N LEU C 71 54.65 -0.24 -13.77
CA LEU C 71 53.41 -0.94 -13.47
C LEU C 71 52.21 -0.05 -13.76
N PRO C 72 51.13 -0.61 -14.28
CA PRO C 72 49.92 0.19 -14.49
C PRO C 72 49.27 0.59 -13.17
N PHE C 73 48.38 1.58 -13.27
CA PHE C 73 47.73 2.20 -12.12
C PHE C 73 46.22 2.12 -12.32
N ASN C 74 45.73 0.90 -12.56
CA ASN C 74 44.33 0.65 -12.87
C ASN C 74 43.42 1.05 -11.71
N ASP C 75 43.59 0.39 -10.56
CA ASP C 75 42.71 0.62 -9.42
C ASP C 75 43.47 1.01 -8.16
N GLY C 76 44.73 1.38 -8.29
CA GLY C 76 45.51 1.69 -7.11
C GLY C 76 46.15 0.46 -6.51
N VAL C 77 47.26 0.69 -5.80
CA VAL C 77 48.06 -0.39 -5.25
C VAL C 77 48.28 -0.19 -3.76
N TYR C 78 48.55 -1.29 -3.07
CA TYR C 78 49.04 -1.23 -1.71
C TYR C 78 50.53 -0.96 -1.72
N PHE C 79 51.04 -0.41 -0.63
CA PHE C 79 52.45 -0.06 -0.57
C PHE C 79 53.03 -0.46 0.77
N ALA C 80 54.11 -1.24 0.72
CA ALA C 80 54.82 -1.64 1.94
C ALA C 80 56.28 -1.86 1.56
N SER C 81 57.15 -0.99 2.03
CA SER C 81 58.56 -1.00 1.65
C SER C 81 59.42 -0.95 2.91
N THR C 82 60.29 -1.95 3.07
CA THR C 82 61.20 -1.99 4.21
C THR C 82 62.26 -0.91 4.06
N GLU C 83 62.02 0.25 4.65
CA GLU C 83 62.89 1.41 4.47
C GLU C 83 63.90 1.50 5.62
N LYS C 84 64.77 0.49 5.68
CA LYS C 84 65.90 0.57 6.61
C LYS C 84 66.93 1.57 6.11
N SER C 85 67.13 1.64 4.80
CA SER C 85 68.05 2.60 4.20
C SER C 85 67.32 3.73 3.48
N ASN C 86 65.97 3.70 3.48
CA ASN C 86 65.11 4.68 2.79
C ASN C 86 65.43 4.76 1.31
N ILE C 87 65.27 3.63 0.62
CA ILE C 87 65.64 3.55 -0.78
C ILE C 87 64.64 4.28 -1.67
N ILE C 88 63.44 4.53 -1.18
CA ILE C 88 62.38 5.17 -1.98
C ILE C 88 62.72 6.63 -2.16
N ARG C 89 63.18 6.98 -3.36
CA ARG C 89 63.46 8.38 -3.68
C ARG C 89 62.29 9.09 -4.31
N GLY C 90 61.25 8.36 -4.69
CA GLY C 90 60.06 9.01 -5.20
C GLY C 90 59.26 8.10 -6.11
N TRP C 91 58.17 8.67 -6.61
CA TRP C 91 57.27 8.01 -7.54
C TRP C 91 57.11 8.89 -8.78
N ILE C 92 56.78 8.26 -9.89
CA ILE C 92 56.58 8.94 -11.16
C ILE C 92 55.16 8.63 -11.61
N PHE C 93 54.22 9.47 -11.22
CA PHE C 93 52.81 9.25 -11.51
C PHE C 93 52.41 10.08 -12.72
N GLY C 94 51.60 9.50 -13.59
CA GLY C 94 51.13 10.22 -14.75
C GLY C 94 50.66 9.28 -15.83
N THR C 95 50.24 9.89 -16.95
CA THR C 95 49.70 9.15 -18.09
C THR C 95 50.80 8.70 -19.04
N THR C 96 51.57 9.65 -19.58
CA THR C 96 52.42 9.38 -20.72
C THR C 96 53.87 9.10 -20.36
N LEU C 97 54.29 9.44 -19.13
CA LEU C 97 55.69 9.44 -18.69
C LEU C 97 56.54 10.28 -19.66
N ASP C 98 56.02 11.46 -19.97
CA ASP C 98 56.55 12.28 -21.05
C ASP C 98 56.07 13.71 -20.79
N SER C 99 56.47 14.64 -21.67
CA SER C 99 56.03 16.02 -21.62
C SER C 99 54.73 16.24 -22.38
N LYS C 100 53.96 15.19 -22.64
CA LYS C 100 52.67 15.34 -23.31
C LYS C 100 51.65 15.98 -22.39
N THR C 101 51.36 15.32 -21.26
CA THR C 101 50.44 15.81 -20.26
C THR C 101 51.17 15.98 -18.93
N GLN C 102 50.44 16.47 -17.94
CA GLN C 102 51.01 16.74 -16.64
C GLN C 102 51.24 15.44 -15.87
N SER C 103 52.47 15.25 -15.41
CA SER C 103 52.84 14.08 -14.65
C SER C 103 53.23 14.50 -13.24
N LEU C 104 52.94 13.62 -12.28
CA LEU C 104 53.16 13.89 -10.87
C LEU C 104 54.49 13.35 -10.40
N LEU C 105 55.19 14.14 -9.60
CA LEU C 105 56.49 13.77 -9.04
C LEU C 105 56.42 13.94 -7.53
N ILE C 106 56.00 12.91 -6.81
CA ILE C 106 56.02 12.91 -5.36
C ILE C 106 57.39 12.37 -4.94
N VAL C 107 58.27 13.27 -4.52
CA VAL C 107 59.60 12.91 -4.08
C VAL C 107 59.86 13.52 -2.70
N ASN C 108 61.07 13.33 -2.22
CA ASN C 108 61.46 13.76 -0.88
C ASN C 108 62.97 13.88 -0.87
N ASN C 109 63.48 15.10 -0.68
CA ASN C 109 64.91 15.36 -0.75
C ASN C 109 65.58 15.36 0.61
N ALA C 110 65.06 14.55 1.55
CA ALA C 110 65.52 14.34 2.93
C ALA C 110 65.41 15.59 3.80
N THR C 111 64.83 16.66 3.30
CA THR C 111 64.53 17.87 4.07
C THR C 111 63.08 18.30 3.87
N ASN C 112 62.53 18.12 2.67
CA ASN C 112 61.15 18.48 2.35
C ASN C 112 60.58 17.44 1.40
N VAL C 113 59.35 17.01 1.65
CA VAL C 113 58.66 16.17 0.68
C VAL C 113 58.25 17.06 -0.49
N VAL C 114 58.92 16.90 -1.61
CA VAL C 114 58.74 17.78 -2.76
C VAL C 114 57.69 17.17 -3.68
N ILE C 115 56.68 17.97 -4.04
CA ILE C 115 55.62 17.56 -4.94
C ILE C 115 55.62 18.48 -6.13
N LYS C 116 55.71 17.91 -7.34
CA LYS C 116 55.70 18.67 -8.57
C LYS C 116 54.75 18.02 -9.57
N VAL C 117 53.96 18.84 -10.24
CA VAL C 117 53.11 18.39 -11.34
C VAL C 117 53.53 19.21 -12.56
N CYS C 118 54.46 18.65 -13.34
CA CYS C 118 54.90 19.31 -14.56
C CYS C 118 54.80 18.35 -15.74
N GLU C 119 55.38 18.75 -16.88
CA GLU C 119 55.37 17.96 -18.09
C GLU C 119 56.83 17.70 -18.42
N PHE C 120 57.37 16.61 -17.87
CA PHE C 120 58.80 16.37 -17.84
C PHE C 120 59.32 15.91 -19.20
N GLN C 121 60.49 16.44 -19.57
CA GLN C 121 61.28 15.83 -20.63
C GLN C 121 61.97 14.63 -19.98
N PHE C 122 61.29 13.49 -20.04
CA PHE C 122 61.50 12.41 -19.10
C PHE C 122 62.58 11.45 -19.57
N CYS C 123 63.39 10.96 -18.62
CA CYS C 123 64.53 10.12 -18.91
C CYS C 123 64.09 8.69 -19.23
N ASN C 124 64.99 7.94 -19.87
CA ASN C 124 64.73 6.54 -20.17
C ASN C 124 64.72 5.70 -18.91
N ASP C 125 65.85 5.66 -18.20
CA ASP C 125 65.97 4.97 -16.92
C ASP C 125 66.41 5.99 -15.88
N PRO C 126 65.47 6.73 -15.30
CA PRO C 126 65.84 7.76 -14.33
C PRO C 126 66.05 7.19 -12.94
N PHE C 127 66.77 7.95 -12.13
CA PHE C 127 67.11 7.59 -10.75
C PHE C 127 67.52 8.87 -10.02
N LEU C 128 68.06 8.71 -8.82
CA LEU C 128 68.74 9.78 -8.12
C LEU C 128 70.06 9.24 -7.57
N GLY C 129 71.17 9.75 -8.10
CA GLY C 129 72.48 9.26 -7.72
C GLY C 129 73.23 10.15 -6.77
N VAL C 130 73.46 9.66 -5.55
CA VAL C 130 74.13 10.47 -4.54
C VAL C 130 75.62 10.58 -4.84
N TYR C 131 76.23 11.60 -4.26
CA TYR C 131 77.63 11.93 -4.53
C TYR C 131 78.13 12.74 -3.33
N TYR C 132 79.45 12.94 -3.26
CA TYR C 132 80.15 13.72 -2.23
C TYR C 132 79.91 13.11 -0.84
N HIS C 133 80.43 11.90 -0.66
CA HIS C 133 80.38 11.22 0.62
C HIS C 133 81.76 11.08 1.26
N LYS C 134 82.70 11.96 0.90
CA LYS C 134 84.03 11.91 1.51
C LYS C 134 84.04 12.65 2.84
N ASN C 135 83.75 13.95 2.82
CA ASN C 135 83.78 14.78 4.03
C ASN C 135 82.58 15.70 4.03
N ASN C 136 81.85 15.71 5.15
CA ASN C 136 80.59 16.45 5.34
C ASN C 136 79.58 16.08 4.26
N LYS C 137 79.16 14.82 4.33
CA LYS C 137 78.45 14.19 3.21
C LYS C 137 77.04 14.74 3.03
N SER C 138 76.29 14.90 4.12
CA SER C 138 74.90 15.37 4.18
C SER C 138 73.92 14.51 3.38
N TRP C 139 74.36 13.36 2.86
CA TRP C 139 73.59 12.47 1.98
C TRP C 139 72.98 13.22 0.80
N MET C 140 73.80 14.05 0.16
CA MET C 140 73.30 14.99 -0.84
C MET C 140 73.24 14.38 -2.24
N GLU C 141 72.29 14.86 -3.03
CA GLU C 141 72.10 14.45 -4.41
C GLU C 141 72.74 15.49 -5.32
N SER C 142 73.68 15.05 -6.15
CA SER C 142 74.39 15.97 -7.02
C SER C 142 73.54 16.40 -8.20
N GLU C 143 73.14 15.44 -9.04
CA GLU C 143 72.43 15.72 -10.29
C GLU C 143 71.11 14.96 -10.29
N PHE C 144 70.01 15.69 -10.44
CA PHE C 144 68.68 15.10 -10.55
C PHE C 144 68.57 14.38 -11.89
N ARG C 145 68.66 13.04 -11.86
CA ARG C 145 68.64 12.24 -13.07
C ARG C 145 67.23 11.88 -13.51
N VAL C 146 66.23 12.64 -13.07
CA VAL C 146 64.84 12.22 -13.22
C VAL C 146 64.17 12.76 -14.48
N TYR C 147 64.56 13.93 -14.96
CA TYR C 147 64.04 14.47 -16.22
C TYR C 147 65.10 15.37 -16.83
N SER C 148 64.73 16.01 -17.94
CA SER C 148 65.63 16.95 -18.60
C SER C 148 65.14 18.39 -18.51
N SER C 149 63.84 18.62 -18.64
CA SER C 149 63.28 19.96 -18.52
C SER C 149 61.84 19.86 -18.04
N ALA C 150 61.37 20.94 -17.42
CA ALA C 150 60.01 21.01 -16.88
C ALA C 150 59.43 22.39 -17.20
N ASN C 151 58.81 22.50 -18.36
CA ASN C 151 58.06 23.68 -18.74
C ASN C 151 56.58 23.33 -18.87
N ASN C 152 55.74 24.37 -18.82
CA ASN C 152 54.28 24.27 -18.93
C ASN C 152 53.73 23.35 -17.82
N CYS C 153 53.94 23.81 -16.59
CA CYS C 153 53.57 23.10 -15.36
C CYS C 153 52.20 23.56 -14.88
N THR C 154 51.67 22.85 -13.89
CA THR C 154 50.37 23.21 -13.31
C THR C 154 50.37 23.27 -11.79
N PHE C 155 51.24 22.51 -11.13
CA PHE C 155 51.14 22.43 -9.67
C PHE C 155 52.50 22.07 -9.07
N GLU C 156 52.80 22.65 -7.92
CA GLU C 156 54.01 22.35 -7.17
C GLU C 156 53.74 22.64 -5.70
N TYR C 157 54.24 21.78 -4.82
CA TYR C 157 53.86 21.85 -3.42
C TYR C 157 54.94 21.21 -2.55
N VAL C 158 55.03 21.69 -1.31
CA VAL C 158 55.90 21.11 -0.29
C VAL C 158 55.03 20.73 0.91
N SER C 159 54.97 19.45 1.21
CA SER C 159 54.17 18.95 2.32
C SER C 159 55.06 18.75 3.56
N GLN C 160 54.50 18.08 4.57
CA GLN C 160 55.21 17.92 5.84
C GLN C 160 56.25 16.82 5.72
N PRO C 161 57.51 17.09 5.99
CA PRO C 161 58.55 16.08 5.81
C PRO C 161 58.80 15.22 7.03
N PHE C 162 59.79 14.34 6.93
CA PHE C 162 60.36 13.63 8.06
C PHE C 162 61.87 13.68 7.93
N LEU C 163 62.57 12.91 8.77
CA LEU C 163 64.01 12.74 8.67
C LEU C 163 64.28 11.44 7.91
N MET C 164 64.89 11.57 6.73
CA MET C 164 65.11 10.44 5.84
C MET C 164 66.51 9.89 6.09
N ASP C 165 66.59 8.96 7.05
CA ASP C 165 67.85 8.33 7.43
C ASP C 165 68.29 7.41 6.31
N LEU C 166 69.28 7.86 5.54
CA LEU C 166 69.80 7.11 4.41
C LEU C 166 70.98 6.21 4.78
N GLU C 167 71.28 6.09 6.08
CA GLU C 167 72.37 5.24 6.53
C GLU C 167 72.00 3.77 6.36
N GLY C 168 72.95 2.98 5.86
CA GLY C 168 72.71 1.56 5.67
C GLY C 168 72.62 0.81 6.97
N LYS C 169 71.42 0.40 7.35
CA LYS C 169 71.20 -0.30 8.61
C LYS C 169 71.56 -1.77 8.47
N GLN C 170 71.97 -2.38 9.58
CA GLN C 170 72.23 -3.81 9.63
C GLN C 170 71.54 -4.38 10.86
N GLY C 171 70.93 -5.56 10.70
CA GLY C 171 70.17 -6.16 11.77
C GLY C 171 68.83 -6.68 11.30
N ASN C 172 67.76 -6.12 11.85
CA ASN C 172 66.39 -6.52 11.49
C ASN C 172 65.61 -5.30 11.03
N PHE C 173 64.32 -5.52 10.75
CA PHE C 173 63.48 -4.47 10.21
C PHE C 173 63.03 -3.52 11.32
N LYS C 174 63.11 -2.22 11.05
CA LYS C 174 62.78 -1.21 12.05
C LYS C 174 61.63 -0.30 11.67
N ASN C 175 61.36 -0.08 10.39
CA ASN C 175 60.32 0.85 9.98
C ASN C 175 59.60 0.35 8.73
N LEU C 176 58.28 0.51 8.73
CA LEU C 176 57.46 0.25 7.56
C LEU C 176 56.50 1.42 7.41
N ARG C 177 56.38 1.92 6.19
CA ARG C 177 55.44 2.99 5.87
C ARG C 177 54.32 2.43 5.01
N GLU C 178 53.19 2.13 5.65
CA GLU C 178 51.99 1.72 4.94
C GLU C 178 51.43 2.90 4.18
N PHE C 179 51.43 2.82 2.85
CA PHE C 179 50.80 3.81 1.99
C PHE C 179 49.71 3.14 1.17
N VAL C 180 48.71 3.92 0.78
CA VAL C 180 47.70 3.49 -0.19
C VAL C 180 47.57 4.59 -1.23
N PHE C 181 47.77 4.23 -2.49
CA PHE C 181 47.66 5.15 -3.61
C PHE C 181 46.28 5.00 -4.23
N LYS C 182 45.55 6.10 -4.35
CA LYS C 182 44.16 6.02 -4.75
C LYS C 182 43.74 7.34 -5.39
N ASN C 183 43.31 7.28 -6.64
CA ASN C 183 42.86 8.46 -7.38
C ASN C 183 41.38 8.30 -7.66
N ILE C 184 40.57 9.20 -7.12
CA ILE C 184 39.12 9.12 -7.22
C ILE C 184 38.61 10.43 -7.82
N ASP C 185 38.09 10.34 -9.05
CA ASP C 185 37.24 11.35 -9.69
C ASP C 185 37.97 12.69 -9.85
N GLY C 186 39.13 12.62 -10.51
CA GLY C 186 39.96 13.79 -10.70
C GLY C 186 40.54 14.34 -9.43
N TYR C 187 40.75 13.49 -8.42
CA TYR C 187 41.19 13.94 -7.11
C TYR C 187 41.96 12.78 -6.48
N PHE C 188 43.28 12.92 -6.37
CA PHE C 188 44.08 11.85 -5.82
C PHE C 188 44.01 11.88 -4.30
N LYS C 189 43.92 10.69 -3.71
CA LYS C 189 43.79 10.53 -2.25
C LYS C 189 44.82 9.51 -1.79
N ILE C 190 45.91 9.98 -1.19
CA ILE C 190 46.89 9.10 -0.59
C ILE C 190 46.57 8.95 0.91
N TYR C 191 46.52 7.70 1.36
CA TYR C 191 46.33 7.40 2.77
C TYR C 191 47.62 6.76 3.29
N SER C 192 47.92 7.01 4.56
CA SER C 192 49.24 6.70 5.06
C SER C 192 49.18 6.06 6.44
N LYS C 193 50.25 5.34 6.76
CA LYS C 193 50.58 4.97 8.13
C LYS C 193 52.07 4.69 8.19
N HIS C 194 52.78 5.44 9.03
CA HIS C 194 54.16 5.13 9.38
C HIS C 194 54.15 4.46 10.75
N THR C 195 54.54 3.19 10.78
CA THR C 195 54.66 2.48 12.05
C THR C 195 56.01 1.78 12.14
N PRO C 196 56.74 1.98 13.22
CA PRO C 196 57.96 1.18 13.43
C PRO C 196 57.63 -0.22 13.89
N ILE C 197 57.76 -1.20 12.99
CA ILE C 197 57.48 -2.59 13.31
C ILE C 197 58.79 -3.37 13.27
N ASN C 198 58.93 -4.31 14.20
CA ASN C 198 60.07 -5.21 14.20
C ASN C 198 59.69 -6.46 13.40
N LEU C 199 60.57 -6.86 12.49
CA LEU C 199 60.18 -7.89 11.55
C LEU C 199 61.40 -8.62 11.03
N VAL C 200 61.20 -9.92 10.76
CA VAL C 200 62.26 -10.78 10.27
C VAL C 200 62.14 -11.04 8.77
N ARG C 201 60.94 -11.12 8.23
CA ARG C 201 60.72 -11.68 6.89
C ARG C 201 59.73 -10.78 6.15
N ASP C 202 59.14 -11.33 5.08
CA ASP C 202 58.35 -10.59 4.10
C ASP C 202 57.14 -9.87 4.67
N LEU C 203 56.14 -10.61 5.16
CA LEU C 203 54.92 -10.02 5.70
C LEU C 203 54.39 -10.86 6.85
N PRO C 204 54.16 -10.25 8.01
CA PRO C 204 53.53 -11.00 9.11
C PRO C 204 52.01 -10.88 9.03
N GLN C 205 51.32 -11.45 10.01
CA GLN C 205 49.87 -11.36 10.09
C GLN C 205 49.54 -10.20 11.04
N GLY C 206 49.61 -8.98 10.52
CA GLY C 206 49.33 -7.79 11.29
C GLY C 206 48.07 -7.10 10.80
N PHE C 207 47.64 -6.11 11.57
CA PHE C 207 46.39 -5.43 11.27
C PHE C 207 46.48 -4.00 11.77
N SER C 208 46.14 -3.04 10.89
CA SER C 208 46.17 -1.63 11.24
C SER C 208 45.24 -0.89 10.29
N ALA C 209 45.36 0.44 10.28
CA ALA C 209 44.49 1.29 9.48
C ALA C 209 45.33 2.36 8.81
N LEU C 210 44.74 3.06 7.85
CA LEU C 210 45.43 4.14 7.16
C LEU C 210 44.55 5.39 7.06
N GLU C 211 45.22 6.53 7.08
CA GLU C 211 44.62 7.86 7.13
C GLU C 211 45.40 8.77 6.19
N PRO C 212 44.76 9.81 5.64
CA PRO C 212 45.49 10.70 4.73
C PRO C 212 46.49 11.60 5.45
N LEU C 213 47.68 11.73 4.86
CA LEU C 213 48.58 12.79 5.25
C LEU C 213 48.24 14.09 4.52
N VAL C 214 48.32 14.06 3.18
CA VAL C 214 47.91 15.16 2.31
C VAL C 214 47.01 14.59 1.22
N ASP C 215 46.52 15.48 0.36
CA ASP C 215 45.72 15.11 -0.80
C ASP C 215 46.08 16.05 -1.95
N LEU C 216 45.83 15.58 -3.18
CA LEU C 216 46.27 16.28 -4.38
C LEU C 216 45.16 16.39 -5.41
N PRO C 217 44.52 17.55 -5.54
CA PRO C 217 43.57 17.85 -6.64
C PRO C 217 44.24 18.32 -7.94
N ILE C 218 44.69 17.39 -8.76
CA ILE C 218 45.30 17.74 -10.04
C ILE C 218 44.46 17.35 -11.25
N GLY C 219 43.61 16.32 -11.13
CA GLY C 219 42.61 15.99 -12.13
C GLY C 219 43.12 15.55 -13.49
N ILE C 220 43.79 14.39 -13.53
CA ILE C 220 44.26 13.77 -14.77
C ILE C 220 44.12 12.26 -14.64
N ASN C 221 44.51 11.55 -15.70
CA ASN C 221 44.62 10.10 -15.64
C ASN C 221 46.06 9.70 -15.37
N ILE C 222 46.24 8.58 -14.70
CA ILE C 222 47.54 7.96 -14.50
C ILE C 222 47.45 6.55 -15.05
N THR C 223 48.08 6.32 -16.20
CA THR C 223 48.04 5.00 -16.82
C THR C 223 49.00 4.04 -16.14
N ARG C 224 50.28 4.37 -16.16
CA ARG C 224 51.31 3.56 -15.51
C ARG C 224 52.09 4.45 -14.56
N PHE C 225 53.06 3.85 -13.86
CA PHE C 225 53.92 4.61 -12.96
C PHE C 225 55.24 3.87 -12.80
N GLN C 226 56.13 4.46 -11.99
CA GLN C 226 57.41 3.85 -11.63
C GLN C 226 57.66 4.14 -10.15
N THR C 227 58.91 3.94 -9.73
CA THR C 227 59.34 4.27 -8.37
C THR C 227 60.79 4.68 -8.42
N LEU C 228 61.09 5.89 -7.97
CA LEU C 228 62.46 6.39 -7.96
C LEU C 228 63.25 5.77 -6.81
N LEU C 229 64.44 5.27 -7.14
CA LEU C 229 65.33 4.67 -6.16
C LEU C 229 66.70 5.32 -6.30
N ALA C 230 67.68 4.79 -5.56
CA ALA C 230 69.02 5.35 -5.51
C ALA C 230 70.06 4.26 -5.48
N LEU C 231 71.29 4.66 -5.80
CA LEU C 231 72.48 3.84 -5.57
C LEU C 231 73.49 4.70 -4.83
N HIS C 232 74.23 4.08 -3.90
CA HIS C 232 75.06 4.82 -2.97
C HIS C 232 76.38 4.09 -2.77
N ARG C 233 77.43 4.88 -2.52
CA ARG C 233 78.70 4.33 -2.04
C ARG C 233 79.38 5.40 -1.21
N SER C 234 79.44 5.19 0.10
CA SER C 234 80.00 6.16 1.03
C SER C 234 81.52 6.25 0.90
N SER C 242 75.23 4.15 -14.59
CA SER C 242 76.37 3.83 -13.74
C SER C 242 75.95 3.01 -12.52
N SER C 243 75.92 1.68 -12.68
CA SER C 243 75.59 0.77 -11.60
C SER C 243 76.83 0.21 -10.91
N GLY C 244 77.91 1.00 -10.86
CA GLY C 244 79.11 0.58 -10.18
C GLY C 244 79.12 0.98 -8.71
N TRP C 245 77.95 1.27 -8.18
CA TRP C 245 77.73 1.65 -6.79
C TRP C 245 77.09 0.49 -6.03
N THR C 246 76.89 0.70 -4.73
CA THR C 246 76.31 -0.31 -3.86
C THR C 246 74.85 0.02 -3.55
N ALA C 247 74.19 -0.93 -2.89
CA ALA C 247 72.80 -0.77 -2.51
C ALA C 247 72.53 -1.66 -1.30
N GLY C 248 71.57 -1.23 -0.49
CA GLY C 248 71.19 -1.98 0.69
C GLY C 248 70.24 -3.12 0.37
N ALA C 249 69.69 -3.69 1.44
CA ALA C 249 68.73 -4.78 1.35
C ALA C 249 67.36 -4.22 1.71
N ALA C 250 66.63 -3.78 0.68
CA ALA C 250 65.31 -3.19 0.87
C ALA C 250 64.35 -3.72 -0.17
N ALA C 251 63.08 -3.79 0.21
CA ALA C 251 62.01 -4.27 -0.66
C ALA C 251 60.94 -3.20 -0.77
N TYR C 252 59.87 -3.54 -1.50
CA TYR C 252 58.70 -2.71 -1.73
C TYR C 252 57.63 -3.62 -2.30
N TYR C 253 56.39 -3.47 -1.82
CA TYR C 253 55.34 -4.43 -2.14
C TYR C 253 54.22 -3.75 -2.92
N VAL C 254 53.64 -4.48 -3.85
CA VAL C 254 52.60 -3.98 -4.73
C VAL C 254 51.36 -4.85 -4.54
N GLY C 255 50.33 -4.29 -3.94
CA GLY C 255 49.10 -5.03 -3.69
C GLY C 255 47.89 -4.41 -4.35
N TYR C 256 47.32 -5.11 -5.33
CA TYR C 256 46.29 -4.54 -6.18
C TYR C 256 44.97 -4.36 -5.45
N LEU C 257 44.40 -3.17 -5.57
CA LEU C 257 43.14 -2.84 -4.92
C LEU C 257 41.98 -3.30 -5.79
N GLN C 258 40.95 -3.84 -5.14
CA GLN C 258 39.77 -4.34 -5.82
C GLN C 258 38.52 -3.76 -5.17
N PRO C 259 37.43 -3.59 -5.93
CA PRO C 259 36.20 -3.09 -5.32
C PRO C 259 35.51 -4.14 -4.45
N ARG C 260 36.02 -4.33 -3.24
CA ARG C 260 35.50 -5.32 -2.31
C ARG C 260 34.47 -4.67 -1.37
N THR C 261 34.13 -5.38 -0.30
CA THR C 261 33.23 -4.89 0.71
C THR C 261 33.77 -5.32 2.07
N PHE C 262 33.89 -4.37 3.00
CA PHE C 262 34.48 -4.63 4.31
C PHE C 262 33.50 -4.38 5.44
N LEU C 263 33.73 -5.07 6.55
CA LEU C 263 33.16 -4.71 7.84
C LEU C 263 34.15 -3.85 8.61
N LEU C 264 33.63 -3.03 9.52
CA LEU C 264 34.45 -2.08 10.27
C LEU C 264 34.03 -2.13 11.74
N LYS C 265 34.69 -2.97 12.52
CA LYS C 265 34.47 -2.99 13.96
C LYS C 265 35.33 -1.91 14.61
N TYR C 266 34.68 -1.03 15.37
CA TYR C 266 35.36 0.08 16.00
C TYR C 266 35.38 -0.07 17.51
N ASN C 267 36.37 0.55 18.12
CA ASN C 267 36.42 0.69 19.57
C ASN C 267 35.69 1.96 19.98
N GLU C 268 35.86 2.37 21.23
CA GLU C 268 35.32 3.65 21.66
C GLU C 268 36.18 4.81 21.17
N ASN C 269 37.43 4.56 20.80
CA ASN C 269 38.25 5.55 20.11
C ASN C 269 37.91 5.65 18.64
N GLY C 270 37.11 4.75 18.11
CA GLY C 270 36.76 4.75 16.70
C GLY C 270 37.81 4.15 15.79
N THR C 271 38.91 3.63 16.33
CA THR C 271 39.93 3.05 15.50
C THR C 271 39.46 1.71 14.96
N ILE C 272 40.03 1.31 13.83
CA ILE C 272 39.60 0.08 13.15
C ILE C 272 40.19 -1.10 13.90
N THR C 273 39.30 -1.92 14.48
CA THR C 273 39.69 -3.08 15.27
C THR C 273 39.61 -4.38 14.46
N ASP C 274 38.62 -4.50 13.58
CA ASP C 274 38.43 -5.71 12.80
C ASP C 274 37.92 -5.35 11.42
N ALA C 275 38.29 -6.15 10.43
CA ALA C 275 37.83 -5.98 9.06
C ALA C 275 37.67 -7.35 8.42
N VAL C 276 36.56 -7.55 7.71
CA VAL C 276 36.27 -8.83 7.05
C VAL C 276 35.97 -8.55 5.58
N ASP C 277 36.76 -9.13 4.70
CA ASP C 277 36.53 -9.04 3.25
C ASP C 277 35.33 -9.91 2.91
N CYS C 278 34.19 -9.27 2.68
CA CYS C 278 32.88 -9.94 2.63
C CYS C 278 32.74 -10.96 1.52
N ALA C 279 33.54 -10.86 0.45
CA ALA C 279 33.43 -11.76 -0.69
C ALA C 279 34.59 -12.75 -0.76
N LEU C 280 35.32 -12.94 0.33
CA LEU C 280 36.46 -13.85 0.32
C LEU C 280 35.98 -15.30 0.33
N ASP C 281 35.29 -15.71 1.38
CA ASP C 281 34.78 -17.05 1.56
C ASP C 281 33.33 -16.93 2.04
N PRO C 282 32.53 -18.00 1.93
CA PRO C 282 31.15 -17.91 2.42
C PRO C 282 31.03 -17.73 3.92
N LEU C 283 32.09 -17.99 4.69
CA LEU C 283 32.15 -17.52 6.06
C LEU C 283 32.02 -16.00 6.13
N SER C 284 32.70 -15.30 5.22
CA SER C 284 32.59 -13.85 5.20
C SER C 284 31.25 -13.39 4.65
N GLU C 285 30.66 -14.16 3.73
CA GLU C 285 29.30 -13.87 3.30
C GLU C 285 28.33 -13.96 4.47
N THR C 286 28.53 -14.95 5.34
CA THR C 286 27.73 -15.09 6.54
C THR C 286 27.94 -13.93 7.49
N LYS C 287 29.20 -13.58 7.74
CA LYS C 287 29.53 -12.52 8.69
C LYS C 287 29.09 -11.15 8.20
N CYS C 288 29.01 -10.95 6.88
CA CYS C 288 28.56 -9.67 6.34
C CYS C 288 27.08 -9.64 6.05
N THR C 289 26.42 -10.79 6.01
CA THR C 289 24.96 -10.78 5.91
C THR C 289 24.31 -10.66 7.28
N LEU C 290 24.86 -11.36 8.27
CA LEU C 290 24.30 -11.32 9.62
C LEU C 290 24.68 -10.07 10.38
N LYS C 291 25.44 -9.16 9.78
CA LYS C 291 25.87 -7.88 10.36
C LYS C 291 26.66 -8.05 11.66
N SER C 292 27.24 -9.23 11.88
CA SER C 292 27.89 -9.55 13.14
C SER C 292 29.12 -10.40 12.86
N PHE C 293 30.23 -10.04 13.48
CA PHE C 293 31.43 -10.85 13.36
C PHE C 293 31.29 -12.17 14.11
N THR C 294 30.56 -12.16 15.22
CA THR C 294 30.35 -13.35 16.02
C THR C 294 29.09 -14.07 15.53
N VAL C 295 29.26 -15.29 15.04
CA VAL C 295 28.18 -16.08 14.48
C VAL C 295 28.03 -17.35 15.29
N GLU C 296 26.84 -17.57 15.84
CA GLU C 296 26.60 -18.77 16.63
C GLU C 296 26.34 -19.97 15.71
N LYS C 297 26.09 -21.12 16.33
CA LYS C 297 25.81 -22.35 15.61
C LYS C 297 24.45 -22.27 14.92
N GLY C 298 24.45 -22.13 13.61
CA GLY C 298 23.20 -22.05 12.88
C GLY C 298 23.44 -22.07 11.39
N ILE C 299 22.38 -22.40 10.66
CA ILE C 299 22.36 -22.32 9.20
C ILE C 299 21.80 -20.96 8.82
N TYR C 300 22.34 -20.37 7.74
CA TYR C 300 21.92 -19.04 7.32
C TYR C 300 21.85 -19.03 5.81
N GLN C 301 21.33 -17.92 5.27
CA GLN C 301 21.22 -17.73 3.84
C GLN C 301 21.83 -16.40 3.46
N THR C 302 22.77 -16.40 2.51
CA THR C 302 23.53 -15.22 2.15
C THR C 302 23.22 -14.71 0.76
N SER C 303 23.37 -15.54 -0.27
CA SER C 303 23.26 -15.05 -1.63
C SER C 303 22.25 -15.85 -2.44
N ASN C 304 22.21 -15.58 -3.74
CA ASN C 304 21.30 -16.24 -4.66
C ASN C 304 22.09 -16.82 -5.82
N PHE C 305 21.88 -18.10 -6.07
CA PHE C 305 22.52 -18.74 -7.22
C PHE C 305 21.85 -18.25 -8.49
N ARG C 306 22.66 -17.87 -9.47
CA ARG C 306 22.13 -17.35 -10.72
C ARG C 306 23.17 -17.55 -11.80
N VAL C 307 22.75 -18.10 -12.94
CA VAL C 307 23.64 -18.34 -14.06
C VAL C 307 23.53 -17.17 -15.02
N GLN C 308 24.63 -16.50 -15.25
CA GLN C 308 24.69 -15.39 -16.19
C GLN C 308 24.68 -15.91 -17.62
N PRO C 309 24.09 -15.18 -18.56
CA PRO C 309 24.03 -15.66 -19.94
C PRO C 309 25.39 -15.60 -20.61
N THR C 310 25.53 -16.42 -21.66
CA THR C 310 26.75 -16.56 -22.42
C THR C 310 26.72 -15.81 -23.74
N GLU C 311 25.65 -15.99 -24.52
CA GLU C 311 25.60 -15.45 -25.87
C GLU C 311 24.15 -15.15 -26.23
N SER C 312 23.98 -14.37 -27.29
CA SER C 312 22.67 -14.00 -27.78
C SER C 312 22.37 -14.76 -29.07
N ILE C 313 21.10 -15.09 -29.25
CA ILE C 313 20.64 -15.82 -30.44
C ILE C 313 19.63 -14.94 -31.16
N VAL C 314 19.90 -14.66 -32.43
CA VAL C 314 19.03 -13.83 -33.26
C VAL C 314 18.32 -14.75 -34.25
N ARG C 315 17.00 -14.78 -34.18
CA ARG C 315 16.18 -15.66 -35.03
C ARG C 315 15.14 -14.81 -35.75
N PHE C 316 15.47 -14.38 -36.95
CA PHE C 316 14.53 -13.80 -37.88
C PHE C 316 14.05 -14.86 -38.86
N PRO C 317 12.90 -14.62 -39.49
CA PRO C 317 12.34 -15.56 -40.45
C PRO C 317 13.17 -15.67 -41.73
N ASN C 318 13.34 -16.90 -42.21
CA ASN C 318 14.14 -17.18 -43.40
C ASN C 318 13.60 -16.52 -44.66
N ILE C 319 12.27 -16.53 -44.82
CA ILE C 319 11.71 -15.93 -46.03
C ILE C 319 11.59 -14.43 -45.83
N THR C 320 12.45 -13.71 -46.53
CA THR C 320 12.47 -12.25 -46.50
C THR C 320 12.72 -11.75 -47.91
N ASN C 321 12.20 -10.57 -48.23
CA ASN C 321 12.38 -10.04 -49.57
C ASN C 321 13.19 -8.75 -49.64
N LEU C 322 14.23 -8.78 -50.46
CA LEU C 322 15.07 -7.61 -50.70
C LEU C 322 14.27 -6.54 -51.42
N CYS C 323 14.86 -5.38 -51.50
CA CYS C 323 14.27 -4.18 -52.05
C CYS C 323 14.70 -3.98 -53.49
N PRO C 324 13.97 -3.18 -54.29
CA PRO C 324 14.49 -2.83 -55.62
C PRO C 324 15.69 -1.90 -55.57
N PHE C 325 16.86 -2.46 -55.25
CA PHE C 325 18.13 -1.75 -55.19
C PHE C 325 18.84 -1.73 -56.53
N GLY C 326 18.73 -2.82 -57.30
CA GLY C 326 19.43 -2.93 -58.56
C GLY C 326 18.92 -2.00 -59.64
N GLU C 327 17.60 -1.87 -59.78
CA GLU C 327 17.01 -1.01 -60.79
C GLU C 327 16.94 0.46 -60.38
N VAL C 328 17.57 0.82 -59.27
CA VAL C 328 17.75 2.21 -58.87
C VAL C 328 19.22 2.60 -58.86
N PHE C 329 20.07 1.76 -58.27
CA PHE C 329 21.50 2.03 -58.26
C PHE C 329 22.14 1.77 -59.61
N ASN C 330 21.59 0.83 -60.39
CA ASN C 330 22.09 0.44 -61.70
C ASN C 330 20.96 0.44 -62.71
N ALA C 331 20.22 1.55 -62.74
CA ALA C 331 19.01 1.67 -63.54
C ALA C 331 19.33 1.63 -65.04
N THR C 332 18.30 1.29 -65.82
CA THR C 332 18.46 1.05 -67.25
C THR C 332 18.14 2.28 -68.09
N ARG C 333 16.93 2.82 -67.95
CA ARG C 333 16.49 3.99 -68.68
C ARG C 333 16.56 5.21 -67.77
N PHE C 334 17.27 6.24 -68.20
CA PHE C 334 17.54 7.40 -67.37
C PHE C 334 16.32 8.33 -67.36
N ALA C 335 16.49 9.49 -66.75
CA ALA C 335 15.45 10.51 -66.70
C ALA C 335 16.13 11.87 -66.60
N SER C 336 15.35 12.90 -66.33
CA SER C 336 15.87 14.25 -66.20
C SER C 336 15.14 14.98 -65.08
N VAL C 337 15.68 16.14 -64.71
CA VAL C 337 15.06 16.97 -63.68
C VAL C 337 13.81 17.66 -64.22
N TYR C 338 13.64 17.68 -65.55
CA TYR C 338 12.40 18.14 -66.16
C TYR C 338 11.23 17.23 -65.79
N ALA C 339 11.41 15.92 -65.91
CA ALA C 339 10.40 14.94 -65.50
C ALA C 339 11.12 13.64 -65.20
N TRP C 340 11.13 13.23 -63.94
CA TRP C 340 11.91 12.07 -63.54
C TRP C 340 11.06 10.81 -63.55
N ASN C 341 11.68 9.70 -63.18
CA ASN C 341 11.01 8.42 -63.01
C ASN C 341 10.97 8.10 -61.53
N ARG C 342 9.78 7.85 -61.01
CA ARG C 342 9.58 7.66 -59.57
C ARG C 342 9.76 6.19 -59.20
N LYS C 343 10.54 5.95 -58.16
CA LYS C 343 10.76 4.61 -57.63
C LYS C 343 10.15 4.53 -56.24
N ARG C 344 9.28 3.55 -56.03
CA ARG C 344 8.63 3.32 -54.74
C ARG C 344 9.20 2.04 -54.16
N ILE C 345 10.07 2.19 -53.15
CA ILE C 345 10.70 1.06 -52.48
C ILE C 345 9.93 0.77 -51.20
N SER C 346 9.31 -0.41 -51.13
CA SER C 346 8.54 -0.81 -49.96
C SER C 346 8.42 -2.33 -49.96
N ASN C 347 7.79 -2.86 -48.91
CA ASN C 347 7.46 -4.28 -48.75
C ASN C 347 8.71 -5.15 -48.78
N CYS C 348 9.75 -4.70 -48.08
CA CYS C 348 11.05 -5.36 -48.17
C CYS C 348 11.87 -5.01 -46.94
N VAL C 349 12.79 -5.91 -46.59
CA VAL C 349 13.68 -5.70 -45.47
C VAL C 349 14.70 -4.62 -45.82
N ALA C 350 14.87 -3.65 -44.93
CA ALA C 350 15.75 -2.51 -45.18
C ALA C 350 17.20 -2.98 -45.14
N ASP C 351 17.73 -3.34 -46.30
CA ASP C 351 19.12 -3.76 -46.43
C ASP C 351 19.96 -2.55 -46.80
N TYR C 352 20.10 -1.65 -45.83
CA TYR C 352 20.79 -0.39 -46.03
C TYR C 352 22.31 -0.54 -46.03
N SER C 353 22.82 -1.76 -45.85
CA SER C 353 24.26 -1.99 -45.93
C SER C 353 24.77 -1.81 -47.35
N VAL C 354 24.15 -2.49 -48.32
CA VAL C 354 24.57 -2.34 -49.71
C VAL C 354 24.12 -0.99 -50.28
N LEU C 355 23.14 -0.36 -49.63
CA LEU C 355 22.76 1.00 -49.97
C LEU C 355 23.83 2.01 -49.54
N TYR C 356 24.69 1.65 -48.60
CA TYR C 356 25.68 2.57 -48.03
C TYR C 356 27.10 2.34 -48.51
N ASN C 357 27.56 1.09 -48.57
CA ASN C 357 28.98 0.81 -48.78
C ASN C 357 29.42 0.87 -50.25
N SER C 358 28.58 1.39 -51.14
CA SER C 358 28.94 1.52 -52.55
C SER C 358 30.02 2.57 -52.71
N ALA C 359 31.22 2.14 -53.10
CA ALA C 359 32.37 3.03 -53.23
C ALA C 359 32.39 3.80 -54.54
N SER C 360 31.36 3.66 -55.38
CA SER C 360 31.25 4.40 -56.63
C SER C 360 30.59 5.75 -56.46
N PHE C 361 30.56 6.29 -55.24
CA PHE C 361 29.89 7.54 -54.96
C PHE C 361 30.68 8.72 -55.50
N SER C 362 30.07 9.91 -55.40
CA SER C 362 30.76 11.16 -55.68
C SER C 362 30.86 12.04 -54.44
N THR C 363 29.74 12.32 -53.77
CA THR C 363 29.75 13.11 -52.56
C THR C 363 28.64 12.62 -51.65
N PHE C 364 28.99 12.23 -50.43
CA PHE C 364 28.07 11.67 -49.45
C PHE C 364 27.40 12.81 -48.70
N LYS C 365 26.15 13.10 -49.06
CA LYS C 365 25.38 14.20 -48.48
C LYS C 365 24.11 13.66 -47.85
N CYS C 366 24.01 13.81 -46.53
CA CYS C 366 22.80 13.45 -45.79
C CYS C 366 22.09 14.72 -45.34
N TYR C 367 20.76 14.67 -45.32
CA TYR C 367 19.94 15.86 -45.13
C TYR C 367 19.06 15.81 -43.89
N GLY C 368 18.47 14.65 -43.60
CA GLY C 368 17.63 14.49 -42.43
C GLY C 368 17.95 13.36 -41.47
N VAL C 369 18.90 12.49 -41.82
CA VAL C 369 19.22 11.35 -40.96
C VAL C 369 20.70 11.03 -40.75
N SER C 370 20.99 10.41 -39.61
CA SER C 370 22.34 9.99 -39.23
C SER C 370 22.80 8.76 -40.00
N PRO C 371 24.12 8.58 -40.11
CA PRO C 371 24.69 7.43 -40.84
C PRO C 371 25.16 6.27 -39.96
N THR C 372 24.97 6.33 -38.65
CA THR C 372 25.43 5.27 -37.77
C THR C 372 24.36 4.26 -37.41
N LYS C 373 23.10 4.67 -37.37
CA LYS C 373 21.96 3.80 -37.07
C LYS C 373 21.16 3.45 -38.32
N LEU C 374 21.86 3.20 -39.43
CA LEU C 374 21.18 2.98 -40.71
C LEU C 374 20.36 1.70 -40.71
N ASN C 375 21.01 0.56 -40.42
CA ASN C 375 20.28 -0.70 -40.41
C ASN C 375 19.36 -0.81 -39.19
N ASP C 376 19.65 -0.06 -38.13
CA ASP C 376 18.79 -0.07 -36.94
C ASP C 376 17.47 0.66 -37.21
N LEU C 377 17.56 1.95 -37.53
CA LEU C 377 16.37 2.74 -37.81
C LEU C 377 15.78 2.36 -39.16
N CYS C 378 14.49 2.04 -39.17
CA CYS C 378 13.84 1.61 -40.40
C CYS C 378 12.61 2.48 -40.64
N PHE C 379 12.23 2.58 -41.91
CA PHE C 379 11.27 3.56 -42.38
C PHE C 379 9.99 2.87 -42.84
N THR C 380 9.06 3.66 -43.37
CA THR C 380 7.75 3.15 -43.79
C THR C 380 7.66 2.95 -45.30
N ASN C 381 7.83 4.03 -46.06
CA ASN C 381 7.75 3.98 -47.52
C ASN C 381 8.75 4.97 -48.09
N VAL C 382 9.36 4.61 -49.22
CA VAL C 382 10.38 5.44 -49.86
C VAL C 382 9.89 5.83 -51.24
N TYR C 383 9.90 7.13 -51.53
CA TYR C 383 9.48 7.68 -52.82
C TYR C 383 10.71 8.31 -53.46
N ALA C 384 11.42 7.55 -54.29
CA ALA C 384 12.68 7.99 -54.86
C ALA C 384 12.46 8.80 -56.13
N ASP C 385 13.32 9.79 -56.34
CA ASP C 385 13.30 10.65 -57.52
C ASP C 385 14.64 10.47 -58.24
N SER C 386 14.69 9.52 -59.18
CA SER C 386 15.92 9.14 -59.85
C SER C 386 16.02 9.87 -61.19
N PHE C 387 16.99 10.78 -61.30
CA PHE C 387 17.18 11.53 -62.53
C PHE C 387 18.64 11.99 -62.61
N VAL C 388 19.04 12.39 -63.83
CA VAL C 388 20.42 12.72 -64.14
C VAL C 388 20.55 14.24 -64.16
N ILE C 389 21.60 14.76 -63.51
CA ILE C 389 21.81 16.21 -63.46
C ILE C 389 23.09 16.57 -64.19
N ARG C 390 23.36 17.87 -64.30
CA ARG C 390 24.61 18.40 -64.84
C ARG C 390 25.67 18.42 -63.74
N GLY C 391 26.93 18.43 -64.15
CA GLY C 391 28.04 18.24 -63.21
C GLY C 391 28.22 19.35 -62.19
N ASP C 392 27.89 20.59 -62.56
CA ASP C 392 27.99 21.71 -61.65
C ASP C 392 26.70 21.97 -60.88
N GLU C 393 25.89 20.93 -60.66
CA GLU C 393 24.60 21.07 -59.99
C GLU C 393 24.51 20.20 -58.75
N VAL C 394 25.65 19.83 -58.17
CA VAL C 394 25.65 18.88 -57.07
C VAL C 394 25.37 19.57 -55.74
N ARG C 395 26.11 20.65 -55.46
CA ARG C 395 25.97 21.34 -54.19
C ARG C 395 24.70 22.19 -54.12
N GLN C 396 24.10 22.51 -55.26
CA GLN C 396 22.84 23.24 -55.25
C GLN C 396 21.66 22.34 -54.91
N ILE C 397 21.79 21.04 -55.09
CA ILE C 397 20.77 20.10 -54.64
C ILE C 397 21.02 19.83 -53.16
N ALA C 398 20.38 20.64 -52.30
CA ALA C 398 20.41 20.55 -50.85
C ALA C 398 19.31 21.44 -50.27
N PRO C 399 18.66 21.03 -49.18
CA PRO C 399 17.65 21.89 -48.55
C PRO C 399 18.26 23.07 -47.83
N GLY C 400 18.07 24.26 -48.39
CA GLY C 400 18.73 25.45 -47.89
C GLY C 400 19.60 26.05 -48.97
N GLN C 401 19.55 25.44 -50.15
CA GLN C 401 20.30 25.90 -51.31
C GLN C 401 19.33 26.16 -52.45
N THR C 402 19.55 27.27 -53.15
CA THR C 402 18.72 27.68 -54.27
C THR C 402 19.58 27.78 -55.53
N GLY C 403 18.92 28.02 -56.66
CA GLY C 403 19.64 28.22 -57.89
C GLY C 403 18.99 27.62 -59.13
N LYS C 404 19.74 26.74 -59.82
CA LYS C 404 19.27 26.18 -61.07
C LYS C 404 18.28 25.05 -60.84
N ILE C 405 18.71 24.00 -60.14
CA ILE C 405 17.86 22.83 -59.94
C ILE C 405 16.78 23.10 -58.91
N ALA C 406 17.17 23.67 -57.76
CA ALA C 406 16.30 23.76 -56.60
C ALA C 406 15.33 24.94 -56.65
N ASP C 407 15.16 25.60 -57.80
CA ASP C 407 14.19 26.67 -57.93
C ASP C 407 13.23 26.44 -59.10
N TYR C 408 13.75 25.87 -60.19
CA TYR C 408 13.14 26.04 -61.51
C TYR C 408 12.12 24.95 -61.84
N ASN C 409 12.53 23.69 -61.85
CA ASN C 409 11.61 22.60 -62.14
C ASN C 409 11.48 21.55 -61.04
N TYR C 410 12.33 21.59 -60.02
CA TYR C 410 12.13 20.76 -58.83
C TYR C 410 12.69 21.51 -57.63
N LYS C 411 11.83 22.25 -56.94
CA LYS C 411 12.24 23.06 -55.82
C LYS C 411 12.48 22.18 -54.59
N LEU C 412 13.49 22.53 -53.80
CA LEU C 412 13.83 21.79 -52.59
C LEU C 412 13.47 22.60 -51.36
N PRO C 413 12.40 22.26 -50.65
CA PRO C 413 12.10 22.93 -49.38
C PRO C 413 13.00 22.40 -48.27
N ASP C 414 12.94 23.09 -47.13
CA ASP C 414 13.85 22.84 -46.02
C ASP C 414 13.34 21.76 -45.07
N ASP C 415 12.23 21.08 -45.40
CA ASP C 415 11.69 20.00 -44.61
C ASP C 415 11.91 18.64 -45.27
N PHE C 416 13.09 18.47 -45.89
CA PHE C 416 13.44 17.25 -46.58
C PHE C 416 14.21 16.32 -45.65
N THR C 417 14.08 15.02 -45.91
CA THR C 417 14.78 14.00 -45.11
C THR C 417 15.25 12.88 -46.02
N GLY C 418 16.38 12.29 -45.64
CA GLY C 418 17.07 11.28 -46.41
C GLY C 418 18.50 11.69 -46.71
N CYS C 419 19.22 10.82 -47.42
CA CYS C 419 20.59 11.09 -47.84
C CYS C 419 20.64 11.03 -49.36
N VAL C 420 20.91 12.17 -49.98
CA VAL C 420 21.04 12.26 -51.43
C VAL C 420 22.53 12.23 -51.75
N ILE C 421 23.00 11.12 -52.30
CA ILE C 421 24.40 10.91 -52.62
C ILE C 421 24.54 10.89 -54.14
N ALA C 422 25.51 11.63 -54.65
CA ALA C 422 25.78 11.64 -56.08
C ALA C 422 26.65 10.45 -56.47
N TRP C 423 26.31 9.85 -57.62
CA TRP C 423 27.22 8.93 -58.29
C TRP C 423 27.05 9.11 -59.79
N ASN C 424 27.96 8.52 -60.55
CA ASN C 424 28.19 8.93 -61.93
C ASN C 424 27.11 8.38 -62.86
N SER C 425 26.90 9.09 -63.98
CA SER C 425 26.10 8.58 -65.09
C SER C 425 26.85 8.61 -66.41
N ASN C 426 28.14 8.90 -66.38
CA ASN C 426 28.92 9.03 -67.61
C ASN C 426 29.33 7.67 -68.19
N ASN C 427 28.97 6.56 -67.52
CA ASN C 427 29.25 5.23 -68.01
C ASN C 427 28.33 4.80 -69.16
N LEU C 428 27.20 5.49 -69.35
CA LEU C 428 26.32 5.25 -70.49
C LEU C 428 25.89 6.53 -71.20
N ASP C 429 26.02 7.70 -70.58
CA ASP C 429 25.73 8.96 -71.25
C ASP C 429 26.87 9.43 -72.14
N SER C 430 28.04 8.79 -72.07
CA SER C 430 29.12 9.07 -73.01
C SER C 430 28.74 8.53 -74.38
N LYS C 431 28.47 9.43 -75.32
CA LYS C 431 27.97 9.04 -76.63
C LYS C 431 28.67 9.87 -77.69
N VAL C 432 29.14 9.21 -78.75
CA VAL C 432 29.86 9.90 -79.81
C VAL C 432 28.90 10.75 -80.63
N GLY C 433 27.75 10.18 -81.01
CA GLY C 433 26.74 10.95 -81.69
C GLY C 433 26.03 11.95 -80.80
N GLY C 434 26.11 11.77 -79.49
CA GLY C 434 25.52 12.71 -78.56
C GLY C 434 24.08 12.40 -78.25
N ASN C 435 23.76 12.21 -76.96
CA ASN C 435 22.40 11.90 -76.53
C ASN C 435 21.71 13.21 -76.18
N TYR C 436 21.45 14.00 -77.22
CA TYR C 436 20.85 15.33 -77.07
C TYR C 436 19.33 15.29 -77.20
N ASN C 437 18.70 14.18 -76.82
CA ASN C 437 17.24 14.10 -76.74
C ASN C 437 16.72 14.29 -75.32
N TYR C 438 17.60 14.25 -74.32
CA TYR C 438 17.19 14.50 -72.94
C TYR C 438 17.06 16.00 -72.72
N LEU C 439 15.92 16.41 -72.17
CA LEU C 439 15.58 17.82 -72.06
C LEU C 439 15.40 18.20 -70.60
N TYR C 440 15.68 19.47 -70.30
CA TYR C 440 15.56 19.99 -68.95
C TYR C 440 14.80 21.30 -69.00
N ARG C 441 14.72 21.99 -67.86
CA ARG C 441 14.13 23.31 -67.77
C ARG C 441 15.19 24.30 -67.31
N LEU C 442 15.33 25.40 -68.05
CA LEU C 442 16.34 26.40 -67.75
C LEU C 442 15.76 27.69 -67.17
N PHE C 443 14.54 28.05 -67.55
CA PHE C 443 13.90 29.30 -67.12
C PHE C 443 12.74 29.00 -66.18
N ARG C 444 12.29 30.04 -65.49
CA ARG C 444 11.15 29.91 -64.58
C ARG C 444 10.46 31.25 -64.42
N LYS C 445 9.13 31.24 -64.52
CA LYS C 445 8.35 32.47 -64.42
C LYS C 445 8.22 32.95 -62.99
N SER C 446 7.66 32.12 -62.12
CA SER C 446 7.25 32.56 -60.79
C SER C 446 7.70 31.53 -59.75
N ASN C 447 7.16 31.67 -58.55
CA ASN C 447 7.55 30.82 -57.42
C ASN C 447 7.01 29.41 -57.63
N LEU C 448 7.92 28.45 -57.77
CA LEU C 448 7.53 27.07 -58.03
C LEU C 448 6.99 26.41 -56.77
N LYS C 449 5.90 25.65 -56.93
CA LYS C 449 5.51 24.72 -55.89
C LYS C 449 6.36 23.45 -55.99
N PRO C 450 6.98 23.01 -54.91
CA PRO C 450 7.94 21.91 -54.99
C PRO C 450 7.27 20.55 -55.18
N PHE C 451 8.13 19.54 -55.33
CA PHE C 451 7.75 18.12 -55.39
C PHE C 451 6.81 17.84 -56.57
N GLU C 452 7.19 18.32 -57.74
CA GLU C 452 6.36 18.18 -58.94
C GLU C 452 7.21 17.79 -60.14
N ARG C 453 6.65 16.94 -61.00
CA ARG C 453 7.20 16.66 -62.31
C ARG C 453 6.48 17.55 -63.31
N ASP C 454 7.09 18.68 -63.64
CA ASP C 454 6.48 19.62 -64.59
C ASP C 454 6.64 19.03 -65.99
N ILE C 455 5.71 18.16 -66.36
CA ILE C 455 5.77 17.46 -67.64
C ILE C 455 5.20 18.27 -68.79
N SER C 456 4.58 19.41 -68.50
CA SER C 456 4.09 20.29 -69.55
C SER C 456 5.24 21.06 -70.19
N THR C 457 5.02 21.49 -71.42
CA THR C 457 6.03 22.17 -72.24
C THR C 457 5.78 23.67 -72.32
N GLU C 458 5.46 24.28 -71.18
CA GLU C 458 5.07 25.69 -71.09
C GLU C 458 6.11 26.63 -71.69
N ILE C 459 5.69 27.37 -72.73
CA ILE C 459 6.56 28.35 -73.35
C ILE C 459 6.73 29.54 -72.42
N TYR C 460 7.97 29.94 -72.20
CA TYR C 460 8.28 31.02 -71.27
C TYR C 460 7.87 32.36 -71.85
N GLN C 461 6.64 32.79 -71.57
CA GLN C 461 6.13 34.06 -72.05
C GLN C 461 6.53 35.15 -71.07
N ALA C 462 7.46 36.01 -71.49
CA ALA C 462 7.90 37.15 -70.68
C ALA C 462 7.56 38.49 -71.31
N GLY C 463 7.84 38.65 -72.60
CA GLY C 463 7.59 39.90 -73.28
C GLY C 463 6.13 40.09 -73.61
N SER C 464 5.85 41.19 -74.32
CA SER C 464 4.49 41.55 -74.69
C SER C 464 4.02 40.87 -75.97
N THR C 465 4.87 40.08 -76.62
CA THR C 465 4.49 39.37 -77.83
C THR C 465 3.58 38.20 -77.48
N PRO C 466 2.36 38.12 -78.02
CA PRO C 466 1.47 37.00 -77.70
C PRO C 466 1.94 35.71 -78.38
N CYS C 467 2.24 34.70 -77.55
CA CYS C 467 2.69 33.41 -78.05
C CYS C 467 1.57 32.36 -77.98
N ASN C 468 1.03 32.14 -76.78
CA ASN C 468 -0.06 31.19 -76.49
C ASN C 468 0.27 29.76 -76.96
N GLY C 469 1.54 29.37 -76.89
CA GLY C 469 1.96 28.02 -77.21
C GLY C 469 2.92 27.94 -78.38
N VAL C 470 2.68 28.72 -79.43
CA VAL C 470 3.51 28.66 -80.63
C VAL C 470 4.73 29.54 -80.44
N GLU C 471 5.75 29.30 -81.25
CA GLU C 471 7.00 30.04 -81.17
C GLU C 471 6.99 31.22 -82.14
N GLY C 472 8.03 32.04 -82.04
CA GLY C 472 8.14 33.22 -82.89
C GLY C 472 9.07 34.28 -82.32
N PHE C 473 8.60 35.52 -82.30
CA PHE C 473 9.39 36.65 -81.82
C PHE C 473 9.47 36.60 -80.31
N ASN C 474 10.61 36.15 -79.79
CA ASN C 474 10.94 36.10 -78.36
C ASN C 474 9.96 35.25 -77.57
N CYS C 475 9.41 34.20 -78.19
CA CYS C 475 8.70 33.15 -77.46
C CYS C 475 9.77 32.23 -76.89
N TYR C 476 10.11 32.43 -75.62
CA TYR C 476 11.33 31.85 -75.07
C TYR C 476 11.19 30.35 -74.84
N PHE C 477 12.30 29.65 -75.02
CA PHE C 477 12.32 28.19 -75.13
C PHE C 477 13.48 27.66 -74.30
N PRO C 478 13.28 27.42 -73.00
CA PRO C 478 14.35 26.88 -72.16
C PRO C 478 14.48 25.36 -72.21
N LEU C 479 13.82 24.70 -73.16
CA LEU C 479 13.80 23.23 -73.21
C LEU C 479 14.96 22.75 -74.07
N GLN C 480 16.17 22.98 -73.56
CA GLN C 480 17.40 22.58 -74.23
C GLN C 480 17.90 21.26 -73.64
N SER C 481 19.12 20.88 -74.02
CA SER C 481 19.66 19.56 -73.69
C SER C 481 20.91 19.67 -72.85
N TYR C 482 21.24 18.55 -72.20
CA TYR C 482 22.46 18.42 -71.42
C TYR C 482 23.68 18.32 -72.35
N GLY C 483 24.85 18.40 -71.74
CA GLY C 483 26.09 18.17 -72.48
C GLY C 483 26.60 16.75 -72.35
N PHE C 484 26.33 15.91 -73.34
CA PHE C 484 26.72 14.50 -73.32
C PHE C 484 27.77 14.26 -74.41
N GLN C 485 29.02 14.52 -74.06
CA GLN C 485 30.19 14.26 -74.90
C GLN C 485 31.34 13.84 -73.99
N PRO C 486 32.20 12.93 -74.46
CA PRO C 486 33.34 12.49 -73.63
C PRO C 486 34.43 13.56 -73.48
N THR C 487 34.43 14.61 -74.29
CA THR C 487 35.39 15.70 -74.18
C THR C 487 34.82 16.90 -73.43
N ASN C 488 33.87 16.68 -72.52
CA ASN C 488 33.36 17.77 -71.71
C ASN C 488 34.31 18.09 -70.57
N GLY C 489 33.97 19.12 -69.81
CA GLY C 489 34.78 19.49 -68.66
C GLY C 489 34.70 18.47 -67.55
N VAL C 490 35.73 18.47 -66.70
CA VAL C 490 35.80 17.50 -65.62
C VAL C 490 34.82 17.85 -64.50
N GLY C 491 34.37 19.09 -64.42
CA GLY C 491 33.34 19.48 -63.49
C GLY C 491 31.95 19.53 -64.07
N TYR C 492 31.77 19.06 -65.30
CA TYR C 492 30.49 19.12 -65.99
C TYR C 492 29.91 17.74 -66.32
N GLN C 493 30.55 16.67 -65.88
CA GLN C 493 30.11 15.34 -66.28
C GLN C 493 28.83 14.95 -65.53
N PRO C 494 27.87 14.32 -66.20
CA PRO C 494 26.56 14.10 -65.59
C PRO C 494 26.58 12.99 -64.55
N TYR C 495 25.74 13.15 -63.54
CA TYR C 495 25.70 12.25 -62.39
C TYR C 495 24.30 11.67 -62.19
N ARG C 496 24.23 10.41 -61.79
CA ARG C 496 22.99 9.82 -61.28
C ARG C 496 22.77 10.33 -59.87
N VAL C 497 21.97 11.38 -59.73
CA VAL C 497 21.68 11.96 -58.42
C VAL C 497 20.21 11.68 -58.12
N VAL C 498 19.98 10.75 -57.20
CA VAL C 498 18.64 10.33 -56.82
C VAL C 498 18.22 11.15 -55.61
N VAL C 499 17.20 11.99 -55.78
CA VAL C 499 16.60 12.68 -54.65
C VAL C 499 15.86 11.64 -53.82
N LEU C 500 16.38 11.34 -52.63
CA LEU C 500 15.91 10.20 -51.84
C LEU C 500 14.94 10.71 -50.78
N SER C 501 13.70 10.91 -51.20
CA SER C 501 12.62 11.21 -50.27
C SER C 501 11.97 9.92 -49.81
N PHE C 502 11.36 9.98 -48.63
CA PHE C 502 10.68 8.80 -48.10
C PHE C 502 9.54 9.23 -47.20
N GLU C 503 8.44 8.49 -47.26
CA GLU C 503 7.35 8.68 -46.32
C GLU C 503 7.76 8.15 -44.96
N LEU C 504 7.52 8.95 -43.91
CA LEU C 504 8.01 8.62 -42.57
C LEU C 504 6.86 8.70 -41.59
N LEU C 505 6.43 7.53 -41.08
CA LEU C 505 5.52 7.36 -39.96
C LEU C 505 4.13 7.95 -40.19
N HIS C 506 3.72 8.15 -41.44
CA HIS C 506 2.33 8.47 -41.76
C HIS C 506 1.55 7.25 -42.21
N ALA C 507 2.09 6.07 -41.96
CA ALA C 507 1.56 4.79 -42.39
C ALA C 507 2.29 3.70 -41.61
N PRO C 508 1.69 2.51 -41.46
CA PRO C 508 2.46 1.39 -40.87
C PRO C 508 3.62 0.97 -41.76
N ALA C 509 4.73 0.63 -41.13
CA ALA C 509 6.01 0.56 -41.81
C ALA C 509 6.11 -0.68 -42.69
N THR C 510 6.80 -0.52 -43.82
CA THR C 510 7.07 -1.62 -44.74
C THR C 510 8.56 -1.85 -45.01
N VAL C 511 9.40 -0.82 -44.92
CA VAL C 511 10.82 -0.95 -45.22
C VAL C 511 11.53 -1.15 -43.88
N CYS C 512 11.59 -2.41 -43.44
CA CYS C 512 12.32 -2.76 -42.23
C CYS C 512 12.99 -4.12 -42.36
N SER C 517 20.23 -13.16 -38.98
CA SER C 517 19.93 -14.15 -37.94
C SER C 517 21.16 -14.96 -37.57
N THR C 518 21.10 -15.65 -36.44
CA THR C 518 22.20 -16.48 -35.96
C THR C 518 21.73 -17.94 -35.90
N ASN C 519 22.59 -18.78 -35.33
CA ASN C 519 22.34 -20.21 -35.28
C ASN C 519 21.59 -20.59 -34.00
N LEU C 520 20.88 -21.71 -34.07
CA LEU C 520 20.16 -22.23 -32.92
C LEU C 520 21.11 -22.95 -31.98
N VAL C 521 21.06 -22.58 -30.70
CA VAL C 521 21.89 -23.18 -29.67
C VAL C 521 20.98 -23.76 -28.61
N LYS C 522 21.06 -25.08 -28.40
CA LYS C 522 20.17 -25.75 -27.48
C LYS C 522 20.84 -25.99 -26.13
N ASN C 523 20.02 -25.99 -25.08
CA ASN C 523 20.35 -26.49 -23.74
C ASN C 523 21.49 -25.71 -23.08
N LYS C 524 21.48 -24.39 -23.25
CA LYS C 524 22.43 -23.52 -22.58
C LYS C 524 21.72 -22.26 -22.12
N CYS C 525 22.16 -21.75 -20.97
CA CYS C 525 21.60 -20.52 -20.41
C CYS C 525 22.07 -19.33 -21.23
N VAL C 526 21.34 -19.00 -22.29
CA VAL C 526 21.79 -17.99 -23.24
C VAL C 526 20.73 -16.92 -23.39
N ASN C 527 21.19 -15.74 -23.80
CA ASN C 527 20.30 -14.70 -24.28
C ASN C 527 19.74 -15.12 -25.63
N PHE C 528 18.58 -14.59 -25.98
CA PHE C 528 18.05 -14.77 -27.32
C PHE C 528 17.25 -13.54 -27.71
N ASN C 529 16.89 -13.50 -28.99
CA ASN C 529 15.98 -12.48 -29.53
C ASN C 529 15.40 -13.03 -30.81
N PHE C 530 14.09 -13.10 -30.89
CA PHE C 530 13.41 -13.59 -32.07
C PHE C 530 13.11 -12.42 -33.01
N ASN C 531 12.21 -12.63 -33.97
CA ASN C 531 11.75 -11.55 -34.84
C ASN C 531 11.12 -10.42 -34.04
N GLY C 532 10.31 -10.75 -33.05
CA GLY C 532 9.67 -9.72 -32.26
C GLY C 532 10.01 -9.76 -30.78
N LEU C 533 10.37 -10.93 -30.26
CA LEU C 533 10.45 -11.14 -28.83
C LEU C 533 11.89 -11.40 -28.40
N THR C 534 12.27 -10.83 -27.26
CA THR C 534 13.58 -10.97 -26.66
C THR C 534 13.53 -11.99 -25.54
N GLY C 535 14.63 -12.07 -24.78
CA GLY C 535 14.63 -12.87 -23.57
C GLY C 535 15.95 -13.57 -23.28
N THR C 536 16.03 -14.19 -22.10
CA THR C 536 17.19 -14.97 -21.70
C THR C 536 16.70 -16.20 -20.94
N GLY C 537 17.00 -17.37 -21.45
CA GLY C 537 16.62 -18.61 -20.81
C GLY C 537 17.52 -19.72 -21.28
N VAL C 538 17.00 -20.95 -21.19
CA VAL C 538 17.69 -22.12 -21.70
C VAL C 538 16.88 -22.65 -22.87
N LEU C 539 17.43 -22.48 -24.07
CA LEU C 539 16.71 -22.89 -25.27
C LEU C 539 16.71 -24.40 -25.40
N THR C 540 15.52 -24.98 -25.56
CA THR C 540 15.36 -26.42 -25.65
C THR C 540 14.54 -26.79 -26.88
N GLU C 541 14.15 -28.06 -26.97
CA GLU C 541 13.29 -28.55 -28.04
C GLU C 541 12.13 -29.31 -27.40
N SER C 542 10.92 -28.83 -27.63
CA SER C 542 9.75 -29.35 -26.97
C SER C 542 8.97 -30.30 -27.87
N ASN C 543 8.18 -31.16 -27.25
CA ASN C 543 7.26 -32.05 -27.95
C ASN C 543 5.86 -31.49 -28.00
N LYS C 544 5.70 -30.19 -27.81
CA LYS C 544 4.40 -29.56 -27.96
C LYS C 544 4.06 -29.42 -29.44
N LYS C 545 2.82 -29.02 -29.71
CA LYS C 545 2.30 -28.97 -31.07
C LYS C 545 1.44 -27.72 -31.21
N PHE C 546 1.96 -26.72 -31.92
CA PHE C 546 1.23 -25.48 -32.15
C PHE C 546 0.28 -25.64 -33.33
N LEU C 547 -0.24 -24.53 -33.77
CA LEU C 547 -0.88 -24.38 -35.05
C LEU C 547 0.11 -23.76 -36.03
N PRO C 548 -0.09 -23.94 -37.35
CA PRO C 548 0.91 -23.45 -38.32
C PRO C 548 1.10 -21.94 -38.36
N PHE C 549 0.23 -21.15 -37.74
CA PHE C 549 0.47 -19.72 -37.61
C PHE C 549 1.05 -19.35 -36.25
N GLN C 550 0.87 -20.21 -35.25
CA GLN C 550 1.25 -19.89 -33.88
C GLN C 550 2.76 -19.88 -33.72
N GLN C 551 3.34 -18.71 -33.46
CA GLN C 551 4.78 -18.61 -33.33
C GLN C 551 5.28 -18.79 -31.92
N PHE C 552 4.45 -18.55 -30.90
CA PHE C 552 4.89 -18.71 -29.52
C PHE C 552 3.67 -19.00 -28.66
N GLY C 553 3.88 -19.04 -27.35
CA GLY C 553 2.78 -19.22 -26.43
C GLY C 553 3.18 -18.84 -25.02
N ARG C 554 2.17 -18.61 -24.20
CA ARG C 554 2.38 -18.32 -22.79
C ARG C 554 2.12 -19.58 -21.97
N ASP C 555 2.35 -19.46 -20.66
CA ASP C 555 2.12 -20.54 -19.73
C ASP C 555 0.78 -20.27 -19.03
N ILE C 556 0.47 -21.07 -18.01
CA ILE C 556 -0.70 -20.79 -17.17
C ILE C 556 -0.49 -19.47 -16.43
N ALA C 557 0.75 -19.21 -16.01
CA ALA C 557 1.10 -18.02 -15.25
C ALA C 557 1.50 -16.85 -16.13
N ASP C 558 1.09 -16.86 -17.41
CA ASP C 558 1.30 -15.77 -18.37
C ASP C 558 2.79 -15.48 -18.56
N THR C 559 3.58 -16.53 -18.68
CA THR C 559 5.00 -16.40 -18.98
C THR C 559 5.29 -17.16 -20.27
N THR C 560 6.18 -16.60 -21.09
CA THR C 560 6.48 -17.18 -22.40
C THR C 560 7.24 -18.48 -22.19
N ASP C 561 6.54 -19.60 -22.29
CA ASP C 561 7.12 -20.89 -22.00
C ASP C 561 7.65 -21.60 -23.24
N ALA C 562 6.85 -21.67 -24.29
CA ALA C 562 7.20 -22.41 -25.49
C ALA C 562 7.06 -21.51 -26.70
N VAL C 563 7.91 -21.75 -27.69
CA VAL C 563 8.00 -20.92 -28.89
C VAL C 563 8.14 -21.81 -30.11
N ARG C 564 8.02 -21.17 -31.27
CA ARG C 564 8.30 -21.76 -32.56
C ARG C 564 9.21 -20.81 -33.32
N ASP C 565 10.23 -21.36 -33.95
CA ASP C 565 11.28 -20.55 -34.55
C ASP C 565 10.75 -19.83 -35.79
N PRO C 566 11.13 -18.55 -35.99
CA PRO C 566 10.61 -17.82 -37.15
C PRO C 566 11.18 -18.29 -38.47
N GLN C 567 12.37 -18.89 -38.47
CA GLN C 567 12.95 -19.44 -39.68
C GLN C 567 12.50 -20.87 -39.94
N THR C 568 12.44 -21.69 -38.89
CA THR C 568 12.23 -23.13 -39.03
C THR C 568 10.98 -23.56 -38.29
N LEU C 569 10.20 -24.43 -38.92
CA LEU C 569 8.99 -24.97 -38.31
C LEU C 569 9.34 -26.02 -37.26
N GLU C 570 9.53 -25.58 -36.01
CA GLU C 570 9.88 -26.50 -34.94
C GLU C 570 9.43 -25.91 -33.60
N ILE C 571 8.90 -26.76 -32.74
CA ILE C 571 8.23 -26.33 -31.52
C ILE C 571 9.24 -26.40 -30.39
N LEU C 572 9.79 -25.25 -30.02
CA LEU C 572 10.81 -25.20 -28.98
C LEU C 572 10.16 -24.97 -27.61
N ASP C 573 10.98 -24.76 -26.60
CA ASP C 573 10.50 -24.37 -25.28
C ASP C 573 11.59 -23.56 -24.60
N ILE C 574 11.19 -22.55 -23.83
CA ILE C 574 12.12 -21.74 -23.07
C ILE C 574 12.17 -22.30 -21.66
N THR C 575 13.36 -22.62 -21.19
CA THR C 575 13.55 -23.12 -19.85
C THR C 575 14.27 -22.08 -19.02
N PRO C 576 13.84 -21.82 -17.79
CA PRO C 576 14.60 -20.92 -16.92
C PRO C 576 15.96 -21.54 -16.56
N CYS C 577 16.91 -20.66 -16.29
CA CYS C 577 18.28 -21.09 -16.00
C CYS C 577 18.36 -21.67 -14.59
N SER C 578 19.56 -22.07 -14.19
CA SER C 578 19.76 -22.64 -12.86
C SER C 578 19.79 -21.52 -11.85
N PHE C 579 18.78 -21.48 -10.98
CA PHE C 579 18.68 -20.50 -9.92
C PHE C 579 18.55 -21.23 -8.59
N GLY C 580 18.99 -20.57 -7.52
CA GLY C 580 18.88 -21.20 -6.22
C GLY C 580 19.28 -20.24 -5.13
N GLY C 581 19.15 -20.72 -3.90
CA GLY C 581 19.54 -19.97 -2.72
C GLY C 581 20.86 -20.48 -2.17
N VAL C 582 21.72 -19.55 -1.80
CA VAL C 582 23.01 -19.87 -1.22
C VAL C 582 22.83 -19.98 0.29
N SER C 583 23.08 -21.17 0.84
CA SER C 583 22.99 -21.39 2.27
C SER C 583 24.32 -21.87 2.82
N VAL C 584 24.55 -21.57 4.10
CA VAL C 584 25.82 -21.84 4.76
C VAL C 584 25.54 -22.71 5.97
N ILE C 585 26.21 -23.87 6.03
CA ILE C 585 26.14 -24.75 7.19
C ILE C 585 27.42 -24.58 7.99
N THR C 586 27.27 -24.23 9.26
CA THR C 586 28.44 -24.02 10.11
C THR C 586 28.05 -24.24 11.56
N PRO C 587 29.00 -24.63 12.41
CA PRO C 587 28.82 -24.44 13.85
C PRO C 587 29.20 -23.03 14.25
N GLY C 588 29.23 -22.76 15.56
CA GLY C 588 29.50 -21.42 16.02
C GLY C 588 30.91 -20.96 15.74
N THR C 589 31.06 -19.63 15.68
CA THR C 589 32.39 -19.03 15.58
C THR C 589 33.20 -19.29 16.84
N ASN C 590 32.52 -19.40 17.98
CA ASN C 590 33.10 -19.84 19.25
C ASN C 590 33.41 -21.34 19.28
N THR C 591 33.24 -22.06 18.17
CA THR C 591 33.64 -23.45 18.07
C THR C 591 34.79 -23.64 17.08
N SER C 592 34.60 -23.23 15.83
CA SER C 592 35.57 -23.50 14.77
C SER C 592 35.37 -22.50 13.65
N ASN C 593 35.99 -22.77 12.50
CA ASN C 593 35.83 -21.96 11.30
C ASN C 593 35.57 -22.79 10.06
N GLN C 594 35.34 -24.10 10.20
CA GLN C 594 35.06 -24.93 9.04
C GLN C 594 33.64 -24.68 8.55
N VAL C 595 33.48 -24.48 7.25
CA VAL C 595 32.24 -24.01 6.67
C VAL C 595 31.78 -24.99 5.59
N ALA C 596 30.54 -25.44 5.70
CA ALA C 596 29.91 -26.26 4.67
C ALA C 596 28.91 -25.41 3.89
N VAL C 597 28.82 -25.63 2.59
CA VAL C 597 28.05 -24.79 1.69
C VAL C 597 26.88 -25.58 1.14
N LEU C 598 25.68 -25.02 1.28
CA LEU C 598 24.45 -25.63 0.77
C LEU C 598 23.91 -24.80 -0.38
N TYR C 599 23.62 -25.47 -1.49
CA TYR C 599 22.89 -24.86 -2.59
C TYR C 599 21.44 -25.33 -2.53
N GLN C 600 20.51 -24.43 -2.79
CA GLN C 600 19.09 -24.76 -2.69
C GLN C 600 18.56 -25.31 -4.00
N ASP C 601 17.92 -26.48 -3.92
CA ASP C 601 16.97 -27.04 -4.88
C ASP C 601 17.64 -27.51 -6.18
N VAL C 602 18.92 -27.25 -6.38
CA VAL C 602 19.61 -27.61 -7.62
C VAL C 602 20.84 -28.44 -7.27
N ASN C 603 21.28 -29.23 -8.23
CA ASN C 603 22.45 -30.08 -8.03
C ASN C 603 23.72 -29.36 -8.45
N CYS C 604 24.85 -30.04 -8.24
CA CYS C 604 26.17 -29.40 -8.21
C CYS C 604 26.63 -29.13 -9.63
N THR C 605 26.15 -28.02 -10.18
CA THR C 605 26.38 -27.67 -11.58
C THR C 605 27.56 -26.73 -11.77
N GLU C 606 27.68 -25.68 -10.94
CA GLU C 606 28.70 -24.66 -11.18
C GLU C 606 30.09 -25.18 -10.84
N VAL C 607 30.26 -25.68 -9.61
CA VAL C 607 31.47 -26.29 -9.02
C VAL C 607 32.81 -25.62 -9.38
N ASN C 628 33.25 -34.60 -2.38
CA ASN C 628 32.50 -33.59 -1.64
C ASN C 628 31.10 -33.42 -2.23
N VAL C 629 30.95 -33.84 -3.48
CA VAL C 629 29.70 -33.63 -4.22
C VAL C 629 28.65 -34.60 -3.69
N PHE C 630 27.78 -34.08 -2.82
CA PHE C 630 26.78 -34.88 -2.11
C PHE C 630 25.41 -34.30 -2.45
N GLN C 631 24.69 -34.97 -3.34
CA GLN C 631 23.42 -34.48 -3.84
C GLN C 631 22.29 -35.09 -3.04
N THR C 632 21.43 -34.24 -2.52
CA THR C 632 20.26 -34.65 -1.75
C THR C 632 19.01 -34.17 -2.49
N ARG C 633 17.87 -34.31 -1.83
CA ARG C 633 16.61 -33.85 -2.39
C ARG C 633 16.36 -32.37 -2.16
N ALA C 634 17.19 -31.72 -1.33
CA ALA C 634 17.06 -30.30 -1.07
C ALA C 634 18.03 -29.45 -1.87
N GLY C 635 18.99 -30.08 -2.55
CA GLY C 635 19.93 -29.33 -3.37
C GLY C 635 21.36 -29.82 -3.26
N CYS C 636 22.27 -29.12 -3.95
CA CYS C 636 23.68 -29.45 -3.90
C CYS C 636 24.27 -29.16 -2.53
N LEU C 637 25.23 -29.99 -2.14
CA LEU C 637 25.83 -29.88 -0.82
C LEU C 637 27.28 -30.34 -0.91
N ILE C 638 28.21 -29.40 -0.80
CA ILE C 638 29.63 -29.70 -0.79
C ILE C 638 30.22 -29.21 0.52
N GLY C 639 31.44 -29.65 0.80
CA GLY C 639 32.09 -29.30 2.05
C GLY C 639 31.60 -30.06 3.25
N ALA C 640 30.96 -31.21 3.05
CA ALA C 640 30.48 -32.02 4.16
C ALA C 640 30.95 -33.47 3.99
N GLU C 641 30.45 -34.37 4.83
CA GLU C 641 30.86 -35.78 4.80
C GLU C 641 29.63 -36.65 4.97
N HIS C 642 29.36 -37.49 3.98
CA HIS C 642 28.21 -38.38 4.05
C HIS C 642 28.51 -39.54 4.98
N VAL C 643 27.60 -39.80 5.91
CA VAL C 643 27.79 -40.81 6.94
C VAL C 643 26.61 -41.77 6.89
N ASN C 644 26.89 -43.06 6.91
CA ASN C 644 25.81 -44.05 7.01
C ASN C 644 25.21 -44.11 8.39
N ASN C 645 26.00 -43.84 9.43
CA ASN C 645 25.49 -43.87 10.80
C ASN C 645 24.53 -42.71 11.03
N SER C 646 23.24 -43.02 11.05
CA SER C 646 22.21 -42.00 11.16
C SER C 646 22.07 -41.59 12.61
N TYR C 647 22.23 -40.30 12.88
CA TYR C 647 22.13 -39.77 14.23
C TYR C 647 20.94 -38.84 14.34
N GLU C 648 20.80 -38.24 15.52
CA GLU C 648 19.80 -37.21 15.73
C GLU C 648 20.14 -35.98 14.92
N CYS C 649 19.11 -35.31 14.39
CA CYS C 649 19.31 -34.06 13.66
C CYS C 649 19.81 -32.98 14.60
N ASP C 650 20.79 -32.21 14.13
CA ASP C 650 21.37 -31.13 14.91
C ASP C 650 21.03 -29.77 14.33
N ILE C 651 21.29 -29.57 13.03
CA ILE C 651 20.84 -28.38 12.32
C ILE C 651 20.05 -28.86 11.12
N PRO C 652 18.78 -28.47 10.96
CA PRO C 652 17.98 -29.00 9.87
C PRO C 652 18.34 -28.39 8.53
N ILE C 653 18.21 -29.20 7.49
CA ILE C 653 18.53 -28.80 6.13
C ILE C 653 17.31 -29.02 5.26
N GLY C 654 16.84 -30.25 5.22
CA GLY C 654 15.70 -30.63 4.40
C GLY C 654 15.70 -32.11 4.12
N ALA C 655 14.50 -32.61 3.82
CA ALA C 655 14.23 -33.99 3.41
C ALA C 655 14.70 -35.02 4.44
N GLY C 656 14.70 -34.64 5.72
CA GLY C 656 15.15 -35.54 6.77
C GLY C 656 16.64 -35.78 6.81
N ILE C 657 17.42 -34.94 6.15
CA ILE C 657 18.87 -35.04 6.15
C ILE C 657 19.42 -33.79 6.83
N CYS C 658 20.22 -33.99 7.87
CA CYS C 658 20.74 -32.89 8.65
C CYS C 658 22.27 -32.96 8.69
N ALA C 659 22.86 -31.98 9.33
CA ALA C 659 24.30 -31.89 9.48
C ALA C 659 24.68 -31.75 10.95
N SER C 660 25.93 -32.05 11.24
CA SER C 660 26.47 -31.94 12.59
C SER C 660 27.97 -31.73 12.51
N TYR C 661 28.62 -31.76 13.67
CA TYR C 661 30.06 -31.56 13.77
C TYR C 661 30.64 -32.73 14.56
N GLN C 662 30.95 -33.82 13.86
CA GLN C 662 31.49 -35.02 14.49
C GLN C 662 32.75 -35.49 13.78
N THR C 663 33.22 -36.68 14.12
CA THR C 663 34.41 -37.25 13.49
C THR C 663 34.12 -37.69 12.06
N SER C 676 40.59 -33.96 14.04
CA SER C 676 39.92 -35.22 14.37
C SER C 676 38.46 -35.19 13.91
N GLN C 677 37.80 -34.06 14.15
CA GLN C 677 36.40 -33.92 13.80
C GLN C 677 36.21 -32.84 12.74
N SER C 678 35.06 -32.90 12.07
CA SER C 678 34.78 -32.04 10.93
C SER C 678 33.27 -31.95 10.75
N ILE C 679 32.83 -31.47 9.60
CA ILE C 679 31.41 -31.36 9.29
C ILE C 679 30.96 -32.62 8.56
N ILE C 680 29.94 -33.27 9.11
CA ILE C 680 29.39 -34.48 8.54
C ILE C 680 28.00 -34.17 7.99
N ALA C 681 27.42 -35.17 7.31
CA ALA C 681 26.06 -35.06 6.80
C ALA C 681 25.43 -36.44 6.83
N TYR C 682 24.17 -36.50 7.27
CA TYR C 682 23.52 -37.78 7.52
C TYR C 682 22.02 -37.62 7.52
N THR C 683 21.33 -38.74 7.40
CA THR C 683 19.88 -38.78 7.50
C THR C 683 19.49 -38.78 8.97
N MET C 684 18.44 -38.02 9.29
CA MET C 684 17.95 -37.91 10.66
C MET C 684 17.44 -39.24 11.19
N SER C 685 18.08 -39.73 12.24
CA SER C 685 17.57 -40.90 12.94
C SER C 685 16.31 -40.52 13.70
N LEU C 686 15.23 -41.23 13.46
CA LEU C 686 13.94 -40.88 14.02
C LEU C 686 13.80 -41.25 15.49
N GLY C 687 14.77 -41.95 16.07
CA GLY C 687 14.73 -42.29 17.46
C GLY C 687 15.32 -43.65 17.76
N ALA C 688 15.49 -43.97 19.04
CA ALA C 688 15.97 -45.29 19.43
C ALA C 688 14.89 -46.33 19.16
N GLU C 689 15.20 -47.27 18.27
CA GLU C 689 14.22 -48.27 17.87
C GLU C 689 14.01 -49.28 19.00
N ASN C 690 12.75 -49.55 19.30
CA ASN C 690 12.40 -50.44 20.40
C ASN C 690 11.31 -51.39 19.93
N SER C 691 11.44 -52.65 20.34
CA SER C 691 10.41 -53.65 20.14
C SER C 691 9.91 -54.04 21.53
N VAL C 692 8.88 -53.34 21.98
CA VAL C 692 8.31 -53.59 23.30
C VAL C 692 7.58 -54.93 23.27
N ALA C 693 7.87 -55.78 24.25
CA ALA C 693 7.35 -57.13 24.28
C ALA C 693 5.84 -57.13 24.54
N TYR C 694 5.21 -58.23 24.17
CA TYR C 694 3.78 -58.40 24.30
C TYR C 694 3.47 -59.88 24.34
N SER C 695 2.45 -60.24 25.09
CA SER C 695 1.93 -61.60 25.10
C SER C 695 0.43 -61.53 25.29
N ASN C 696 -0.18 -62.71 25.47
CA ASN C 696 -1.58 -62.75 25.85
C ASN C 696 -1.77 -62.36 27.31
N ASN C 697 -0.77 -62.63 28.15
CA ASN C 697 -0.92 -62.53 29.58
C ASN C 697 0.26 -61.88 30.28
N SER C 698 1.29 -61.43 29.58
CA SER C 698 2.45 -60.85 30.22
C SER C 698 2.18 -59.37 30.49
N ILE C 699 2.27 -58.98 31.75
CA ILE C 699 2.02 -57.60 32.14
C ILE C 699 3.27 -57.05 32.81
N ALA C 700 3.50 -55.75 32.62
CA ALA C 700 4.61 -55.03 33.23
C ALA C 700 4.05 -54.09 34.30
N ILE C 701 4.49 -54.25 35.53
CA ILE C 701 3.97 -53.51 36.67
C ILE C 701 5.14 -52.77 37.30
N PRO C 702 5.00 -51.47 37.58
CA PRO C 702 6.07 -50.73 38.26
C PRO C 702 6.26 -51.21 39.70
N THR C 703 7.50 -51.08 40.17
CA THR C 703 7.85 -51.40 41.55
C THR C 703 8.49 -50.22 42.27
N ASN C 704 9.38 -49.50 41.59
CA ASN C 704 10.06 -48.34 42.15
C ASN C 704 9.75 -47.15 41.24
N PHE C 705 10.01 -45.96 41.73
CA PHE C 705 9.57 -44.77 41.03
C PHE C 705 10.64 -43.68 41.11
N THR C 706 10.36 -42.56 40.44
CA THR C 706 11.29 -41.45 40.35
C THR C 706 10.47 -40.17 40.30
N ILE C 707 10.84 -39.19 41.13
CA ILE C 707 10.19 -37.89 41.13
C ILE C 707 11.11 -36.94 40.38
N SER C 708 10.89 -36.83 39.07
CA SER C 708 11.63 -35.89 38.25
C SER C 708 10.90 -34.56 38.23
N VAL C 709 11.66 -33.48 38.22
CA VAL C 709 11.08 -32.14 38.13
C VAL C 709 11.56 -31.52 36.83
N THR C 710 10.62 -31.17 35.97
CA THR C 710 10.89 -30.75 34.60
C THR C 710 10.55 -29.27 34.46
N THR C 711 11.39 -28.55 33.70
CA THR C 711 11.28 -27.11 33.56
C THR C 711 10.57 -26.76 32.25
N GLU C 712 9.55 -25.92 32.34
CA GLU C 712 8.96 -25.28 31.18
C GLU C 712 9.24 -23.78 31.22
N ILE C 713 9.41 -23.20 30.04
CA ILE C 713 9.67 -21.78 29.90
C ILE C 713 8.57 -21.21 29.02
N LEU C 714 7.85 -20.21 29.53
CA LEU C 714 6.76 -19.59 28.78
C LEU C 714 6.91 -18.07 28.82
N PRO C 715 7.00 -17.41 27.68
CA PRO C 715 7.00 -15.94 27.66
C PRO C 715 5.61 -15.41 27.92
N VAL C 716 5.56 -14.21 28.51
CA VAL C 716 4.28 -13.64 28.92
C VAL C 716 3.99 -12.35 28.17
N SER C 717 4.86 -11.36 28.30
CA SER C 717 4.58 -10.03 27.79
C SER C 717 5.62 -9.60 26.77
N MET C 718 5.45 -8.38 26.28
CA MET C 718 6.33 -7.77 25.30
C MET C 718 6.63 -6.37 25.78
N THR C 719 7.76 -5.83 25.34
CA THR C 719 8.17 -4.47 25.68
C THR C 719 7.17 -3.45 25.15
N LYS C 720 6.55 -2.70 26.06
CA LYS C 720 5.66 -1.62 25.67
C LYS C 720 6.44 -0.53 24.97
N THR C 721 5.99 -0.15 23.78
CA THR C 721 6.76 0.74 22.92
C THR C 721 5.83 1.69 22.20
N SER C 722 6.11 2.99 22.30
CA SER C 722 5.40 4.02 21.55
C SER C 722 6.39 4.81 20.73
N VAL C 723 5.98 5.17 19.51
CA VAL C 723 6.81 5.95 18.61
C VAL C 723 6.02 7.17 18.18
N ASP C 724 6.56 8.35 18.43
CA ASP C 724 5.94 9.58 17.95
C ASP C 724 6.22 9.66 16.46
N CYS C 725 5.27 9.15 15.67
CA CYS C 725 5.43 9.03 14.22
C CYS C 725 5.52 10.38 13.52
N THR C 726 4.99 11.45 14.09
CA THR C 726 5.22 12.77 13.51
C THR C 726 6.67 13.17 13.69
N MET C 727 7.24 12.92 14.88
CA MET C 727 8.66 13.16 15.10
C MET C 727 9.52 12.20 14.30
N TYR C 728 9.02 11.00 14.03
CA TYR C 728 9.78 10.05 13.24
C TYR C 728 9.87 10.48 11.79
N ILE C 729 8.71 10.73 11.17
CA ILE C 729 8.67 11.10 9.76
C ILE C 729 9.23 12.50 9.56
N CYS C 730 8.79 13.44 10.38
CA CYS C 730 9.17 14.84 10.24
C CYS C 730 9.95 15.24 11.49
N GLY C 731 11.26 15.10 11.42
CA GLY C 731 12.07 15.46 12.57
C GLY C 731 12.36 16.94 12.59
N ASP C 732 11.58 17.66 13.42
CA ASP C 732 11.75 19.10 13.69
C ASP C 732 11.67 19.93 12.41
N SER C 733 10.59 19.73 11.67
CA SER C 733 10.30 20.51 10.48
C SER C 733 8.90 21.09 10.59
N THR C 734 8.56 21.93 9.66
CA THR C 734 7.23 22.50 9.58
C THR C 734 6.62 22.33 8.19
N GLU C 735 7.44 22.42 7.15
CA GLU C 735 7.02 22.02 5.80
C GLU C 735 6.59 20.57 5.78
N CYS C 736 7.41 19.71 6.39
CA CYS C 736 7.07 18.30 6.52
C CYS C 736 5.84 18.12 7.38
N SER C 737 5.67 18.96 8.41
CA SER C 737 4.51 18.87 9.28
C SER C 737 3.23 19.20 8.51
N ASN C 738 3.27 20.20 7.64
CA ASN C 738 2.10 20.55 6.84
C ASN C 738 1.81 19.48 5.80
N LEU C 739 2.86 18.93 5.18
CA LEU C 739 2.65 17.86 4.21
C LEU C 739 2.17 16.57 4.87
N LEU C 740 2.49 16.37 6.14
CA LEU C 740 1.95 15.23 6.87
C LEU C 740 0.50 15.47 7.26
N LEU C 741 0.17 16.70 7.66
CA LEU C 741 -1.22 17.04 7.97
C LEU C 741 -2.12 17.05 6.75
N GLN C 742 -1.54 17.13 5.55
CA GLN C 742 -2.32 16.86 4.34
C GLN C 742 -2.81 15.42 4.28
N TYR C 743 -2.07 14.49 4.89
CA TYR C 743 -2.27 13.06 4.63
C TYR C 743 -3.11 12.38 5.70
N GLY C 744 -4.08 13.09 6.27
CA GLY C 744 -5.01 12.43 7.17
C GLY C 744 -4.42 12.17 8.55
N SER C 745 -4.96 11.14 9.20
CA SER C 745 -4.66 10.83 10.60
C SER C 745 -3.93 9.51 10.74
N PHE C 746 -2.94 9.25 9.88
CA PHE C 746 -2.20 8.01 9.94
C PHE C 746 -1.33 7.93 11.17
N CYS C 747 -0.74 9.06 11.58
CA CYS C 747 0.04 9.06 12.80
C CYS C 747 -0.85 8.85 14.01
N THR C 748 -2.07 9.39 13.96
CA THR C 748 -3.06 9.16 15.00
C THR C 748 -3.46 7.68 15.07
N GLN C 749 -3.66 7.07 13.90
CA GLN C 749 -4.04 5.66 13.84
C GLN C 749 -2.94 4.76 14.39
N LEU C 750 -1.69 5.02 14.02
CA LEU C 750 -0.60 4.18 14.48
C LEU C 750 -0.34 4.38 15.98
N ASN C 751 -0.50 5.61 16.47
CA ASN C 751 -0.36 5.85 17.90
C ASN C 751 -1.47 5.18 18.69
N ARG C 752 -2.70 5.17 18.15
CA ARG C 752 -3.80 4.51 18.85
C ARG C 752 -3.63 3.00 18.87
N ALA C 753 -3.15 2.43 17.76
CA ALA C 753 -2.92 0.99 17.70
C ALA C 753 -1.81 0.55 18.65
N LEU C 754 -0.70 1.32 18.68
CA LEU C 754 0.38 0.98 19.60
C LEU C 754 -0.03 1.19 21.05
N THR C 755 -0.89 2.17 21.31
CA THR C 755 -1.39 2.37 22.67
C THR C 755 -2.26 1.19 23.11
N GLY C 756 -3.10 0.69 22.21
CA GLY C 756 -3.90 -0.49 22.53
C GLY C 756 -3.05 -1.72 22.77
N ILE C 757 -1.99 -1.87 21.98
CA ILE C 757 -1.02 -2.96 22.20
C ILE C 757 -0.39 -2.84 23.59
N ALA C 758 0.03 -1.63 23.95
CA ALA C 758 0.69 -1.40 25.22
C ALA C 758 -0.25 -1.62 26.41
N VAL C 759 -1.53 -1.33 26.23
CA VAL C 759 -2.49 -1.60 27.30
C VAL C 759 -2.73 -3.11 27.44
N GLU C 760 -2.87 -3.80 26.31
CA GLU C 760 -3.14 -5.23 26.39
C GLU C 760 -1.94 -6.03 26.88
N GLN C 761 -0.72 -5.48 26.77
CA GLN C 761 0.42 -6.11 27.42
C GLN C 761 0.24 -6.18 28.93
N ASP C 762 -0.16 -5.07 29.55
CA ASP C 762 -0.35 -5.08 31.00
C ASP C 762 -1.59 -5.87 31.38
N LYS C 763 -2.57 -5.95 30.48
CA LYS C 763 -3.70 -6.84 30.71
C LYS C 763 -3.26 -8.31 30.71
N ASN C 764 -2.30 -8.66 29.83
CA ASN C 764 -1.71 -10.00 29.85
C ASN C 764 -1.03 -10.27 31.18
N THR C 765 -0.24 -9.31 31.65
CA THR C 765 0.53 -9.50 32.89
C THR C 765 -0.40 -9.64 34.09
N GLN C 766 -1.51 -8.91 34.11
CA GLN C 766 -2.44 -9.06 35.22
C GLN C 766 -3.23 -10.35 35.12
N GLU C 767 -3.57 -10.79 33.90
CA GLU C 767 -4.28 -12.06 33.77
C GLU C 767 -3.39 -13.25 34.08
N VAL C 768 -2.07 -13.11 33.97
CA VAL C 768 -1.20 -14.22 34.34
C VAL C 768 -1.01 -14.25 35.86
N PHE C 769 -0.56 -13.15 36.45
CA PHE C 769 -0.08 -13.18 37.82
C PHE C 769 -1.13 -12.79 38.85
N ALA C 770 -1.89 -11.73 38.60
CA ALA C 770 -2.84 -11.23 39.58
C ALA C 770 -4.03 -12.19 39.64
N GLN C 771 -3.84 -13.26 40.40
CA GLN C 771 -4.83 -14.31 40.55
C GLN C 771 -5.39 -14.42 41.95
N VAL C 772 -4.54 -14.22 42.95
CA VAL C 772 -4.95 -14.24 44.35
C VAL C 772 -4.80 -12.84 44.90
N LYS C 773 -5.90 -12.26 45.36
CA LYS C 773 -5.87 -10.91 45.88
C LYS C 773 -5.19 -10.83 47.23
N GLN C 774 -5.07 -11.95 47.94
CA GLN C 774 -4.32 -12.00 49.18
C GLN C 774 -2.82 -11.94 48.91
N ILE C 775 -2.07 -11.71 49.99
CA ILE C 775 -0.62 -11.82 49.98
C ILE C 775 -0.25 -12.78 51.10
N TYR C 776 0.16 -13.98 50.73
CA TYR C 776 0.53 -15.00 51.68
C TYR C 776 2.04 -15.06 51.82
N LYS C 777 2.51 -15.54 52.96
CA LYS C 777 3.94 -15.75 53.14
C LYS C 777 4.16 -16.83 54.19
N THR C 778 5.33 -17.46 54.13
CA THR C 778 5.63 -18.62 54.93
C THR C 778 5.90 -18.23 56.39
N PRO C 779 5.56 -19.10 57.33
CA PRO C 779 6.04 -18.92 58.70
C PRO C 779 7.52 -19.22 58.77
N PRO C 780 8.23 -18.72 59.80
CA PRO C 780 9.66 -19.02 59.90
C PRO C 780 9.97 -20.47 60.24
N ILE C 781 9.06 -21.17 60.91
CA ILE C 781 9.24 -22.59 61.22
C ILE C 781 8.96 -23.36 59.93
N LYS C 782 10.02 -23.77 59.24
CA LYS C 782 9.88 -24.44 57.95
C LYS C 782 9.91 -25.96 58.12
N ASP C 783 9.00 -26.46 58.95
CA ASP C 783 8.88 -27.90 59.20
C ASP C 783 8.13 -28.52 58.02
N PHE C 784 8.89 -28.90 57.00
CA PHE C 784 8.32 -29.34 55.73
C PHE C 784 8.65 -30.79 55.40
N GLY C 785 8.88 -31.60 56.43
CA GLY C 785 9.16 -33.01 56.24
C GLY C 785 10.46 -33.32 55.54
N GLY C 786 11.41 -32.39 55.56
CA GLY C 786 12.65 -32.60 54.84
C GLY C 786 12.60 -32.15 53.39
N PHE C 787 11.86 -31.10 53.09
CA PHE C 787 11.73 -30.60 51.73
C PHE C 787 12.41 -29.23 51.67
N ASN C 788 13.66 -29.22 51.22
CA ASN C 788 14.44 -28.00 51.17
C ASN C 788 13.94 -27.11 50.03
N PHE C 789 13.22 -26.05 50.37
CA PHE C 789 12.66 -25.13 49.39
C PHE C 789 13.52 -23.89 49.19
N SER C 790 14.85 -24.04 49.31
CA SER C 790 15.74 -22.89 49.39
C SER C 790 15.80 -22.12 48.08
N GLN C 791 15.91 -22.84 46.96
CA GLN C 791 16.03 -22.19 45.67
C GLN C 791 14.81 -21.39 45.22
N ILE C 792 13.65 -21.77 45.75
CA ILE C 792 12.38 -21.20 45.29
C ILE C 792 11.77 -20.23 46.29
N LEU C 793 12.10 -20.32 47.57
CA LEU C 793 11.59 -19.34 48.53
C LEU C 793 12.32 -18.02 48.37
N PRO C 794 11.66 -16.90 48.67
CA PRO C 794 12.35 -15.60 48.58
C PRO C 794 13.40 -15.44 49.66
N ASP C 795 14.52 -14.83 49.27
CA ASP C 795 15.63 -14.61 50.20
C ASP C 795 15.58 -13.18 50.69
N PRO C 796 15.25 -12.93 51.96
CA PRO C 796 15.32 -11.55 52.46
C PRO C 796 16.73 -11.07 52.71
N SER C 797 17.69 -11.98 52.86
CA SER C 797 19.07 -11.58 53.09
C SER C 797 19.72 -11.02 51.82
N LYS C 798 19.23 -11.41 50.65
CA LYS C 798 19.59 -10.69 49.44
C LYS C 798 18.97 -9.30 49.45
N PRO C 799 19.63 -8.31 48.85
CA PRO C 799 19.03 -6.96 48.83
C PRO C 799 17.81 -6.86 47.92
N SER C 800 17.74 -7.67 46.88
CA SER C 800 16.57 -7.74 46.03
C SER C 800 15.78 -8.99 46.41
N LYS C 801 14.61 -8.79 47.00
CA LYS C 801 13.86 -9.84 47.68
C LYS C 801 13.21 -10.77 46.66
N ARG C 802 13.88 -11.87 46.34
CA ARG C 802 13.34 -12.90 45.47
C ARG C 802 14.04 -14.22 45.74
N SER C 803 13.78 -15.21 44.90
CA SER C 803 14.32 -16.56 45.07
C SER C 803 15.67 -16.70 44.37
N PHE C 804 16.27 -17.88 44.52
CA PHE C 804 17.61 -18.12 43.99
C PHE C 804 17.59 -18.33 42.49
N ILE C 805 16.59 -19.07 41.99
CA ILE C 805 16.48 -19.35 40.57
C ILE C 805 16.22 -18.08 39.80
N GLU C 806 15.40 -17.18 40.35
CA GLU C 806 15.14 -15.91 39.70
C GLU C 806 16.36 -15.01 39.70
N ASP C 807 17.17 -15.07 40.76
CA ASP C 807 18.43 -14.34 40.79
C ASP C 807 19.43 -14.92 39.79
N LEU C 808 19.32 -16.20 39.48
CA LEU C 808 20.11 -16.76 38.39
C LEU C 808 19.61 -16.28 37.04
N LEU C 809 18.28 -16.33 36.84
CA LEU C 809 17.71 -16.09 35.52
C LEU C 809 17.73 -14.64 35.10
N PHE C 810 17.67 -13.70 36.05
CA PHE C 810 17.82 -12.29 35.67
C PHE C 810 19.22 -12.01 35.13
N ASN C 811 20.21 -12.74 35.62
CA ASN C 811 21.56 -12.61 35.10
C ASN C 811 21.79 -13.45 33.86
N LYS C 812 20.87 -14.35 33.53
CA LYS C 812 20.93 -15.13 32.29
C LYS C 812 20.29 -14.41 31.11
N VAL C 813 19.71 -13.23 31.34
CA VAL C 813 19.20 -12.40 30.26
C VAL C 813 20.00 -11.10 30.30
N THR C 814 20.79 -10.87 29.26
CA THR C 814 21.63 -9.69 29.20
C THR C 814 21.26 -8.82 27.99
N LYS C 841 16.05 5.60 19.53
CA LYS C 841 16.42 5.83 20.91
C LYS C 841 16.20 7.29 21.26
N PHE C 842 16.56 8.17 20.34
CA PHE C 842 16.40 9.61 20.50
C PHE C 842 15.35 10.20 19.58
N ASN C 843 14.71 9.39 18.73
CA ASN C 843 13.73 9.87 17.76
C ASN C 843 12.32 9.69 18.26
N GLY C 844 12.11 9.86 19.56
CA GLY C 844 10.81 9.62 20.16
C GLY C 844 10.52 8.16 20.44
N LEU C 845 11.41 7.25 20.07
CA LEU C 845 11.19 5.82 20.24
C LEU C 845 11.38 5.49 21.71
N THR C 846 10.32 5.70 22.47
CA THR C 846 10.38 5.66 23.92
C THR C 846 10.15 4.24 24.41
N VAL C 847 11.06 3.77 25.26
CA VAL C 847 10.84 2.52 25.97
C VAL C 847 9.83 2.78 27.07
N LEU C 848 8.61 2.31 26.88
CA LEU C 848 7.61 2.51 27.93
C LEU C 848 7.79 1.45 29.01
N PRO C 849 7.88 1.86 30.27
CA PRO C 849 8.04 0.89 31.35
C PRO C 849 6.73 0.17 31.61
N PRO C 850 6.78 -1.04 32.13
CA PRO C 850 5.55 -1.79 32.41
C PRO C 850 4.86 -1.24 33.64
N LEU C 851 3.65 -1.72 33.87
CA LEU C 851 2.96 -1.37 35.10
C LEU C 851 3.57 -2.11 36.28
N LEU C 852 3.48 -3.43 36.28
CA LEU C 852 3.95 -4.21 37.41
C LEU C 852 5.47 -4.33 37.36
N THR C 853 6.11 -4.06 38.48
CA THR C 853 7.55 -4.19 38.63
C THR C 853 7.91 -5.61 39.05
N ASP C 854 9.18 -5.95 38.84
CA ASP C 854 9.64 -7.31 39.10
C ASP C 854 9.67 -7.63 40.59
N GLU C 855 9.75 -6.61 41.45
CA GLU C 855 9.55 -6.83 42.87
C GLU C 855 8.13 -7.31 43.15
N MET C 856 7.16 -6.69 42.48
CA MET C 856 5.76 -7.07 42.66
C MET C 856 5.49 -8.44 42.08
N ILE C 857 6.14 -8.77 40.96
CA ILE C 857 5.99 -10.09 40.37
C ILE C 857 6.62 -11.14 41.28
N ALA C 858 7.76 -10.80 41.88
CA ALA C 858 8.45 -11.73 42.78
C ALA C 858 7.63 -11.98 44.03
N GLN C 859 6.99 -10.93 44.56
CA GLN C 859 6.17 -11.11 45.76
C GLN C 859 4.88 -11.85 45.43
N TYR C 860 4.33 -11.65 44.23
CA TYR C 860 3.17 -12.44 43.80
C TYR C 860 3.53 -13.92 43.66
N THR C 861 4.69 -14.22 43.09
CA THR C 861 5.11 -15.60 42.99
C THR C 861 5.43 -16.20 44.35
N SER C 862 5.94 -15.37 45.27
CA SER C 862 6.16 -15.83 46.64
C SER C 862 4.85 -16.16 47.32
N ALA C 863 3.83 -15.35 47.08
CA ALA C 863 2.52 -15.60 47.67
C ALA C 863 1.88 -16.85 47.08
N LEU C 864 2.03 -17.06 45.77
CA LEU C 864 1.48 -18.25 45.14
C LEU C 864 2.19 -19.51 45.61
N LEU C 865 3.51 -19.44 45.77
CA LEU C 865 4.27 -20.57 46.29
C LEU C 865 3.90 -20.88 47.73
N ALA C 866 3.73 -19.83 48.55
CA ALA C 866 3.36 -20.03 49.94
C ALA C 866 1.95 -20.57 50.07
N GLY C 867 1.05 -20.17 49.18
CA GLY C 867 -0.29 -20.74 49.21
C GLY C 867 -0.32 -22.17 48.73
N THR C 868 0.55 -22.52 47.79
CA THR C 868 0.62 -23.90 47.32
C THR C 868 1.21 -24.80 48.40
N ILE C 869 2.22 -24.32 49.12
CA ILE C 869 2.79 -25.09 50.22
C ILE C 869 1.80 -25.19 51.36
N THR C 870 1.14 -24.07 51.69
CA THR C 870 0.32 -23.99 52.88
C THR C 870 -1.01 -24.71 52.69
N SER C 871 -1.81 -24.27 51.72
CA SER C 871 -3.16 -24.79 51.57
C SER C 871 -3.32 -25.71 50.38
N GLY C 872 -2.34 -25.77 49.49
CA GLY C 872 -2.40 -26.75 48.41
C GLY C 872 -3.37 -26.33 47.34
N TRP C 873 -4.28 -27.25 47.00
CA TRP C 873 -5.18 -27.10 45.87
C TRP C 873 -6.45 -26.33 46.21
N THR C 874 -6.46 -25.62 47.35
CA THR C 874 -7.71 -25.14 47.92
C THR C 874 -7.87 -23.63 47.91
N PHE C 875 -6.78 -22.85 47.94
CA PHE C 875 -6.90 -21.41 48.10
C PHE C 875 -7.48 -20.71 46.88
N GLY C 876 -7.44 -21.37 45.71
CA GLY C 876 -8.16 -20.84 44.57
C GLY C 876 -9.65 -21.06 44.61
N ALA C 877 -10.13 -21.86 45.57
CA ALA C 877 -11.55 -22.17 45.71
C ALA C 877 -11.98 -22.04 47.16
N GLY C 878 -11.60 -20.94 47.79
CA GLY C 878 -11.99 -20.69 49.16
C GLY C 878 -10.86 -20.02 49.91
N ALA C 879 -10.96 -20.03 51.24
CA ALA C 879 -9.94 -19.41 52.07
C ALA C 879 -8.74 -20.35 52.22
N ALA C 880 -7.74 -19.90 52.97
CA ALA C 880 -6.53 -20.67 53.17
C ALA C 880 -6.80 -21.76 54.20
N LEU C 881 -6.82 -23.00 53.75
CA LEU C 881 -7.04 -24.14 54.63
C LEU C 881 -5.71 -24.63 55.16
N GLN C 882 -5.54 -24.59 56.48
CA GLN C 882 -4.26 -24.92 57.12
C GLN C 882 -4.07 -26.43 57.00
N ILE C 883 -3.29 -26.85 56.01
CA ILE C 883 -3.11 -28.27 55.70
C ILE C 883 -1.62 -28.62 55.73
N PRO C 884 -1.23 -29.72 56.38
CA PRO C 884 0.17 -30.17 56.27
C PRO C 884 0.50 -30.64 54.87
N PHE C 885 1.79 -30.60 54.55
CA PHE C 885 2.21 -30.78 53.17
C PHE C 885 2.27 -32.25 52.77
N ALA C 886 2.62 -33.14 53.72
CA ALA C 886 2.62 -34.56 53.44
C ALA C 886 1.21 -35.07 53.13
N MET C 887 0.21 -34.50 53.79
CA MET C 887 -1.16 -34.87 53.45
C MET C 887 -1.58 -34.33 52.10
N GLN C 888 -0.97 -33.21 51.66
CA GLN C 888 -1.20 -32.74 50.30
C GLN C 888 -0.64 -33.73 49.28
N MET C 889 0.58 -34.22 49.52
CA MET C 889 1.13 -35.22 48.60
C MET C 889 0.38 -36.54 48.68
N ALA C 890 -0.18 -36.87 49.84
CA ALA C 890 -1.04 -38.05 49.94
C ALA C 890 -2.31 -37.89 49.13
N TYR C 891 -2.90 -36.69 49.16
CA TYR C 891 -4.07 -36.40 48.36
C TYR C 891 -3.75 -36.48 46.88
N ARG C 892 -2.55 -36.02 46.49
CA ARG C 892 -2.18 -36.06 45.08
C ARG C 892 -1.89 -37.49 44.62
N PHE C 893 -1.30 -38.31 45.50
CA PHE C 893 -1.10 -39.72 45.15
C PHE C 893 -2.41 -40.47 45.04
N ASN C 894 -3.37 -40.17 45.91
CA ASN C 894 -4.71 -40.72 45.72
C ASN C 894 -5.41 -40.11 44.51
N GLY C 895 -4.97 -38.94 44.06
CA GLY C 895 -5.46 -38.40 42.81
C GLY C 895 -4.96 -39.15 41.60
N ILE C 896 -3.71 -39.63 41.63
CA ILE C 896 -3.19 -40.39 40.51
C ILE C 896 -3.37 -41.89 40.71
N GLY C 897 -4.21 -42.30 41.65
CA GLY C 897 -4.51 -43.70 41.82
C GLY C 897 -3.42 -44.53 42.47
N VAL C 898 -2.60 -43.92 43.31
CA VAL C 898 -1.54 -44.60 44.04
C VAL C 898 -1.88 -44.54 45.52
N THR C 899 -1.78 -45.67 46.20
CA THR C 899 -2.13 -45.73 47.61
C THR C 899 -1.09 -44.99 48.43
N GLN C 900 -1.56 -44.17 49.37
CA GLN C 900 -0.73 -43.23 50.12
C GLN C 900 0.20 -43.90 51.12
N ASN C 901 0.10 -45.21 51.30
CA ASN C 901 1.06 -45.92 52.14
C ASN C 901 2.47 -45.88 51.56
N VAL C 902 2.57 -45.82 50.21
CA VAL C 902 3.87 -45.72 49.55
C VAL C 902 4.53 -44.39 49.89
N LEU C 903 3.73 -43.34 50.07
CA LEU C 903 4.25 -42.05 50.50
C LEU C 903 4.89 -42.15 51.88
N TYR C 904 4.16 -42.69 52.85
CA TYR C 904 4.68 -42.75 54.21
C TYR C 904 5.75 -43.81 54.38
N GLU C 905 5.85 -44.77 53.47
CA GLU C 905 6.92 -45.74 53.56
C GLU C 905 8.21 -45.26 52.93
N ASN C 906 8.14 -44.50 51.84
CA ASN C 906 9.32 -44.04 51.14
C ASN C 906 9.40 -42.52 51.14
N GLN C 907 9.14 -41.94 52.30
CA GLN C 907 9.09 -40.49 52.43
C GLN C 907 10.46 -39.85 52.25
N LYS C 908 11.47 -40.39 52.93
CA LYS C 908 12.81 -39.80 52.84
C LYS C 908 13.44 -40.05 51.48
N LEU C 909 13.06 -41.14 50.81
CA LEU C 909 13.49 -41.33 49.42
C LEU C 909 12.92 -40.26 48.51
N ILE C 910 11.64 -39.91 48.73
CA ILE C 910 11.02 -38.83 47.98
C ILE C 910 11.71 -37.51 48.26
N ALA C 911 12.07 -37.28 49.52
CA ALA C 911 12.77 -36.05 49.89
C ALA C 911 14.14 -35.95 49.23
N ASN C 912 14.88 -37.05 49.23
CA ASN C 912 16.22 -37.05 48.64
C ASN C 912 16.16 -36.90 47.13
N GLN C 913 15.20 -37.59 46.48
CA GLN C 913 15.07 -37.47 45.03
C GLN C 913 14.60 -36.08 44.63
N PHE C 914 13.73 -35.48 45.43
CA PHE C 914 13.28 -34.12 45.14
C PHE C 914 14.41 -33.12 45.29
N ASN C 915 15.21 -33.25 46.35
CA ASN C 915 16.32 -32.33 46.55
C ASN C 915 17.39 -32.49 45.48
N SER C 916 17.63 -33.73 45.04
CA SER C 916 18.55 -33.96 43.93
C SER C 916 18.01 -33.40 42.63
N ALA C 917 16.69 -33.46 42.43
CA ALA C 917 16.11 -32.88 41.21
C ALA C 917 16.24 -31.37 41.21
N ILE C 918 16.06 -30.74 42.37
CA ILE C 918 16.25 -29.30 42.49
C ILE C 918 17.70 -28.93 42.21
N GLY C 919 18.65 -29.74 42.70
CA GLY C 919 20.05 -29.50 42.42
C GLY C 919 20.39 -29.67 40.94
N LYS C 920 19.77 -30.65 40.28
CA LYS C 920 19.99 -30.85 38.85
C LYS C 920 19.44 -29.68 38.05
N ILE C 921 18.31 -29.13 38.47
CA ILE C 921 17.76 -27.95 37.80
C ILE C 921 18.67 -26.75 38.02
N GLN C 922 19.20 -26.60 39.23
CA GLN C 922 20.08 -25.48 39.49
C GLN C 922 21.32 -25.58 38.60
N ASP C 923 21.86 -26.78 38.48
CA ASP C 923 23.03 -27.03 37.64
C ASP C 923 22.77 -26.80 36.16
N SER C 924 21.60 -27.24 35.71
CA SER C 924 21.19 -27.11 34.32
C SER C 924 20.71 -25.72 33.96
N LEU C 925 20.47 -24.86 34.94
CA LEU C 925 20.23 -23.46 34.66
C LEU C 925 21.48 -22.61 34.82
N SER C 926 22.37 -22.96 35.74
CA SER C 926 23.57 -22.16 35.96
C SER C 926 24.58 -22.37 34.85
N SER C 927 25.00 -23.61 34.63
CA SER C 927 26.03 -23.87 33.62
C SER C 927 25.42 -23.84 32.22
N THR C 928 24.37 -24.64 32.00
CA THR C 928 23.72 -24.69 30.69
C THR C 928 22.84 -23.46 30.55
N ALA C 929 23.38 -22.43 29.91
CA ALA C 929 22.60 -21.22 29.63
C ALA C 929 21.80 -21.33 28.34
N SER C 930 21.89 -22.47 27.64
CA SER C 930 21.22 -22.66 26.36
C SER C 930 19.81 -23.23 26.52
N ALA C 931 19.16 -23.00 27.65
CA ALA C 931 17.81 -23.46 27.88
C ALA C 931 16.81 -22.31 27.97
N LEU C 932 17.23 -21.09 27.66
CA LEU C 932 16.33 -19.94 27.73
C LEU C 932 16.20 -19.25 26.39
N GLY C 933 15.99 -20.04 25.33
CA GLY C 933 15.82 -19.45 24.02
C GLY C 933 14.52 -18.69 23.85
N LYS C 934 13.50 -19.04 24.65
CA LYS C 934 12.16 -18.50 24.48
C LYS C 934 12.12 -17.00 24.75
N LEU C 935 12.84 -16.55 25.77
CA LEU C 935 12.87 -15.13 26.09
C LEU C 935 13.69 -14.36 25.08
N GLN C 936 14.92 -14.80 24.85
CA GLN C 936 15.85 -14.02 24.05
C GLN C 936 15.50 -14.03 22.56
N ASP C 937 14.73 -15.01 22.10
CA ASP C 937 14.26 -14.95 20.72
C ASP C 937 13.23 -13.83 20.53
N VAL C 938 12.31 -13.69 21.48
CA VAL C 938 11.35 -12.59 21.42
C VAL C 938 12.05 -11.25 21.57
N VAL C 939 13.05 -11.18 22.47
CA VAL C 939 13.79 -9.95 22.68
C VAL C 939 14.59 -9.57 21.44
N ASN C 940 15.25 -10.54 20.80
CA ASN C 940 16.02 -10.26 19.60
C ASN C 940 15.11 -9.96 18.41
N GLN C 941 13.92 -10.54 18.38
CA GLN C 941 12.98 -10.21 17.32
C GLN C 941 12.51 -8.76 17.45
N ASN C 942 12.19 -8.34 18.67
CA ASN C 942 11.83 -6.95 18.93
C ASN C 942 12.98 -6.01 18.60
N ALA C 943 14.20 -6.44 18.92
CA ALA C 943 15.38 -5.62 18.66
C ALA C 943 15.65 -5.49 17.17
N GLN C 944 15.47 -6.58 16.41
CA GLN C 944 15.64 -6.51 14.97
C GLN C 944 14.60 -5.61 14.33
N ALA C 945 13.36 -5.66 14.81
CA ALA C 945 12.32 -4.80 14.28
C ALA C 945 12.62 -3.33 14.54
N LEU C 946 13.04 -3.01 15.77
CA LEU C 946 13.39 -1.64 16.10
C LEU C 946 14.60 -1.15 15.31
N ASN C 947 15.62 -1.99 15.16
CA ASN C 947 16.83 -1.55 14.48
C ASN C 947 16.60 -1.42 12.98
N THR C 948 15.73 -2.25 12.41
CA THR C 948 15.36 -2.08 11.01
C THR C 948 14.58 -0.78 10.81
N LEU C 949 13.68 -0.47 11.77
CA LEU C 949 12.95 0.79 11.70
C LEU C 949 13.88 1.99 11.84
N VAL C 950 14.96 1.85 12.62
CA VAL C 950 15.96 2.91 12.71
C VAL C 950 16.71 3.05 11.39
N LYS C 951 17.16 1.92 10.83
CA LYS C 951 17.95 1.95 9.59
C LYS C 951 17.13 2.44 8.39
N GLN C 952 15.80 2.40 8.48
CA GLN C 952 14.97 2.95 7.42
C GLN C 952 15.10 4.46 7.25
N LEU C 953 15.58 5.19 8.27
CA LEU C 953 15.64 6.64 8.19
C LEU C 953 16.67 7.13 7.18
N SER C 954 17.81 6.45 7.10
CA SER C 954 18.84 6.87 6.16
C SER C 954 18.55 6.42 4.73
N SER C 955 17.47 5.69 4.51
CA SER C 955 17.15 5.21 3.18
C SER C 955 16.67 6.36 2.31
N ASN C 956 17.21 6.46 1.09
CA ASN C 956 16.95 7.63 0.25
C ASN C 956 15.56 7.63 -0.35
N PHE C 957 14.97 6.45 -0.57
CA PHE C 957 13.61 6.27 -1.07
C PHE C 957 13.38 6.96 -2.41
N GLY C 958 14.42 7.00 -3.24
CA GLY C 958 14.34 7.65 -4.52
C GLY C 958 14.49 9.16 -4.48
N ALA C 959 14.65 9.76 -3.30
CA ALA C 959 14.79 11.20 -3.20
C ALA C 959 16.24 11.59 -3.42
N ILE C 960 16.50 12.89 -3.28
CA ILE C 960 17.85 13.40 -3.53
C ILE C 960 18.77 13.04 -2.38
N SER C 961 18.29 13.19 -1.15
CA SER C 961 19.02 12.76 0.04
C SER C 961 18.02 12.22 1.04
N SER C 962 18.52 11.76 2.19
CA SER C 962 17.68 11.16 3.20
C SER C 962 17.31 12.13 4.31
N VAL C 963 18.23 13.02 4.67
CA VAL C 963 18.01 13.95 5.77
C VAL C 963 17.08 15.06 5.30
N LEU C 964 16.02 15.32 6.08
CA LEU C 964 15.05 16.36 5.71
C LEU C 964 15.65 17.75 5.76
N ASN C 965 16.65 17.97 6.62
CA ASN C 965 17.14 19.33 6.86
C ASN C 965 17.87 19.88 5.65
N ASP C 966 18.64 19.04 4.96
CA ASP C 966 19.28 19.47 3.74
C ASP C 966 18.27 19.70 2.63
N ILE C 967 17.18 18.91 2.61
CA ILE C 967 16.14 19.12 1.61
C ILE C 967 15.41 20.43 1.87
N LEU C 968 15.25 20.80 3.14
CA LEU C 968 14.67 22.10 3.46
C LEU C 968 15.63 23.23 3.11
N SER C 969 16.93 23.01 3.31
CA SER C 969 17.92 24.05 3.06
C SER C 969 18.36 24.12 1.62
N ARG C 970 17.86 23.26 0.73
CA ARG C 970 18.29 23.30 -0.65
C ARG C 970 17.18 23.38 -1.70
N LEU C 971 15.91 23.32 -1.31
CA LEU C 971 14.83 23.32 -2.30
C LEU C 971 13.71 24.26 -1.89
N ASP C 972 12.98 24.74 -2.90
CA ASP C 972 11.87 25.64 -2.67
C ASP C 972 10.69 24.88 -2.07
N PRO C 973 9.84 25.57 -1.31
CA PRO C 973 8.59 24.95 -0.83
C PRO C 973 7.62 24.56 -1.94
N PRO C 974 7.64 25.16 -3.14
CA PRO C 974 7.01 24.45 -4.27
C PRO C 974 7.90 23.50 -5.04
N GLU C 975 9.15 23.31 -4.63
CA GLU C 975 10.04 22.37 -5.30
C GLU C 975 10.44 21.18 -4.45
N ALA C 976 10.39 21.31 -3.13
CA ALA C 976 10.70 20.20 -2.24
C ALA C 976 9.53 19.25 -2.04
N GLU C 977 8.37 19.56 -2.64
CA GLU C 977 7.16 18.79 -2.38
C GLU C 977 7.29 17.35 -2.84
N VAL C 978 7.89 17.13 -4.00
CA VAL C 978 7.99 15.79 -4.56
C VAL C 978 8.94 14.93 -3.75
N GLN C 979 10.09 15.47 -3.37
CA GLN C 979 11.08 14.69 -2.64
C GLN C 979 10.63 14.43 -1.21
N ILE C 980 10.02 15.43 -0.57
CA ILE C 980 9.50 15.20 0.77
C ILE C 980 8.31 14.25 0.71
N ASP C 981 7.54 14.27 -0.38
CA ASP C 981 6.49 13.29 -0.58
C ASP C 981 7.05 11.88 -0.70
N ARG C 982 8.17 11.72 -1.41
CA ARG C 982 8.86 10.44 -1.49
C ARG C 982 9.28 9.94 -0.12
N LEU C 983 9.89 10.82 0.67
CA LEU C 983 10.38 10.42 1.98
C LEU C 983 9.24 10.09 2.94
N ILE C 984 8.16 10.88 2.89
CA ILE C 984 6.98 10.62 3.71
C ILE C 984 6.36 9.29 3.32
N THR C 985 6.29 9.01 2.00
CA THR C 985 5.69 7.77 1.53
C THR C 985 6.49 6.55 1.97
N GLY C 986 7.82 6.62 1.83
CA GLY C 986 8.65 5.50 2.23
C GLY C 986 8.66 5.28 3.73
N ARG C 987 8.79 6.35 4.51
CA ARG C 987 8.82 6.20 5.96
C ARG C 987 7.45 5.80 6.50
N LEU C 988 6.37 6.24 5.85
CA LEU C 988 5.04 5.81 6.25
C LEU C 988 4.84 4.33 5.96
N GLN C 989 5.36 3.86 4.82
CA GLN C 989 5.28 2.43 4.51
C GLN C 989 6.06 1.60 5.52
N SER C 990 7.23 2.09 5.92
CA SER C 990 8.02 1.36 6.90
C SER C 990 7.36 1.36 8.27
N LEU C 991 6.70 2.47 8.63
CA LEU C 991 5.98 2.50 9.90
C LEU C 991 4.79 1.56 9.89
N GLN C 992 4.08 1.47 8.76
CA GLN C 992 2.98 0.53 8.68
C GLN C 992 3.47 -0.91 8.76
N THR C 993 4.65 -1.18 8.17
CA THR C 993 5.28 -2.48 8.29
C THR C 993 5.58 -2.81 9.75
N TYR C 994 6.17 -1.84 10.46
CA TYR C 994 6.51 -2.04 11.86
C TYR C 994 5.27 -2.26 12.72
N VAL C 995 4.21 -1.50 12.45
CA VAL C 995 2.99 -1.62 13.25
C VAL C 995 2.30 -2.94 12.99
N THR C 996 2.26 -3.38 11.74
CA THR C 996 1.66 -4.67 11.41
C THR C 996 2.44 -5.81 12.05
N GLN C 997 3.77 -5.74 11.99
CA GLN C 997 4.62 -6.76 12.60
C GLN C 997 4.44 -6.80 14.11
N GLN C 998 4.41 -5.64 14.76
CA GLN C 998 4.23 -5.58 16.20
C GLN C 998 2.86 -6.10 16.62
N LEU C 999 1.83 -5.80 15.83
CA LEU C 999 0.49 -6.24 16.21
C LEU C 999 0.35 -7.76 16.07
N ILE C 1000 0.91 -8.34 15.02
CA ILE C 1000 0.82 -9.79 14.86
C ILE C 1000 1.67 -10.52 15.90
N ARG C 1001 2.86 -9.97 16.18
CA ARG C 1001 3.72 -10.57 17.19
C ARG C 1001 3.08 -10.49 18.57
N ALA C 1002 2.39 -9.38 18.84
CA ALA C 1002 1.67 -9.23 20.10
C ALA C 1002 0.49 -10.18 20.19
N ALA C 1003 -0.15 -10.48 19.05
CA ALA C 1003 -1.24 -11.45 19.06
C ALA C 1003 -0.73 -12.85 19.43
N GLU C 1004 0.41 -13.25 18.87
CA GLU C 1004 0.97 -14.54 19.23
C GLU C 1004 1.44 -14.56 20.69
N ILE C 1005 1.97 -13.43 21.16
CA ILE C 1005 2.37 -13.33 22.57
C ILE C 1005 1.16 -13.42 23.49
N ARG C 1006 0.03 -12.84 23.09
CA ARG C 1006 -1.18 -12.97 23.89
C ARG C 1006 -1.72 -14.39 23.91
N ALA C 1007 -1.59 -15.10 22.78
CA ALA C 1007 -1.99 -16.51 22.75
C ALA C 1007 -1.15 -17.33 23.72
N SER C 1008 0.16 -17.12 23.69
CA SER C 1008 1.05 -17.77 24.65
C SER C 1008 0.74 -17.32 26.08
N ALA C 1009 0.27 -16.09 26.24
CA ALA C 1009 -0.03 -15.58 27.57
C ALA C 1009 -1.26 -16.26 28.15
N ASN C 1010 -2.29 -16.47 27.33
CA ASN C 1010 -3.47 -17.19 27.81
C ASN C 1010 -3.14 -18.64 28.11
N LEU C 1011 -2.26 -19.25 27.30
CA LEU C 1011 -1.83 -20.61 27.61
C LEU C 1011 -1.06 -20.66 28.93
N ALA C 1012 -0.18 -19.69 29.16
CA ALA C 1012 0.60 -19.65 30.39
C ALA C 1012 -0.28 -19.40 31.60
N ALA C 1013 -1.29 -18.54 31.45
CA ALA C 1013 -2.20 -18.29 32.55
C ALA C 1013 -3.06 -19.51 32.85
N THR C 1014 -3.43 -20.27 31.82
CA THR C 1014 -4.18 -21.49 32.06
C THR C 1014 -3.33 -22.54 32.77
N LYS C 1015 -2.05 -22.64 32.40
CA LYS C 1015 -1.15 -23.53 33.13
C LYS C 1015 -0.89 -23.05 34.56
N MET C 1016 -0.90 -21.73 34.77
CA MET C 1016 -0.86 -21.23 36.14
C MET C 1016 -2.10 -21.63 36.91
N SER C 1017 -3.25 -21.60 36.24
CA SER C 1017 -4.51 -21.95 36.86
C SER C 1017 -4.65 -23.45 37.10
N GLU C 1018 -3.90 -24.27 36.39
CA GLU C 1018 -4.09 -25.71 36.53
C GLU C 1018 -2.85 -26.45 37.03
N CYS C 1019 -1.68 -26.18 36.46
CA CYS C 1019 -0.50 -26.96 36.83
C CYS C 1019 0.02 -26.56 38.20
N VAL C 1020 -0.11 -25.29 38.56
CA VAL C 1020 0.29 -24.79 39.87
C VAL C 1020 -0.88 -24.75 40.83
N LEU C 1021 -1.97 -24.13 40.40
CA LEU C 1021 -3.08 -23.83 41.30
C LEU C 1021 -3.87 -25.07 41.68
N GLY C 1022 -3.79 -26.13 40.89
CA GLY C 1022 -4.46 -27.36 41.23
C GLY C 1022 -3.75 -28.60 40.73
N GLN C 1023 -4.49 -29.69 40.58
CA GLN C 1023 -3.98 -30.94 40.04
C GLN C 1023 -4.72 -31.26 38.75
N SER C 1024 -3.98 -31.68 37.73
CA SER C 1024 -4.55 -31.94 36.41
C SER C 1024 -4.28 -33.38 36.01
N LYS C 1025 -5.33 -34.08 35.61
CA LYS C 1025 -5.19 -35.41 35.02
C LYS C 1025 -4.71 -35.37 33.57
N ARG C 1026 -4.55 -34.19 32.99
CA ARG C 1026 -4.18 -34.08 31.58
C ARG C 1026 -2.74 -34.50 31.37
N VAL C 1027 -2.56 -35.53 30.55
CA VAL C 1027 -1.23 -36.08 30.30
C VAL C 1027 -0.49 -35.16 29.33
N ASP C 1028 0.77 -34.85 29.68
CA ASP C 1028 1.64 -33.93 28.92
C ASP C 1028 1.03 -32.54 28.76
N PHE C 1029 0.33 -32.10 29.79
CA PHE C 1029 -0.05 -30.70 29.89
C PHE C 1029 0.63 -29.99 31.05
N CYS C 1030 0.98 -30.71 32.10
CA CYS C 1030 1.69 -30.10 33.22
C CYS C 1030 3.02 -30.80 33.43
N GLY C 1031 3.77 -31.02 32.36
CA GLY C 1031 5.01 -31.74 32.42
C GLY C 1031 4.85 -33.19 31.98
N LYS C 1032 5.99 -33.83 31.76
CA LYS C 1032 6.00 -35.21 31.28
C LYS C 1032 5.69 -36.16 32.43
N GLY C 1033 4.79 -37.10 32.18
CA GLY C 1033 4.47 -38.13 33.16
C GLY C 1033 3.26 -37.80 33.99
N TYR C 1034 3.10 -38.58 35.06
CA TYR C 1034 2.03 -38.35 36.00
C TYR C 1034 2.32 -37.08 36.78
N HIS C 1035 1.31 -36.23 36.95
CA HIS C 1035 1.48 -34.91 37.51
C HIS C 1035 1.11 -34.85 38.98
N LEU C 1036 1.91 -34.13 39.76
CA LEU C 1036 1.58 -33.86 41.16
C LEU C 1036 1.29 -32.39 41.41
N MET C 1037 2.25 -31.51 41.14
CA MET C 1037 2.08 -30.07 41.35
C MET C 1037 3.13 -29.36 40.52
N SER C 1038 3.11 -28.02 40.57
CA SER C 1038 4.13 -27.26 39.89
C SER C 1038 4.35 -25.95 40.62
N PHE C 1039 5.55 -25.39 40.44
CA PHE C 1039 6.00 -24.20 41.15
C PHE C 1039 6.38 -23.11 40.16
N PRO C 1040 5.86 -21.89 40.32
CA PRO C 1040 6.20 -20.81 39.39
C PRO C 1040 7.37 -19.96 39.86
N GLN C 1041 8.09 -19.40 38.89
CA GLN C 1041 9.17 -18.46 39.17
C GLN C 1041 9.12 -17.32 38.17
N SER C 1042 9.61 -16.16 38.60
CA SER C 1042 9.58 -14.98 37.75
C SER C 1042 10.65 -15.04 36.68
N ALA C 1043 10.45 -14.23 35.64
CA ALA C 1043 11.34 -14.13 34.50
C ALA C 1043 11.01 -12.84 33.79
N PRO C 1044 12.00 -12.19 33.14
CA PRO C 1044 11.71 -10.94 32.42
C PRO C 1044 10.82 -11.22 31.22
N HIS C 1045 9.61 -10.64 31.25
CA HIS C 1045 8.54 -10.90 30.28
C HIS C 1045 8.22 -12.40 30.20
N GLY C 1046 8.21 -13.07 31.35
CA GLY C 1046 8.00 -14.50 31.28
C GLY C 1046 7.72 -15.09 32.64
N VAL C 1047 7.55 -16.41 32.64
CA VAL C 1047 7.34 -17.19 33.85
C VAL C 1047 7.92 -18.57 33.59
N VAL C 1048 8.35 -19.24 34.66
CA VAL C 1048 8.93 -20.57 34.58
C VAL C 1048 8.16 -21.50 35.50
N PHE C 1049 7.56 -22.53 34.92
CA PHE C 1049 6.93 -23.59 35.70
C PHE C 1049 7.96 -24.64 36.07
N LEU C 1050 7.77 -25.24 37.25
CA LEU C 1050 8.66 -26.27 37.77
C LEU C 1050 7.78 -27.46 38.14
N HIS C 1051 7.55 -28.36 37.19
CA HIS C 1051 6.53 -29.39 37.33
C HIS C 1051 7.04 -30.53 38.21
N VAL C 1052 6.44 -30.70 39.38
CA VAL C 1052 6.67 -31.90 40.18
C VAL C 1052 5.91 -33.04 39.52
N THR C 1053 6.65 -33.96 38.92
CA THR C 1053 6.08 -35.05 38.15
C THR C 1053 6.38 -36.39 38.81
N TYR C 1054 5.49 -37.35 38.57
CA TYR C 1054 5.67 -38.71 39.04
C TYR C 1054 6.04 -39.59 37.85
N VAL C 1055 7.12 -40.36 37.99
CA VAL C 1055 7.58 -41.27 36.96
C VAL C 1055 7.81 -42.65 37.57
N PRO C 1056 7.13 -43.69 37.09
CA PRO C 1056 7.45 -45.05 37.54
C PRO C 1056 8.74 -45.55 36.92
N ALA C 1057 9.61 -46.13 37.74
CA ALA C 1057 10.96 -46.47 37.30
C ALA C 1057 11.15 -47.95 37.00
N GLN C 1058 10.95 -48.81 37.99
CA GLN C 1058 11.41 -50.20 37.92
C GLN C 1058 10.22 -51.13 37.74
N GLU C 1059 10.25 -51.94 36.68
CA GLU C 1059 9.18 -52.84 36.30
C GLU C 1059 9.67 -54.28 36.36
N LYS C 1060 8.75 -55.21 36.13
CA LYS C 1060 9.09 -56.63 36.06
C LYS C 1060 7.99 -57.35 35.31
N ASN C 1061 8.39 -58.31 34.44
CA ASN C 1061 7.44 -59.09 33.66
C ASN C 1061 6.61 -59.98 34.58
N PHE C 1062 5.30 -59.75 34.61
CA PHE C 1062 4.37 -60.50 35.42
C PHE C 1062 3.31 -61.12 34.53
N THR C 1063 2.80 -62.28 34.93
CA THR C 1063 1.77 -62.96 34.18
C THR C 1063 0.43 -62.76 34.86
N THR C 1064 -0.54 -62.27 34.11
CA THR C 1064 -1.83 -61.85 34.66
C THR C 1064 -2.97 -62.60 34.00
N ALA C 1065 -4.14 -62.46 34.62
CA ALA C 1065 -5.39 -63.03 34.14
C ALA C 1065 -6.51 -62.03 34.42
N PRO C 1066 -7.52 -61.96 33.55
CA PRO C 1066 -8.61 -61.02 33.79
C PRO C 1066 -9.50 -61.37 34.96
N ALA C 1067 -9.65 -62.65 35.31
CA ALA C 1067 -10.62 -63.00 36.34
C ALA C 1067 -10.18 -64.26 37.08
N ILE C 1068 -10.87 -64.53 38.18
CA ILE C 1068 -10.67 -65.73 38.98
C ILE C 1068 -11.99 -66.49 39.02
N CYS C 1069 -11.95 -67.77 38.70
CA CYS C 1069 -13.09 -68.64 38.94
C CYS C 1069 -12.91 -69.30 40.29
N HIS C 1070 -13.96 -69.26 41.11
CA HIS C 1070 -13.89 -69.84 42.46
C HIS C 1070 -14.81 -71.04 42.62
N ASP C 1071 -16.12 -70.83 42.48
CA ASP C 1071 -17.08 -71.92 42.65
C ASP C 1071 -18.20 -71.79 41.62
N GLY C 1072 -17.87 -71.26 40.45
CA GLY C 1072 -18.85 -70.78 39.52
C GLY C 1072 -19.03 -69.27 39.57
N LYS C 1073 -18.77 -68.67 40.72
CA LYS C 1073 -18.74 -67.22 40.83
C LYS C 1073 -17.44 -66.70 40.24
N ALA C 1074 -17.54 -65.85 39.24
CA ALA C 1074 -16.36 -65.16 38.74
C ALA C 1074 -15.98 -64.02 39.69
N HIS C 1075 -14.78 -63.49 39.51
CA HIS C 1075 -14.28 -62.43 40.36
C HIS C 1075 -13.52 -61.42 39.53
N PHE C 1076 -13.88 -60.15 39.68
CA PHE C 1076 -13.26 -59.03 39.02
C PHE C 1076 -12.62 -58.12 40.06
N PRO C 1077 -11.49 -57.50 39.76
CA PRO C 1077 -10.89 -56.59 40.74
C PRO C 1077 -11.70 -55.31 40.85
N ARG C 1078 -11.82 -54.80 42.09
CA ARG C 1078 -12.49 -53.53 42.30
C ARG C 1078 -11.74 -52.40 41.63
N GLU C 1079 -10.43 -52.35 41.85
CA GLU C 1079 -9.56 -51.47 41.08
C GLU C 1079 -8.16 -52.08 41.12
N GLY C 1080 -7.74 -52.67 40.02
CA GLY C 1080 -6.42 -53.29 39.99
C GLY C 1080 -6.34 -54.35 38.91
N VAL C 1081 -5.51 -55.35 39.18
CA VAL C 1081 -5.21 -56.39 38.20
C VAL C 1081 -4.77 -57.64 38.94
N PHE C 1082 -5.18 -58.80 38.44
CA PHE C 1082 -4.90 -60.08 39.06
C PHE C 1082 -3.59 -60.62 38.52
N VAL C 1083 -2.55 -60.65 39.36
CA VAL C 1083 -1.24 -61.13 38.93
C VAL C 1083 -0.86 -62.35 39.73
N SER C 1084 -0.02 -63.20 39.12
CA SER C 1084 0.56 -64.35 39.80
C SER C 1084 2.06 -64.33 39.57
N ASN C 1085 2.83 -64.42 40.66
CA ASN C 1085 4.28 -64.52 40.50
C ASN C 1085 4.70 -65.91 40.03
N GLY C 1086 3.82 -66.90 40.17
CA GLY C 1086 4.13 -68.26 39.82
C GLY C 1086 3.47 -69.25 40.77
N THR C 1087 3.05 -68.76 41.95
CA THR C 1087 2.45 -69.59 42.96
C THR C 1087 0.97 -69.34 43.12
N HIS C 1088 0.57 -68.09 43.37
CA HIS C 1088 -0.81 -67.79 43.70
C HIS C 1088 -1.20 -66.45 43.10
N TRP C 1089 -2.47 -66.35 42.72
CA TRP C 1089 -2.97 -65.12 42.11
C TRP C 1089 -3.17 -64.05 43.16
N PHE C 1090 -2.59 -62.88 42.91
CA PHE C 1090 -2.64 -61.73 43.80
C PHE C 1090 -3.17 -60.54 43.03
N VAL C 1091 -3.85 -59.63 43.73
CA VAL C 1091 -4.34 -58.39 43.15
C VAL C 1091 -3.45 -57.26 43.66
N THR C 1092 -3.12 -56.33 42.76
CA THR C 1092 -2.17 -55.28 43.08
C THR C 1092 -2.62 -53.98 42.42
N GLN C 1093 -1.83 -52.93 42.61
CA GLN C 1093 -2.15 -51.60 42.14
C GLN C 1093 -1.37 -51.31 40.86
N ARG C 1094 -1.94 -50.47 40.00
CA ARG C 1094 -1.46 -50.29 38.64
C ARG C 1094 -0.20 -49.47 38.52
N ASN C 1095 0.30 -48.87 39.59
CA ASN C 1095 1.47 -48.01 39.48
C ASN C 1095 2.54 -48.31 40.52
N PHE C 1096 2.31 -49.26 41.41
CA PHE C 1096 3.35 -49.85 42.24
C PHE C 1096 2.95 -51.29 42.50
N TYR C 1097 3.93 -52.18 42.50
CA TYR C 1097 3.62 -53.59 42.71
C TYR C 1097 3.54 -53.88 44.21
N GLU C 1098 2.34 -54.14 44.69
CA GLU C 1098 2.20 -54.67 46.03
C GLU C 1098 1.03 -55.63 46.07
N PRO C 1099 1.29 -56.91 46.33
CA PRO C 1099 0.21 -57.91 46.28
C PRO C 1099 -0.74 -57.78 47.46
N GLN C 1100 -2.03 -57.66 47.14
CA GLN C 1100 -3.08 -57.88 48.11
C GLN C 1100 -3.53 -59.34 47.97
N ILE C 1101 -3.90 -59.95 49.09
CA ILE C 1101 -4.49 -61.28 49.03
C ILE C 1101 -5.90 -61.17 48.48
N ILE C 1102 -6.19 -61.92 47.43
CA ILE C 1102 -7.45 -61.80 46.71
C ILE C 1102 -8.59 -62.31 47.58
N THR C 1103 -9.55 -61.44 47.85
CA THR C 1103 -10.72 -61.78 48.66
C THR C 1103 -11.91 -60.96 48.18
N THR C 1104 -13.07 -61.25 48.76
CA THR C 1104 -14.29 -60.52 48.43
C THR C 1104 -14.24 -59.07 48.89
N ASP C 1105 -13.42 -58.78 49.91
CA ASP C 1105 -13.19 -57.41 50.31
C ASP C 1105 -12.24 -56.68 49.38
N ASN C 1106 -11.59 -57.38 48.45
CA ASN C 1106 -10.76 -56.75 47.45
C ASN C 1106 -11.35 -56.82 46.04
N THR C 1107 -12.25 -57.75 45.78
CA THR C 1107 -12.73 -58.03 44.43
C THR C 1107 -14.19 -57.68 44.29
N PHE C 1108 -14.72 -57.94 43.10
CA PHE C 1108 -16.09 -57.61 42.73
C PHE C 1108 -16.76 -58.88 42.21
N VAL C 1109 -17.68 -59.43 43.00
CA VAL C 1109 -18.32 -60.69 42.67
C VAL C 1109 -19.44 -60.45 41.68
N SER C 1110 -19.32 -60.99 40.48
CA SER C 1110 -20.36 -60.91 39.47
C SER C 1110 -20.13 -62.00 38.44
N GLY C 1111 -21.16 -62.25 37.63
CA GLY C 1111 -21.05 -63.12 36.49
C GLY C 1111 -20.88 -64.59 36.84
N ASN C 1112 -20.44 -65.34 35.83
CA ASN C 1112 -20.24 -66.79 35.93
C ASN C 1112 -18.87 -67.13 35.36
N CYS C 1113 -18.54 -68.42 35.36
CA CYS C 1113 -17.24 -68.90 34.90
C CYS C 1113 -17.29 -69.40 33.47
N ASP C 1114 -18.05 -68.73 32.62
CA ASP C 1114 -18.28 -69.18 31.25
C ASP C 1114 -17.87 -68.19 30.17
N VAL C 1115 -18.12 -66.90 30.38
CA VAL C 1115 -17.97 -65.93 29.29
C VAL C 1115 -16.57 -65.32 29.25
N VAL C 1116 -15.92 -65.18 30.41
CA VAL C 1116 -14.68 -64.44 30.54
C VAL C 1116 -13.56 -65.19 29.83
N ILE C 1117 -13.02 -64.59 28.77
CA ILE C 1117 -11.88 -65.15 28.06
C ILE C 1117 -10.65 -64.88 28.91
N GLY C 1118 -10.19 -65.90 29.63
CA GLY C 1118 -8.98 -65.77 30.42
C GLY C 1118 -9.20 -65.96 31.90
N ILE C 1119 -10.41 -66.35 32.29
CA ILE C 1119 -10.67 -66.64 33.70
C ILE C 1119 -9.90 -67.89 34.11
N VAL C 1120 -9.36 -67.87 35.32
CA VAL C 1120 -8.54 -68.97 35.81
C VAL C 1120 -9.11 -69.46 37.14
N ASN C 1121 -8.70 -70.67 37.51
CA ASN C 1121 -9.15 -71.29 38.75
C ASN C 1121 -8.21 -70.92 39.89
N ASN C 1122 -8.74 -70.27 40.92
CA ASN C 1122 -8.02 -70.10 42.17
C ASN C 1122 -9.05 -69.87 43.27
N THR C 1123 -8.66 -70.19 44.50
CA THR C 1123 -9.54 -70.05 45.65
C THR C 1123 -9.54 -68.59 46.10
N VAL C 1124 -10.66 -67.91 45.86
CA VAL C 1124 -10.87 -66.58 46.42
C VAL C 1124 -11.04 -66.70 47.92
N TYR C 1125 -10.22 -65.96 48.67
CA TYR C 1125 -10.22 -66.05 50.12
C TYR C 1125 -11.48 -65.43 50.71
N ASP C 1126 -11.93 -66.00 51.82
CA ASP C 1126 -13.09 -65.51 52.55
C ASP C 1126 -12.68 -65.25 53.99
N PRO C 1127 -12.79 -64.02 54.50
CA PRO C 1127 -12.48 -63.76 55.91
C PRO C 1127 -13.55 -64.24 56.88
N LEU C 1128 -14.69 -64.73 56.39
CA LEU C 1128 -15.74 -65.21 57.28
C LEU C 1128 -15.35 -66.54 57.92
N GLN C 1129 -14.82 -67.47 57.13
CA GLN C 1129 -14.52 -68.84 57.56
C GLN C 1129 -13.51 -68.97 58.71
N PRO C 1130 -12.43 -68.16 58.81
CA PRO C 1130 -11.68 -68.19 60.08
C PRO C 1130 -12.33 -67.43 61.23
N GLU C 1131 -13.43 -66.71 60.96
CA GLU C 1131 -14.07 -65.88 61.97
C GLU C 1131 -15.47 -66.37 62.32
N LEU C 1132 -15.87 -67.56 61.87
CA LEU C 1132 -17.15 -68.14 62.26
C LEU C 1132 -17.04 -68.76 63.66
N GLN D 1 -1.07 46.27 -39.80
CA GLN D 1 -2.45 46.49 -40.23
C GLN D 1 -3.04 45.18 -40.77
N LEU D 2 -4.26 44.86 -40.35
CA LEU D 2 -4.88 43.60 -40.72
C LEU D 2 -5.31 43.59 -42.18
N GLN D 3 -4.93 42.54 -42.89
CA GLN D 3 -5.14 42.41 -44.32
C GLN D 3 -5.70 41.02 -44.62
N LEU D 4 -6.26 40.87 -45.82
CA LEU D 4 -6.84 39.60 -46.25
C LEU D 4 -6.57 39.38 -47.72
N VAL D 5 -6.61 38.12 -48.12
CA VAL D 5 -6.33 37.70 -49.50
C VAL D 5 -7.53 36.90 -50.00
N GLU D 6 -8.33 37.49 -50.88
CA GLU D 6 -9.42 36.78 -51.53
C GLU D 6 -8.90 35.85 -52.62
N SER D 7 -9.61 34.74 -52.81
CA SER D 7 -9.37 33.81 -53.91
C SER D 7 -10.65 33.01 -54.13
N GLY D 8 -10.55 31.95 -54.91
CA GLY D 8 -11.69 31.07 -55.15
C GLY D 8 -12.60 31.46 -56.27
N GLY D 9 -12.22 32.42 -57.09
CA GLY D 9 -13.03 32.81 -58.23
C GLY D 9 -12.97 31.79 -59.35
N GLY D 10 -13.89 31.95 -60.30
CA GLY D 10 -13.93 31.10 -61.46
C GLY D 10 -15.09 31.43 -62.38
N SER D 11 -14.81 31.53 -63.68
CA SER D 11 -15.82 31.91 -64.67
C SER D 11 -16.65 30.69 -65.03
N VAL D 12 -17.86 30.60 -64.48
CA VAL D 12 -18.75 29.48 -64.74
C VAL D 12 -20.06 29.98 -65.31
N GLN D 13 -20.98 29.06 -65.57
CA GLN D 13 -22.29 29.40 -66.13
C GLN D 13 -23.25 29.82 -65.02
N SER D 14 -24.53 29.92 -65.36
CA SER D 14 -25.57 30.22 -64.38
C SER D 14 -25.92 28.93 -63.65
N GLY D 15 -25.40 28.77 -62.43
CA GLY D 15 -25.62 27.55 -61.69
C GLY D 15 -24.34 26.81 -61.35
N GLY D 16 -23.25 27.54 -61.18
CA GLY D 16 -21.97 26.91 -60.88
C GLY D 16 -21.80 26.62 -59.41
N SER D 17 -21.03 25.57 -59.11
CA SER D 17 -20.77 25.12 -57.76
C SER D 17 -19.27 25.23 -57.49
N LEU D 18 -18.86 26.40 -57.01
CA LEU D 18 -17.47 26.67 -56.65
C LEU D 18 -17.37 26.97 -55.16
N ARG D 19 -16.18 27.34 -54.72
CA ARG D 19 -15.93 27.67 -53.33
C ARG D 19 -14.99 28.86 -53.24
N LEU D 20 -15.35 29.84 -52.41
CA LEU D 20 -14.46 30.95 -52.11
C LEU D 20 -13.50 30.59 -50.99
N SER D 21 -12.43 31.38 -50.88
CA SER D 21 -11.42 31.16 -49.86
C SER D 21 -10.70 32.47 -49.58
N CYS D 22 -10.62 32.83 -48.30
CA CYS D 22 -10.02 34.09 -47.87
C CYS D 22 -8.78 33.80 -47.03
N ALA D 23 -7.61 33.86 -47.66
CA ALA D 23 -6.35 33.62 -46.96
C ALA D 23 -6.00 34.80 -46.08
N ALA D 24 -5.71 34.52 -44.81
CA ALA D 24 -5.43 35.56 -43.83
C ALA D 24 -4.01 36.08 -43.99
N SER D 25 -3.88 37.41 -44.12
CA SER D 25 -2.59 38.06 -44.24
C SER D 25 -2.49 39.23 -43.27
N GLY D 26 -1.48 40.07 -43.44
CA GLY D 26 -1.37 41.28 -42.64
C GLY D 26 -0.47 41.12 -41.44
N TYR D 27 -0.68 42.02 -40.47
CA TYR D 27 0.19 42.08 -39.30
C TYR D 27 -0.53 42.23 -37.97
N THR D 28 -1.77 42.67 -37.92
CA THR D 28 -2.47 42.90 -36.66
C THR D 28 -3.61 41.91 -36.50
N TYR D 29 -3.64 41.27 -35.33
CA TYR D 29 -4.68 40.35 -34.93
C TYR D 29 -4.97 40.94 -33.56
N LYS D 30 -5.56 42.13 -33.60
CA LYS D 30 -5.84 42.93 -32.42
C LYS D 30 -7.02 42.38 -31.63
N THR D 31 -6.73 41.26 -30.97
CA THR D 31 -7.65 40.54 -30.11
C THR D 31 -6.84 39.46 -29.38
N TYR D 32 -7.39 38.95 -28.30
CA TYR D 32 -6.72 37.90 -27.57
C TYR D 32 -7.25 36.63 -28.18
N TYR D 33 -7.99 36.78 -29.28
CA TYR D 33 -8.63 35.62 -29.89
C TYR D 33 -8.16 35.46 -31.32
N GLU D 34 -8.57 34.34 -31.92
CA GLU D 34 -8.35 34.08 -33.34
C GLU D 34 -9.65 34.00 -34.12
N THR D 35 -10.79 34.22 -33.48
CA THR D 35 -12.10 34.17 -34.11
C THR D 35 -12.57 35.60 -34.36
N TYR D 36 -12.99 35.88 -35.59
CA TYR D 36 -13.23 37.26 -36.00
C TYR D 36 -14.57 37.36 -36.72
N SER D 37 -15.02 38.60 -36.89
CA SER D 37 -16.22 38.90 -37.67
C SER D 37 -15.82 39.23 -39.10
N MET D 38 -16.21 38.38 -40.03
CA MET D 38 -15.79 38.50 -41.42
C MET D 38 -17.02 38.38 -42.33
N GLY D 39 -16.80 38.49 -43.63
CA GLY D 39 -17.90 38.38 -44.58
C GLY D 39 -17.54 38.67 -46.02
N TRP D 40 -18.09 37.87 -46.93
CA TRP D 40 -17.83 38.03 -48.38
C TRP D 40 -18.72 39.14 -48.92
N PHE D 41 -18.17 40.34 -49.02
CA PHE D 41 -18.90 41.50 -49.50
C PHE D 41 -18.79 41.55 -51.02
N ARG D 42 -19.79 40.98 -51.68
CA ARG D 42 -19.87 40.99 -53.14
C ARG D 42 -20.25 42.38 -53.63
N GLN D 43 -19.58 42.82 -54.70
CA GLN D 43 -19.92 44.06 -55.38
C GLN D 43 -20.19 43.72 -56.84
N ALA D 44 -21.47 43.59 -57.19
CA ALA D 44 -21.87 43.15 -58.51
C ALA D 44 -21.62 44.25 -59.55
N PRO D 45 -21.50 43.87 -60.85
CA PRO D 45 -21.51 44.89 -61.90
C PRO D 45 -22.87 45.53 -62.02
N GLY D 46 -22.98 46.80 -61.64
CA GLY D 46 -24.25 47.50 -61.64
C GLY D 46 -24.90 47.63 -60.28
N LYS D 47 -24.34 47.01 -59.24
CA LYS D 47 -24.84 47.12 -57.89
C LYS D 47 -23.68 47.44 -56.95
N GLU D 48 -24.02 47.83 -55.73
CA GLU D 48 -23.00 48.25 -54.78
C GLU D 48 -22.33 47.05 -54.12
N ARG D 49 -21.41 47.34 -53.21
CA ARG D 49 -20.87 46.32 -52.34
C ARG D 49 -21.91 45.97 -51.28
N GLU D 50 -22.24 44.69 -51.20
CA GLU D 50 -23.34 44.24 -50.36
C GLU D 50 -22.91 43.05 -49.52
N GLY D 51 -23.50 42.95 -48.33
CA GLY D 51 -23.29 41.81 -47.47
C GLY D 51 -24.07 40.61 -47.94
N VAL D 52 -23.38 39.59 -48.44
CA VAL D 52 -24.03 38.42 -49.02
C VAL D 52 -23.95 37.26 -48.05
N ALA D 53 -22.74 36.86 -47.70
CA ALA D 53 -22.51 35.80 -46.73
C ALA D 53 -21.49 36.31 -45.72
N ALA D 54 -21.89 36.35 -44.45
CA ALA D 54 -21.04 36.87 -43.40
C ALA D 54 -21.22 36.03 -42.15
N ILE D 55 -20.16 35.98 -41.34
CA ILE D 55 -20.16 35.18 -40.12
C ILE D 55 -19.26 35.87 -39.10
N ASN D 56 -19.68 35.83 -37.84
CA ASN D 56 -18.95 36.48 -36.77
C ASN D 56 -18.07 35.46 -36.04
N SER D 57 -17.52 35.88 -34.90
CA SER D 57 -16.60 35.03 -34.15
C SER D 57 -17.29 33.86 -33.48
N ASP D 58 -18.56 33.98 -33.13
CA ASP D 58 -19.30 32.86 -32.52
C ASP D 58 -19.87 31.90 -33.55
N GLY D 59 -20.03 32.32 -34.79
CA GLY D 59 -20.58 31.47 -35.82
C GLY D 59 -21.97 31.84 -36.29
N GLU D 60 -22.50 32.99 -35.87
CA GLU D 60 -23.81 33.45 -36.32
C GLU D 60 -23.70 33.89 -37.77
N THR D 61 -24.19 33.06 -38.68
CA THR D 61 -24.12 33.36 -40.10
C THR D 61 -25.13 34.42 -40.47
N SER D 62 -24.75 35.31 -41.38
CA SER D 62 -25.64 36.36 -41.89
C SER D 62 -25.77 36.20 -43.39
N TYR D 63 -26.99 35.94 -43.86
CA TYR D 63 -27.28 35.73 -45.26
C TYR D 63 -28.24 36.80 -45.78
N ALA D 64 -28.27 36.93 -47.10
CA ALA D 64 -29.34 37.62 -47.80
C ALA D 64 -30.33 36.59 -48.31
N ASP D 65 -31.62 36.91 -48.25
CA ASP D 65 -32.65 35.92 -48.54
C ASP D 65 -32.78 35.60 -50.02
N SER D 66 -32.27 36.47 -50.90
CA SER D 66 -32.28 36.17 -52.33
C SER D 66 -31.26 35.10 -52.67
N VAL D 67 -30.18 35.01 -51.91
CA VAL D 67 -29.13 34.01 -52.11
C VAL D 67 -29.14 32.96 -51.01
N LYS D 68 -30.19 32.91 -50.20
CA LYS D 68 -30.25 31.99 -49.08
C LYS D 68 -30.77 30.63 -49.55
N GLY D 69 -30.14 29.57 -49.04
CA GLY D 69 -30.51 28.21 -49.39
C GLY D 69 -29.55 27.52 -50.33
N ARG D 70 -28.54 28.23 -50.83
CA ARG D 70 -27.53 27.66 -51.71
C ARG D 70 -26.12 27.78 -51.16
N PHE D 71 -25.74 28.97 -50.70
CA PHE D 71 -24.36 29.23 -50.29
C PHE D 71 -24.05 28.56 -48.97
N THR D 72 -22.75 28.42 -48.69
CA THR D 72 -22.30 27.84 -47.44
C THR D 72 -20.99 28.54 -47.05
N ILE D 73 -21.07 29.42 -46.06
CA ILE D 73 -19.91 30.14 -45.55
C ILE D 73 -19.37 29.39 -44.33
N SER D 74 -18.06 29.14 -44.32
CA SER D 74 -17.42 28.37 -43.25
C SER D 74 -16.12 29.06 -42.88
N GLN D 75 -16.08 29.68 -41.70
CA GLN D 75 -14.90 30.40 -41.22
C GLN D 75 -14.01 29.40 -40.49
N ASP D 76 -12.96 28.95 -41.17
CA ASP D 76 -12.03 27.97 -40.60
C ASP D 76 -11.09 28.70 -39.65
N ASN D 77 -11.43 28.69 -38.35
CA ASN D 77 -10.69 29.46 -37.36
C ASN D 77 -9.34 28.84 -37.01
N ALA D 78 -9.13 27.56 -37.32
CA ALA D 78 -7.82 26.95 -37.05
C ALA D 78 -6.75 27.48 -38.00
N LYS D 79 -7.13 27.98 -39.18
CA LYS D 79 -6.20 28.58 -40.12
C LYS D 79 -6.57 30.02 -40.45
N LYS D 80 -7.58 30.58 -39.78
CA LYS D 80 -8.09 31.94 -39.99
C LYS D 80 -8.55 32.18 -41.42
N THR D 81 -9.03 31.13 -42.09
CA THR D 81 -9.33 31.19 -43.52
C THR D 81 -10.84 31.14 -43.70
N LEU D 82 -11.42 32.23 -44.20
CA LEU D 82 -12.84 32.27 -44.48
C LEU D 82 -13.12 31.61 -45.83
N TYR D 83 -14.23 30.89 -45.91
CA TYR D 83 -14.63 30.20 -47.13
C TYR D 83 -16.07 30.60 -47.47
N LEU D 84 -16.45 30.31 -48.72
CA LEU D 84 -17.85 30.41 -49.14
C LEU D 84 -18.04 29.46 -50.32
N GLN D 85 -18.71 28.34 -50.05
CA GLN D 85 -19.05 27.38 -51.10
C GLN D 85 -20.15 27.98 -51.96
N MET D 86 -19.77 28.53 -53.10
CA MET D 86 -20.70 29.21 -54.00
C MET D 86 -21.45 28.17 -54.82
N ASN D 87 -22.56 27.68 -54.27
CA ASN D 87 -23.35 26.63 -54.92
C ASN D 87 -24.44 27.26 -55.77
N SER D 88 -24.54 26.80 -57.03
CA SER D 88 -25.64 27.08 -57.96
C SER D 88 -25.81 28.58 -58.20
N LEU D 89 -24.78 29.15 -58.83
CA LEU D 89 -24.67 30.61 -59.00
C LEU D 89 -25.77 31.14 -59.91
N LYS D 90 -26.73 31.86 -59.30
CA LYS D 90 -27.72 32.62 -60.03
C LYS D 90 -27.03 33.80 -60.73
N PRO D 91 -27.64 34.35 -61.79
CA PRO D 91 -26.93 35.40 -62.57
C PRO D 91 -26.66 36.72 -61.83
N GLU D 92 -27.17 36.91 -60.61
CA GLU D 92 -26.83 38.07 -59.82
C GLU D 92 -25.62 37.84 -58.90
N ASP D 93 -24.97 36.68 -59.02
CA ASP D 93 -23.79 36.36 -58.21
C ASP D 93 -22.48 36.77 -58.86
N MET D 94 -22.53 37.34 -60.06
CA MET D 94 -21.35 37.97 -60.63
C MET D 94 -20.96 39.18 -59.79
N GLY D 95 -19.66 39.35 -59.56
CA GLY D 95 -19.20 40.50 -58.84
C GLY D 95 -17.88 40.24 -58.16
N MET D 96 -17.27 41.32 -57.69
CA MET D 96 -15.99 41.27 -57.01
C MET D 96 -16.24 40.94 -55.54
N TYR D 97 -15.84 39.74 -55.13
CA TYR D 97 -16.08 39.30 -53.76
C TYR D 97 -14.97 39.81 -52.84
N TYR D 98 -15.37 40.46 -51.75
CA TYR D 98 -14.45 41.04 -50.78
C TYR D 98 -14.70 40.41 -49.42
N CYS D 99 -13.71 39.66 -48.92
CA CYS D 99 -13.73 39.26 -47.52
C CYS D 99 -13.17 40.43 -46.70
N ALA D 100 -13.94 40.88 -45.73
CA ALA D 100 -13.55 42.00 -44.88
C ALA D 100 -13.21 41.49 -43.49
N ALA D 101 -12.55 42.34 -42.72
CA ALA D 101 -12.01 41.94 -41.44
C ALA D 101 -12.44 42.87 -40.33
N ASP D 102 -12.43 42.33 -39.11
CA ASP D 102 -12.87 42.99 -37.89
C ASP D 102 -12.28 42.22 -36.72
N PRO D 103 -11.59 42.88 -35.79
CA PRO D 103 -11.11 42.17 -34.59
C PRO D 103 -12.17 42.03 -33.50
N ALA D 104 -13.43 42.23 -33.85
CA ALA D 104 -14.51 42.26 -32.85
C ALA D 104 -15.63 41.28 -33.18
N TRP D 105 -16.74 41.39 -32.45
CA TRP D 105 -17.89 40.50 -32.59
C TRP D 105 -19.12 41.31 -32.96
N GLN D 106 -19.70 41.02 -34.12
CA GLN D 106 -20.86 41.69 -34.67
C GLN D 106 -22.08 40.77 -34.65
N PRO D 107 -23.29 41.30 -34.51
CA PRO D 107 -24.48 40.45 -34.47
C PRO D 107 -24.90 40.07 -35.88
N ALA D 108 -26.03 39.36 -35.96
CA ALA D 108 -26.53 38.90 -37.24
C ALA D 108 -27.08 40.03 -38.10
N PHE D 109 -27.48 41.15 -37.49
CA PHE D 109 -28.04 42.27 -38.22
C PHE D 109 -27.03 43.37 -38.53
N LEU D 110 -25.76 43.18 -38.17
CA LEU D 110 -24.72 44.15 -38.51
C LEU D 110 -23.52 43.54 -39.24
N LEU D 111 -23.47 42.22 -39.41
CA LEU D 111 -22.43 41.62 -40.26
C LEU D 111 -22.63 41.96 -41.72
N LEU D 112 -23.88 42.16 -42.15
CA LEU D 112 -24.15 42.46 -43.54
C LEU D 112 -23.83 43.92 -43.89
N ARG D 113 -23.91 44.82 -42.91
CA ARG D 113 -23.56 46.21 -43.14
C ARG D 113 -22.04 46.37 -43.14
N SER D 114 -21.52 46.97 -44.20
CA SER D 114 -20.08 47.11 -44.38
C SER D 114 -19.54 48.42 -43.81
N SER D 115 -20.27 49.05 -42.90
CA SER D 115 -19.80 50.30 -42.30
C SER D 115 -18.76 50.08 -41.21
N GLY D 116 -18.73 48.91 -40.59
CA GLY D 116 -17.82 48.64 -39.50
C GLY D 116 -16.69 47.70 -39.85
N TYR D 117 -16.09 47.89 -41.02
CA TYR D 117 -14.99 47.05 -41.49
C TYR D 117 -13.87 47.97 -41.97
N ASN D 118 -12.93 48.26 -41.08
CA ASN D 118 -11.79 49.12 -41.40
C ASN D 118 -10.63 48.35 -42.02
N TYR D 119 -10.73 47.04 -42.14
CA TYR D 119 -9.68 46.22 -42.75
C TYR D 119 -10.30 45.44 -43.90
N TRP D 120 -9.76 45.62 -45.10
CA TRP D 120 -10.35 45.07 -46.31
C TRP D 120 -9.31 44.27 -47.08
N GLY D 121 -9.77 43.19 -47.71
CA GLY D 121 -8.92 42.37 -48.55
C GLY D 121 -8.77 42.94 -49.95
N GLN D 122 -8.10 42.16 -50.80
CA GLN D 122 -7.86 42.57 -52.18
C GLN D 122 -9.11 42.44 -53.03
N GLY D 123 -9.62 41.22 -53.20
CA GLY D 123 -10.82 40.97 -53.96
C GLY D 123 -10.67 39.89 -55.01
N THR D 124 -11.69 39.04 -55.14
CA THR D 124 -11.73 38.01 -56.17
C THR D 124 -13.00 38.17 -57.01
N GLN D 125 -12.90 37.79 -58.28
CA GLN D 125 -13.95 38.03 -59.26
C GLN D 125 -14.51 36.71 -59.78
N VAL D 126 -15.83 36.63 -59.86
CA VAL D 126 -16.53 35.48 -60.43
C VAL D 126 -17.41 35.99 -61.57
N THR D 127 -17.22 35.41 -62.75
CA THR D 127 -18.04 35.73 -63.92
C THR D 127 -19.17 34.71 -64.01
N VAL D 128 -20.39 35.16 -63.72
CA VAL D 128 -21.55 34.28 -63.79
C VAL D 128 -22.31 34.58 -65.08
N SER D 129 -22.03 33.81 -66.13
CA SER D 129 -22.73 33.98 -67.39
C SER D 129 -24.13 33.38 -67.28
N SER D 130 -25.12 34.14 -67.73
CA SER D 130 -26.52 33.73 -67.62
C SER D 130 -26.85 32.55 -68.53
C1 NAG E . -34.20 -8.57 -32.62
C2 NAG E . -34.35 -8.65 -31.10
C3 NAG E . -35.82 -8.80 -30.70
C4 NAG E . -36.65 -7.67 -31.31
C5 NAG E . -36.44 -7.63 -32.82
C6 NAG E . -37.13 -6.44 -33.46
C7 NAG E . -33.56 -11.00 -30.72
C8 NAG E . -32.58 -11.82 -29.93
N2 NAG E . -33.51 -9.68 -30.50
O3 NAG E . -35.93 -8.77 -29.29
O4 NAG E . -38.03 -7.88 -31.03
O5 NAG E . -35.04 -7.51 -33.13
O6 NAG E . -37.88 -6.83 -34.60
O7 NAG E . -34.35 -11.53 -31.50
C1 NAG F . -11.15 7.76 -40.95
C2 NAG F . -10.58 8.34 -42.26
C3 NAG F . -11.40 9.54 -42.74
C4 NAG F . -12.88 9.17 -42.84
C5 NAG F . -13.37 8.65 -41.50
C6 NAG F . -14.82 8.20 -41.54
C7 NAG F . -8.58 9.58 -41.36
C8 NAG F . -7.09 9.71 -41.49
N2 NAG F . -9.15 8.67 -42.17
O3 NAG F . -10.92 9.98 -44.00
O4 NAG F . -13.66 10.30 -43.22
O5 NAG F . -12.59 7.51 -41.10
O6 NAG F . -15.15 7.68 -42.83
O7 NAG F . -9.21 10.26 -40.56
C1 NAG G . -4.13 -33.81 -29.94
C2 NAG G . -5.65 -33.72 -29.73
C3 NAG G . -6.41 -34.59 -30.75
C4 NAG G . -5.94 -34.28 -32.16
C5 NAG G . -4.43 -34.40 -32.26
C6 NAG G . -3.88 -34.03 -33.62
C7 NAG G . -7.12 -33.72 -27.75
C8 NAG G . -7.33 -34.25 -26.36
N2 NAG G . -6.01 -34.13 -28.37
O3 NAG G . -7.80 -34.36 -30.66
O4 NAG G . -6.54 -35.20 -33.07
O5 NAG G . -3.82 -33.50 -31.32
O6 NAG G . -3.13 -32.82 -33.55
O7 NAG G . -7.94 -32.97 -28.28
C1 NAG H . -39.53 0.16 0.06
C2 NAG H . -40.66 -0.03 -0.94
C3 NAG H . -42.01 0.22 -0.26
C4 NAG H . -42.15 -0.61 1.01
C5 NAG H . -40.94 -0.39 1.92
C6 NAG H . -40.94 -1.28 3.15
C7 NAG H . -39.97 0.48 -3.24
C8 NAG H . -39.87 1.53 -4.30
N2 NAG H . -40.50 0.87 -2.07
O3 NAG H . -43.06 -0.11 -1.16
O4 NAG H . -43.34 -0.25 1.72
O5 NAG H . -39.74 -0.69 1.21
O6 NAG H . -39.65 -1.40 3.71
O7 NAG H . -39.58 -0.66 -3.42
C1 NAG I . -48.24 -19.61 2.97
C2 NAG I . -48.64 -19.37 1.50
C3 NAG I . -49.41 -18.04 1.37
C4 NAG I . -50.57 -17.98 2.35
C5 NAG I . -50.05 -18.22 3.76
C6 NAG I . -51.14 -18.24 4.81
C7 NAG I . -47.48 -19.72 -0.63
C8 NAG I . -46.18 -19.63 -1.37
N2 NAG I . -47.47 -19.34 0.64
O3 NAG I . -49.91 -17.91 0.03
O4 NAG I . -51.19 -16.70 2.29
O5 NAG I . -49.40 -19.49 3.81
O6 NAG I . -50.61 -18.48 6.11
O7 NAG I . -48.50 -20.12 -1.18
C1 NAG J . -42.98 -34.94 42.39
C2 NAG J . -43.06 -34.54 43.87
C3 NAG J . -44.52 -34.39 44.33
C4 NAG J . -45.36 -35.60 43.91
C5 NAG J . -45.15 -35.92 42.43
C6 NAG J . -46.44 -35.93 41.63
C7 NAG J . -41.37 -35.18 45.55
C8 NAG J . -40.97 -33.73 45.62
N2 NAG J . -42.35 -35.50 44.71
O3 NAG J . -45.06 -33.20 43.76
O4 NAG J . -45.00 -36.72 44.70
O5 NAG J . -44.29 -34.95 41.83
O6 NAG J . -46.52 -37.07 40.80
O7 NAG J . -40.80 -36.02 46.24
C1 NAG K . -41.06 -42.45 28.90
C2 NAG K . -40.60 -42.71 27.46
C3 NAG K . -40.83 -41.48 26.60
C4 NAG K . -42.28 -41.02 26.68
C5 NAG K . -42.68 -40.81 28.14
C6 NAG K . -44.15 -40.49 28.29
C7 NAG K . -38.73 -44.03 26.60
C8 NAG K . -37.27 -44.32 26.69
N2 NAG K . -39.20 -43.11 27.43
O3 NAG K . -40.50 -41.78 25.24
O4 NAG K . -42.44 -39.79 25.98
O5 NAG K . -42.45 -42.01 28.89
O6 NAG K . -44.71 -41.14 29.43
O7 NAG K . -39.46 -44.63 25.81
C1 NAG L . -27.40 -54.03 21.32
C2 NAG L . -27.97 -55.45 21.40
C3 NAG L . -27.19 -56.38 20.47
C4 NAG L . -27.18 -55.81 19.05
C5 NAG L . -26.62 -54.39 19.06
C6 NAG L . -26.68 -53.73 17.70
C7 NAG L . -28.97 -55.86 23.60
C8 NAG L . -28.76 -56.43 24.97
N2 NAG L . -27.93 -55.95 22.77
O3 NAG L . -27.82 -57.65 20.47
O4 NAG L . -26.37 -56.64 18.21
O5 NAG L . -27.40 -53.58 19.96
O6 NAG L . -25.58 -52.84 17.51
O7 NAG L . -30.02 -55.34 23.27
C1 NAG M . -9.29 -57.78 8.87
C2 NAG M . -9.02 -59.26 8.64
C3 NAG M . -8.29 -59.48 7.32
C4 NAG M . -9.05 -58.83 6.17
C5 NAG M . -9.31 -57.35 6.50
C6 NAG M . -10.15 -56.66 5.46
C7 NAG M . -8.83 -60.44 10.78
C8 NAG M . -7.89 -60.96 11.84
N2 NAG M . -8.25 -59.84 9.74
O3 NAG M . -8.14 -60.88 7.07
O4 NAG M . -8.28 -58.91 4.98
O5 NAG M . -10.01 -57.25 7.74
O6 NAG M . -9.83 -55.28 5.36
O7 NAG M . -10.03 -60.57 10.88
C1 NAG N . -39.26 -57.17 39.31
C2 NAG N . -40.07 -57.50 38.04
C3 NAG N . -39.84 -58.96 37.65
C4 NAG N . -38.35 -59.25 37.53
C5 NAG N . -37.61 -58.84 38.80
C6 NAG N . -36.12 -59.01 38.69
C7 NAG N . -42.08 -56.14 37.72
C8 NAG N . -43.55 -56.01 38.01
N2 NAG N . -41.48 -57.23 38.23
O3 NAG N . -40.49 -59.21 36.41
O4 NAG N . -38.15 -60.64 37.29
O5 NAG N . -37.86 -57.46 39.09
O6 NAG N . -35.73 -60.36 38.97
O7 NAG N . -41.47 -55.33 37.04
C1 NAG O . -43.22 -45.38 55.71
C2 NAG O . -44.05 -45.18 54.45
C3 NAG O . -45.53 -45.47 54.72
C4 NAG O . -45.71 -46.85 55.35
C5 NAG O . -44.82 -46.97 56.59
C6 NAG O . -44.87 -48.34 57.21
C7 NAG O . -42.96 -43.52 53.01
C8 NAG O . -42.93 -42.08 52.58
N2 NAG O . -43.88 -43.84 53.93
O3 NAG O . -46.26 -45.39 53.49
O4 NAG O . -47.06 -47.04 55.72
O5 NAG O . -43.45 -46.72 56.23
O6 NAG O . -45.48 -48.31 58.50
O7 NAG O . -42.19 -44.35 52.54
C1 NAG P . -3.41 40.72 31.56
C2 NAG P . -3.14 39.32 32.11
C3 NAG P . -2.45 39.40 33.47
C4 NAG P . -1.20 40.27 33.39
C5 NAG P . -1.56 41.64 32.82
C6 NAG P . -0.35 42.52 32.60
C7 NAG P . -4.43 37.24 31.97
C8 NAG P . -5.77 36.60 32.15
N2 NAG P . -4.36 38.55 32.22
O3 NAG P . -2.09 38.10 33.90
O4 NAG P . -0.63 40.44 34.68
O5 NAG P . -2.18 41.48 31.54
O6 NAG P . -0.65 43.60 31.73
O7 NAG P . -3.45 36.60 31.62
C1 NAG Q . -35.83 23.25 18.74
C2 NAG Q . -35.73 22.95 20.24
C3 NAG Q . -37.11 22.64 20.81
C4 NAG Q . -38.08 23.78 20.51
C5 NAG Q . -38.11 24.05 19.01
C6 NAG Q . -38.96 25.25 18.64
C7 NAG Q . -33.55 22.01 20.85
C8 NAG Q . -32.74 20.76 21.06
N2 NAG Q . -34.82 21.84 20.48
O3 NAG Q . -37.01 22.45 22.22
O4 NAG Q . -39.39 23.45 20.96
O5 NAG Q . -36.78 24.32 18.53
O6 NAG Q . -39.76 25.67 19.73
O7 NAG Q . -33.06 23.13 21.01
C1 NAG R . 39.18 33.46 11.88
C2 NAG R . 40.54 33.94 11.36
C3 NAG R . 41.60 33.92 12.48
C4 NAG R . 41.11 34.66 13.71
C5 NAG R . 39.77 34.08 14.17
C6 NAG R . 39.17 34.81 15.34
C7 NAG R . 41.28 31.88 10.12
C8 NAG R . 41.74 31.41 8.77
N2 NAG R . 41.00 33.20 10.19
O3 NAG R . 42.80 34.53 12.01
O4 NAG R . 42.04 34.55 14.77
O5 NAG R . 38.83 34.18 13.08
O6 NAG R . 37.75 34.90 15.22
O7 NAG R . 41.17 31.11 11.07
C1 NAG S . 31.07 41.47 -15.36
C2 NAG S . 30.52 41.17 -13.96
C3 NAG S . 29.07 41.65 -13.84
C4 NAG S . 28.98 43.13 -14.20
C5 NAG S . 29.59 43.38 -15.58
C6 NAG S . 29.65 44.84 -15.95
C7 NAG S . 31.36 39.21 -12.69
C8 NAG S . 32.19 40.18 -11.88
N2 NAG S . 30.59 39.73 -13.66
O3 NAG S . 28.60 41.44 -12.51
O4 NAG S . 27.62 43.54 -14.20
O5 NAG S . 30.94 42.89 -15.62
O6 NAG S . 29.26 45.06 -17.30
O7 NAG S . 31.39 38.01 -12.48
C1 NAG T . -23.34 11.38 37.27
C2 NAG T . -24.34 10.63 36.38
C3 NAG T . -25.71 10.60 37.04
C4 NAG T . -25.62 10.01 38.45
C5 NAG T . -24.55 10.76 39.27
C6 NAG T . -24.31 10.10 40.61
C7 NAG T . -24.55 10.52 33.93
C8 NAG T . -24.62 11.31 32.66
N2 NAG T . -24.42 11.24 35.06
O3 NAG T . -26.60 9.83 36.25
O4 NAG T . -26.87 10.12 39.11
O5 NAG T . -23.30 10.76 38.57
O6 NAG T . -22.93 9.82 40.80
O7 NAG T . -24.60 9.30 33.96
C1 NAG U . 17.25 14.43 36.44
C2 NAG U . 17.76 13.01 36.23
C3 NAG U . 18.07 12.36 37.57
C4 NAG U . 19.06 13.22 38.36
C5 NAG U . 18.53 14.64 38.49
C6 NAG U . 19.52 15.58 39.14
C7 NAG U . 17.18 11.37 34.51
C8 NAG U . 16.07 10.62 33.83
N2 NAG U . 16.81 12.21 35.47
O3 NAG U . 18.62 11.06 37.35
O4 NAG U . 19.25 12.66 39.66
O5 NAG U . 18.22 15.19 37.20
O6 NAG U . 20.85 15.23 38.81
O7 NAG U . 18.36 11.21 34.19
C1 NAG V . 7.09 9.51 53.30
C2 NAG V . 6.81 10.94 53.76
C3 NAG V . 8.08 11.78 53.66
C4 NAG V . 9.23 11.12 54.43
C5 NAG V . 9.42 9.69 53.94
C6 NAG V . 10.46 8.93 54.74
C7 NAG V . 4.46 11.47 53.34
C8 NAG V . 3.49 12.15 52.43
N2 NAG V . 5.75 11.54 52.98
O3 NAG V . 7.83 13.07 54.20
O4 NAG V . 10.44 11.84 54.23
O5 NAG V . 8.19 8.96 54.06
O6 NAG V . 11.69 9.64 54.79
O7 NAG V . 4.10 10.88 54.36
C1 NAG W . 5.72 -31.30 64.79
C2 NAG W . 6.61 -32.17 65.65
C3 NAG W . 6.97 -31.46 66.95
C4 NAG W . 7.56 -30.08 66.67
C5 NAG W . 6.61 -29.27 65.77
C6 NAG W . 7.18 -27.94 65.35
C7 NAG W . 6.65 -34.58 66.12
C8 NAG W . 5.84 -35.81 66.40
N2 NAG W . 5.97 -33.45 65.93
O3 NAG W . 7.92 -32.23 67.69
O4 NAG W . 7.75 -29.36 67.89
O5 NAG W . 6.36 -30.01 64.57
O6 NAG W . 8.28 -27.56 66.17
O7 NAG W . 7.88 -34.63 66.07
C1 NAG X . -6.38 -21.72 64.02
C2 NAG X . -7.24 -20.47 63.95
C3 NAG X . -6.45 -19.31 63.34
C4 NAG X . -5.15 -19.09 64.11
C5 NAG X . -4.35 -20.38 64.15
C6 NAG X . -3.10 -20.26 65.00
C7 NAG X . -9.57 -21.20 63.73
C8 NAG X . -10.74 -21.36 62.79
N2 NAG X . -8.46 -20.70 63.19
O3 NAG X . -7.24 -18.12 63.39
O4 NAG X . -4.38 -18.07 63.45
O5 NAG X . -5.14 -21.43 64.72
O6 NAG X . -2.55 -18.95 64.94
O7 NAG X . -9.65 -21.54 64.90
C1 NAG Y . -24.56 -21.85 56.66
C2 NAG Y . -25.50 -21.81 57.89
C3 NAG Y . -26.76 -21.00 57.59
C4 NAG Y . -26.39 -19.62 57.05
C5 NAG Y . -25.50 -19.77 55.83
C6 NAG Y . -25.03 -18.45 55.26
C7 NAG Y . -25.13 -23.88 59.15
C8 NAG Y . -25.65 -25.24 59.47
N2 NAG Y . -25.86 -23.16 58.30
O3 NAG Y . -27.53 -20.87 58.76
O4 NAG Y . -27.58 -18.90 56.71
O5 NAG Y . -24.32 -20.50 56.19
O6 NAG Y . -23.80 -18.61 54.56
O7 NAG Y . -24.08 -23.46 59.63
C1 NAG Z . -39.50 -16.85 41.01
C2 NAG Z . -40.78 -16.78 41.83
C3 NAG Z . -41.76 -15.77 41.22
C4 NAG Z . -41.08 -14.42 41.03
C5 NAG Z . -39.78 -14.59 40.25
C6 NAG Z . -38.98 -13.30 40.15
C7 NAG Z . -41.30 -18.86 43.03
C8 NAG Z . -42.00 -20.17 42.98
N2 NAG Z . -41.42 -18.09 41.94
O3 NAG Z . -42.90 -15.64 42.05
O4 NAG Z . -41.94 -13.53 40.32
O5 NAG Z . -38.93 -15.54 40.90
O6 NAG Z . -37.71 -13.45 40.76
O7 NAG Z . -40.65 -18.51 44.01
C1 NAG AA . -15.18 -34.71 70.76
C2 NAG AA . -15.27 -34.35 72.23
C3 NAG AA . -15.55 -35.61 73.05
C4 NAG AA . -16.80 -36.30 72.54
C5 NAG AA . -16.73 -36.54 71.04
C6 NAG AA . -18.04 -37.02 70.46
C7 NAG AA . -13.96 -32.35 72.74
C8 NAG AA . -12.66 -31.81 73.25
N2 NAG AA . -14.07 -33.68 72.69
O3 NAG AA . -15.70 -35.25 74.42
O4 NAG AA . -16.95 -37.55 73.20
O5 NAG AA . -16.41 -35.33 70.33
O6 NAG AA . -19.07 -36.05 70.63
O7 NAG AA . -14.86 -31.61 72.38
C1 NAG BA . 1.57 -45.78 71.47
C2 NAG BA . 2.69 -44.79 71.81
C3 NAG BA . 4.03 -45.52 71.96
C4 NAG BA . 3.91 -46.66 72.96
C5 NAG BA . 2.78 -47.60 72.53
C6 NAG BA . 2.54 -48.70 73.53
C7 NAG BA . 2.15 -42.59 70.88
C8 NAG BA . 2.36 -41.63 69.74
N2 NAG BA . 2.79 -43.75 70.79
O3 NAG BA . 5.02 -44.60 72.40
O4 NAG BA . 5.12 -47.40 73.01
O5 NAG BA . 1.55 -46.85 72.45
O6 NAG BA . 2.68 -48.24 74.86
O7 NAG BA . 1.42 -42.30 71.83
C1 NAG CA . 64.15 20.30 -0.99
C2 NAG CA . 65.33 21.14 -0.49
C3 NAG CA . 64.83 22.50 0.02
C4 NAG CA . 64.00 23.20 -1.04
C5 NAG CA . 62.86 22.29 -1.51
C6 NAG CA . 62.07 22.89 -2.65
C7 NAG CA . 67.27 19.87 0.38
C8 NAG CA . 67.88 20.00 -0.98
N2 NAG CA . 66.05 20.44 0.56
O3 NAG CA . 65.95 23.30 0.37
O4 NAG CA . 63.45 24.42 -0.53
O5 NAG CA . 63.40 21.05 -1.98
O6 NAG CA . 61.23 21.90 -3.26
O7 NAG CA . 67.84 19.29 1.30
C1 NAG DA . 43.27 7.40 -19.24
C2 NAG DA . 42.11 8.31 -19.69
C3 NAG DA . 41.88 8.16 -21.19
C4 NAG DA . 43.17 8.35 -21.97
C5 NAG DA . 44.27 7.44 -21.42
C6 NAG DA . 45.61 7.64 -22.09
C7 NAG DA . 40.17 8.96 -18.34
C8 NAG DA . 38.95 8.48 -17.62
N2 NAG DA . 40.90 8.01 -18.95
O3 NAG DA . 40.91 9.13 -21.61
O4 NAG DA . 42.96 8.06 -23.35
O5 NAG DA . 44.45 7.69 -20.02
O6 NAG DA . 46.32 6.42 -22.22
O7 NAG DA . 40.50 10.14 -18.36
C1 NAG EA . 41.64 4.50 23.44
C2 NAG EA . 41.56 3.14 24.15
C3 NAG EA . 42.25 3.21 25.51
C4 NAG EA . 43.69 3.72 25.35
C5 NAG EA . 43.69 5.06 24.62
C6 NAG EA . 45.08 5.56 24.32
C7 NAG EA . 39.56 1.92 23.43
C8 NAG EA . 38.14 1.55 23.75
N2 NAG EA . 40.18 2.71 24.31
O3 NAG EA . 42.25 1.94 26.12
O4 NAG EA . 44.30 3.88 26.63
O5 NAG EA . 43.02 4.92 23.35
O6 NAG EA . 45.21 5.97 22.96
O7 NAG EA . 40.11 1.53 22.41
C1 NAG FA . 13.96 -21.51 -44.60
C2 NAG FA . 15.31 -21.27 -45.25
C3 NAG FA . 15.85 -22.53 -45.90
C4 NAG FA . 15.82 -23.69 -44.90
C5 NAG FA . 14.40 -23.84 -44.34
C6 NAG FA . 14.35 -24.97 -43.32
C7 NAG FA . 14.15 -20.07 -47.01
C8 NAG FA . 13.96 -18.72 -47.63
N2 NAG FA . 15.21 -20.21 -46.23
O3 NAG FA . 17.20 -22.32 -46.33
O4 NAG FA . 16.21 -24.89 -45.56
O5 NAG FA . 13.99 -22.62 -43.71
O6 NAG FA . 12.99 -25.19 -42.93
O7 NAG FA . 13.38 -21.00 -47.22
C1 NAG GA . 34.91 -19.72 23.02
C2 NAG GA . 34.44 -20.65 24.17
C3 NAG GA . 35.55 -20.82 25.21
C4 NAG GA . 36.86 -21.23 24.58
C5 NAG GA . 37.24 -20.22 23.51
C6 NAG GA . 38.51 -20.58 22.78
C7 NAG GA . 32.32 -20.90 25.39
C8 NAG GA . 31.15 -20.19 25.97
N2 NAG GA . 33.24 -20.13 24.78
O3 NAG GA . 35.16 -21.80 26.18
O4 NAG GA . 37.89 -21.29 25.56
O5 NAG GA . 36.20 -20.16 22.53
O6 NAG GA . 38.57 -19.93 21.51
O7 NAG GA . 32.45 -22.12 25.46
C1 NAG HA . 21.09 -32.45 -12.17
C2 NAG HA . 22.18 -32.96 -13.11
C3 NAG HA . 21.62 -33.16 -14.52
C4 NAG HA . 20.40 -34.07 -14.51
C5 NAG HA . 19.36 -33.51 -13.53
C6 NAG HA . 18.17 -34.42 -13.36
C7 NAG HA . 24.39 -32.17 -12.37
C8 NAG HA . 25.44 -31.13 -12.55
N2 NAG HA . 23.30 -32.03 -13.14
O3 NAG HA . 22.64 -33.71 -15.36
O4 NAG HA . 19.84 -34.15 -15.81
O5 NAG HA . 19.95 -33.35 -12.24
O6 NAG HA . 17.71 -34.42 -12.02
O7 NAG HA . 24.51 -33.10 -11.59
C1 NAG IA . 27.71 -46.55 3.28
C2 NAG IA . 29.13 -46.22 2.78
C3 NAG IA . 29.32 -46.72 1.35
C4 NAG IA . 28.97 -48.20 1.24
C5 NAG IA . 27.55 -48.42 1.75
C6 NAG IA . 27.16 -49.88 1.76
C7 NAG IA . 30.62 -44.27 3.03
C8 NAG IA . 30.69 -42.78 3.07
N2 NAG IA . 29.40 -44.79 2.87
O3 NAG IA . 30.68 -46.54 0.94
O4 NAG IA . 29.06 -48.63 -0.11
O5 NAG IA . 27.45 -47.96 3.10
O6 NAG IA . 26.04 -50.12 2.59
O7 NAG IA . 31.61 -44.98 3.14
C1 NAG JA . -2.84 -67.14 25.21
C2 NAG JA . -4.33 -66.99 25.56
C3 NAG JA . -5.17 -67.90 24.66
C4 NAG JA . -4.85 -67.68 23.19
C5 NAG JA . -3.34 -67.79 22.95
C6 NAG JA . -2.93 -67.47 21.53
C7 NAG JA . -5.52 -66.71 27.68
C8 NAG JA . -5.63 -67.13 29.11
N2 NAG JA . -4.56 -67.30 26.96
O3 NAG JA . -6.55 -67.65 24.89
O4 NAG JA . -5.52 -68.64 22.39
O5 NAG JA . -2.65 -66.87 23.80
O6 NAG JA . -1.75 -68.16 21.17
O7 NAG JA . -6.28 -65.87 27.19
C1 NAG KA . 14.33 -47.29 44.46
C2 NAG KA . 14.51 -48.22 45.68
C3 NAG KA . 15.39 -47.55 46.73
C4 NAG KA . 16.72 -47.14 46.12
C5 NAG KA . 16.48 -46.25 44.92
C6 NAG KA . 17.76 -45.88 44.20
C7 NAG KA . 12.62 -49.75 45.96
C8 NAG KA . 11.30 -49.98 46.64
N2 NAG KA . 13.23 -48.58 46.25
O3 NAG KA . 15.61 -48.47 47.79
O4 NAG KA . 17.51 -46.45 47.08
O5 NAG KA . 15.64 -46.91 43.95
O6 NAG KA . 18.84 -45.75 45.11
O7 NAG KA . 13.11 -50.57 45.20
C1 NAG LA . 10.31 -58.94 29.72
C2 NAG LA . 11.67 -58.32 30.02
C3 NAG LA . 12.25 -57.65 28.78
C4 NAG LA . 12.33 -58.65 27.63
C5 NAG LA . 10.95 -59.25 27.38
C6 NAG LA . 10.97 -60.35 26.33
C7 NAG LA . 11.84 -57.71 32.39
C8 NAG LA . 11.70 -56.61 33.39
N2 NAG LA . 11.58 -57.37 31.13
O3 NAG LA . 13.54 -57.15 29.07
O4 NAG LA . 12.76 -58.00 26.45
O5 NAG LA . 10.43 -59.85 28.58
O6 NAG LA . 11.64 -59.92 25.15
O7 NAG LA . 12.16 -58.84 32.71
C1 NAG MA . 52.77 24.00 -23.23
C2 NAG MA . 53.34 22.73 -23.92
C3 NAG MA . 53.86 23.10 -25.32
C4 NAG MA . 52.80 23.81 -26.14
C5 NAG MA . 52.33 25.06 -25.40
C6 NAG MA . 51.21 25.77 -26.12
C7 NAG MA . 54.76 20.84 -23.23
C8 NAG MA . 55.88 20.41 -22.33
N2 NAG MA . 54.40 22.14 -23.13
O3 NAG MA . 54.28 21.93 -26.02
O4 NAG MA . 53.32 24.19 -27.40
O5 NAG MA . 51.82 24.67 -24.11
O6 NAG MA . 51.15 25.41 -27.49
O7 NAG MA . 54.21 20.07 -23.99
C1 NAG NA . 18.88 -26.42 51.08
C2 NAG NA . 19.60 -26.45 52.44
C3 NAG NA . 20.57 -25.28 52.57
C4 NAG NA . 21.50 -25.25 51.36
C5 NAG NA . 20.69 -25.22 50.07
C6 NAG NA . 21.61 -25.21 48.86
C7 NAG NA . 17.98 -27.49 53.90
C8 NAG NA . 17.31 -27.39 55.25
N2 NAG NA . 18.62 -26.39 53.51
O3 NAG NA . 21.34 -25.43 53.77
O4 NAG NA . 22.34 -24.09 51.43
O5 NAG NA . 19.83 -26.36 50.01
O6 NAG NA . 22.31 -26.45 48.78
O7 NAG NA . 17.94 -28.51 53.24
C1 NAG OA . 5.04 -65.61 45.30
C2 NAG OA . 6.31 -66.34 45.73
C3 NAG OA . 6.00 -67.27 46.90
C4 NAG OA . 5.35 -66.50 48.04
C5 NAG OA . 4.13 -65.72 47.54
C6 NAG OA . 3.56 -64.80 48.60
C7 NAG OA . 7.98 -66.67 43.97
C8 NAG OA . 8.44 -67.56 42.86
N2 NAG OA . 6.89 -67.08 44.62
O3 NAG OA . 7.21 -67.87 47.35
O4 NAG OA . 4.92 -67.40 49.06
O5 NAG OA . 4.49 -64.88 46.42
O6 NAG OA . 3.74 -65.33 49.89
O7 NAG OA . 8.57 -65.65 44.27
C1 NAG PA . -11.27 -74.98 36.35
C2 NAG PA . -10.72 -75.69 35.10
C3 NAG PA . -11.85 -76.42 34.37
C4 NAG PA . -12.60 -77.35 35.31
C5 NAG PA . -13.09 -76.57 36.53
C6 NAG PA . -13.76 -77.44 37.56
C7 NAG PA . -9.02 -75.07 33.45
C8 NAG PA . -8.48 -73.96 32.60
N2 NAG PA . -10.06 -74.74 34.23
O3 NAG PA . -11.30 -77.19 33.30
O4 NAG PA . -13.73 -77.91 34.65
O5 NAG PA . -11.98 -75.93 37.18
O6 NAG PA . -14.54 -76.67 38.47
O7 NAG PA . -8.56 -76.19 33.43
#